data_7K4N
#
_entry.id   7K4N
#
loop_
_entity.id
_entity.type
_entity.pdbx_description
1 polymer 'Spike glycoprotein'
2 polymer 'S2E12 neutralizing antibody Fab fragment (heavy chain)'
3 polymer 'S2E12 neutralizing antibody Fab fragment (light chain)'
4 branched 2-acetamido-2-deoxy-beta-D-glucopyranose-(1-4)-2-acetamido-2-deoxy-beta-D-glucopyranose
5 non-polymer 2-acetamido-2-deoxy-beta-D-glucopyranose
#
loop_
_entity_poly.entity_id
_entity_poly.type
_entity_poly.pdbx_seq_one_letter_code
_entity_poly.pdbx_strand_id
1 'polypeptide(L)'
;MFVFLVLLPLVSSQCVNLTTRTQLPPAYTNSFTRGVYYPDKVFRSSVLHSTQDLFLPFFSNVTWFHAIHVSGTNGTKRFD
NPVLPFNDGVYFASTEKSNIIRGWIFGTTLDSKTQSLLIVNNATNVVIKVCEFQFCNDPFLGVYYHKNNKSWMESEFRVY
SSANNCTFEYVSQPFLMDLEGKQGNFKNLREFVFKNIDGYFKIYSKHTPINLVRDLPQGFSALEPLVDLPIGINITRFQT
LLALHRSYLTPGDSSSGWTAGAAAYYVGYLQPRTFLLKYNENGTITDAVDCALDPLSETKCTLKSFTVEKGIYQTSNFRV
QPTESIVRFPNITNLCPFGEVFNATRFASVYAWNRKRISNCVADYSVLYNSASFSTFKCYGVSPTKLNDLCFTNVYADSF
VIRGDEVRQIAPGQTGKIADYNYKLPDDFTGCVIAWNSNNLDSKVGGNYNYLYRLFRKSNLKPFERDISTEIYQAGSTPC
NGVEGFNCYFPLQSYGFQPTNGVGYQPYRVVVLSFELLHAPATVCGPKKSTNLVKNKCVNFNFNGLTGTGVLTESNKKFL
PFQQFGRDIADTTDAVRDPQTLEILDITPCSFGGVSVITPGTNTSNQVAVLYQDVNCTEVPVAIHADQLTPTWRVYSTGS
NVFQTRAGCLIGAEHVNNSYECDIPIGAGICASYQTQTNSPGSASSVASQSIIAYTMSLGAENSVAYSNNSIAIPTNFTI
SVTTEILPVSMTKTSVDCTMYICGDSTECSNLLLQYGSFCTQLNRALTGIAVEQDKNTQEVFAQVKQIYKTPPIKDFGGF
NFSQILPDPSKPSKRSPIEDLLFNKVTLADAGFIKQYGDCLGDIAARDLICAQKFNGLTVLPPLLTDEMIAQYTSALLAG
TITSGWTFGAGPALQIPFPMQMAYRFNGIGVTQNVLYENQKLIANQFNSAIGKIQDSLSSTPSALGKLQDVVNQNAQALN
TLVKQLSSNFGAISSVLNDILSRLDPPEAEVQIDRLITGRLQSLQTYVTQQLIRAAEIRASANLAATKMSECVLGQSKRV
DFCGKGYHLMSFPQSAPHGVVFLHVTYVPAQEKNFTTAPAICHDGKAHFPREGVFVSNGTHWFVTQRNFYEPQIITTDNT
FVSGNCDVVIGIVNNTVYDPLQPELDSFKEELDKYFKNHTSPDVDLGDISGINASVVNIQKEIDRLNEVAKNLNESLIDL
QELGKYEQGSGYIPEAPRDGQAYVRKDGEWVLLSTFLGRSLEVLFQGPGHHHHHHHHSAWSHPQFEKGGGSGGGGSGGSA
WSHPQFEK
;
A,B,E
2 'polypeptide(L)'
;QVQLVQSGPEVKKPGTSVRVSCKASGFTFTSSAVQWVRQARGQRLEWVGWIVVGSGNTNYAQKFHERVTITRDMSTSTAY
MELSSLRSEDTAVYYCASPYCSGGSCSDGFDIWGQGTMVTVSS
;
H,C,F
3 'polypeptide(L)'
;DIVLTQTPGTLSLSPGERATLSCRASQSVSSSYLAWYQQKPGQAPRLLIYGASSRATGIPDRFSGSGSGTDFTLTISRLE
PEDFAVYYCQQYVGLTGWTFGQGTKVEIK
;
L,D,G
#
loop_
_chem_comp.id
_chem_comp.type
_chem_comp.name
_chem_comp.formula
NAG D-saccharide, beta linking 2-acetamido-2-deoxy-beta-D-glucopyranose 'C8 H15 N O6'
#
# COMPACT_ATOMS: atom_id res chain seq x y z
N ALA A 27 -41.20 8.12 -39.47
CA ALA A 27 -42.06 7.35 -38.57
C ALA A 27 -41.23 6.71 -37.46
N TYR A 28 -41.87 6.50 -36.30
CA TYR A 28 -41.27 5.88 -35.11
C TYR A 28 -42.19 4.83 -34.54
N THR A 29 -41.62 3.87 -33.83
CA THR A 29 -42.45 2.90 -33.14
C THR A 29 -41.93 2.60 -31.74
N ASN A 30 -42.70 1.77 -31.04
CA ASN A 30 -42.44 1.36 -29.68
C ASN A 30 -41.64 0.06 -29.67
N SER A 31 -40.43 0.11 -29.13
CA SER A 31 -39.55 -1.07 -29.10
C SER A 31 -40.05 -2.14 -28.14
N PHE A 32 -40.96 -1.77 -27.26
CA PHE A 32 -41.49 -2.65 -26.24
C PHE A 32 -40.41 -3.34 -25.43
N THR A 33 -40.37 -4.66 -25.48
CA THR A 33 -39.41 -5.42 -24.70
C THR A 33 -38.43 -6.19 -25.58
N ARG A 34 -38.30 -5.77 -26.82
CA ARG A 34 -37.37 -6.40 -27.76
C ARG A 34 -35.98 -5.81 -27.61
N GLY A 35 -34.97 -6.54 -28.07
CA GLY A 35 -33.60 -6.02 -28.11
C GLY A 35 -32.69 -6.62 -27.05
N VAL A 36 -33.20 -7.59 -26.32
CA VAL A 36 -32.43 -8.31 -25.32
C VAL A 36 -31.69 -9.44 -25.99
N TYR A 37 -30.46 -9.66 -25.57
CA TYR A 37 -29.62 -10.72 -26.09
C TYR A 37 -28.85 -11.34 -24.95
N TYR A 38 -28.37 -12.55 -25.17
CA TYR A 38 -27.59 -13.24 -24.14
C TYR A 38 -26.24 -12.56 -23.97
N PRO A 39 -25.97 -11.91 -22.83
CA PRO A 39 -24.77 -11.13 -22.55
C PRO A 39 -23.48 -11.89 -22.81
N ASP A 40 -23.51 -13.19 -22.54
CA ASP A 40 -22.33 -14.03 -22.70
C ASP A 40 -22.69 -15.47 -23.03
N LYS A 41 -21.67 -16.30 -23.19
CA LYS A 41 -21.87 -17.70 -23.54
C LYS A 41 -21.89 -18.57 -22.29
N VAL A 42 -22.77 -18.20 -21.37
CA VAL A 42 -22.84 -18.87 -20.09
C VAL A 42 -24.22 -19.40 -19.77
N PHE A 43 -24.26 -20.65 -19.36
CA PHE A 43 -25.48 -21.33 -18.96
C PHE A 43 -25.82 -20.99 -17.54
N ARG A 44 -27.05 -20.57 -17.34
CA ARG A 44 -27.53 -20.23 -16.01
C ARG A 44 -28.90 -20.87 -15.83
N SER A 45 -29.15 -21.44 -14.67
CA SER A 45 -30.40 -22.15 -14.47
C SER A 45 -31.25 -21.62 -13.34
N SER A 46 -32.46 -21.24 -13.69
CA SER A 46 -33.46 -20.76 -12.73
C SER A 46 -32.92 -19.68 -11.80
N VAL A 47 -32.21 -18.72 -12.36
CA VAL A 47 -31.63 -17.63 -11.60
C VAL A 47 -31.94 -16.29 -12.21
N LEU A 48 -32.08 -15.28 -11.37
CA LEU A 48 -32.21 -13.92 -11.87
C LEU A 48 -30.83 -13.28 -11.83
N HIS A 49 -30.33 -12.91 -13.00
CA HIS A 49 -28.97 -12.38 -13.09
C HIS A 49 -28.96 -10.91 -13.43
N SER A 50 -28.26 -10.13 -12.63
CA SER A 50 -28.18 -8.70 -12.85
C SER A 50 -26.91 -8.33 -13.58
N THR A 51 -27.06 -7.69 -14.73
CA THR A 51 -25.89 -7.34 -15.53
C THR A 51 -26.05 -5.99 -16.22
N GLN A 52 -24.93 -5.31 -16.41
CA GLN A 52 -24.93 -4.06 -17.15
C GLN A 52 -24.18 -4.23 -18.45
N ASP A 53 -24.85 -3.88 -19.53
CA ASP A 53 -24.29 -4.02 -20.87
C ASP A 53 -25.04 -3.12 -21.81
N LEU A 54 -24.68 -3.11 -23.06
CA LEU A 54 -25.40 -2.29 -24.01
C LEU A 54 -26.65 -3.02 -24.48
N PHE A 55 -27.80 -2.52 -24.07
CA PHE A 55 -29.08 -3.11 -24.40
C PHE A 55 -30.03 -2.07 -24.95
N LEU A 56 -31.02 -2.49 -25.70
CA LEU A 56 -32.03 -1.56 -26.15
C LEU A 56 -32.97 -1.30 -24.96
N PRO A 57 -33.11 -0.06 -24.45
CA PRO A 57 -33.93 0.25 -23.31
C PRO A 57 -35.37 -0.13 -23.60
N PHE A 58 -36.07 -0.58 -22.57
CA PHE A 58 -37.44 -0.99 -22.78
C PHE A 58 -38.33 0.20 -23.07
N PHE A 59 -39.24 -0.03 -24.01
CA PHE A 59 -40.21 0.95 -24.47
C PHE A 59 -39.54 2.18 -25.05
N SER A 60 -38.31 2.01 -25.53
CA SER A 60 -37.58 3.09 -26.16
C SER A 60 -38.17 3.46 -27.52
N ASN A 61 -37.79 4.65 -27.99
CA ASN A 61 -38.19 5.26 -29.24
C ASN A 61 -37.24 4.85 -30.37
N VAL A 62 -37.71 4.02 -31.31
CA VAL A 62 -36.89 3.50 -32.42
C VAL A 62 -37.48 3.96 -33.74
N THR A 63 -36.62 4.19 -34.72
CA THR A 63 -37.07 4.73 -35.99
C THR A 63 -37.58 3.65 -36.92
N TRP A 64 -38.71 3.91 -37.54
CA TRP A 64 -39.33 2.98 -38.48
C TRP A 64 -39.12 3.42 -39.92
N PHE A 65 -38.36 2.64 -40.66
CA PHE A 65 -38.05 2.98 -42.03
C PHE A 65 -38.85 2.13 -43.01
N HIS A 66 -39.25 2.73 -44.13
CA HIS A 66 -39.97 2.07 -45.22
C HIS A 66 -39.06 1.98 -46.44
N ASP A 80 -36.62 2.12 -48.71
CA ASP A 80 -35.51 3.06 -48.58
C ASP A 80 -34.35 2.45 -47.78
N ASN A 81 -33.24 3.21 -47.65
CA ASN A 81 -32.02 2.80 -46.95
C ASN A 81 -30.96 3.89 -46.96
N PRO A 82 -31.14 4.95 -46.15
CA PRO A 82 -30.25 6.08 -45.94
C PRO A 82 -29.10 5.67 -45.06
N VAL A 83 -28.07 6.50 -44.99
CA VAL A 83 -26.99 6.21 -44.06
C VAL A 83 -27.37 6.67 -42.66
N LEU A 84 -27.26 5.75 -41.71
CA LEU A 84 -27.63 5.99 -40.32
C LEU A 84 -26.37 5.96 -39.46
N PRO A 85 -26.32 6.69 -38.35
CA PRO A 85 -25.22 6.71 -37.41
C PRO A 85 -25.16 5.40 -36.63
N PHE A 86 -23.96 5.07 -36.17
CA PHE A 86 -23.74 3.91 -35.31
C PHE A 86 -23.11 4.45 -34.03
N ASN A 87 -23.79 4.29 -32.91
CA ASN A 87 -23.28 4.92 -31.69
C ASN A 87 -22.53 3.93 -30.79
N ASP A 88 -23.20 3.43 -29.76
CA ASP A 88 -22.56 2.45 -28.88
C ASP A 88 -22.77 1.07 -29.48
N GLY A 89 -23.87 0.94 -30.19
CA GLY A 89 -24.26 -0.28 -30.86
C GLY A 89 -25.63 -0.07 -31.43
N VAL A 90 -26.04 -0.97 -32.31
CA VAL A 90 -27.32 -0.82 -32.98
C VAL A 90 -28.22 -2.03 -32.91
N TYR A 91 -29.49 -1.76 -32.64
CA TYR A 91 -30.52 -2.77 -32.71
C TYR A 91 -31.23 -2.67 -34.04
N PHE A 92 -31.35 -3.79 -34.73
CA PHE A 92 -32.00 -3.80 -36.04
C PHE A 92 -33.09 -4.85 -36.11
N ALA A 93 -34.19 -4.52 -36.77
CA ALA A 93 -35.21 -5.54 -36.99
C ALA A 93 -35.90 -5.33 -38.33
N SER A 94 -36.36 -6.42 -38.92
CA SER A 94 -37.10 -6.31 -40.19
C SER A 94 -38.17 -7.38 -40.33
N THR A 95 -39.17 -7.08 -41.16
CA THR A 95 -40.28 -8.01 -41.36
C THR A 95 -40.59 -8.31 -42.83
N GLU A 96 -39.74 -9.10 -43.46
CA GLU A 96 -39.94 -9.43 -44.87
C GLU A 96 -40.29 -10.89 -45.09
N LYS A 97 -41.26 -11.10 -45.98
CA LYS A 97 -41.64 -12.43 -46.40
C LYS A 97 -40.95 -12.78 -47.72
N SER A 98 -40.55 -11.75 -48.47
CA SER A 98 -39.86 -11.91 -49.74
C SER A 98 -38.35 -11.77 -49.58
N ASN A 99 -37.89 -11.59 -48.36
CA ASN A 99 -36.47 -11.45 -48.04
C ASN A 99 -35.78 -10.38 -48.88
N ILE A 100 -36.35 -9.18 -48.90
CA ILE A 100 -35.80 -8.08 -49.67
C ILE A 100 -34.57 -7.48 -49.01
N ILE A 101 -34.63 -7.25 -47.70
CA ILE A 101 -33.48 -6.66 -47.02
C ILE A 101 -32.57 -7.78 -46.60
N ARG A 102 -31.33 -7.76 -47.08
CA ARG A 102 -30.44 -8.88 -46.81
C ARG A 102 -28.97 -8.53 -46.73
N GLY A 103 -28.63 -7.42 -46.09
CA GLY A 103 -27.23 -7.05 -45.97
C GLY A 103 -27.02 -5.71 -45.29
N TRP A 104 -25.77 -5.41 -44.99
CA TRP A 104 -25.39 -4.18 -44.31
C TRP A 104 -23.99 -3.70 -44.67
N ILE A 105 -23.79 -2.41 -44.52
CA ILE A 105 -22.49 -1.78 -44.64
C ILE A 105 -22.14 -1.06 -43.34
N PHE A 106 -20.98 -1.34 -42.78
CA PHE A 106 -20.56 -0.65 -41.56
C PHE A 106 -19.18 -0.02 -41.73
N GLY A 107 -18.99 1.19 -41.20
CA GLY A 107 -17.66 1.81 -41.25
C GLY A 107 -17.72 3.29 -40.89
N THR A 108 -16.72 4.04 -41.34
CA THR A 108 -16.66 5.46 -41.06
C THR A 108 -16.76 6.30 -42.33
N THR A 109 -15.76 6.16 -43.20
CA THR A 109 -15.72 6.96 -44.42
C THR A 109 -16.54 6.34 -45.53
N LEU A 110 -16.49 5.02 -45.63
CA LEU A 110 -17.22 4.28 -46.64
C LEU A 110 -16.93 4.78 -48.05
N ASP A 111 -15.70 5.23 -48.31
CA ASP A 111 -15.36 5.74 -49.63
C ASP A 111 -13.99 5.30 -50.10
N SER A 112 -13.46 4.25 -49.47
CA SER A 112 -12.14 3.62 -49.71
C SER A 112 -10.99 4.23 -48.91
N LYS A 113 -11.24 5.32 -48.18
CA LYS A 113 -10.18 5.91 -47.37
C LYS A 113 -9.81 5.06 -46.15
N THR A 114 -10.80 4.36 -45.59
CA THR A 114 -10.58 3.51 -44.41
C THR A 114 -11.21 2.14 -44.61
N GLN A 115 -10.89 1.22 -43.72
CA GLN A 115 -11.48 -0.12 -43.76
C GLN A 115 -12.95 -0.08 -43.44
N SER A 116 -13.73 -0.92 -44.12
CA SER A 116 -15.16 -1.02 -43.87
C SER A 116 -15.66 -2.44 -44.04
N LEU A 117 -16.78 -2.72 -43.39
CA LEU A 117 -17.38 -4.04 -43.36
C LEU A 117 -18.60 -4.17 -44.25
N LEU A 118 -18.56 -5.11 -45.16
CA LEU A 118 -19.67 -5.39 -46.04
C LEU A 118 -20.23 -6.78 -45.82
N ILE A 119 -21.51 -6.86 -45.52
CA ILE A 119 -22.17 -8.13 -45.31
C ILE A 119 -23.32 -8.33 -46.29
N VAL A 120 -23.24 -9.36 -47.10
CA VAL A 120 -24.33 -9.64 -48.03
C VAL A 120 -24.80 -11.08 -47.89
N ASN A 121 -26.09 -11.25 -47.63
CA ASN A 121 -26.68 -12.58 -47.44
C ASN A 121 -27.51 -13.02 -48.66
N ASN A 122 -26.82 -13.47 -49.74
CA ASN A 122 -27.47 -13.85 -50.99
C ASN A 122 -27.54 -15.37 -51.14
N ALA A 123 -28.74 -15.87 -51.55
CA ALA A 123 -29.00 -17.29 -51.83
C ALA A 123 -28.60 -18.19 -50.66
N THR A 124 -27.58 -19.01 -50.86
CA THR A 124 -27.14 -19.97 -49.86
C THR A 124 -25.82 -19.61 -49.20
N ASN A 125 -25.26 -18.44 -49.51
CA ASN A 125 -23.97 -18.08 -48.97
C ASN A 125 -23.88 -16.63 -48.51
N VAL A 126 -23.75 -16.45 -47.21
CA VAL A 126 -23.61 -15.11 -46.68
C VAL A 126 -22.14 -14.81 -46.53
N VAL A 127 -21.74 -13.70 -47.12
CA VAL A 127 -20.35 -13.32 -47.15
C VAL A 127 -20.07 -12.09 -46.31
N ILE A 128 -19.13 -12.22 -45.39
CA ILE A 128 -18.69 -11.12 -44.57
C ILE A 128 -17.28 -10.72 -45.00
N LYS A 129 -17.14 -9.48 -45.46
CA LYS A 129 -15.85 -9.05 -45.99
C LYS A 129 -15.44 -7.66 -45.52
N VAL A 130 -14.17 -7.52 -45.12
CA VAL A 130 -13.67 -6.22 -44.68
C VAL A 130 -12.54 -5.74 -45.60
N CYS A 131 -12.75 -4.58 -46.26
CA CYS A 131 -11.85 -3.99 -47.24
C CYS A 131 -11.98 -2.47 -47.26
N GLU A 132 -11.08 -1.82 -47.97
CA GLU A 132 -11.21 -0.39 -48.18
C GLU A 132 -12.10 -0.21 -49.38
N PHE A 133 -13.39 -0.41 -49.14
CA PHE A 133 -14.39 -0.40 -50.18
C PHE A 133 -14.71 1.01 -50.62
N GLN A 134 -14.90 1.15 -51.93
CA GLN A 134 -15.37 2.39 -52.49
C GLN A 134 -16.82 2.15 -52.85
N PHE A 135 -17.70 2.58 -51.96
CA PHE A 135 -19.11 2.26 -52.09
C PHE A 135 -19.84 3.17 -53.03
N CYS A 136 -20.91 2.66 -53.60
CA CYS A 136 -21.82 3.44 -54.41
C CYS A 136 -22.51 4.44 -53.50
N ASN A 137 -22.93 5.58 -54.04
CA ASN A 137 -23.61 6.59 -53.24
C ASN A 137 -25.07 6.21 -52.98
N ASP A 138 -25.49 5.15 -53.66
CA ASP A 138 -26.83 4.60 -53.54
C ASP A 138 -26.76 3.12 -53.88
N PRO A 139 -26.15 2.30 -53.00
CA PRO A 139 -25.87 0.90 -53.20
C PRO A 139 -27.14 0.10 -53.18
N PHE A 140 -27.21 -0.94 -53.99
CA PHE A 140 -28.39 -1.79 -53.97
C PHE A 140 -28.13 -3.18 -54.54
N LEU A 141 -29.06 -4.06 -54.27
CA LEU A 141 -29.04 -5.41 -54.83
C LEU A 141 -30.19 -5.50 -55.83
N GLY A 142 -30.04 -6.31 -56.86
CA GLY A 142 -31.13 -6.48 -57.82
C GLY A 142 -31.97 -7.71 -57.49
N VAL A 143 -32.84 -8.10 -58.44
CA VAL A 143 -33.76 -9.24 -58.31
C VAL A 143 -33.55 -10.21 -59.47
N GLU A 156 -28.09 -8.65 -60.66
CA GLU A 156 -27.49 -7.33 -60.62
C GLU A 156 -26.97 -7.04 -59.21
N PHE A 157 -25.72 -6.55 -59.11
CA PHE A 157 -25.05 -6.20 -57.85
C PHE A 157 -24.32 -4.88 -58.00
N ARG A 158 -24.78 -3.85 -57.31
CA ARG A 158 -24.14 -2.54 -57.42
C ARG A 158 -23.97 -1.93 -56.06
N VAL A 159 -23.04 -2.48 -55.29
CA VAL A 159 -22.84 -2.03 -53.92
C VAL A 159 -21.58 -1.19 -53.83
N TYR A 160 -20.52 -1.66 -54.49
CA TYR A 160 -19.25 -0.97 -54.47
C TYR A 160 -18.58 -1.08 -55.83
N SER A 161 -17.67 -0.15 -56.10
CA SER A 161 -16.90 -0.15 -57.33
C SER A 161 -15.48 -0.65 -57.11
N SER A 162 -15.04 -0.64 -55.84
CA SER A 162 -13.68 -1.07 -55.52
C SER A 162 -13.61 -1.69 -54.12
N ALA A 163 -12.63 -2.57 -53.91
CA ALA A 163 -12.41 -3.22 -52.62
C ALA A 163 -10.92 -3.47 -52.40
N ASN A 164 -10.20 -2.43 -52.01
CA ASN A 164 -8.74 -2.52 -51.92
C ASN A 164 -8.28 -2.96 -50.53
N ASN A 165 -7.06 -3.53 -50.43
CA ASN A 165 -6.41 -3.84 -49.15
C ASN A 165 -7.33 -4.62 -48.19
N CYS A 166 -7.92 -5.73 -48.72
CA CYS A 166 -8.82 -6.58 -47.92
C CYS A 166 -8.08 -7.28 -46.79
N THR A 167 -8.66 -7.21 -45.59
CA THR A 167 -8.03 -7.78 -44.40
C THR A 167 -8.76 -8.99 -43.83
N PHE A 168 -10.04 -9.12 -44.13
CA PHE A 168 -10.82 -10.21 -43.54
C PHE A 168 -11.93 -10.69 -44.44
N GLU A 169 -12.13 -12.00 -44.49
CA GLU A 169 -13.26 -12.57 -45.19
C GLU A 169 -13.73 -13.85 -44.50
N TYR A 170 -15.04 -13.99 -44.38
CA TYR A 170 -15.65 -15.16 -43.77
C TYR A 170 -16.95 -15.53 -44.48
N VAL A 171 -17.16 -16.82 -44.71
CA VAL A 171 -18.40 -17.22 -45.37
C VAL A 171 -19.09 -18.35 -44.59
N SER A 172 -20.41 -18.20 -44.37
CA SER A 172 -21.22 -19.20 -43.66
C SER A 172 -22.62 -19.26 -44.30
N ASN A 188 -39.85 -13.87 -42.29
CA ASN A 188 -40.72 -13.53 -41.17
C ASN A 188 -40.12 -12.32 -40.42
N LEU A 189 -40.01 -12.37 -39.06
CA LEU A 189 -39.40 -11.31 -38.24
C LEU A 189 -37.98 -11.67 -37.89
N ARG A 190 -37.06 -10.82 -38.31
CA ARG A 190 -35.65 -11.07 -38.07
C ARG A 190 -35.07 -9.95 -37.24
N GLU A 191 -34.41 -10.30 -36.15
CA GLU A 191 -33.84 -9.29 -35.28
C GLU A 191 -32.37 -9.50 -35.11
N PHE A 192 -31.62 -8.40 -35.10
CA PHE A 192 -30.18 -8.41 -34.97
C PHE A 192 -29.65 -7.36 -34.01
N VAL A 193 -28.55 -7.68 -33.37
CA VAL A 193 -27.82 -6.69 -32.59
C VAL A 193 -26.39 -6.61 -33.06
N PHE A 194 -25.94 -5.39 -33.31
CA PHE A 194 -24.59 -5.15 -33.78
C PHE A 194 -23.82 -4.26 -32.82
N LYS A 195 -22.75 -4.78 -32.22
CA LYS A 195 -21.94 -3.92 -31.36
C LYS A 195 -20.47 -4.22 -31.53
N ASN A 196 -19.62 -3.21 -31.39
CA ASN A 196 -18.19 -3.44 -31.52
C ASN A 196 -17.46 -3.19 -30.21
N ILE A 197 -17.07 -4.27 -29.55
CA ILE A 197 -16.43 -4.14 -28.25
C ILE A 197 -15.00 -4.67 -28.28
N ASP A 198 -14.07 -3.77 -27.98
CA ASP A 198 -12.65 -4.10 -27.88
C ASP A 198 -12.11 -4.86 -29.09
N GLY A 199 -12.53 -4.45 -30.29
CA GLY A 199 -12.02 -5.05 -31.50
C GLY A 199 -12.90 -6.17 -32.07
N TYR A 200 -13.90 -6.62 -31.32
CA TYR A 200 -14.76 -7.66 -31.84
C TYR A 200 -16.11 -7.13 -32.28
N PHE A 201 -16.49 -7.46 -33.50
CA PHE A 201 -17.79 -7.06 -33.99
C PHE A 201 -18.73 -8.22 -33.74
N LYS A 202 -19.56 -8.03 -32.74
CA LYS A 202 -20.41 -9.08 -32.25
C LYS A 202 -21.81 -8.94 -32.81
N ILE A 203 -22.29 -10.02 -33.39
CA ILE A 203 -23.61 -10.03 -33.98
C ILE A 203 -24.46 -11.05 -33.29
N TYR A 204 -25.63 -10.63 -32.84
CA TYR A 204 -26.60 -11.52 -32.21
C TYR A 204 -27.81 -11.57 -33.12
N SER A 205 -28.54 -12.67 -33.13
CA SER A 205 -29.72 -12.74 -33.98
C SER A 205 -30.82 -13.68 -33.50
N LYS A 206 -32.02 -13.43 -33.99
CA LYS A 206 -33.18 -14.27 -33.75
C LYS A 206 -34.11 -14.23 -34.96
N HIS A 207 -34.69 -15.38 -35.31
CA HIS A 207 -35.66 -15.44 -36.40
C HIS A 207 -36.95 -16.07 -35.88
N THR A 208 -38.03 -15.30 -35.87
CA THR A 208 -39.30 -15.76 -35.33
C THR A 208 -40.42 -15.52 -36.35
N PRO A 209 -41.59 -16.16 -36.18
CA PRO A 209 -42.82 -15.92 -36.93
C PRO A 209 -43.32 -14.50 -36.75
N ILE A 210 -44.03 -14.00 -37.76
CA ILE A 210 -44.63 -12.67 -37.72
C ILE A 210 -46.10 -12.76 -38.11
N ASN A 211 -46.96 -12.20 -37.28
CA ASN A 211 -48.39 -12.21 -37.57
C ASN A 211 -48.97 -10.82 -37.71
N LEU A 212 -48.10 -9.82 -37.79
CA LEU A 212 -48.52 -8.44 -37.95
C LEU A 212 -48.04 -7.94 -39.31
N VAL A 213 -48.78 -7.03 -39.91
CA VAL A 213 -48.40 -6.54 -41.24
C VAL A 213 -47.44 -5.35 -41.18
N ARG A 214 -47.74 -4.37 -40.32
CA ARG A 214 -46.88 -3.19 -40.20
C ARG A 214 -46.59 -2.86 -38.74
N ASP A 215 -45.88 -3.74 -38.06
CA ASP A 215 -45.61 -3.50 -36.64
C ASP A 215 -44.38 -4.27 -36.16
N LEU A 216 -44.05 -4.06 -34.90
CA LEU A 216 -42.98 -4.73 -34.18
C LEU A 216 -43.59 -5.42 -32.95
N PRO A 217 -43.91 -6.71 -33.03
CA PRO A 217 -44.71 -7.45 -32.06
C PRO A 217 -44.23 -7.29 -30.63
N GLN A 218 -45.20 -7.10 -29.73
CA GLN A 218 -44.91 -6.91 -28.31
C GLN A 218 -44.74 -8.24 -27.61
N GLY A 219 -43.61 -8.87 -27.88
CA GLY A 219 -43.28 -10.16 -27.29
C GLY A 219 -41.86 -10.14 -26.76
N PHE A 220 -41.35 -11.30 -26.34
CA PHE A 220 -40.00 -11.33 -25.80
C PHE A 220 -39.20 -12.55 -26.23
N SER A 221 -38.03 -12.29 -26.78
CA SER A 221 -37.07 -13.32 -27.13
C SER A 221 -35.68 -12.75 -26.91
N ALA A 222 -34.75 -13.55 -26.43
CA ALA A 222 -33.39 -13.08 -26.33
C ALA A 222 -32.61 -13.56 -27.55
N LEU A 223 -31.86 -12.66 -28.14
CA LEU A 223 -31.06 -12.95 -29.32
C LEU A 223 -29.77 -13.68 -28.98
N GLU A 224 -29.45 -14.70 -29.77
CA GLU A 224 -28.30 -15.53 -29.52
C GLU A 224 -27.12 -15.01 -30.32
N PRO A 225 -25.89 -15.15 -29.83
CA PRO A 225 -24.69 -14.75 -30.53
C PRO A 225 -24.56 -15.59 -31.78
N LEU A 226 -24.16 -14.93 -32.86
CA LEU A 226 -23.99 -15.57 -34.15
C LEU A 226 -22.51 -15.64 -34.48
N VAL A 227 -21.88 -14.47 -34.55
CA VAL A 227 -20.46 -14.36 -34.82
C VAL A 227 -19.79 -13.33 -33.91
N ASP A 228 -18.49 -13.45 -33.78
CA ASP A 228 -17.65 -12.53 -33.04
C ASP A 228 -16.40 -12.21 -33.86
N LEU A 229 -16.57 -11.36 -34.86
CA LEU A 229 -15.55 -11.14 -35.86
C LEU A 229 -14.37 -10.35 -35.29
N PRO A 230 -13.15 -10.90 -35.31
CA PRO A 230 -11.95 -10.29 -34.78
C PRO A 230 -11.39 -9.28 -35.77
N ILE A 231 -12.16 -8.25 -36.05
CA ILE A 231 -11.77 -7.26 -37.03
C ILE A 231 -11.57 -5.88 -36.41
N GLY A 232 -10.40 -5.28 -36.66
CA GLY A 232 -10.07 -3.96 -36.13
C GLY A 232 -10.74 -2.84 -36.94
N ILE A 233 -12.06 -2.81 -36.88
CA ILE A 233 -12.83 -1.86 -37.67
C ILE A 233 -13.49 -0.77 -36.80
N ASN A 234 -13.36 0.48 -37.24
CA ASN A 234 -14.00 1.63 -36.60
C ASN A 234 -15.33 1.92 -37.32
N ILE A 235 -16.45 1.68 -36.61
CA ILE A 235 -17.79 1.85 -37.18
C ILE A 235 -18.49 3.03 -36.53
N THR A 236 -18.81 4.04 -37.33
CA THR A 236 -19.48 5.24 -36.85
C THR A 236 -20.76 5.48 -37.63
N ARG A 237 -20.87 4.82 -38.78
CA ARG A 237 -22.04 4.91 -39.64
C ARG A 237 -22.35 3.55 -40.23
N PHE A 238 -23.60 3.32 -40.61
CA PHE A 238 -23.93 2.08 -41.29
C PHE A 238 -25.11 2.28 -42.24
N GLN A 239 -25.28 1.36 -43.16
CA GLN A 239 -26.38 1.42 -44.12
C GLN A 239 -26.90 0.03 -44.42
N THR A 240 -28.20 -0.11 -44.64
CA THR A 240 -28.73 -1.42 -44.98
C THR A 240 -28.65 -1.66 -46.48
N LEU A 241 -28.72 -2.92 -46.88
CA LEU A 241 -28.76 -3.29 -48.30
C LEU A 241 -29.99 -4.09 -48.62
N LEU A 242 -30.70 -3.65 -49.65
CA LEU A 242 -31.93 -4.33 -50.02
C LEU A 242 -32.05 -4.54 -51.53
N ALA A 243 -32.79 -5.61 -51.91
CA ALA A 243 -33.17 -5.95 -53.28
C ALA A 243 -34.33 -5.06 -53.75
N ALA A 263 -41.22 -4.12 -47.99
CA ALA A 263 -40.22 -4.37 -46.96
C ALA A 263 -40.18 -3.19 -46.00
N ALA A 264 -39.77 -3.44 -44.74
CA ALA A 264 -39.66 -2.41 -43.69
C ALA A 264 -38.68 -2.85 -42.61
N TYR A 265 -38.06 -1.88 -41.97
CA TYR A 265 -37.14 -2.20 -40.88
C TYR A 265 -37.10 -1.13 -39.80
N TYR A 266 -36.60 -1.51 -38.65
CA TYR A 266 -36.53 -0.61 -37.52
C TYR A 266 -35.11 -0.49 -37.02
N VAL A 267 -34.74 0.70 -36.59
CA VAL A 267 -33.42 0.91 -36.01
C VAL A 267 -33.46 1.59 -34.66
N GLY A 268 -32.83 0.96 -33.68
CA GLY A 268 -32.71 1.51 -32.35
C GLY A 268 -31.26 1.57 -31.94
N TYR A 269 -30.99 2.13 -30.78
CA TYR A 269 -29.62 2.21 -30.31
C TYR A 269 -29.49 1.66 -28.92
N LEU A 270 -28.36 1.03 -28.66
CA LEU A 270 -28.13 0.39 -27.39
C LEU A 270 -27.57 1.39 -26.39
N GLN A 271 -27.87 1.19 -25.12
CA GLN A 271 -27.38 2.04 -24.06
C GLN A 271 -26.86 1.19 -22.90
N PRO A 272 -25.91 1.69 -22.10
CA PRO A 272 -25.31 1.02 -20.95
C PRO A 272 -26.24 0.96 -19.76
N ARG A 273 -27.30 0.18 -19.91
CA ARG A 273 -28.34 0.03 -18.90
C ARG A 273 -28.20 -1.27 -18.17
N THR A 274 -28.78 -1.34 -16.97
CA THR A 274 -28.73 -2.57 -16.20
C THR A 274 -30.03 -3.32 -16.32
N PHE A 275 -29.91 -4.61 -16.58
CA PHE A 275 -31.05 -5.50 -16.69
C PHE A 275 -31.01 -6.64 -15.71
N LEU A 276 -32.18 -7.04 -15.24
CA LEU A 276 -32.33 -8.24 -14.45
C LEU A 276 -32.90 -9.30 -15.38
N LEU A 277 -32.11 -10.30 -15.71
CA LEU A 277 -32.50 -11.31 -16.68
C LEU A 277 -32.98 -12.58 -16.00
N LYS A 278 -34.15 -13.04 -16.39
CA LYS A 278 -34.73 -14.24 -15.80
C LYS A 278 -34.48 -15.47 -16.63
N TYR A 279 -33.67 -16.38 -16.11
CA TYR A 279 -33.32 -17.61 -16.79
C TYR A 279 -34.24 -18.75 -16.37
N ASN A 280 -34.51 -19.65 -17.29
CA ASN A 280 -35.27 -20.84 -16.97
C ASN A 280 -34.34 -21.99 -16.66
N GLU A 281 -34.91 -23.15 -16.40
CA GLU A 281 -34.12 -24.34 -16.10
C GLU A 281 -33.29 -24.88 -17.27
N ASN A 282 -33.60 -24.45 -18.52
CA ASN A 282 -32.93 -24.88 -19.74
C ASN A 282 -31.91 -23.85 -20.28
N GLY A 283 -31.57 -22.82 -19.48
CA GLY A 283 -30.54 -21.83 -19.85
C GLY A 283 -31.00 -20.69 -20.74
N THR A 284 -32.30 -20.56 -20.98
CA THR A 284 -32.76 -19.48 -21.84
C THR A 284 -33.24 -18.33 -21.02
N ILE A 285 -33.34 -17.16 -21.63
CA ILE A 285 -33.91 -16.01 -20.96
C ILE A 285 -35.38 -15.95 -21.31
N THR A 286 -36.22 -15.96 -20.29
CA THR A 286 -37.65 -15.99 -20.55
C THR A 286 -38.27 -14.62 -20.32
N ASP A 287 -37.61 -13.81 -19.51
CA ASP A 287 -38.11 -12.47 -19.27
C ASP A 287 -36.96 -11.55 -18.85
N ALA A 288 -37.26 -10.27 -18.66
CA ALA A 288 -36.24 -9.32 -18.21
C ALA A 288 -36.85 -8.04 -17.64
N VAL A 289 -36.09 -7.39 -16.77
CA VAL A 289 -36.48 -6.08 -16.23
C VAL A 289 -35.47 -5.01 -16.55
N ASP A 290 -35.92 -3.92 -17.13
CA ASP A 290 -35.07 -2.76 -17.39
C ASP A 290 -35.07 -1.89 -16.15
N CYS A 291 -33.94 -1.86 -15.43
CA CYS A 291 -33.80 -1.27 -14.10
C CYS A 291 -34.01 0.24 -14.12
N ALA A 292 -33.97 0.86 -15.29
CA ALA A 292 -34.12 2.31 -15.38
C ALA A 292 -35.46 2.72 -15.97
N LEU A 293 -36.34 1.77 -16.23
CA LEU A 293 -37.59 2.09 -16.89
C LEU A 293 -38.54 2.90 -16.01
N ASP A 294 -38.73 2.47 -14.78
CA ASP A 294 -39.61 3.16 -13.84
C ASP A 294 -39.24 2.68 -12.42
N PRO A 295 -39.81 3.25 -11.35
CA PRO A 295 -39.54 2.89 -9.96
C PRO A 295 -39.95 1.47 -9.57
N LEU A 296 -40.83 0.83 -10.34
CA LEU A 296 -41.20 -0.52 -9.95
C LEU A 296 -40.13 -1.47 -10.42
N SER A 297 -39.66 -1.22 -11.64
CA SER A 297 -38.60 -2.01 -12.21
C SER A 297 -37.33 -1.81 -11.41
N GLU A 298 -37.11 -0.59 -10.95
CA GLU A 298 -35.94 -0.28 -10.16
C GLU A 298 -35.97 -1.09 -8.87
N THR A 299 -37.15 -1.19 -8.27
CA THR A 299 -37.34 -1.97 -7.06
C THR A 299 -37.04 -3.44 -7.30
N LYS A 300 -37.55 -3.98 -8.39
CA LYS A 300 -37.28 -5.39 -8.69
C LYS A 300 -35.78 -5.68 -8.76
N CYS A 301 -35.01 -4.81 -9.45
CA CYS A 301 -33.56 -4.96 -9.60
C CYS A 301 -32.86 -4.83 -8.25
N THR A 302 -33.35 -3.93 -7.42
CA THR A 302 -32.80 -3.71 -6.08
C THR A 302 -32.94 -4.93 -5.21
N LEU A 303 -34.12 -5.55 -5.27
CA LEU A 303 -34.40 -6.74 -4.49
C LEU A 303 -33.84 -7.98 -5.16
N LYS A 304 -33.51 -7.86 -6.45
CA LYS A 304 -33.06 -8.96 -7.27
C LYS A 304 -34.12 -10.04 -7.23
N SER A 305 -35.35 -9.59 -7.43
CA SER A 305 -36.53 -10.42 -7.45
C SER A 305 -37.37 -10.04 -8.62
N PHE A 306 -38.07 -10.99 -9.20
CA PHE A 306 -38.89 -10.62 -10.34
C PHE A 306 -40.27 -10.22 -9.84
N THR A 307 -40.49 -10.42 -8.55
CA THR A 307 -41.74 -10.12 -7.85
C THR A 307 -41.47 -9.19 -6.67
N VAL A 308 -42.26 -8.12 -6.57
CA VAL A 308 -42.10 -7.21 -5.46
C VAL A 308 -43.21 -7.44 -4.47
N GLU A 309 -42.83 -7.65 -3.22
CA GLU A 309 -43.78 -7.91 -2.14
C GLU A 309 -44.33 -6.61 -1.62
N LYS A 310 -45.41 -6.69 -0.86
CA LYS A 310 -45.99 -5.50 -0.29
C LYS A 310 -45.05 -4.85 0.71
N GLY A 311 -44.85 -3.55 0.58
CA GLY A 311 -44.00 -2.83 1.52
C GLY A 311 -43.33 -1.60 0.91
N ILE A 312 -42.36 -1.06 1.64
CA ILE A 312 -41.61 0.10 1.22
C ILE A 312 -40.14 -0.27 1.10
N TYR A 313 -39.51 0.05 -0.03
CA TYR A 313 -38.12 -0.33 -0.23
C TYR A 313 -37.27 0.83 -0.68
N GLN A 314 -36.06 0.97 -0.15
CA GLN A 314 -35.18 2.02 -0.63
C GLN A 314 -34.39 1.52 -1.82
N THR A 315 -34.54 2.20 -2.95
CA THR A 315 -33.91 1.74 -4.18
C THR A 315 -32.85 2.69 -4.73
N SER A 316 -32.93 3.96 -4.37
CA SER A 316 -31.98 4.91 -4.95
C SER A 316 -31.61 6.04 -4.00
N ASN A 317 -30.96 7.05 -4.55
CA ASN A 317 -30.48 8.20 -3.79
C ASN A 317 -30.59 9.47 -4.65
N PHE A 318 -31.48 10.34 -4.23
CA PHE A 318 -31.76 11.59 -4.93
C PHE A 318 -30.70 12.60 -4.59
N ARG A 319 -30.13 13.26 -5.59
CA ARG A 319 -29.15 14.30 -5.33
C ARG A 319 -29.34 15.47 -6.28
N VAL A 320 -29.47 16.67 -5.71
CA VAL A 320 -29.58 17.86 -6.52
C VAL A 320 -28.21 18.23 -7.05
N GLN A 321 -28.12 18.45 -8.35
CA GLN A 321 -26.84 18.75 -8.97
C GLN A 321 -26.64 20.25 -9.09
N PRO A 322 -25.40 20.73 -9.09
CA PRO A 322 -25.04 22.10 -9.34
C PRO A 322 -25.36 22.46 -10.78
N THR A 323 -25.81 23.69 -10.98
CA THR A 323 -26.15 24.15 -12.33
C THR A 323 -25.14 25.14 -12.87
N GLU A 324 -24.30 25.69 -12.00
CA GLU A 324 -23.31 26.68 -12.38
C GLU A 324 -22.01 26.50 -11.60
N SER A 325 -21.03 27.33 -11.93
CA SER A 325 -19.75 27.35 -11.27
C SER A 325 -19.42 28.78 -10.88
N ILE A 326 -19.38 29.03 -9.58
CA ILE A 326 -19.22 30.38 -9.08
C ILE A 326 -17.89 30.58 -8.41
N VAL A 327 -17.08 31.47 -8.97
CA VAL A 327 -15.77 31.73 -8.41
C VAL A 327 -15.63 33.19 -8.07
N ARG A 328 -15.18 33.47 -6.85
CA ARG A 328 -15.03 34.85 -6.45
C ARG A 328 -13.75 35.12 -5.68
N PHE A 329 -13.11 36.21 -6.06
CA PHE A 329 -11.90 36.74 -5.47
C PHE A 329 -12.10 38.23 -5.24
N PRO A 330 -11.32 38.88 -4.36
CA PRO A 330 -11.40 40.29 -4.04
C PRO A 330 -11.11 41.13 -5.27
N ASN A 331 -11.55 42.40 -5.25
CA ASN A 331 -11.31 43.37 -6.31
C ASN A 331 -9.80 43.46 -6.61
N ILE A 332 -9.42 43.44 -7.89
CA ILE A 332 -8.01 43.49 -8.26
C ILE A 332 -7.48 44.91 -8.26
N THR A 333 -6.58 45.15 -7.32
CA THR A 333 -5.94 46.42 -7.09
C THR A 333 -4.46 46.18 -6.96
N ASN A 334 -3.66 47.23 -6.86
CA ASN A 334 -2.22 47.04 -6.71
C ASN A 334 -1.62 46.24 -7.86
N LEU A 335 -1.90 46.67 -9.08
CA LEU A 335 -1.34 46.04 -10.26
C LEU A 335 0.15 46.37 -10.34
N CYS A 336 0.95 45.42 -10.85
CA CYS A 336 2.39 45.57 -11.04
C CYS A 336 2.67 46.67 -12.07
N PRO A 337 3.65 47.53 -11.78
CA PRO A 337 4.04 48.69 -12.56
C PRO A 337 4.78 48.33 -13.84
N PHE A 338 4.12 47.60 -14.73
CA PHE A 338 4.74 47.28 -16.00
C PHE A 338 4.74 48.53 -16.87
N GLY A 339 3.72 49.36 -16.71
CA GLY A 339 3.65 50.58 -17.50
C GLY A 339 4.86 51.47 -17.24
N GLU A 340 5.37 51.45 -16.02
CA GLU A 340 6.52 52.26 -15.64
C GLU A 340 7.79 51.83 -16.36
N VAL A 341 7.79 50.61 -16.89
CA VAL A 341 8.94 50.06 -17.57
C VAL A 341 8.78 50.18 -19.08
N PHE A 342 7.61 49.80 -19.57
CA PHE A 342 7.31 49.77 -20.99
C PHE A 342 7.01 51.14 -21.62
N ASN A 343 6.38 52.06 -20.85
CA ASN A 343 6.04 53.41 -21.29
C ASN A 343 7.00 54.47 -20.72
N ALA A 344 8.21 54.04 -20.29
CA ALA A 344 9.25 54.91 -19.73
C ALA A 344 9.73 55.93 -20.76
N THR A 345 10.05 57.13 -20.28
CA THR A 345 10.51 58.19 -21.15
C THR A 345 11.98 58.00 -21.52
N ARG A 346 12.69 57.24 -20.70
CA ARG A 346 14.09 56.97 -20.95
C ARG A 346 14.43 55.53 -20.66
N PHE A 347 15.17 54.94 -21.57
CA PHE A 347 15.70 53.59 -21.44
C PHE A 347 17.20 53.67 -21.25
N ALA A 348 17.75 52.71 -20.56
CA ALA A 348 19.18 52.66 -20.29
C ALA A 348 19.95 52.14 -21.48
N SER A 349 21.24 52.46 -21.47
CA SER A 349 22.17 51.94 -22.46
C SER A 349 22.26 50.44 -22.25
N VAL A 350 22.48 49.68 -23.31
CA VAL A 350 22.55 48.24 -23.14
C VAL A 350 23.73 47.77 -22.31
N TYR A 351 24.83 48.54 -22.32
CA TYR A 351 25.97 48.16 -21.48
C TYR A 351 25.66 48.37 -20.00
N ALA A 352 24.64 49.18 -19.71
CA ALA A 352 24.29 49.56 -18.35
C ALA A 352 22.78 49.49 -18.16
N TRP A 353 22.21 48.31 -18.42
CA TRP A 353 20.76 48.12 -18.43
C TRP A 353 20.09 48.43 -17.10
N ASN A 354 18.84 48.89 -17.17
CA ASN A 354 18.09 49.29 -15.98
C ASN A 354 17.21 48.20 -15.41
N ARG A 355 17.60 47.68 -14.25
CA ARG A 355 16.82 46.63 -13.61
C ARG A 355 15.83 47.16 -12.59
N LYS A 356 14.54 46.96 -12.85
CA LYS A 356 13.51 47.34 -11.90
C LYS A 356 12.94 46.08 -11.25
N ARG A 357 12.87 46.08 -9.93
CA ARG A 357 12.32 44.93 -9.23
C ARG A 357 10.83 45.09 -9.00
N ILE A 358 10.08 44.09 -9.46
CA ILE A 358 8.64 44.02 -9.32
C ILE A 358 8.28 43.00 -8.24
N SER A 359 7.54 43.45 -7.23
CA SER A 359 7.20 42.59 -6.11
C SER A 359 5.91 43.03 -5.42
N ASN A 360 5.31 42.13 -4.65
CA ASN A 360 4.13 42.46 -3.83
C ASN A 360 3.03 43.16 -4.63
N CYS A 361 2.65 42.57 -5.79
CA CYS A 361 1.68 43.15 -6.73
C CYS A 361 1.00 42.10 -7.62
N VAL A 362 0.00 42.54 -8.37
CA VAL A 362 -0.71 41.69 -9.32
C VAL A 362 -0.23 41.92 -10.75
N ALA A 363 0.35 40.89 -11.34
CA ALA A 363 0.97 41.01 -12.64
C ALA A 363 0.01 40.75 -13.79
N ASP A 364 -0.50 41.80 -14.39
CA ASP A 364 -1.47 41.65 -15.45
C ASP A 364 -0.76 41.40 -16.76
N TYR A 365 -0.26 40.17 -16.91
CA TYR A 365 0.55 39.77 -18.05
C TYR A 365 -0.27 39.75 -19.32
N SER A 366 -1.59 39.69 -19.16
CA SER A 366 -2.51 39.64 -20.27
C SER A 366 -2.42 40.91 -21.11
N VAL A 367 -2.10 42.04 -20.51
CA VAL A 367 -2.02 43.27 -21.29
C VAL A 367 -0.83 43.20 -22.23
N LEU A 368 0.31 42.77 -21.70
CA LEU A 368 1.52 42.70 -22.49
C LEU A 368 1.38 41.67 -23.60
N TYR A 369 0.74 40.56 -23.29
CA TYR A 369 0.51 39.50 -24.27
C TYR A 369 -0.49 39.90 -25.35
N ASN A 370 -1.64 40.44 -24.93
CA ASN A 370 -2.75 40.72 -25.82
C ASN A 370 -2.49 41.88 -26.79
N SER A 371 -1.69 42.87 -26.40
CA SER A 371 -1.50 44.00 -27.30
C SER A 371 -0.69 43.63 -28.53
N ALA A 372 -0.81 44.44 -29.57
CA ALA A 372 -0.07 44.25 -30.80
C ALA A 372 1.13 45.20 -30.89
N SER A 373 1.44 45.83 -29.77
CA SER A 373 2.53 46.79 -29.70
C SER A 373 3.90 46.14 -29.78
N PHE A 374 3.96 44.82 -29.55
CA PHE A 374 5.24 44.13 -29.50
C PHE A 374 5.50 43.32 -30.73
N SER A 375 6.75 43.33 -31.19
CA SER A 375 7.15 42.52 -32.33
C SER A 375 7.76 41.22 -31.84
N THR A 376 8.28 41.25 -30.62
CA THR A 376 8.91 40.09 -29.99
C THR A 376 8.24 39.78 -28.67
N PHE A 377 7.90 38.50 -28.47
CA PHE A 377 7.31 38.04 -27.22
C PHE A 377 7.73 36.59 -27.02
N LYS A 378 8.98 36.38 -26.61
CA LYS A 378 9.56 35.05 -26.54
C LYS A 378 9.63 34.55 -25.10
N CYS A 379 8.79 33.57 -24.77
CA CYS A 379 8.67 33.00 -23.43
C CYS A 379 9.45 31.70 -23.29
N TYR A 380 10.29 31.63 -22.28
CA TYR A 380 11.14 30.49 -22.01
C TYR A 380 10.80 29.84 -20.67
N GLY A 381 10.39 28.59 -20.72
CA GLY A 381 10.06 27.83 -19.52
C GLY A 381 8.63 28.06 -19.07
N VAL A 382 7.96 29.01 -19.69
CA VAL A 382 6.59 29.35 -19.36
C VAL A 382 5.75 29.49 -20.60
N SER A 383 4.44 29.36 -20.45
CA SER A 383 3.51 29.58 -21.55
C SER A 383 2.97 31.02 -21.52
N PRO A 384 3.02 31.75 -22.63
CA PRO A 384 2.68 33.17 -22.75
C PRO A 384 1.23 33.48 -22.39
N THR A 385 0.38 32.47 -22.43
CA THR A 385 -1.04 32.64 -22.11
C THR A 385 -1.39 32.15 -20.71
N LYS A 386 -0.41 31.59 -20.00
CA LYS A 386 -0.60 31.05 -18.66
C LYS A 386 0.23 31.80 -17.64
N LEU A 387 0.77 32.93 -18.03
CA LEU A 387 1.68 33.69 -17.18
C LEU A 387 0.99 34.13 -15.91
N ASN A 388 -0.31 34.38 -15.99
CA ASN A 388 -1.09 34.84 -14.85
C ASN A 388 -1.13 33.81 -13.73
N ASP A 389 -1.00 32.54 -14.08
CA ASP A 389 -1.13 31.47 -13.10
C ASP A 389 0.21 31.10 -12.48
N LEU A 390 1.25 31.82 -12.84
CA LEU A 390 2.58 31.53 -12.32
C LEU A 390 2.97 32.56 -11.26
N CYS A 391 3.09 32.12 -9.99
CA CYS A 391 3.43 32.98 -8.86
C CYS A 391 4.92 32.93 -8.56
N PHE A 392 5.53 34.12 -8.49
CA PHE A 392 6.95 34.24 -8.26
C PHE A 392 7.28 35.14 -7.08
N THR A 393 8.47 34.96 -6.53
CA THR A 393 8.91 35.80 -5.43
C THR A 393 9.28 37.16 -5.98
N ASN A 394 10.01 37.14 -7.09
CA ASN A 394 10.46 38.36 -7.72
C ASN A 394 10.30 38.30 -9.22
N VAL A 395 9.94 39.44 -9.81
CA VAL A 395 9.98 39.59 -11.25
C VAL A 395 10.92 40.74 -11.55
N TYR A 396 11.92 40.49 -12.38
CA TYR A 396 12.87 41.55 -12.68
C TYR A 396 12.73 42.03 -14.10
N ALA A 397 12.50 43.32 -14.26
CA ALA A 397 12.32 43.91 -15.56
C ALA A 397 13.59 44.64 -15.99
N ASP A 398 14.34 44.03 -16.90
CA ASP A 398 15.58 44.63 -17.38
C ASP A 398 15.32 45.41 -18.67
N SER A 399 15.41 46.73 -18.55
CA SER A 399 15.08 47.68 -19.62
C SER A 399 16.27 48.35 -20.31
N PHE A 400 16.34 48.19 -21.63
CA PHE A 400 17.44 48.76 -22.42
C PHE A 400 17.14 48.93 -23.91
N VAL A 401 17.97 49.72 -24.61
CA VAL A 401 17.85 49.87 -26.07
C VAL A 401 19.02 49.33 -26.86
N ILE A 402 18.70 48.53 -27.87
CA ILE A 402 19.63 47.93 -28.82
C ILE A 402 19.17 48.12 -30.25
N ARG A 403 20.03 47.89 -31.22
CA ARG A 403 19.61 47.96 -32.62
C ARG A 403 18.94 46.66 -33.06
N GLY A 404 18.08 46.76 -34.07
CA GLY A 404 17.31 45.64 -34.62
C GLY A 404 18.08 44.34 -34.82
N ASP A 405 19.23 44.39 -35.47
CA ASP A 405 19.99 43.17 -35.74
C ASP A 405 20.43 42.43 -34.47
N GLU A 406 20.48 43.13 -33.35
CA GLU A 406 20.92 42.56 -32.09
C GLU A 406 19.78 42.03 -31.24
N VAL A 407 18.54 42.20 -31.70
CA VAL A 407 17.39 41.73 -30.93
C VAL A 407 17.46 40.23 -30.77
N ARG A 408 17.97 39.56 -31.79
CA ARG A 408 18.11 38.11 -31.79
C ARG A 408 19.05 37.60 -30.70
N GLN A 409 19.90 38.47 -30.15
CA GLN A 409 20.86 38.05 -29.13
C GLN A 409 20.24 38.02 -27.75
N ILE A 410 19.04 38.59 -27.58
CA ILE A 410 18.48 38.61 -26.24
C ILE A 410 17.71 37.33 -26.03
N ALA A 411 18.47 36.28 -25.73
CA ALA A 411 17.90 34.96 -25.53
C ALA A 411 18.93 34.05 -24.86
N PRO A 412 18.49 33.02 -24.14
CA PRO A 412 19.32 31.99 -23.57
C PRO A 412 20.05 31.24 -24.65
N GLY A 413 21.34 30.98 -24.44
CA GLY A 413 22.14 30.22 -25.40
C GLY A 413 22.74 31.08 -26.50
N GLN A 414 22.50 32.38 -26.48
CA GLN A 414 23.04 33.23 -27.54
C GLN A 414 24.40 33.83 -27.18
N THR A 415 25.16 34.16 -28.22
CA THR A 415 26.46 34.80 -28.10
C THR A 415 26.51 36.04 -28.99
N GLY A 416 27.52 36.88 -28.79
CA GLY A 416 27.66 38.09 -29.60
C GLY A 416 28.01 39.29 -28.74
N LYS A 417 28.13 40.47 -29.34
CA LYS A 417 28.56 41.62 -28.56
C LYS A 417 27.60 41.94 -27.43
N ILE A 418 26.30 41.73 -27.64
CA ILE A 418 25.37 42.08 -26.58
C ILE A 418 25.26 40.92 -25.62
N ALA A 419 25.06 39.73 -26.16
CA ALA A 419 24.89 38.56 -25.33
C ALA A 419 26.10 38.33 -24.44
N ASP A 420 27.31 38.63 -24.92
CA ASP A 420 28.50 38.37 -24.13
C ASP A 420 29.08 39.57 -23.39
N TYR A 421 28.91 40.80 -23.87
CA TYR A 421 29.57 41.91 -23.19
C TYR A 421 28.64 42.96 -22.58
N ASN A 422 27.32 42.85 -22.79
CA ASN A 422 26.42 43.87 -22.30
C ASN A 422 25.32 43.32 -21.41
N TYR A 423 24.51 42.45 -21.98
CA TYR A 423 23.36 41.86 -21.32
C TYR A 423 23.24 40.39 -21.63
N LYS A 424 23.68 39.55 -20.71
CA LYS A 424 23.69 38.12 -20.97
C LYS A 424 22.58 37.39 -20.25
N LEU A 425 21.86 36.53 -20.97
CA LEU A 425 20.87 35.67 -20.35
C LEU A 425 21.45 34.28 -20.21
N PRO A 426 21.15 33.57 -19.11
CA PRO A 426 21.57 32.22 -18.82
C PRO A 426 20.86 31.22 -19.70
N ASP A 427 21.51 30.08 -19.96
CA ASP A 427 20.93 29.04 -20.81
C ASP A 427 19.60 28.51 -20.26
N ASP A 428 19.45 28.54 -18.94
CA ASP A 428 18.24 28.07 -18.27
C ASP A 428 17.33 29.22 -17.88
N PHE A 429 17.45 30.34 -18.56
CA PHE A 429 16.60 31.50 -18.31
C PHE A 429 15.13 31.18 -18.31
N THR A 430 14.44 31.66 -17.29
CA THR A 430 12.99 31.51 -17.20
C THR A 430 12.38 32.89 -17.17
N GLY A 431 11.46 33.11 -18.08
CA GLY A 431 10.82 34.42 -18.20
C GLY A 431 10.50 34.70 -19.66
N CYS A 432 10.11 35.94 -19.96
CA CYS A 432 9.72 36.35 -21.32
C CYS A 432 10.49 37.57 -21.78
N VAL A 433 10.93 37.53 -23.03
CA VAL A 433 11.62 38.64 -23.66
C VAL A 433 10.66 39.40 -24.54
N ILE A 434 10.42 40.64 -24.18
CA ILE A 434 9.46 41.45 -24.91
C ILE A 434 10.15 42.65 -25.55
N ALA A 435 9.95 42.83 -26.84
CA ALA A 435 10.62 43.95 -27.51
C ALA A 435 9.76 44.55 -28.62
N TRP A 436 10.01 45.83 -28.89
CA TRP A 436 9.29 46.51 -29.94
C TRP A 436 10.12 47.58 -30.63
N ASN A 437 9.74 47.89 -31.86
CA ASN A 437 10.42 48.90 -32.65
C ASN A 437 10.15 50.28 -32.06
N SER A 438 11.22 50.98 -31.71
CA SER A 438 11.12 52.27 -31.05
C SER A 438 11.77 53.36 -31.90
N ASN A 439 11.83 53.12 -33.20
CA ASN A 439 12.45 54.05 -34.13
C ASN A 439 11.93 55.47 -33.98
N ASN A 440 10.62 55.62 -33.83
CA ASN A 440 10.02 56.95 -33.75
C ASN A 440 10.08 57.55 -32.36
N LEU A 441 10.68 56.83 -31.43
CA LEU A 441 10.76 57.31 -30.06
C LEU A 441 12.18 57.73 -29.71
N ASP A 442 13.15 56.90 -30.10
CA ASP A 442 14.54 57.15 -29.75
C ASP A 442 15.39 57.78 -30.85
N SER A 443 15.07 57.53 -32.13
CA SER A 443 15.97 58.04 -33.16
C SER A 443 15.91 59.55 -33.29
N LYS A 444 17.04 60.14 -33.63
CA LYS A 444 17.12 61.58 -33.85
C LYS A 444 17.67 61.83 -35.24
N VAL A 445 17.31 62.97 -35.83
CA VAL A 445 17.73 63.26 -37.19
C VAL A 445 19.24 63.27 -37.35
N GLY A 446 19.94 63.84 -36.38
CA GLY A 446 21.39 63.91 -36.45
C GLY A 446 22.06 62.69 -35.81
N GLY A 447 21.25 61.73 -35.35
CA GLY A 447 21.74 60.53 -34.69
C GLY A 447 21.65 60.61 -33.17
N ASN A 448 21.00 59.62 -32.58
CA ASN A 448 20.91 59.54 -31.13
C ASN A 448 22.04 58.65 -30.65
N TYR A 449 23.05 59.28 -30.06
CA TYR A 449 24.27 58.59 -29.65
C TYR A 449 24.34 58.42 -28.15
N ASN A 450 23.20 58.55 -27.48
CA ASN A 450 23.15 58.44 -26.03
C ASN A 450 23.11 56.97 -25.59
N TYR A 451 22.96 56.08 -26.56
CA TYR A 451 22.91 54.67 -26.27
C TYR A 451 24.22 54.01 -26.65
N LEU A 452 24.86 53.36 -25.69
CA LEU A 452 26.14 52.73 -25.92
C LEU A 452 26.12 51.25 -25.60
N TYR A 453 27.02 50.53 -26.26
CA TYR A 453 27.20 49.12 -26.01
C TYR A 453 28.69 48.83 -25.89
N ARG A 454 29.02 47.76 -25.18
CA ARG A 454 30.38 47.33 -24.97
C ARG A 454 30.87 46.45 -26.10
N LEU A 455 32.04 46.81 -26.61
CA LEU A 455 32.70 46.15 -27.70
C LEU A 455 33.90 45.36 -27.22
N PHE A 456 34.62 45.92 -26.26
CA PHE A 456 35.85 45.31 -25.78
C PHE A 456 35.78 44.97 -24.31
N ARG A 457 36.08 43.72 -23.98
CA ARG A 457 36.13 43.29 -22.59
C ARG A 457 37.16 42.18 -22.45
N LYS A 458 37.76 42.08 -21.27
CA LYS A 458 38.77 41.04 -20.99
C LYS A 458 38.19 39.63 -21.10
N SER A 459 36.93 39.49 -20.72
CA SER A 459 36.24 38.20 -20.73
C SER A 459 34.75 38.42 -20.91
N ASN A 460 34.01 37.34 -21.11
CA ASN A 460 32.57 37.43 -21.27
C ASN A 460 31.89 37.62 -19.93
N LEU A 461 30.68 38.16 -19.95
CA LEU A 461 29.87 38.39 -18.75
C LEU A 461 29.22 37.12 -18.22
N LYS A 462 28.99 37.12 -16.93
CA LYS A 462 28.17 36.10 -16.30
C LYS A 462 26.71 36.50 -16.56
N PRO A 463 25.76 35.58 -16.49
CA PRO A 463 24.35 35.87 -16.65
C PRO A 463 23.94 36.99 -15.71
N PHE A 464 23.27 38.00 -16.28
CA PHE A 464 22.79 39.17 -15.57
C PHE A 464 23.87 39.97 -14.85
N GLU A 465 25.10 39.90 -15.34
CA GLU A 465 26.17 40.72 -14.80
C GLU A 465 26.12 42.10 -15.44
N ARG A 466 26.24 43.15 -14.65
CA ARG A 466 26.17 44.50 -15.18
C ARG A 466 27.50 45.22 -15.00
N ASP A 467 28.31 45.22 -16.05
CA ASP A 467 29.63 45.84 -16.04
C ASP A 467 29.58 47.20 -16.70
N ILE A 468 29.76 48.25 -15.91
CA ILE A 468 29.62 49.60 -16.43
C ILE A 468 30.93 50.40 -16.38
N SER A 469 32.05 49.68 -16.30
CA SER A 469 33.36 50.32 -16.30
C SER A 469 33.65 51.00 -17.64
N THR A 470 34.33 52.14 -17.59
CA THR A 470 34.70 52.89 -18.78
C THR A 470 36.22 52.92 -18.99
N GLU A 471 36.93 52.04 -18.30
CA GLU A 471 38.39 51.97 -18.41
C GLU A 471 38.78 51.67 -19.85
N ILE A 472 39.81 52.37 -20.35
CA ILE A 472 40.25 52.13 -21.73
C ILE A 472 40.78 50.71 -21.83
N TYR A 473 40.28 49.98 -22.81
CA TYR A 473 40.64 48.59 -22.97
C TYR A 473 42.05 48.44 -23.50
N GLN A 474 42.82 47.60 -22.82
CA GLN A 474 44.18 47.31 -23.22
C GLN A 474 44.23 46.04 -24.03
N ALA A 475 44.42 46.17 -25.34
CA ALA A 475 44.44 45.02 -26.22
C ALA A 475 45.82 44.38 -26.23
N GLY A 476 46.85 45.19 -25.99
CA GLY A 476 48.23 44.71 -26.03
C GLY A 476 48.80 44.52 -24.63
N SER A 477 50.11 44.67 -24.49
CA SER A 477 50.76 44.49 -23.19
C SER A 477 51.19 45.83 -22.62
N THR A 478 50.96 46.90 -23.39
CA THR A 478 51.33 48.25 -22.99
C THR A 478 50.18 48.93 -22.25
N PRO A 479 50.38 49.37 -20.99
CA PRO A 479 49.41 50.09 -20.19
C PRO A 479 48.98 51.34 -20.94
N CYS A 480 47.68 51.63 -20.94
CA CYS A 480 47.12 52.78 -21.65
C CYS A 480 47.28 54.06 -20.83
N ASN A 481 47.22 53.92 -19.51
CA ASN A 481 47.38 55.04 -18.59
C ASN A 481 46.45 56.21 -18.91
N GLY A 482 45.22 55.89 -19.30
CA GLY A 482 44.22 56.93 -19.58
C GLY A 482 44.31 57.50 -21.00
N VAL A 483 45.21 56.96 -21.83
CA VAL A 483 45.38 57.47 -23.18
C VAL A 483 44.98 56.48 -24.26
N GLU A 484 44.11 56.91 -25.16
CA GLU A 484 43.69 56.06 -26.27
C GLU A 484 44.77 56.11 -27.36
N GLY A 485 44.87 55.04 -28.14
CA GLY A 485 45.91 54.94 -29.15
C GLY A 485 45.97 53.54 -29.73
N PHE A 486 47.09 53.15 -30.30
CA PHE A 486 47.18 51.82 -30.87
C PHE A 486 47.08 50.80 -29.75
N ASN A 487 46.15 49.86 -29.89
CA ASN A 487 45.84 48.84 -28.88
C ASN A 487 45.27 49.38 -27.56
N CYS A 488 44.79 50.63 -27.55
CA CYS A 488 44.11 51.27 -26.42
C CYS A 488 42.79 51.85 -26.92
N TYR A 489 41.72 51.11 -26.65
CA TYR A 489 40.43 51.47 -27.24
C TYR A 489 39.40 51.69 -26.16
N PHE A 490 38.56 52.71 -26.31
CA PHE A 490 37.50 52.90 -25.33
C PHE A 490 36.56 51.71 -25.52
N PRO A 491 36.17 50.99 -24.46
CA PRO A 491 35.40 49.77 -24.51
C PRO A 491 33.99 49.92 -25.04
N LEU A 492 33.46 51.15 -25.02
CA LEU A 492 32.09 51.38 -25.45
C LEU A 492 32.02 52.13 -26.78
N GLN A 493 30.93 51.94 -27.50
CA GLN A 493 30.66 52.72 -28.69
C GLN A 493 29.17 53.02 -28.78
N SER A 494 28.85 54.18 -29.31
CA SER A 494 27.46 54.61 -29.44
C SER A 494 26.77 54.07 -30.67
N TYR A 495 25.45 54.00 -30.61
CA TYR A 495 24.65 53.63 -31.77
C TYR A 495 24.21 54.86 -32.52
N GLY A 496 24.36 54.86 -33.84
CA GLY A 496 23.88 55.99 -34.63
C GLY A 496 22.41 55.83 -34.97
N PHE A 497 21.53 56.00 -33.98
CA PHE A 497 20.12 55.77 -34.25
C PHE A 497 19.48 56.96 -34.95
N GLN A 498 19.02 56.73 -36.17
CA GLN A 498 18.45 57.75 -37.04
C GLN A 498 17.15 57.26 -37.67
N PRO A 499 16.20 58.17 -37.97
CA PRO A 499 14.90 57.90 -38.57
C PRO A 499 15.01 57.38 -40.00
N THR A 500 16.20 57.49 -40.58
CA THR A 500 16.45 57.06 -41.94
C THR A 500 17.15 55.70 -42.00
N ASN A 501 17.39 55.08 -40.84
CA ASN A 501 18.07 53.79 -40.80
C ASN A 501 17.18 52.67 -41.28
N GLY A 502 17.81 51.63 -41.84
CA GLY A 502 17.08 50.43 -42.20
C GLY A 502 16.73 49.72 -40.90
N VAL A 503 15.83 48.75 -40.96
CA VAL A 503 15.34 48.13 -39.73
C VAL A 503 16.41 47.55 -38.84
N GLY A 504 17.42 46.92 -39.43
CA GLY A 504 18.48 46.29 -38.64
C GLY A 504 19.26 47.30 -37.81
N TYR A 505 19.18 48.58 -38.17
CA TYR A 505 19.90 49.62 -37.46
C TYR A 505 18.98 50.57 -36.71
N GLN A 506 17.68 50.25 -36.67
CA GLN A 506 16.74 51.05 -35.92
C GLN A 506 16.81 50.57 -34.49
N PRO A 507 16.52 51.43 -33.51
CA PRO A 507 16.46 51.08 -32.11
C PRO A 507 15.24 50.25 -31.81
N TYR A 508 15.42 49.33 -30.90
CA TYR A 508 14.36 48.54 -30.31
C TYR A 508 14.43 48.63 -28.80
N ARG A 509 13.27 48.78 -28.18
CA ARG A 509 13.20 48.81 -26.75
C ARG A 509 12.93 47.42 -26.25
N VAL A 510 13.80 46.96 -25.38
CA VAL A 510 13.70 45.60 -24.91
C VAL A 510 13.49 45.56 -23.41
N VAL A 511 12.49 44.81 -22.99
CA VAL A 511 12.24 44.58 -21.60
C VAL A 511 12.22 43.09 -21.35
N VAL A 512 13.10 42.62 -20.49
CA VAL A 512 13.12 41.20 -20.18
C VAL A 512 12.57 40.97 -18.81
N LEU A 513 11.53 40.15 -18.72
CA LEU A 513 10.94 39.86 -17.42
C LEU A 513 11.43 38.51 -16.93
N SER A 514 12.35 38.56 -15.98
CA SER A 514 12.97 37.37 -15.41
C SER A 514 12.15 36.91 -14.23
N PHE A 515 11.80 35.63 -14.21
CA PHE A 515 10.94 35.09 -13.16
C PHE A 515 11.72 34.28 -12.14
N GLU A 516 11.75 34.76 -10.90
CA GLU A 516 12.52 34.09 -9.86
C GLU A 516 11.67 33.54 -8.73
N LEU A 517 11.83 32.24 -8.47
CA LEU A 517 11.10 31.61 -7.38
C LEU A 517 12.06 31.19 -6.28
N LEU A 518 11.92 31.81 -5.12
CA LEU A 518 12.76 31.56 -3.97
C LEU A 518 11.98 30.85 -2.88
N HIS A 519 12.65 30.48 -1.81
CA HIS A 519 11.98 29.87 -0.66
C HIS A 519 11.25 30.96 0.09
N ALA A 520 10.16 31.40 -0.51
CA ALA A 520 9.40 32.56 -0.08
C ALA A 520 7.93 32.38 -0.47
N PRO A 521 7.00 33.16 0.10
CA PRO A 521 5.57 33.16 -0.16
C PRO A 521 5.14 33.32 -1.63
N ALA A 522 5.99 33.88 -2.48
CA ALA A 522 5.67 34.13 -3.90
C ALA A 522 4.59 35.19 -3.99
N THR A 523 5.01 36.45 -3.98
CA THR A 523 4.07 37.55 -3.85
C THR A 523 3.52 38.11 -5.16
N VAL A 524 4.11 37.76 -6.30
CA VAL A 524 3.60 38.31 -7.56
C VAL A 524 2.88 37.24 -8.37
N CYS A 525 1.58 37.47 -8.61
CA CYS A 525 0.68 36.54 -9.31
C CYS A 525 -0.20 37.39 -10.22
N GLY A 526 -0.87 36.78 -11.19
CA GLY A 526 -1.75 37.53 -12.06
C GLY A 526 -3.08 37.78 -11.37
N PRO A 527 -4.02 38.44 -12.06
CA PRO A 527 -5.35 38.78 -11.62
C PRO A 527 -6.16 37.50 -11.53
N LYS A 528 -7.17 37.50 -10.68
CA LYS A 528 -8.00 36.33 -10.52
C LYS A 528 -9.33 36.48 -11.25
N LYS A 529 -9.85 35.35 -11.70
CA LYS A 529 -11.15 35.29 -12.34
C LYS A 529 -12.25 35.46 -11.32
N SER A 530 -13.30 36.15 -11.71
CA SER A 530 -14.47 36.25 -10.85
C SER A 530 -15.72 36.25 -11.70
N THR A 531 -16.78 35.69 -11.14
CA THR A 531 -18.07 35.62 -11.79
C THR A 531 -19.15 36.20 -10.91
N ASN A 532 -20.34 36.36 -11.48
CA ASN A 532 -21.47 36.88 -10.72
C ASN A 532 -21.87 35.88 -9.65
N LEU A 533 -22.30 36.41 -8.51
CA LEU A 533 -22.76 35.57 -7.43
C LEU A 533 -24.16 35.06 -7.72
N VAL A 534 -24.36 33.76 -7.55
CA VAL A 534 -25.66 33.17 -7.77
C VAL A 534 -26.24 32.60 -6.50
N LYS A 535 -27.41 33.10 -6.12
CA LYS A 535 -28.06 32.71 -4.88
C LYS A 535 -29.23 31.76 -5.10
N ASN A 536 -29.52 31.00 -4.05
CA ASN A 536 -30.68 30.12 -3.97
C ASN A 536 -30.68 28.99 -5.00
N LYS A 537 -29.49 28.65 -5.48
CA LYS A 537 -29.32 27.55 -6.41
C LYS A 537 -28.09 26.76 -6.03
N CYS A 538 -28.05 25.46 -6.35
CA CYS A 538 -26.85 24.66 -6.15
C CYS A 538 -25.77 25.05 -7.15
N VAL A 539 -24.61 25.39 -6.63
CA VAL A 539 -23.49 25.73 -7.48
C VAL A 539 -22.24 25.04 -7.00
N ASN A 540 -21.29 24.91 -7.90
CA ASN A 540 -19.96 24.47 -7.55
C ASN A 540 -19.18 25.75 -7.27
N PHE A 541 -18.89 26.02 -6.02
CA PHE A 541 -18.32 27.31 -5.68
C PHE A 541 -16.86 27.27 -5.29
N ASN A 542 -16.23 28.43 -5.45
CA ASN A 542 -14.86 28.67 -5.00
C ASN A 542 -14.70 30.10 -4.48
N PHE A 543 -14.66 30.24 -3.16
CA PHE A 543 -14.48 31.55 -2.52
C PHE A 543 -13.07 31.63 -1.99
N ASN A 544 -12.22 32.36 -2.69
CA ASN A 544 -10.80 32.34 -2.37
C ASN A 544 -10.26 30.92 -2.47
N GLY A 545 -10.01 30.29 -1.31
CA GLY A 545 -9.49 28.92 -1.28
C GLY A 545 -10.51 27.90 -0.78
N LEU A 546 -11.75 28.33 -0.63
CA LEU A 546 -12.81 27.48 -0.08
C LEU A 546 -13.68 26.92 -1.17
N THR A 547 -13.67 25.62 -1.35
CA THR A 547 -14.43 25.02 -2.43
C THR A 547 -15.42 24.00 -1.94
N GLY A 548 -16.45 23.78 -2.74
CA GLY A 548 -17.46 22.76 -2.45
C GLY A 548 -18.71 23.01 -3.26
N THR A 549 -19.75 22.24 -2.98
CA THR A 549 -21.02 22.36 -3.70
C THR A 549 -22.13 22.65 -2.73
N GLY A 550 -22.96 23.63 -3.04
CA GLY A 550 -24.07 23.96 -2.15
C GLY A 550 -24.86 25.16 -2.60
N VAL A 551 -25.88 25.48 -1.80
CA VAL A 551 -26.77 26.59 -2.05
C VAL A 551 -26.44 27.74 -1.14
N LEU A 552 -26.27 28.93 -1.72
CA LEU A 552 -25.91 30.06 -0.89
C LEU A 552 -27.05 31.03 -0.72
N THR A 553 -27.25 31.45 0.53
CA THR A 553 -28.31 32.40 0.87
C THR A 553 -27.76 33.49 1.77
N GLU A 554 -28.53 34.56 1.96
CA GLU A 554 -28.09 35.62 2.86
C GLU A 554 -27.96 35.09 4.28
N SER A 555 -26.86 35.45 4.94
CA SER A 555 -26.63 35.04 6.31
C SER A 555 -27.08 36.10 7.29
N ASN A 556 -27.51 35.68 8.46
CA ASN A 556 -27.82 36.59 9.54
C ASN A 556 -26.75 36.50 10.62
N LYS A 557 -25.61 35.91 10.28
CA LYS A 557 -24.50 35.77 11.18
C LYS A 557 -23.62 37.01 11.13
N LYS A 558 -22.95 37.31 12.22
CA LYS A 558 -22.05 38.45 12.23
C LYS A 558 -20.63 38.00 12.41
N PHE A 559 -19.84 38.19 11.39
CA PHE A 559 -18.44 37.83 11.42
C PHE A 559 -17.63 38.96 11.97
N LEU A 560 -16.51 38.63 12.60
CA LEU A 560 -15.62 39.68 13.03
C LEU A 560 -14.97 40.19 11.76
N PRO A 561 -14.46 41.43 11.72
CA PRO A 561 -13.87 42.10 10.58
C PRO A 561 -12.75 41.32 9.89
N PHE A 562 -12.13 40.39 10.60
CA PHE A 562 -11.03 39.64 10.03
C PHE A 562 -11.39 38.19 9.72
N GLN A 563 -12.63 37.79 9.96
CA GLN A 563 -13.01 36.40 9.73
C GLN A 563 -13.56 36.24 8.32
N GLN A 564 -12.96 35.30 7.59
CA GLN A 564 -13.31 35.08 6.20
C GLN A 564 -14.39 34.04 6.02
N PHE A 565 -14.47 33.08 6.92
CA PHE A 565 -15.51 32.08 6.78
C PHE A 565 -15.91 31.50 8.11
N GLY A 566 -17.07 30.87 8.15
CA GLY A 566 -17.57 30.23 9.35
C GLY A 566 -17.51 28.73 9.25
N ARG A 567 -17.29 28.10 10.38
CA ARG A 567 -17.20 26.66 10.48
C ARG A 567 -17.96 26.16 11.71
N ASP A 568 -18.70 25.06 11.54
CA ASP A 568 -19.51 24.53 12.63
C ASP A 568 -18.75 23.55 13.53
N ILE A 569 -19.50 22.93 14.43
CA ILE A 569 -18.98 22.02 15.44
C ILE A 569 -18.45 20.70 14.87
N ALA A 570 -18.71 20.44 13.61
CA ALA A 570 -18.31 19.21 12.95
C ALA A 570 -17.30 19.51 11.85
N ASP A 571 -16.63 20.65 11.96
CA ASP A 571 -15.61 21.10 11.03
C ASP A 571 -16.12 21.30 9.60
N THR A 572 -17.38 21.67 9.46
CA THR A 572 -17.93 21.90 8.13
C THR A 572 -18.09 23.39 7.90
N THR A 573 -17.63 23.86 6.75
CA THR A 573 -17.81 25.28 6.43
C THR A 573 -19.30 25.50 6.24
N ASP A 574 -19.87 26.46 6.94
CA ASP A 574 -21.30 26.70 6.79
C ASP A 574 -21.61 28.14 6.45
N ALA A 575 -20.57 28.94 6.28
CA ALA A 575 -20.77 30.31 5.87
C ALA A 575 -19.49 30.85 5.30
N VAL A 576 -19.59 31.76 4.35
CA VAL A 576 -18.42 32.44 3.83
C VAL A 576 -18.65 33.92 3.70
N ARG A 577 -17.57 34.68 3.79
CA ARG A 577 -17.62 36.07 3.47
C ARG A 577 -17.33 36.22 2.00
N ASP A 578 -18.15 36.99 1.32
CA ASP A 578 -17.92 37.28 -0.08
C ASP A 578 -16.68 38.19 -0.22
N PRO A 579 -15.62 37.76 -0.92
CA PRO A 579 -14.38 38.48 -1.14
C PRO A 579 -14.55 39.87 -1.73
N GLN A 580 -15.64 40.11 -2.46
CA GLN A 580 -15.86 41.42 -3.08
C GLN A 580 -16.74 42.31 -2.22
N THR A 581 -18.06 42.22 -2.42
CA THR A 581 -18.98 42.93 -1.53
C THR A 581 -18.94 42.19 -0.24
N LEU A 582 -18.78 42.86 0.90
CA LEU A 582 -18.56 42.10 2.13
C LEU A 582 -19.85 41.59 2.76
N GLU A 583 -20.54 40.76 2.02
CA GLU A 583 -21.78 40.12 2.40
C GLU A 583 -21.48 38.76 2.99
N ILE A 584 -22.21 38.36 4.03
CA ILE A 584 -22.00 37.04 4.57
C ILE A 584 -23.05 36.11 4.03
N LEU A 585 -22.60 35.00 3.48
CA LEU A 585 -23.48 34.03 2.86
C LEU A 585 -23.44 32.70 3.60
N ASP A 586 -24.60 32.11 3.82
CA ASP A 586 -24.68 30.80 4.46
C ASP A 586 -24.65 29.72 3.40
N ILE A 587 -23.99 28.61 3.69
CA ILE A 587 -23.97 27.51 2.75
C ILE A 587 -24.81 26.34 3.22
N THR A 588 -25.84 26.05 2.47
CA THR A 588 -26.73 24.93 2.76
C THR A 588 -26.39 23.83 1.78
N PRO A 589 -26.07 22.62 2.22
CA PRO A 589 -25.68 21.53 1.36
C PRO A 589 -26.85 21.21 0.44
N CYS A 590 -26.56 20.77 -0.78
CA CYS A 590 -27.58 20.44 -1.77
C CYS A 590 -28.41 19.25 -1.31
N SER A 591 -29.72 19.39 -1.42
CA SER A 591 -30.63 18.37 -0.95
C SER A 591 -30.35 17.02 -1.52
N PHE A 592 -30.41 16.02 -0.67
CA PHE A 592 -30.23 14.66 -1.08
C PHE A 592 -30.98 13.76 -0.13
N GLY A 593 -31.19 12.53 -0.53
CA GLY A 593 -31.82 11.58 0.38
C GLY A 593 -32.19 10.29 -0.34
N GLY A 594 -32.52 9.29 0.44
CA GLY A 594 -32.89 8.01 -0.14
C GLY A 594 -34.20 8.12 -0.88
N VAL A 595 -34.35 7.30 -1.90
CA VAL A 595 -35.61 7.25 -2.63
C VAL A 595 -36.22 5.90 -2.40
N SER A 596 -37.43 5.90 -1.85
CA SER A 596 -38.09 4.65 -1.54
C SER A 596 -39.36 4.47 -2.34
N VAL A 597 -39.60 3.24 -2.73
CA VAL A 597 -40.77 2.90 -3.50
C VAL A 597 -41.79 2.20 -2.63
N ILE A 598 -42.96 2.77 -2.58
CA ILE A 598 -44.07 2.30 -1.78
C ILE A 598 -45.02 1.56 -2.66
N THR A 599 -45.26 0.30 -2.35
CA THR A 599 -46.08 -0.45 -3.27
C THR A 599 -46.80 -1.62 -2.62
N PRO A 600 -48.01 -1.95 -3.08
CA PRO A 600 -48.70 -3.17 -2.80
C PRO A 600 -47.95 -4.21 -3.59
N GLY A 601 -48.03 -5.46 -3.23
CA GLY A 601 -47.26 -6.41 -4.02
C GLY A 601 -47.77 -6.45 -5.45
N THR A 602 -46.91 -6.90 -6.36
CA THR A 602 -47.26 -6.99 -7.80
C THR A 602 -48.36 -8.02 -8.10
N ASN A 603 -48.70 -8.84 -7.10
CA ASN A 603 -49.80 -9.79 -7.10
C ASN A 603 -51.17 -9.07 -7.09
N THR A 604 -51.18 -7.79 -6.65
CA THR A 604 -52.37 -6.93 -6.55
C THR A 604 -52.31 -5.77 -7.53
N SER A 605 -51.17 -5.08 -7.59
CA SER A 605 -51.08 -3.90 -8.45
C SER A 605 -49.65 -3.53 -8.84
N ASN A 606 -49.51 -2.98 -10.05
CA ASN A 606 -48.21 -2.51 -10.51
C ASN A 606 -48.08 -1.00 -10.36
N GLN A 607 -49.00 -0.39 -9.62
CA GLN A 607 -48.93 1.04 -9.36
C GLN A 607 -48.04 1.29 -8.16
N VAL A 608 -47.21 2.32 -8.25
CA VAL A 608 -46.34 2.63 -7.12
C VAL A 608 -46.39 4.10 -6.74
N ALA A 609 -45.96 4.40 -5.52
CA ALA A 609 -45.77 5.76 -5.06
C ALA A 609 -44.32 5.91 -4.65
N VAL A 610 -43.75 7.09 -4.82
CA VAL A 610 -42.35 7.26 -4.49
C VAL A 610 -42.09 8.34 -3.46
N LEU A 611 -41.33 7.98 -2.45
CA LEU A 611 -40.95 8.88 -1.38
C LEU A 611 -39.51 9.37 -1.53
N TYR A 612 -39.34 10.68 -1.48
CA TYR A 612 -38.01 11.26 -1.49
C TYR A 612 -37.70 11.70 -0.07
N GLN A 613 -36.81 10.97 0.59
CA GLN A 613 -36.58 11.17 2.02
C GLN A 613 -35.88 12.48 2.30
N ASP A 614 -36.45 13.26 3.19
CA ASP A 614 -35.89 14.55 3.57
C ASP A 614 -35.63 15.47 2.37
N VAL A 615 -36.55 15.48 1.43
CA VAL A 615 -36.46 16.32 0.24
C VAL A 615 -37.74 17.15 0.14
N ASN A 616 -37.61 18.43 -0.26
CA ASN A 616 -38.78 19.30 -0.49
C ASN A 616 -39.37 18.98 -1.86
N CYS A 617 -40.71 19.10 -1.98
CA CYS A 617 -41.40 18.79 -3.25
C CYS A 617 -41.08 19.83 -4.32
N THR A 618 -40.52 20.95 -3.93
CA THR A 618 -40.13 21.98 -4.88
C THR A 618 -38.75 21.69 -5.45
N GLU A 619 -38.06 20.72 -4.86
CA GLU A 619 -36.71 20.34 -5.29
C GLU A 619 -36.67 19.15 -6.26
N VAL A 620 -37.69 18.27 -6.22
CA VAL A 620 -37.77 17.06 -7.04
C VAL A 620 -38.15 17.46 -8.47
N ASN A 641 -50.75 14.26 -7.74
CA ASN A 641 -50.67 13.73 -6.38
C ASN A 641 -49.28 13.95 -5.78
N VAL A 642 -49.04 15.16 -5.24
CA VAL A 642 -47.79 15.51 -4.57
C VAL A 642 -48.09 15.95 -3.14
N PHE A 643 -47.59 15.18 -2.19
CA PHE A 643 -47.84 15.43 -0.78
C PHE A 643 -46.57 15.63 0.02
N GLN A 644 -46.43 16.79 0.63
CA GLN A 644 -45.24 17.05 1.42
C GLN A 644 -45.49 16.58 2.83
N THR A 645 -44.68 15.65 3.31
CA THR A 645 -44.84 15.13 4.65
C THR A 645 -43.55 15.24 5.45
N ARG A 646 -43.63 14.88 6.72
CA ARG A 646 -42.50 15.01 7.63
C ARG A 646 -41.36 14.07 7.29
N ALA A 647 -41.67 13.02 6.56
CA ALA A 647 -40.67 12.04 6.15
C ALA A 647 -40.02 12.38 4.82
N GLY A 648 -40.50 13.41 4.13
CA GLY A 648 -40.01 13.70 2.79
C GLY A 648 -41.16 14.01 1.84
N CYS A 649 -40.89 14.01 0.53
CA CYS A 649 -41.91 14.33 -0.48
C CYS A 649 -42.47 13.03 -1.04
N LEU A 650 -43.78 12.85 -0.89
CA LEU A 650 -44.43 11.64 -1.35
C LEU A 650 -45.22 11.90 -2.63
N ILE A 651 -44.84 11.23 -3.69
CA ILE A 651 -45.48 11.45 -4.98
C ILE A 651 -46.18 10.21 -5.51
N GLY A 652 -47.43 10.38 -5.91
CA GLY A 652 -48.22 9.29 -6.48
C GLY A 652 -49.30 8.78 -5.53
N ALA A 653 -49.16 9.08 -4.25
CA ALA A 653 -50.16 8.67 -3.27
C ALA A 653 -51.18 9.78 -3.07
N GLU A 654 -52.44 9.41 -2.91
CA GLU A 654 -53.47 10.40 -2.65
C GLU A 654 -53.70 10.54 -1.16
N HIS A 655 -53.44 11.72 -0.63
CA HIS A 655 -53.64 11.91 0.81
C HIS A 655 -55.11 12.04 1.12
N VAL A 656 -55.53 11.38 2.19
CA VAL A 656 -56.93 11.43 2.63
C VAL A 656 -57.01 11.79 4.11
N ASN A 657 -58.19 12.28 4.56
CA ASN A 657 -58.44 12.63 5.96
C ASN A 657 -58.67 11.40 6.85
N ASN A 658 -59.24 10.32 6.28
CA ASN A 658 -59.58 9.12 7.04
C ASN A 658 -58.36 8.36 7.51
N SER A 659 -58.35 8.01 8.79
CA SER A 659 -57.28 7.21 9.34
C SER A 659 -57.66 5.75 9.27
N TYR A 660 -56.66 4.89 9.23
CA TYR A 660 -56.90 3.45 9.20
C TYR A 660 -55.79 2.76 9.95
N GLU A 661 -55.88 1.45 10.07
CA GLU A 661 -54.79 0.71 10.68
C GLU A 661 -53.60 0.84 9.73
N CYS A 662 -52.38 0.97 10.28
CA CYS A 662 -51.19 1.14 9.45
C CYS A 662 -50.93 -0.10 8.60
N ASP A 663 -50.66 0.15 7.33
CA ASP A 663 -50.43 -0.90 6.35
C ASP A 663 -48.97 -0.86 5.91
N ILE A 664 -48.61 0.07 5.02
CA ILE A 664 -47.21 0.23 4.68
C ILE A 664 -46.68 1.51 5.31
N PRO A 665 -45.90 1.45 6.37
CA PRO A 665 -45.47 2.60 7.12
C PRO A 665 -44.51 3.45 6.32
N ILE A 666 -44.67 4.77 6.42
CA ILE A 666 -43.75 5.70 5.80
C ILE A 666 -42.88 6.35 6.85
N GLY A 667 -43.52 6.84 7.91
CA GLY A 667 -42.81 7.50 8.99
C GLY A 667 -43.55 8.72 9.46
N ALA A 668 -43.26 9.15 10.68
CA ALA A 668 -43.83 10.34 11.28
C ALA A 668 -45.35 10.30 11.29
N GLY A 669 -45.91 9.13 11.58
CA GLY A 669 -47.35 8.97 11.72
C GLY A 669 -48.07 8.68 10.42
N ILE A 670 -47.35 8.69 9.30
CA ILE A 670 -47.98 8.46 8.02
C ILE A 670 -47.72 7.05 7.50
N CYS A 671 -48.81 6.39 7.04
CA CYS A 671 -48.79 5.06 6.44
C CYS A 671 -49.51 5.14 5.09
N ALA A 672 -49.12 4.27 4.17
CA ALA A 672 -49.78 4.18 2.87
C ALA A 672 -50.54 2.88 2.75
N SER A 673 -51.56 2.88 1.90
CA SER A 673 -52.34 1.67 1.67
C SER A 673 -52.95 1.66 0.28
N TYR A 674 -53.20 0.47 -0.26
CA TYR A 674 -53.87 0.36 -1.54
C TYR A 674 -55.36 0.15 -1.30
N GLN A 675 -56.17 1.12 -1.73
CA GLN A 675 -57.59 1.15 -1.43
C GLN A 675 -58.46 1.38 -2.66
N THR A 676 -59.73 0.93 -2.58
CA THR A 676 -60.73 1.12 -3.63
C THR A 676 -61.42 2.48 -3.45
N GLN A 690 -59.04 2.01 -8.26
CA GLN A 690 -58.21 1.77 -7.09
C GLN A 690 -56.95 2.62 -7.17
N SER A 691 -56.36 2.97 -6.01
CA SER A 691 -55.15 3.79 -5.93
C SER A 691 -54.44 3.64 -4.59
N ILE A 692 -53.22 4.17 -4.53
CA ILE A 692 -52.46 4.22 -3.29
C ILE A 692 -52.80 5.51 -2.55
N ILE A 693 -53.08 5.39 -1.26
CA ILE A 693 -53.43 6.55 -0.47
C ILE A 693 -52.45 6.73 0.67
N ALA A 694 -52.41 7.94 1.21
CA ALA A 694 -51.60 8.24 2.37
C ALA A 694 -52.48 8.82 3.46
N TYR A 695 -52.22 8.43 4.70
CA TYR A 695 -53.04 8.90 5.80
C TYR A 695 -52.30 8.86 7.12
N THR A 696 -52.81 9.58 8.10
CA THR A 696 -52.27 9.47 9.44
C THR A 696 -52.86 8.22 10.06
N MET A 697 -52.00 7.37 10.57
CA MET A 697 -52.44 6.08 11.06
C MET A 697 -53.24 6.17 12.34
N SER A 698 -54.20 5.27 12.47
CA SER A 698 -54.99 5.11 13.68
C SER A 698 -54.24 4.23 14.62
N LEU A 699 -54.41 4.45 15.91
CA LEU A 699 -53.72 3.60 16.87
C LEU A 699 -54.66 2.51 17.37
N GLY A 700 -55.86 2.47 16.81
CA GLY A 700 -56.87 1.50 17.21
C GLY A 700 -58.19 2.20 17.45
N ALA A 701 -59.26 1.41 17.52
CA ALA A 701 -60.59 1.94 17.76
C ALA A 701 -60.67 2.49 19.16
N GLU A 702 -61.46 3.54 19.34
CA GLU A 702 -61.67 4.07 20.67
C GLU A 702 -62.71 3.25 21.40
N ASN A 703 -62.54 3.08 22.70
CA ASN A 703 -63.50 2.37 23.52
C ASN A 703 -63.61 2.97 24.91
N SER A 704 -64.57 3.86 25.10
CA SER A 704 -64.73 4.43 26.42
C SER A 704 -65.22 3.35 27.38
N VAL A 705 -64.66 3.34 28.57
CA VAL A 705 -65.07 2.39 29.59
C VAL A 705 -66.11 3.06 30.47
N ALA A 706 -67.21 2.38 30.71
CA ALA A 706 -68.30 2.95 31.49
C ALA A 706 -67.99 2.93 32.97
N TYR A 707 -67.01 3.73 33.35
CA TYR A 707 -66.56 3.81 34.71
C TYR A 707 -67.53 4.56 35.59
N SER A 708 -67.76 4.03 36.77
CA SER A 708 -68.52 4.68 37.82
C SER A 708 -68.02 4.08 39.13
N ASN A 709 -68.36 4.71 40.26
CA ASN A 709 -67.90 4.25 41.58
C ASN A 709 -68.69 3.06 42.12
N ASN A 710 -69.78 2.67 41.43
CA ASN A 710 -70.67 1.59 41.84
C ASN A 710 -71.02 0.60 40.74
N SER A 711 -70.17 0.43 39.74
CA SER A 711 -70.51 -0.52 38.67
C SER A 711 -69.34 -1.37 38.28
N ILE A 712 -69.57 -2.68 38.23
CA ILE A 712 -68.54 -3.63 37.88
C ILE A 712 -69.00 -4.53 36.74
N ALA A 713 -68.12 -4.82 35.80
CA ALA A 713 -68.51 -5.75 34.74
C ALA A 713 -67.89 -7.11 34.99
N ILE A 714 -68.72 -8.15 34.92
CA ILE A 714 -68.25 -9.51 35.15
C ILE A 714 -68.68 -10.41 34.00
N PRO A 715 -67.77 -11.18 33.38
CA PRO A 715 -68.04 -12.08 32.29
C PRO A 715 -68.95 -13.20 32.72
N THR A 716 -69.98 -13.47 31.95
CA THR A 716 -70.88 -14.59 32.20
C THR A 716 -70.55 -15.82 31.35
N ASN A 717 -69.57 -15.68 30.45
CA ASN A 717 -69.12 -16.69 29.51
C ASN A 717 -67.65 -16.41 29.19
N PHE A 718 -66.98 -17.37 28.56
CA PHE A 718 -65.58 -17.31 28.18
C PHE A 718 -65.31 -18.18 26.97
N THR A 719 -64.17 -17.95 26.35
CA THR A 719 -63.71 -18.81 25.28
C THR A 719 -62.31 -19.30 25.56
N ILE A 720 -61.93 -20.37 24.89
CA ILE A 720 -60.58 -20.87 25.00
C ILE A 720 -59.87 -20.52 23.72
N SER A 721 -58.82 -19.74 23.86
CA SER A 721 -58.08 -19.24 22.73
C SER A 721 -56.75 -19.92 22.61
N VAL A 722 -56.37 -20.25 21.40
CA VAL A 722 -55.05 -20.80 21.19
C VAL A 722 -54.29 -19.90 20.26
N THR A 723 -53.12 -19.47 20.69
CA THR A 723 -52.32 -18.60 19.85
C THR A 723 -50.97 -19.24 19.59
N THR A 724 -50.32 -18.81 18.52
CA THR A 724 -49.03 -19.39 18.19
C THR A 724 -47.92 -18.38 18.32
N GLU A 725 -46.91 -18.73 19.09
CA GLU A 725 -45.73 -17.90 19.24
C GLU A 725 -44.52 -18.63 18.70
N ILE A 726 -43.81 -17.99 17.78
CA ILE A 726 -42.68 -18.63 17.15
C ILE A 726 -41.37 -17.96 17.50
N LEU A 727 -40.43 -18.75 18.00
CA LEU A 727 -39.11 -18.23 18.33
C LEU A 727 -38.04 -19.06 17.65
N PRO A 728 -36.99 -18.45 17.10
CA PRO A 728 -35.82 -19.11 16.61
C PRO A 728 -35.03 -19.60 17.81
N VAL A 729 -34.36 -20.72 17.62
CA VAL A 729 -33.51 -21.28 18.66
C VAL A 729 -32.07 -21.35 18.22
N SER A 730 -31.86 -21.69 16.97
CA SER A 730 -30.51 -21.91 16.46
C SER A 730 -30.40 -21.45 15.03
N MET A 731 -29.19 -21.43 14.53
CA MET A 731 -28.94 -21.07 13.14
C MET A 731 -27.91 -22.01 12.53
N THR A 732 -27.82 -21.98 11.21
CA THR A 732 -26.91 -22.86 10.50
C THR A 732 -25.47 -22.72 10.99
N LYS A 733 -24.83 -23.84 11.30
CA LYS A 733 -23.48 -23.84 11.81
C LYS A 733 -22.45 -23.74 10.71
N THR A 734 -22.28 -22.53 10.20
CA THR A 734 -21.35 -22.30 9.11
C THR A 734 -19.94 -22.21 9.66
N SER A 735 -19.01 -22.88 9.01
CA SER A 735 -17.60 -22.85 9.37
C SER A 735 -16.73 -22.57 8.16
N VAL A 736 -16.00 -21.45 8.20
CA VAL A 736 -15.20 -21.03 7.08
C VAL A 736 -13.72 -21.16 7.41
N ASP A 737 -12.98 -21.90 6.61
CA ASP A 737 -11.55 -22.04 6.83
C ASP A 737 -10.84 -20.83 6.24
N CYS A 738 -10.29 -19.97 7.12
CA CYS A 738 -9.67 -18.68 6.72
C CYS A 738 -8.62 -18.85 5.65
N THR A 739 -7.68 -19.74 5.84
CA THR A 739 -6.60 -19.88 4.86
C THR A 739 -7.13 -20.36 3.53
N MET A 740 -7.99 -21.37 3.51
CA MET A 740 -8.46 -21.88 2.24
C MET A 740 -9.32 -20.85 1.50
N TYR A 741 -10.09 -20.07 2.25
CA TYR A 741 -10.92 -19.02 1.69
C TYR A 741 -10.09 -17.93 1.05
N ILE A 742 -9.09 -17.42 1.77
CA ILE A 742 -8.27 -16.33 1.25
C ILE A 742 -7.28 -16.77 0.16
N CYS A 743 -6.57 -17.88 0.41
CA CYS A 743 -5.52 -18.40 -0.46
C CYS A 743 -5.91 -19.75 -1.05
N GLY A 744 -6.60 -19.72 -2.17
CA GLY A 744 -7.12 -20.94 -2.77
C GLY A 744 -6.03 -21.85 -3.31
N ASP A 745 -5.47 -22.68 -2.44
CA ASP A 745 -4.46 -23.68 -2.79
C ASP A 745 -3.26 -23.10 -3.53
N SER A 746 -2.80 -21.95 -3.07
CA SER A 746 -1.64 -21.30 -3.66
C SER A 746 -0.56 -21.07 -2.63
N THR A 747 0.62 -21.60 -2.91
CA THR A 747 1.73 -21.56 -1.98
C THR A 747 2.18 -20.15 -1.67
N GLU A 748 2.27 -19.31 -2.69
CA GLU A 748 2.79 -17.96 -2.50
C GLU A 748 1.90 -17.14 -1.56
N CYS A 749 0.57 -17.26 -1.72
CA CYS A 749 -0.42 -16.60 -0.89
C CYS A 749 -0.40 -17.20 0.50
N SER A 750 -0.35 -18.53 0.58
CA SER A 750 -0.39 -19.19 1.87
C SER A 750 0.75 -18.71 2.74
N ASN A 751 1.91 -18.47 2.13
CA ASN A 751 3.05 -17.98 2.88
C ASN A 751 2.92 -16.50 3.23
N LEU A 752 2.42 -15.69 2.31
CA LEU A 752 2.26 -14.26 2.58
C LEU A 752 1.27 -14.03 3.72
N LEU A 753 0.25 -14.88 3.78
CA LEU A 753 -0.78 -14.80 4.79
C LEU A 753 -0.24 -15.06 6.19
N LEU A 754 0.95 -15.65 6.31
CA LEU A 754 1.52 -15.95 7.61
C LEU A 754 1.99 -14.70 8.29
N GLN A 755 2.11 -13.61 7.53
CA GLN A 755 2.59 -12.36 8.10
C GLN A 755 1.49 -11.69 8.88
N TYR A 756 0.29 -12.26 8.81
CA TYR A 756 -0.85 -11.72 9.52
C TYR A 756 -1.05 -12.45 10.83
N GLY A 757 -0.08 -13.30 11.16
CA GLY A 757 -0.06 -13.95 12.46
C GLY A 757 -1.26 -14.85 12.72
N SER A 758 -1.93 -14.56 13.82
CA SER A 758 -3.06 -15.32 14.30
C SER A 758 -4.41 -14.84 13.80
N PHE A 759 -4.46 -13.87 12.90
CA PHE A 759 -5.78 -13.40 12.46
C PHE A 759 -6.70 -14.56 12.04
N CYS A 760 -6.19 -15.50 11.24
CA CYS A 760 -6.97 -16.67 10.79
C CYS A 760 -7.32 -17.61 11.92
N THR A 761 -6.43 -17.75 12.89
CA THR A 761 -6.70 -18.64 14.01
C THR A 761 -7.86 -18.11 14.81
N GLN A 762 -7.84 -16.81 15.07
CA GLN A 762 -8.89 -16.19 15.86
C GLN A 762 -10.23 -16.22 15.15
N LEU A 763 -10.24 -16.04 13.83
CA LEU A 763 -11.49 -16.09 13.09
C LEU A 763 -12.05 -17.50 13.06
N ASN A 764 -11.17 -18.49 12.91
CA ASN A 764 -11.64 -19.87 12.89
C ASN A 764 -12.20 -20.23 14.26
N ARG A 765 -11.58 -19.69 15.31
CA ARG A 765 -11.99 -19.93 16.67
C ARG A 765 -13.35 -19.32 16.95
N ALA A 766 -13.56 -18.09 16.48
CA ALA A 766 -14.82 -17.40 16.70
C ALA A 766 -15.98 -18.14 16.06
N LEU A 767 -15.78 -18.64 14.85
CA LEU A 767 -16.85 -19.37 14.19
C LEU A 767 -17.11 -20.71 14.87
N THR A 768 -16.05 -21.34 15.36
CA THR A 768 -16.23 -22.59 16.09
C THR A 768 -17.06 -22.32 17.33
N GLY A 769 -16.75 -21.24 18.04
CA GLY A 769 -17.47 -20.91 19.25
C GLY A 769 -18.97 -20.79 18.97
N ILE A 770 -19.32 -20.16 17.85
CA ILE A 770 -20.72 -20.05 17.50
C ILE A 770 -21.29 -21.42 17.22
N ALA A 771 -20.59 -22.23 16.44
CA ALA A 771 -21.09 -23.54 16.08
C ALA A 771 -21.40 -24.39 17.31
N VAL A 772 -20.54 -24.31 18.32
CA VAL A 772 -20.79 -25.07 19.54
C VAL A 772 -22.01 -24.55 20.26
N GLU A 773 -22.09 -23.22 20.35
CA GLU A 773 -23.19 -22.55 20.99
C GLU A 773 -24.54 -22.94 20.40
N GLN A 774 -24.60 -23.18 19.11
CA GLN A 774 -25.86 -23.53 18.49
C GLN A 774 -26.43 -24.84 19.03
N ASP A 775 -25.57 -25.77 19.44
CA ASP A 775 -26.08 -27.02 19.98
C ASP A 775 -26.47 -26.82 21.43
N LYS A 776 -25.73 -25.95 22.10
CA LYS A 776 -26.05 -25.63 23.47
C LYS A 776 -27.44 -25.02 23.55
N ASN A 777 -27.74 -24.11 22.62
CA ASN A 777 -29.03 -23.43 22.61
C ASN A 777 -30.15 -24.44 22.38
N THR A 778 -29.93 -25.37 21.47
CA THR A 778 -30.95 -26.36 21.17
C THR A 778 -31.23 -27.22 22.39
N GLN A 779 -30.19 -27.65 23.09
CA GLN A 779 -30.39 -28.48 24.25
C GLN A 779 -31.11 -27.73 25.37
N GLU A 780 -30.76 -26.47 25.60
CA GLU A 780 -31.41 -25.72 26.65
C GLU A 780 -32.91 -25.57 26.41
N VAL A 781 -33.29 -25.41 25.15
CA VAL A 781 -34.69 -25.24 24.84
C VAL A 781 -35.47 -26.55 24.88
N PHE A 782 -34.94 -27.62 24.31
CA PHE A 782 -35.74 -28.84 24.21
C PHE A 782 -35.43 -29.91 25.24
N ALA A 783 -34.18 -30.05 25.65
CA ALA A 783 -33.81 -31.15 26.52
C ALA A 783 -34.00 -30.79 27.98
N GLN A 784 -35.24 -30.50 28.37
CA GLN A 784 -35.56 -30.15 29.75
C GLN A 784 -36.21 -31.29 30.48
N VAL A 785 -36.33 -32.41 29.80
CA VAL A 785 -36.97 -33.57 30.36
C VAL A 785 -35.97 -34.72 30.37
N LYS A 786 -35.85 -35.41 31.50
CA LYS A 786 -34.86 -36.47 31.64
C LYS A 786 -35.39 -37.84 31.25
N GLN A 787 -36.68 -37.91 30.98
CA GLN A 787 -37.30 -39.16 30.58
C GLN A 787 -38.15 -38.96 29.35
N ILE A 788 -38.30 -39.99 28.56
CA ILE A 788 -39.16 -39.88 27.41
C ILE A 788 -40.52 -40.46 27.73
N TYR A 789 -41.48 -39.56 27.87
CA TYR A 789 -42.83 -39.92 28.23
C TYR A 789 -43.59 -40.23 26.97
N LYS A 790 -44.58 -41.09 27.07
CA LYS A 790 -45.41 -41.40 25.93
C LYS A 790 -46.86 -41.41 26.33
N THR A 791 -47.72 -41.02 25.41
CA THR A 791 -49.15 -41.07 25.68
C THR A 791 -49.59 -42.52 25.61
N PRO A 792 -50.70 -42.88 26.24
CA PRO A 792 -51.29 -44.19 26.20
C PRO A 792 -51.90 -44.49 24.83
N PRO A 793 -52.06 -45.77 24.47
CA PRO A 793 -52.80 -46.29 23.34
C PRO A 793 -54.24 -45.78 23.27
N ILE A 794 -54.85 -45.52 24.42
CA ILE A 794 -56.22 -45.03 24.43
C ILE A 794 -56.24 -43.55 24.75
N LYS A 795 -56.58 -42.75 23.74
CA LYS A 795 -56.54 -41.32 23.88
C LYS A 795 -57.80 -40.76 24.50
N ASP A 796 -58.03 -41.06 25.77
CA ASP A 796 -59.21 -40.56 26.45
C ASP A 796 -58.84 -39.47 27.42
N PHE A 797 -59.02 -38.23 26.99
CA PHE A 797 -58.62 -37.10 27.79
C PHE A 797 -59.84 -36.30 28.20
N GLY A 798 -61.00 -36.95 28.19
CA GLY A 798 -62.23 -36.29 28.61
C GLY A 798 -62.84 -35.41 27.54
N GLY A 799 -62.57 -35.71 26.28
CA GLY A 799 -63.13 -34.92 25.18
C GLY A 799 -62.11 -33.98 24.56
N PHE A 800 -60.94 -33.88 25.18
CA PHE A 800 -59.90 -33.03 24.64
C PHE A 800 -59.09 -33.79 23.59
N ASN A 801 -59.14 -33.28 22.35
CA ASN A 801 -58.51 -33.88 21.17
C ASN A 801 -57.13 -33.26 20.92
N PHE A 802 -56.08 -34.06 21.07
CA PHE A 802 -54.69 -33.62 20.90
C PHE A 802 -54.08 -34.20 19.64
N SER A 803 -54.90 -34.69 18.73
CA SER A 803 -54.38 -35.37 17.55
C SER A 803 -53.56 -34.47 16.64
N GLN A 804 -53.71 -33.17 16.75
CA GLN A 804 -52.97 -32.30 15.86
C GLN A 804 -51.64 -31.85 16.44
N ILE A 805 -51.41 -32.16 17.72
CA ILE A 805 -50.17 -31.76 18.35
C ILE A 805 -49.30 -32.98 18.68
N LEU A 806 -49.90 -34.14 18.80
CA LEU A 806 -49.17 -35.38 19.05
C LEU A 806 -48.73 -35.98 17.72
N PRO A 807 -47.60 -36.70 17.69
CA PRO A 807 -47.08 -37.37 16.52
C PRO A 807 -47.96 -38.53 16.13
N ASP A 808 -48.04 -38.80 14.84
CA ASP A 808 -48.81 -39.95 14.39
C ASP A 808 -47.84 -41.00 13.84
N PRO A 809 -48.26 -42.26 13.75
CA PRO A 809 -47.54 -43.37 13.16
C PRO A 809 -47.72 -43.50 11.65
N SER A 810 -48.33 -42.52 11.00
CA SER A 810 -48.55 -42.63 9.56
C SER A 810 -47.35 -42.08 8.81
N LYS A 811 -46.79 -40.99 9.32
CA LYS A 811 -45.62 -40.39 8.71
C LYS A 811 -44.36 -41.04 9.26
N PRO A 812 -43.35 -41.31 8.42
CA PRO A 812 -42.08 -41.91 8.78
C PRO A 812 -41.24 -40.99 9.67
N SER A 813 -41.60 -39.70 9.67
CA SER A 813 -40.90 -38.71 10.46
C SER A 813 -41.38 -38.69 11.90
N LYS A 814 -42.48 -39.37 12.18
CA LYS A 814 -43.04 -39.41 13.53
C LYS A 814 -43.29 -38.01 14.08
N ARG A 815 -43.87 -37.14 13.27
CA ARG A 815 -44.18 -35.78 13.68
C ARG A 815 -45.67 -35.57 13.70
N SER A 816 -46.12 -34.50 14.37
CA SER A 816 -47.53 -34.18 14.44
C SER A 816 -47.99 -33.52 13.16
N PRO A 817 -49.29 -33.49 12.87
CA PRO A 817 -49.92 -32.72 11.80
C PRO A 817 -49.48 -31.27 11.78
N ILE A 818 -49.51 -30.59 12.93
CA ILE A 818 -49.03 -29.21 12.93
C ILE A 818 -47.55 -29.13 12.63
N GLU A 819 -46.75 -30.01 13.21
CA GLU A 819 -45.33 -29.97 12.90
C GLU A 819 -45.10 -30.23 11.42
N ASP A 820 -45.89 -31.10 10.82
CA ASP A 820 -45.71 -31.38 9.41
C ASP A 820 -45.81 -30.08 8.62
N LEU A 821 -46.76 -29.22 8.97
CA LEU A 821 -46.89 -27.94 8.30
C LEU A 821 -45.71 -27.02 8.60
N LEU A 822 -45.28 -27.01 9.85
CA LEU A 822 -44.21 -26.11 10.24
C LEU A 822 -42.93 -26.42 9.50
N PHE A 823 -42.67 -27.71 9.28
CA PHE A 823 -41.48 -28.10 8.54
C PHE A 823 -41.63 -27.88 7.04
N ASN A 824 -42.78 -28.24 6.49
CA ASN A 824 -42.97 -28.13 5.06
C ASN A 824 -43.03 -26.68 4.58
N LYS A 825 -43.44 -25.75 5.44
CA LYS A 825 -43.58 -24.37 5.01
C LYS A 825 -42.38 -23.43 5.23
N VAL A 826 -41.19 -23.93 5.65
CA VAL A 826 -39.99 -23.07 5.81
C VAL A 826 -38.98 -23.44 4.70
N ASN A 856 -15.07 -22.93 -2.11
CA ASN A 856 -14.80 -21.64 -1.44
C ASN A 856 -14.11 -21.81 -0.07
N GLY A 857 -13.90 -23.06 0.38
CA GLY A 857 -13.22 -23.37 1.65
C GLY A 857 -14.14 -23.37 2.86
N LEU A 858 -15.44 -23.33 2.63
CA LEU A 858 -16.37 -23.34 3.74
C LEU A 858 -17.26 -24.55 3.72
N THR A 859 -17.67 -24.97 4.91
CA THR A 859 -18.57 -26.10 5.09
C THR A 859 -19.67 -25.77 6.08
N VAL A 860 -20.70 -26.61 6.13
CA VAL A 860 -21.76 -26.48 7.11
C VAL A 860 -21.85 -27.73 7.95
N LEU A 861 -21.77 -27.58 9.25
CA LEU A 861 -21.79 -28.73 10.13
C LEU A 861 -23.21 -29.05 10.54
N PRO A 862 -23.57 -30.33 10.68
CA PRO A 862 -24.86 -30.80 11.12
C PRO A 862 -25.00 -30.55 12.62
N PRO A 863 -26.22 -30.40 13.11
CA PRO A 863 -26.60 -30.26 14.50
C PRO A 863 -26.43 -31.60 15.19
N LEU A 864 -26.22 -31.58 16.49
CA LEU A 864 -26.18 -32.83 17.23
C LEU A 864 -27.53 -33.50 17.27
N LEU A 865 -28.58 -32.72 17.48
CA LEU A 865 -29.91 -33.28 17.55
C LEU A 865 -30.63 -33.12 16.24
N THR A 866 -30.96 -34.24 15.61
CA THR A 866 -31.62 -34.26 14.33
C THR A 866 -33.09 -33.95 14.51
N ASP A 867 -33.80 -33.69 13.42
CA ASP A 867 -35.21 -33.36 13.53
C ASP A 867 -35.96 -34.45 14.27
N GLU A 868 -35.57 -35.69 14.06
CA GLU A 868 -36.19 -36.81 14.72
C GLU A 868 -36.00 -36.76 16.23
N MET A 869 -34.85 -36.27 16.69
CA MET A 869 -34.60 -36.22 18.11
C MET A 869 -35.29 -35.05 18.75
N ILE A 870 -35.43 -33.97 18.00
CA ILE A 870 -36.14 -32.83 18.51
C ILE A 870 -37.60 -33.20 18.64
N ALA A 871 -38.11 -33.91 17.64
CA ALA A 871 -39.48 -34.36 17.66
C ALA A 871 -39.73 -35.28 18.84
N GLN A 872 -38.76 -36.14 19.16
CA GLN A 872 -38.92 -37.00 20.32
C GLN A 872 -38.96 -36.20 21.61
N TYR A 873 -38.15 -35.15 21.71
CA TYR A 873 -38.21 -34.32 22.90
C TYR A 873 -39.55 -33.62 23.02
N THR A 874 -40.08 -33.10 21.93
CA THR A 874 -41.35 -32.41 22.04
C THR A 874 -42.46 -33.41 22.30
N SER A 875 -42.33 -34.62 21.78
CA SER A 875 -43.32 -35.63 22.05
C SER A 875 -43.34 -35.96 23.53
N ALA A 876 -42.16 -36.10 24.13
CA ALA A 876 -42.05 -36.37 25.56
C ALA A 876 -42.63 -35.25 26.38
N LEU A 877 -42.40 -34.02 25.95
CA LEU A 877 -42.93 -32.89 26.68
C LEU A 877 -44.44 -32.86 26.60
N LEU A 878 -45.02 -33.17 25.45
CA LEU A 878 -46.46 -33.19 25.36
C LEU A 878 -47.04 -34.34 26.14
N ALA A 879 -46.42 -35.50 26.06
CA ALA A 879 -46.95 -36.63 26.79
C ALA A 879 -46.93 -36.33 28.27
N GLY A 880 -45.87 -35.69 28.73
CA GLY A 880 -45.75 -35.30 30.12
C GLY A 880 -46.82 -34.29 30.48
N THR A 881 -46.93 -33.24 29.69
CA THR A 881 -47.87 -32.17 29.94
C THR A 881 -49.29 -32.67 29.99
N ILE A 882 -49.63 -33.57 29.09
CA ILE A 882 -50.97 -34.12 29.00
C ILE A 882 -51.30 -35.11 30.11
N THR A 883 -50.39 -36.03 30.43
CA THR A 883 -50.74 -37.06 31.40
C THR A 883 -50.35 -36.77 32.85
N SER A 884 -49.42 -35.84 33.08
CA SER A 884 -48.98 -35.57 34.45
C SER A 884 -48.90 -34.08 34.80
N GLY A 885 -49.38 -33.23 33.90
CA GLY A 885 -49.38 -31.79 34.15
C GLY A 885 -47.97 -31.26 34.36
N TRP A 886 -47.79 -30.49 35.43
CA TRP A 886 -46.50 -29.91 35.74
C TRP A 886 -45.65 -30.75 36.67
N THR A 887 -46.18 -31.88 37.11
CA THR A 887 -45.47 -32.62 38.12
C THR A 887 -44.20 -33.24 37.59
N PHE A 888 -44.17 -33.54 36.29
CA PHE A 888 -42.97 -34.15 35.73
C PHE A 888 -41.88 -33.11 35.57
N GLY A 889 -42.27 -31.84 35.46
CA GLY A 889 -41.28 -30.79 35.32
C GLY A 889 -40.54 -30.60 36.62
N ALA A 890 -41.27 -30.72 37.73
CA ALA A 890 -40.75 -30.52 39.08
C ALA A 890 -40.18 -31.79 39.71
N GLY A 891 -40.22 -32.91 39.01
CA GLY A 891 -39.72 -34.15 39.60
C GLY A 891 -40.28 -35.39 38.89
N PRO A 892 -40.88 -36.34 39.63
CA PRO A 892 -41.45 -37.56 39.10
C PRO A 892 -42.72 -37.25 38.35
N ALA A 893 -43.03 -38.00 37.31
CA ALA A 893 -44.28 -37.76 36.61
C ALA A 893 -45.41 -38.45 37.33
N LEU A 894 -46.36 -37.66 37.79
CA LEU A 894 -47.50 -38.16 38.54
C LEU A 894 -48.75 -38.10 37.68
N GLN A 895 -49.34 -39.23 37.39
CA GLN A 895 -50.50 -39.23 36.52
C GLN A 895 -51.67 -38.49 37.13
N ILE A 896 -52.43 -37.83 36.28
CA ILE A 896 -53.67 -37.16 36.68
C ILE A 896 -54.62 -37.21 35.48
N PRO A 897 -55.93 -37.42 35.67
CA PRO A 897 -56.92 -37.34 34.62
C PRO A 897 -56.82 -35.98 33.98
N PHE A 898 -56.91 -35.91 32.66
CA PHE A 898 -56.74 -34.63 32.03
C PHE A 898 -57.76 -33.58 32.53
N PRO A 899 -59.06 -33.87 32.62
CA PRO A 899 -60.06 -32.95 33.11
C PRO A 899 -59.69 -32.36 34.47
N MET A 900 -59.04 -33.15 35.32
CA MET A 900 -58.65 -32.63 36.62
C MET A 900 -57.47 -31.70 36.47
N GLN A 901 -56.56 -32.04 35.58
CA GLN A 901 -55.44 -31.16 35.34
C GLN A 901 -55.96 -29.80 34.91
N MET A 902 -56.97 -29.80 34.05
CA MET A 902 -57.55 -28.55 33.62
C MET A 902 -58.19 -27.84 34.79
N ALA A 903 -58.83 -28.59 35.67
CA ALA A 903 -59.47 -27.99 36.83
C ALA A 903 -58.47 -27.22 37.67
N TYR A 904 -57.26 -27.77 37.78
CA TYR A 904 -56.25 -27.13 38.59
C TYR A 904 -55.80 -25.85 37.91
N ARG A 905 -55.69 -25.93 36.59
CA ARG A 905 -55.27 -24.79 35.78
C ARG A 905 -56.31 -23.69 35.78
N PHE A 906 -57.59 -24.04 35.84
CA PHE A 906 -58.64 -23.02 35.96
C PHE A 906 -58.60 -22.38 37.32
N ASN A 907 -58.41 -23.18 38.36
CA ASN A 907 -58.36 -22.65 39.70
C ASN A 907 -57.21 -21.65 39.81
N GLY A 908 -56.13 -21.95 39.11
CA GLY A 908 -54.92 -21.14 39.10
C GLY A 908 -55.10 -19.75 38.50
N ILE A 909 -56.21 -19.50 37.80
CA ILE A 909 -56.46 -18.19 37.20
C ILE A 909 -57.65 -17.50 37.84
N GLY A 910 -58.08 -17.99 39.01
CA GLY A 910 -59.17 -17.36 39.71
C GLY A 910 -60.55 -17.84 39.29
N VAL A 911 -60.64 -18.99 38.65
CA VAL A 911 -61.93 -19.52 38.27
C VAL A 911 -62.13 -20.83 38.99
N THR A 912 -63.17 -20.94 39.80
CA THR A 912 -63.30 -22.14 40.61
C THR A 912 -63.51 -23.35 39.72
N GLN A 913 -63.07 -24.50 40.20
CA GLN A 913 -63.02 -25.72 39.41
C GLN A 913 -64.34 -26.29 38.97
N ASN A 914 -65.42 -25.89 39.62
CA ASN A 914 -66.70 -26.38 39.23
C ASN A 914 -67.09 -25.82 37.88
N VAL A 915 -66.47 -24.71 37.48
CA VAL A 915 -66.81 -24.11 36.21
C VAL A 915 -66.40 -25.05 35.12
N LEU A 916 -65.21 -25.63 35.24
CA LEU A 916 -64.75 -26.56 34.25
C LEU A 916 -65.63 -27.77 34.15
N TYR A 917 -65.97 -28.37 35.28
CA TYR A 917 -66.71 -29.60 35.22
C TYR A 917 -68.11 -29.37 34.67
N GLU A 918 -68.73 -28.29 35.09
CA GLU A 918 -70.07 -28.00 34.63
C GLU A 918 -70.08 -27.69 33.13
N ASN A 919 -69.01 -27.08 32.66
CA ASN A 919 -68.88 -26.73 31.26
C ASN A 919 -67.84 -27.59 30.54
N GLN A 920 -67.54 -28.78 31.06
CA GLN A 920 -66.49 -29.58 30.45
C GLN A 920 -66.71 -29.86 28.97
N LYS A 921 -67.95 -30.12 28.57
CA LYS A 921 -68.18 -30.41 27.16
C LYS A 921 -67.92 -29.19 26.31
N LEU A 922 -68.32 -28.02 26.80
CA LEU A 922 -68.12 -26.79 26.06
C LEU A 922 -66.65 -26.47 25.95
N ILE A 923 -65.93 -26.62 27.04
CA ILE A 923 -64.53 -26.29 27.08
C ILE A 923 -63.75 -27.20 26.16
N ALA A 924 -64.04 -28.49 26.19
CA ALA A 924 -63.35 -29.41 25.31
C ALA A 924 -63.65 -29.07 23.86
N ASN A 925 -64.89 -28.68 23.54
CA ASN A 925 -65.20 -28.34 22.16
C ASN A 925 -64.53 -27.07 21.72
N GLN A 926 -64.48 -26.06 22.59
CA GLN A 926 -63.82 -24.82 22.21
C GLN A 926 -62.35 -25.06 22.00
N PHE A 927 -61.76 -25.90 22.85
CA PHE A 927 -60.36 -26.25 22.73
C PHE A 927 -60.08 -26.94 21.41
N ASN A 928 -60.88 -27.94 21.09
CA ASN A 928 -60.65 -28.71 19.89
C ASN A 928 -60.76 -27.86 18.65
N SER A 929 -61.72 -26.94 18.65
CA SER A 929 -61.88 -26.06 17.51
C SER A 929 -60.70 -25.12 17.38
N ALA A 930 -60.22 -24.59 18.51
CA ALA A 930 -59.10 -23.68 18.48
C ALA A 930 -57.86 -24.34 17.91
N ILE A 931 -57.62 -25.60 18.26
CA ILE A 931 -56.46 -26.29 17.71
C ILE A 931 -56.60 -26.45 16.22
N GLY A 932 -57.79 -26.83 15.76
CA GLY A 932 -58.02 -26.99 14.33
C GLY A 932 -57.75 -25.69 13.59
N LYS A 933 -58.13 -24.57 14.20
CA LYS A 933 -57.91 -23.27 13.59
C LYS A 933 -56.43 -22.98 13.41
N ILE A 934 -55.59 -23.46 14.32
CA ILE A 934 -54.16 -23.20 14.21
C ILE A 934 -53.59 -23.84 12.97
N GLN A 935 -53.98 -25.09 12.72
CA GLN A 935 -53.44 -25.75 11.54
C GLN A 935 -53.81 -24.98 10.28
N ASP A 936 -55.05 -24.52 10.21
CA ASP A 936 -55.50 -23.77 9.04
C ASP A 936 -54.86 -22.40 8.96
N SER A 937 -54.67 -21.76 10.10
CA SER A 937 -54.07 -20.42 10.14
C SER A 937 -52.65 -20.46 9.62
N LEU A 938 -51.88 -21.44 10.06
CA LEU A 938 -50.49 -21.55 9.63
C LEU A 938 -50.41 -21.85 8.14
N SER A 939 -51.31 -22.70 7.65
CA SER A 939 -51.34 -23.06 6.24
C SER A 939 -51.71 -21.86 5.36
N SER A 940 -52.75 -21.15 5.79
CA SER A 940 -53.29 -20.02 5.04
C SER A 940 -52.36 -18.82 4.95
N THR A 941 -51.72 -18.45 6.06
CA THR A 941 -50.89 -17.25 6.08
C THR A 941 -49.40 -17.58 5.92
N PRO A 942 -48.77 -17.24 4.78
CA PRO A 942 -47.40 -17.58 4.42
C PRO A 942 -46.38 -16.87 5.29
N SER A 943 -46.82 -15.78 5.93
CA SER A 943 -45.95 -14.96 6.76
C SER A 943 -45.96 -15.43 8.21
N ALA A 944 -46.77 -16.46 8.49
CA ALA A 944 -46.95 -16.94 9.85
C ALA A 944 -45.63 -17.40 10.48
N LEU A 945 -44.73 -17.94 9.67
CA LEU A 945 -43.46 -18.44 10.18
C LEU A 945 -42.32 -17.54 9.73
N GLY A 946 -42.64 -16.27 9.48
CA GLY A 946 -41.67 -15.31 8.98
C GLY A 946 -40.43 -15.19 9.84
N LYS A 947 -40.56 -15.35 11.15
CA LYS A 947 -39.39 -15.23 12.02
C LYS A 947 -38.33 -16.27 11.73
N LEU A 948 -38.75 -17.49 11.41
CA LEU A 948 -37.77 -18.54 11.20
C LEU A 948 -37.16 -18.40 9.83
N GLN A 949 -37.98 -17.98 8.87
CA GLN A 949 -37.48 -17.81 7.52
C GLN A 949 -36.50 -16.66 7.48
N ASP A 950 -36.76 -15.63 8.29
CA ASP A 950 -35.88 -14.47 8.33
C ASP A 950 -34.49 -14.85 8.84
N VAL A 951 -34.41 -15.72 9.83
CA VAL A 951 -33.11 -16.14 10.31
C VAL A 951 -32.36 -16.84 9.21
N VAL A 952 -33.05 -17.70 8.49
CA VAL A 952 -32.44 -18.42 7.38
C VAL A 952 -31.96 -17.46 6.32
N ASN A 953 -32.78 -16.47 5.99
CA ASN A 953 -32.44 -15.53 4.94
C ASN A 953 -31.23 -14.69 5.32
N GLN A 954 -31.14 -14.27 6.58
CA GLN A 954 -30.00 -13.45 6.99
C GLN A 954 -28.70 -14.22 6.90
N ASN A 955 -28.72 -15.49 7.26
CA ASN A 955 -27.50 -16.27 7.20
C ASN A 955 -27.15 -16.59 5.76
N ALA A 956 -28.16 -16.82 4.93
CA ALA A 956 -27.90 -17.10 3.54
C ALA A 956 -27.25 -15.90 2.86
N GLN A 957 -27.73 -14.71 3.20
CA GLN A 957 -27.18 -13.50 2.63
C GLN A 957 -25.75 -13.30 3.09
N ALA A 958 -25.48 -13.62 4.36
CA ALA A 958 -24.14 -13.46 4.89
C ALA A 958 -23.15 -14.30 4.11
N LEU A 959 -23.54 -15.51 3.72
CA LEU A 959 -22.63 -16.37 2.99
C LEU A 959 -22.47 -15.93 1.55
N ASN A 960 -23.56 -15.50 0.92
CA ASN A 960 -23.47 -15.07 -0.45
C ASN A 960 -22.65 -13.80 -0.55
N THR A 961 -22.74 -12.94 0.45
CA THR A 961 -21.96 -11.72 0.46
C THR A 961 -20.50 -12.06 0.57
N LEU A 962 -20.17 -13.01 1.44
CA LEU A 962 -18.78 -13.41 1.61
C LEU A 962 -18.22 -13.91 0.28
N VAL A 963 -18.99 -14.70 -0.45
CA VAL A 963 -18.52 -15.19 -1.74
C VAL A 963 -18.35 -14.06 -2.75
N LYS A 964 -19.29 -13.12 -2.79
CA LYS A 964 -19.15 -12.01 -3.72
C LYS A 964 -17.86 -11.25 -3.47
N GLN A 965 -17.48 -11.11 -2.20
CA GLN A 965 -16.25 -10.40 -1.88
C GLN A 965 -15.04 -11.19 -2.36
N LEU A 966 -15.14 -12.50 -2.36
CA LEU A 966 -14.05 -13.36 -2.81
C LEU A 966 -13.72 -13.04 -4.26
N SER A 967 -14.73 -12.67 -5.03
CA SER A 967 -14.58 -12.37 -6.45
C SER A 967 -14.19 -10.91 -6.76
N SER A 968 -14.03 -10.08 -5.73
CA SER A 968 -13.68 -8.67 -5.95
C SER A 968 -12.18 -8.47 -6.10
N ASN A 969 -11.78 -7.32 -6.63
CA ASN A 969 -10.37 -7.03 -6.87
C ASN A 969 -9.67 -6.35 -5.71
N PHE A 970 -10.37 -5.48 -5.00
CA PHE A 970 -9.79 -4.73 -3.89
C PHE A 970 -8.54 -3.95 -4.26
N GLY A 971 -8.48 -3.46 -5.50
CA GLY A 971 -7.31 -2.70 -5.94
C GLY A 971 -6.30 -3.58 -6.68
N ALA A 972 -6.51 -4.88 -6.64
CA ALA A 972 -5.60 -5.82 -7.29
C ALA A 972 -5.79 -5.77 -8.81
N ILE A 973 -4.74 -6.16 -9.52
CA ILE A 973 -4.73 -6.26 -10.97
C ILE A 973 -5.74 -7.27 -11.47
N SER A 974 -6.07 -8.25 -10.63
CA SER A 974 -7.03 -9.28 -10.96
C SER A 974 -7.62 -9.90 -9.71
N SER A 975 -8.90 -10.25 -9.79
CA SER A 975 -9.60 -10.93 -8.71
C SER A 975 -9.19 -12.39 -8.59
N VAL A 976 -8.50 -12.90 -9.60
CA VAL A 976 -8.09 -14.29 -9.62
C VAL A 976 -6.63 -14.45 -9.24
N LEU A 977 -6.38 -15.19 -8.18
CA LEU A 977 -5.04 -15.38 -7.65
C LEU A 977 -4.13 -16.07 -8.63
N ASN A 978 -4.68 -17.05 -9.35
CA ASN A 978 -3.88 -17.80 -10.30
C ASN A 978 -3.44 -16.94 -11.47
N ASP A 979 -4.26 -15.95 -11.83
CA ASP A 979 -3.92 -15.08 -12.94
C ASP A 979 -2.83 -14.12 -12.54
N ILE A 980 -2.85 -13.68 -11.29
CA ILE A 980 -1.80 -12.80 -10.81
C ILE A 980 -0.48 -13.52 -10.86
N LEU A 981 -0.45 -14.75 -10.37
CA LEU A 981 0.77 -15.54 -10.34
C LEU A 981 1.28 -15.86 -11.73
N SER A 982 0.37 -16.12 -12.67
CA SER A 982 0.76 -16.41 -14.05
C SER A 982 1.31 -15.18 -14.78
N ARG A 983 0.62 -14.04 -14.62
CA ARG A 983 0.97 -12.82 -15.34
C ARG A 983 2.15 -12.04 -14.77
N LEU A 984 2.31 -12.02 -13.46
CA LEU A 984 3.35 -11.19 -12.87
C LEU A 984 4.46 -12.00 -12.21
N ASP A 985 5.69 -11.56 -12.42
CA ASP A 985 6.82 -12.14 -11.72
C ASP A 985 6.63 -11.85 -10.23
N PRO A 986 7.14 -12.71 -9.32
CA PRO A 986 7.02 -12.59 -7.88
C PRO A 986 7.20 -11.18 -7.27
N PRO A 987 8.18 -10.34 -7.69
CA PRO A 987 8.41 -9.01 -7.15
C PRO A 987 7.22 -8.08 -7.37
N GLU A 988 6.35 -8.43 -8.33
CA GLU A 988 5.17 -7.63 -8.61
C GLU A 988 3.92 -8.35 -8.15
N ALA A 989 3.94 -9.68 -8.25
CA ALA A 989 2.80 -10.50 -7.88
C ALA A 989 2.53 -10.33 -6.39
N GLU A 990 3.61 -10.23 -5.61
CA GLU A 990 3.45 -10.09 -4.17
C GLU A 990 2.54 -8.94 -3.80
N VAL A 991 2.67 -7.82 -4.51
CA VAL A 991 1.86 -6.66 -4.19
C VAL A 991 0.41 -6.91 -4.52
N GLN A 992 0.16 -7.48 -5.69
CA GLN A 992 -1.21 -7.72 -6.09
C GLN A 992 -1.88 -8.77 -5.22
N ILE A 993 -1.09 -9.75 -4.77
CA ILE A 993 -1.59 -10.79 -3.89
C ILE A 993 -1.88 -10.19 -2.53
N ASP A 994 -1.00 -9.33 -2.04
CA ASP A 994 -1.18 -8.68 -0.76
C ASP A 994 -2.48 -7.88 -0.76
N ARG A 995 -2.81 -7.25 -1.88
CA ARG A 995 -4.07 -6.51 -1.96
C ARG A 995 -5.26 -7.45 -1.85
N LEU A 996 -5.20 -8.61 -2.51
CA LEU A 996 -6.30 -9.56 -2.38
C LEU A 996 -6.38 -10.10 -0.98
N ILE A 997 -5.24 -10.34 -0.33
CA ILE A 997 -5.26 -10.86 1.02
C ILE A 997 -5.88 -9.88 1.99
N THR A 998 -5.47 -8.62 1.91
CA THR A 998 -6.03 -7.64 2.83
C THR A 998 -7.52 -7.53 2.62
N GLY A 999 -7.95 -7.47 1.37
CA GLY A 999 -9.36 -7.34 1.04
C GLY A 999 -10.16 -8.54 1.52
N ARG A 1000 -9.69 -9.74 1.22
CA ARG A 1000 -10.40 -10.95 1.59
C ARG A 1000 -10.39 -11.18 3.08
N LEU A 1001 -9.29 -10.82 3.75
CA LEU A 1001 -9.24 -10.96 5.19
C LEU A 1001 -10.21 -9.98 5.83
N GLN A 1002 -10.28 -8.76 5.31
CA GLN A 1002 -11.20 -7.77 5.83
C GLN A 1002 -12.63 -8.24 5.64
N SER A 1003 -12.91 -8.87 4.50
CA SER A 1003 -14.23 -9.41 4.21
C SER A 1003 -14.61 -10.51 5.18
N LEU A 1004 -13.68 -11.42 5.42
CA LEU A 1004 -13.94 -12.51 6.33
C LEU A 1004 -14.13 -12.01 7.75
N GLN A 1005 -13.34 -11.01 8.16
CA GLN A 1005 -13.50 -10.46 9.50
C GLN A 1005 -14.86 -9.83 9.66
N THR A 1006 -15.33 -9.16 8.61
CA THR A 1006 -16.64 -8.54 8.64
C THR A 1006 -17.70 -9.60 8.79
N TYR A 1007 -17.58 -10.68 8.03
CA TYR A 1007 -18.51 -11.79 8.10
C TYR A 1007 -18.58 -12.39 9.49
N VAL A 1008 -17.42 -12.68 10.07
CA VAL A 1008 -17.40 -13.29 11.38
C VAL A 1008 -18.02 -12.36 12.42
N THR A 1009 -17.71 -11.07 12.35
CA THR A 1009 -18.27 -10.13 13.30
C THR A 1009 -19.78 -10.12 13.20
N GLN A 1010 -20.30 -10.12 11.97
CA GLN A 1010 -21.74 -10.13 11.77
C GLN A 1010 -22.36 -11.39 12.32
N GLN A 1011 -21.67 -12.53 12.19
CA GLN A 1011 -22.18 -13.77 12.72
C GLN A 1011 -22.17 -13.79 14.23
N LEU A 1012 -21.18 -13.13 14.85
CA LEU A 1012 -21.13 -13.09 16.31
C LEU A 1012 -22.25 -12.25 16.87
N ILE A 1013 -22.54 -11.14 16.23
CA ILE A 1013 -23.62 -10.28 16.70
C ILE A 1013 -24.94 -11.00 16.47
N ARG A 1014 -25.10 -11.59 15.30
CA ARG A 1014 -26.29 -12.35 14.97
C ARG A 1014 -26.45 -13.53 15.91
N ALA A 1015 -25.35 -14.20 16.24
CA ALA A 1015 -25.39 -15.33 17.15
C ALA A 1015 -25.90 -14.90 18.50
N ALA A 1016 -25.51 -13.71 18.95
CA ALA A 1016 -25.97 -13.22 20.24
C ALA A 1016 -27.47 -13.02 20.23
N GLU A 1017 -28.00 -12.54 19.11
CA GLU A 1017 -29.44 -12.36 19.01
C GLU A 1017 -30.15 -13.70 19.09
N ILE A 1018 -29.62 -14.70 18.40
CA ILE A 1018 -30.20 -16.03 18.44
C ILE A 1018 -30.10 -16.60 19.84
N ARG A 1019 -28.98 -16.39 20.51
CA ARG A 1019 -28.82 -16.88 21.87
C ARG A 1019 -29.86 -16.27 22.78
N ALA A 1020 -30.08 -14.97 22.65
CA ALA A 1020 -31.08 -14.31 23.47
C ALA A 1020 -32.45 -14.89 23.22
N SER A 1021 -32.75 -15.18 21.96
CA SER A 1021 -34.02 -15.80 21.62
C SER A 1021 -34.11 -17.19 22.21
N ALA A 1022 -33.03 -17.96 22.13
CA ALA A 1022 -33.02 -19.30 22.68
C ALA A 1022 -33.19 -19.25 24.19
N ASN A 1023 -32.62 -18.26 24.84
CA ASN A 1023 -32.77 -18.14 26.28
C ASN A 1023 -34.21 -17.86 26.62
N LEU A 1024 -34.85 -17.05 25.79
CA LEU A 1024 -36.26 -16.76 25.98
C LEU A 1024 -37.08 -18.00 25.74
N ALA A 1025 -36.77 -18.73 24.68
CA ALA A 1025 -37.51 -19.93 24.35
C ALA A 1025 -37.37 -20.98 25.43
N ALA A 1026 -36.19 -21.07 26.01
CA ALA A 1026 -35.96 -22.04 27.07
C ALA A 1026 -36.71 -21.64 28.31
N THR A 1027 -36.71 -20.35 28.63
CA THR A 1027 -37.44 -19.84 29.78
C THR A 1027 -38.92 -20.06 29.57
N LYS A 1028 -39.36 -19.76 28.37
CA LYS A 1028 -40.74 -19.86 27.99
C LYS A 1028 -41.21 -21.28 28.10
N MET A 1029 -40.42 -22.23 27.65
CA MET A 1029 -40.86 -23.59 27.80
C MET A 1029 -40.96 -23.98 29.26
N SER A 1030 -39.97 -23.60 30.07
CA SER A 1030 -40.04 -24.01 31.45
C SER A 1030 -41.27 -23.46 32.13
N GLU A 1031 -41.57 -22.20 31.87
CA GLU A 1031 -42.67 -21.54 32.56
C GLU A 1031 -44.07 -21.69 31.94
N CYS A 1032 -44.15 -21.89 30.62
CA CYS A 1032 -45.44 -22.01 29.90
C CYS A 1032 -45.82 -23.47 29.71
N VAL A 1033 -44.84 -24.36 29.61
CA VAL A 1033 -45.12 -25.77 29.31
C VAL A 1033 -45.03 -26.64 30.55
N LEU A 1034 -43.99 -26.44 31.36
CA LEU A 1034 -43.77 -27.28 32.53
C LEU A 1034 -44.47 -26.72 33.75
N GLY A 1035 -45.29 -25.72 33.56
CA GLY A 1035 -46.00 -25.07 34.64
C GLY A 1035 -47.12 -24.22 34.09
N GLN A 1036 -47.58 -23.30 34.92
CA GLN A 1036 -48.62 -22.36 34.56
C GLN A 1036 -48.10 -20.98 34.87
N SER A 1037 -48.20 -20.07 33.91
CA SER A 1037 -47.63 -18.75 34.11
C SER A 1037 -48.60 -17.76 34.72
N LYS A 1038 -48.07 -16.91 35.57
CA LYS A 1038 -48.82 -15.82 36.16
C LYS A 1038 -48.29 -14.49 35.64
N ARG A 1039 -47.40 -14.58 34.65
CA ARG A 1039 -46.82 -13.41 34.02
C ARG A 1039 -47.68 -12.99 32.85
N VAL A 1040 -48.22 -11.78 32.92
CA VAL A 1040 -49.17 -11.33 31.92
C VAL A 1040 -48.55 -11.17 30.55
N ASP A 1041 -49.22 -11.74 29.56
CA ASP A 1041 -48.83 -11.72 28.17
C ASP A 1041 -47.50 -12.38 27.90
N PHE A 1042 -46.98 -13.11 28.88
CA PHE A 1042 -45.77 -13.87 28.67
C PHE A 1042 -46.05 -15.11 27.81
N CYS A 1043 -47.15 -15.82 28.11
CA CYS A 1043 -47.55 -17.06 27.45
C CYS A 1043 -48.82 -16.80 26.64
N GLY A 1044 -48.82 -15.70 25.89
CA GLY A 1044 -49.96 -15.35 25.06
C GLY A 1044 -50.93 -14.43 25.78
N LYS A 1045 -51.87 -13.89 25.03
CA LYS A 1045 -52.86 -12.97 25.57
C LYS A 1045 -53.95 -13.73 26.30
N GLY A 1046 -54.37 -13.23 27.45
CA GLY A 1046 -55.42 -13.88 28.22
C GLY A 1046 -54.83 -14.56 29.44
N TYR A 1047 -55.62 -15.34 30.14
CA TYR A 1047 -55.12 -15.97 31.34
C TYR A 1047 -54.58 -17.34 31.00
N HIS A 1048 -53.28 -17.50 31.13
CA HIS A 1048 -52.66 -18.74 30.69
C HIS A 1048 -53.17 -19.94 31.43
N LEU A 1049 -53.51 -20.99 30.68
CA LEU A 1049 -53.90 -22.27 31.26
C LEU A 1049 -52.78 -23.26 31.07
N MET A 1050 -52.30 -23.38 29.84
CA MET A 1050 -51.23 -24.32 29.51
C MET A 1050 -50.71 -24.08 28.12
N SER A 1051 -49.65 -24.77 27.74
CA SER A 1051 -49.17 -24.66 26.37
C SER A 1051 -48.54 -25.94 25.90
N PHE A 1052 -48.42 -26.07 24.58
CA PHE A 1052 -47.82 -27.26 24.00
C PHE A 1052 -46.77 -26.86 22.96
N PRO A 1053 -45.51 -27.25 23.12
CA PRO A 1053 -44.44 -26.98 22.19
C PRO A 1053 -44.58 -27.85 20.96
N GLN A 1054 -44.13 -27.33 19.84
CA GLN A 1054 -44.02 -28.04 18.58
C GLN A 1054 -42.67 -27.69 17.99
N SER A 1055 -42.02 -28.63 17.34
CA SER A 1055 -40.73 -28.30 16.76
C SER A 1055 -40.90 -27.64 15.40
N ALA A 1056 -39.87 -26.93 14.98
CA ALA A 1056 -39.83 -26.31 13.67
C ALA A 1056 -38.37 -26.22 13.24
N PRO A 1057 -38.07 -26.07 11.97
CA PRO A 1057 -36.72 -25.89 11.49
C PRO A 1057 -36.08 -24.72 12.21
N HIS A 1058 -34.94 -24.97 12.81
CA HIS A 1058 -34.17 -23.96 13.53
C HIS A 1058 -34.93 -23.22 14.62
N GLY A 1059 -35.99 -23.82 15.18
CA GLY A 1059 -36.72 -23.12 16.21
C GLY A 1059 -37.81 -23.92 16.88
N VAL A 1060 -38.54 -23.24 17.75
CA VAL A 1060 -39.61 -23.85 18.52
C VAL A 1060 -40.88 -23.04 18.40
N VAL A 1061 -42.00 -23.72 18.31
CA VAL A 1061 -43.28 -23.07 18.22
C VAL A 1061 -44.15 -23.43 19.41
N PHE A 1062 -44.69 -22.41 20.07
CA PHE A 1062 -45.50 -22.68 21.23
C PHE A 1062 -46.96 -22.40 20.97
N LEU A 1063 -47.80 -23.37 21.29
CA LEU A 1063 -49.24 -23.16 21.19
C LEU A 1063 -49.74 -22.84 22.57
N HIS A 1064 -50.14 -21.61 22.78
CA HIS A 1064 -50.54 -21.16 24.09
C HIS A 1064 -52.03 -21.21 24.25
N VAL A 1065 -52.49 -21.93 25.26
CA VAL A 1065 -53.90 -22.09 25.52
C VAL A 1065 -54.30 -21.16 26.64
N THR A 1066 -55.16 -20.21 26.34
CA THR A 1066 -55.52 -19.21 27.32
C THR A 1066 -57.02 -19.08 27.52
N TYR A 1067 -57.39 -18.68 28.71
CA TYR A 1067 -58.77 -18.40 29.08
C TYR A 1067 -59.06 -16.93 28.82
N VAL A 1068 -60.10 -16.66 28.06
CA VAL A 1068 -60.44 -15.29 27.76
C VAL A 1068 -61.91 -15.01 28.08
N PRO A 1069 -62.20 -14.04 28.95
CA PRO A 1069 -63.55 -13.60 29.30
C PRO A 1069 -64.27 -13.21 28.02
N ALA A 1070 -65.54 -13.57 27.88
CA ALA A 1070 -66.24 -13.28 26.62
C ALA A 1070 -67.44 -12.37 26.74
N GLN A 1071 -68.31 -12.60 27.71
CA GLN A 1071 -69.58 -11.85 27.73
C GLN A 1071 -69.90 -11.16 29.03
N GLU A 1072 -69.37 -9.98 29.22
CA GLU A 1072 -69.61 -9.27 30.47
C GLU A 1072 -70.98 -8.63 30.54
N LYS A 1073 -71.46 -8.48 31.76
CA LYS A 1073 -72.69 -7.76 32.04
C LYS A 1073 -72.41 -6.69 33.09
N ASN A 1074 -73.20 -5.61 33.06
CA ASN A 1074 -73.10 -4.48 33.99
C ASN A 1074 -73.84 -4.78 35.30
N PHE A 1075 -73.12 -4.93 36.40
CA PHE A 1075 -73.69 -5.20 37.73
C PHE A 1075 -73.40 -4.02 38.64
N THR A 1076 -74.28 -3.79 39.61
CA THR A 1076 -74.02 -2.75 40.59
C THR A 1076 -73.19 -3.37 41.69
N THR A 1077 -72.26 -2.63 42.25
CA THR A 1077 -71.41 -3.22 43.27
C THR A 1077 -71.28 -2.44 44.56
N ALA A 1078 -70.63 -3.07 45.52
CA ALA A 1078 -70.34 -2.45 46.80
C ALA A 1078 -69.12 -3.12 47.41
N PRO A 1079 -68.28 -2.37 48.14
CA PRO A 1079 -67.11 -2.86 48.84
C PRO A 1079 -67.44 -3.75 50.03
N ALA A 1080 -68.65 -3.60 50.58
CA ALA A 1080 -69.01 -4.37 51.76
C ALA A 1080 -70.51 -4.37 51.97
N ILE A 1081 -70.96 -5.32 52.78
CA ILE A 1081 -72.35 -5.38 53.20
C ILE A 1081 -72.48 -5.03 54.67
N CYS A 1082 -73.42 -4.14 54.99
CA CYS A 1082 -73.74 -3.72 56.36
C CYS A 1082 -74.88 -4.59 56.88
N HIS A 1083 -74.62 -5.33 57.95
CA HIS A 1083 -75.63 -6.25 58.47
C HIS A 1083 -76.19 -5.82 59.83
N ASP A 1084 -75.47 -6.14 60.90
CA ASP A 1084 -75.88 -5.74 62.25
C ASP A 1084 -75.05 -4.57 62.75
N GLY A 1085 -74.54 -3.81 61.80
CA GLY A 1085 -73.65 -2.69 62.08
C GLY A 1085 -72.23 -3.12 61.78
N LYS A 1086 -72.11 -4.42 61.55
CA LYS A 1086 -70.86 -5.06 61.18
C LYS A 1086 -70.63 -4.94 59.69
N ALA A 1087 -69.37 -4.79 59.30
CA ALA A 1087 -69.03 -4.70 57.89
C ALA A 1087 -68.54 -6.03 57.37
N HIS A 1088 -69.27 -6.60 56.43
CA HIS A 1088 -68.96 -7.89 55.86
C HIS A 1088 -68.29 -7.74 54.50
N PHE A 1089 -67.11 -8.31 54.37
CA PHE A 1089 -66.33 -8.27 53.14
C PHE A 1089 -66.36 -9.65 52.53
N PRO A 1090 -66.27 -9.81 51.22
CA PRO A 1090 -66.30 -11.08 50.56
C PRO A 1090 -64.98 -11.78 50.81
N ARG A 1091 -64.98 -13.09 50.92
CA ARG A 1091 -63.71 -13.80 51.09
C ARG A 1091 -63.00 -14.09 49.78
N GLU A 1092 -63.73 -14.54 48.78
CA GLU A 1092 -63.12 -14.94 47.52
C GLU A 1092 -63.58 -14.12 46.33
N GLY A 1093 -64.80 -13.60 46.42
CA GLY A 1093 -65.41 -12.91 45.29
C GLY A 1093 -65.67 -11.45 45.53
N VAL A 1094 -66.67 -10.93 44.83
CA VAL A 1094 -67.09 -9.54 44.88
C VAL A 1094 -68.59 -9.43 45.07
N PHE A 1095 -69.04 -8.43 45.84
CA PHE A 1095 -70.47 -8.24 46.01
C PHE A 1095 -71.07 -7.51 44.83
N VAL A 1096 -72.12 -8.08 44.28
CA VAL A 1096 -72.80 -7.51 43.13
C VAL A 1096 -74.32 -7.49 43.31
N SER A 1097 -74.98 -6.64 42.55
CA SER A 1097 -76.43 -6.54 42.56
C SER A 1097 -77.01 -6.55 41.17
N ASN A 1098 -78.08 -7.34 41.00
CA ASN A 1098 -78.82 -7.47 39.74
C ASN A 1098 -80.00 -6.48 39.64
N GLY A 1099 -80.12 -5.57 40.61
CA GLY A 1099 -81.15 -4.53 40.71
C GLY A 1099 -82.11 -4.78 41.84
N THR A 1100 -82.24 -6.03 42.30
CA THR A 1100 -83.13 -6.29 43.43
C THR A 1100 -82.45 -7.06 44.54
N HIS A 1101 -81.48 -7.89 44.19
CA HIS A 1101 -80.81 -8.72 45.20
C HIS A 1101 -79.31 -8.67 45.10
N TRP A 1102 -78.66 -8.75 46.27
CA TRP A 1102 -77.21 -8.80 46.35
C TRP A 1102 -76.70 -10.22 46.44
N PHE A 1103 -75.65 -10.48 45.69
CA PHE A 1103 -74.98 -11.76 45.60
C PHE A 1103 -73.49 -11.60 45.71
N VAL A 1104 -72.79 -12.65 46.04
CA VAL A 1104 -71.33 -12.60 46.02
C VAL A 1104 -70.83 -13.60 44.99
N THR A 1105 -69.92 -13.18 44.13
CA THR A 1105 -69.45 -14.10 43.10
C THR A 1105 -67.98 -13.98 42.79
N GLN A 1106 -67.39 -15.05 42.29
CA GLN A 1106 -65.98 -15.04 41.91
C GLN A 1106 -65.70 -13.96 40.86
N ARG A 1107 -64.59 -13.27 41.03
CA ARG A 1107 -64.23 -12.13 40.21
C ARG A 1107 -64.16 -12.39 38.70
N ASN A 1108 -63.64 -13.54 38.30
CA ASN A 1108 -63.43 -13.78 36.87
C ASN A 1108 -64.51 -14.58 36.16
N PHE A 1109 -65.64 -14.82 36.81
CA PHE A 1109 -66.72 -15.56 36.17
C PHE A 1109 -68.03 -15.39 36.92
N TYR A 1110 -69.06 -14.90 36.26
CA TYR A 1110 -70.29 -14.63 36.95
C TYR A 1110 -71.04 -15.89 37.31
N GLU A 1111 -71.18 -16.10 38.60
CA GLU A 1111 -71.85 -17.26 39.14
C GLU A 1111 -72.31 -16.91 40.56
N PRO A 1112 -73.42 -16.19 40.71
CA PRO A 1112 -73.85 -15.52 41.92
C PRO A 1112 -74.23 -16.49 43.01
N GLN A 1113 -73.73 -16.22 44.21
CA GLN A 1113 -74.04 -17.03 45.37
C GLN A 1113 -74.82 -16.22 46.37
N ILE A 1114 -75.55 -16.89 47.23
CA ILE A 1114 -76.22 -16.20 48.31
C ILE A 1114 -75.17 -15.72 49.27
N ILE A 1115 -75.32 -14.48 49.75
CA ILE A 1115 -74.35 -13.94 50.68
C ILE A 1115 -74.63 -14.52 52.05
N THR A 1116 -73.64 -15.22 52.58
CA THR A 1116 -73.77 -15.91 53.84
C THR A 1116 -72.56 -15.62 54.69
N THR A 1117 -72.62 -16.01 55.95
CA THR A 1117 -71.50 -15.81 56.84
C THR A 1117 -70.34 -16.74 56.50
N ASP A 1118 -70.59 -17.72 55.64
CA ASP A 1118 -69.55 -18.67 55.25
C ASP A 1118 -68.76 -18.23 54.02
N ASN A 1119 -69.13 -17.10 53.41
CA ASN A 1119 -68.39 -16.64 52.23
C ASN A 1119 -67.97 -15.19 52.35
N THR A 1120 -68.12 -14.66 53.56
CA THR A 1120 -67.72 -13.30 53.91
C THR A 1120 -66.94 -13.31 55.20
N PHE A 1121 -66.33 -12.19 55.55
CA PHE A 1121 -65.65 -12.05 56.83
C PHE A 1121 -65.94 -10.68 57.40
N VAL A 1122 -65.79 -10.52 58.70
CA VAL A 1122 -66.14 -9.25 59.31
C VAL A 1122 -64.97 -8.51 59.90
N SER A 1123 -64.91 -7.23 59.59
CA SER A 1123 -63.89 -6.37 60.17
C SER A 1123 -64.35 -4.92 60.18
N GLY A 1124 -64.13 -4.25 61.31
CA GLY A 1124 -64.52 -2.85 61.41
C GLY A 1124 -66.03 -2.73 61.51
N ASN A 1125 -66.57 -1.63 61.01
CA ASN A 1125 -68.02 -1.43 61.10
C ASN A 1125 -68.51 -0.53 59.96
N CYS A 1126 -69.84 -0.34 59.91
CA CYS A 1126 -70.55 0.37 58.84
C CYS A 1126 -70.28 1.86 58.83
N ASP A 1127 -69.66 2.39 59.88
CA ASP A 1127 -69.38 3.81 59.92
C ASP A 1127 -67.98 4.10 59.40
N VAL A 1128 -67.26 3.06 59.02
CA VAL A 1128 -65.90 3.22 58.54
C VAL A 1128 -65.81 3.02 57.04
N VAL A 1129 -66.44 1.97 56.53
CA VAL A 1129 -66.34 1.67 55.10
C VAL A 1129 -67.16 2.64 54.27
N ILE A 1130 -66.54 3.20 53.25
CA ILE A 1130 -67.19 4.16 52.38
C ILE A 1130 -67.98 3.45 51.28
N GLY A 1131 -69.26 3.75 51.17
CA GLY A 1131 -70.07 3.12 50.14
C GLY A 1131 -70.60 1.75 50.53
N ILE A 1132 -70.68 1.48 51.82
CA ILE A 1132 -71.20 0.21 52.30
C ILE A 1132 -72.71 0.20 52.10
N VAL A 1133 -73.28 -0.94 51.72
CA VAL A 1133 -74.72 -0.98 51.49
C VAL A 1133 -75.40 -1.93 52.46
N ASN A 1134 -76.71 -1.72 52.71
CA ASN A 1134 -77.52 -2.53 53.62
C ASN A 1134 -78.08 -3.76 52.90
N ASN A 1135 -77.81 -4.94 53.48
CA ASN A 1135 -78.32 -6.23 53.00
C ASN A 1135 -78.38 -7.18 54.16
N THR A 1136 -78.83 -8.39 53.92
CA THR A 1136 -78.85 -9.37 54.99
C THR A 1136 -77.86 -10.47 54.72
N VAL A 1137 -77.06 -10.78 55.72
CA VAL A 1137 -76.10 -11.86 55.58
C VAL A 1137 -76.66 -13.10 56.23
N TYR A 1138 -76.86 -14.13 55.43
CA TYR A 1138 -77.50 -15.35 55.87
C TYR A 1138 -76.59 -16.24 56.71
N ASP A 1139 -77.12 -16.72 57.82
CA ASP A 1139 -76.39 -17.65 58.68
C ASP A 1139 -77.12 -18.99 58.71
N PRO A 1140 -76.63 -20.01 58.00
CA PRO A 1140 -77.25 -21.32 57.83
C PRO A 1140 -77.57 -21.99 59.16
N LEU A 1141 -76.86 -21.60 60.22
CA LEU A 1141 -77.06 -22.19 61.52
C LEU A 1141 -78.40 -21.84 62.12
N GLN A 1142 -78.88 -20.63 61.89
CA GLN A 1142 -80.09 -20.24 62.59
C GLN A 1142 -81.34 -20.98 62.05
N PRO A 1143 -81.58 -21.06 60.71
CA PRO A 1143 -82.65 -21.84 60.12
C PRO A 1143 -82.60 -23.30 60.53
N GLU A 1144 -81.39 -23.85 60.67
CA GLU A 1144 -81.23 -25.24 61.07
C GLU A 1144 -81.53 -25.50 62.55
N LEU A 1145 -81.02 -24.60 63.42
CA LEU A 1145 -81.15 -24.72 64.88
C LEU A 1145 -81.49 -23.35 65.47
N VAL B 2 46.78 33.27 -40.95
CA VAL B 2 46.86 34.66 -40.55
C VAL B 2 47.45 35.49 -41.71
N GLN B 3 46.57 36.10 -42.52
CA GLN B 3 46.95 36.94 -43.67
C GLN B 3 45.99 38.10 -43.88
N LEU B 4 46.52 39.20 -44.40
CA LEU B 4 45.74 40.34 -44.81
C LEU B 4 45.90 40.50 -46.32
N VAL B 5 44.83 40.24 -47.07
CA VAL B 5 44.92 40.20 -48.52
C VAL B 5 44.44 41.47 -49.17
N GLN B 6 45.35 42.15 -49.86
CA GLN B 6 45.06 43.43 -50.48
C GLN B 6 44.52 43.28 -51.89
N SER B 7 43.65 44.20 -52.27
CA SER B 7 43.05 44.26 -53.59
C SER B 7 44.07 44.63 -54.67
N GLY B 8 43.67 44.47 -55.93
CA GLY B 8 44.54 44.73 -57.05
C GLY B 8 44.71 46.22 -57.33
N PRO B 9 45.52 46.57 -58.36
CA PRO B 9 45.91 47.90 -58.77
C PRO B 9 44.78 48.68 -59.41
N GLU B 10 44.91 50.00 -59.38
CA GLU B 10 43.91 50.90 -59.95
C GLU B 10 44.54 52.01 -60.78
N VAL B 11 43.82 52.45 -61.81
CA VAL B 11 44.24 53.61 -62.58
C VAL B 11 43.11 54.63 -62.61
N LYS B 12 43.36 55.83 -62.11
CA LYS B 12 42.33 56.84 -61.98
C LYS B 12 42.77 58.18 -62.56
N LYS B 13 41.81 58.98 -62.96
CA LYS B 13 42.10 60.32 -63.46
C LYS B 13 42.30 61.27 -62.27
N PRO B 14 43.08 62.33 -62.43
CA PRO B 14 43.20 63.42 -61.49
C PRO B 14 41.82 64.01 -61.26
N GLY B 15 41.55 64.38 -60.02
CA GLY B 15 40.25 64.97 -59.67
C GLY B 15 39.20 63.93 -59.29
N THR B 16 39.50 62.64 -59.43
CA THR B 16 38.52 61.61 -59.10
C THR B 16 38.88 60.91 -57.80
N SER B 17 38.50 59.64 -57.67
CA SER B 17 38.71 58.92 -56.41
C SER B 17 39.07 57.45 -56.63
N VAL B 18 39.77 56.89 -55.64
CA VAL B 18 40.14 55.48 -55.68
C VAL B 18 39.72 54.75 -54.41
N ARG B 19 39.22 53.53 -54.59
CA ARG B 19 38.87 52.69 -53.46
C ARG B 19 39.80 51.48 -53.40
N VAL B 20 40.42 51.29 -52.26
CA VAL B 20 41.30 50.14 -52.03
C VAL B 20 40.82 49.40 -50.79
N SER B 21 41.06 48.10 -50.73
CA SER B 21 40.61 47.35 -49.56
C SER B 21 41.49 46.14 -49.26
N CYS B 22 41.42 45.65 -48.00
CA CYS B 22 42.14 44.45 -47.57
C CYS B 22 41.26 43.54 -46.71
N LYS B 23 41.28 42.25 -47.06
CA LYS B 23 40.50 41.25 -46.33
C LYS B 23 41.33 40.50 -45.31
N ALA B 24 40.82 40.42 -44.11
CA ALA B 24 41.48 39.70 -43.03
C ALA B 24 41.01 38.27 -42.98
N SER B 25 41.95 37.35 -42.79
CA SER B 25 41.63 35.95 -42.63
C SER B 25 42.59 35.26 -41.67
N GLY B 26 42.03 34.40 -40.81
CA GLY B 26 42.85 33.64 -39.86
C GLY B 26 43.05 34.34 -38.53
N PHE B 27 42.46 35.53 -38.36
CA PHE B 27 42.61 36.27 -37.12
C PHE B 27 41.38 37.10 -36.79
N THR B 28 41.31 37.56 -35.55
CA THR B 28 40.13 38.28 -35.07
C THR B 28 40.13 39.71 -35.55
N PHE B 29 39.67 39.87 -36.78
CA PHE B 29 39.58 41.16 -37.44
C PHE B 29 38.82 42.16 -36.59
N THR B 30 37.72 41.71 -36.01
CA THR B 30 36.78 42.57 -35.31
C THR B 30 37.32 43.19 -34.01
N SER B 31 38.44 42.69 -33.50
CA SER B 31 39.04 43.24 -32.30
C SER B 31 40.35 43.94 -32.63
N SER B 32 40.64 44.04 -33.93
CA SER B 32 41.90 44.55 -34.42
C SER B 32 41.80 46.00 -34.89
N ALA B 33 42.80 46.42 -35.63
CA ALA B 33 42.90 47.76 -36.19
C ALA B 33 43.67 47.67 -37.49
N VAL B 34 43.37 48.56 -38.42
CA VAL B 34 44.07 48.55 -39.69
C VAL B 34 44.62 49.92 -40.02
N GLN B 35 45.88 49.96 -40.42
CA GLN B 35 46.46 51.24 -40.82
C GLN B 35 46.71 51.20 -42.31
N TRP B 36 46.65 52.37 -42.92
CA TRP B 36 46.96 52.51 -44.33
C TRP B 36 48.13 53.44 -44.52
N VAL B 37 49.04 53.03 -45.37
CA VAL B 37 50.24 53.77 -45.70
C VAL B 37 50.44 53.78 -47.21
N ARG B 38 51.25 54.71 -47.72
CA ARG B 38 51.56 54.67 -49.15
C ARG B 38 53.04 54.95 -49.37
N GLN B 39 53.58 54.45 -50.47
CA GLN B 39 54.97 54.73 -50.79
C GLN B 39 55.19 54.94 -52.28
N ALA B 40 55.72 56.11 -52.64
CA ALA B 40 56.01 56.37 -54.03
C ALA B 40 57.30 55.62 -54.37
N ARG B 41 57.50 55.29 -55.64
CA ARG B 41 58.71 54.56 -55.98
C ARG B 41 59.93 55.44 -55.71
N GLY B 42 60.89 54.88 -54.98
CA GLY B 42 62.13 55.58 -54.65
C GLY B 42 62.01 56.51 -53.44
N GLN B 43 60.83 56.55 -52.83
CA GLN B 43 60.57 57.44 -51.70
C GLN B 43 60.34 56.72 -50.38
N ARG B 44 60.17 57.50 -49.32
CA ARG B 44 59.93 56.98 -47.98
C ARG B 44 58.49 56.51 -47.83
N LEU B 45 58.25 55.67 -46.83
CA LEU B 45 56.90 55.19 -46.57
C LEU B 45 56.15 56.25 -45.75
N GLU B 46 55.01 56.69 -46.25
CA GLU B 46 54.24 57.73 -45.57
C GLU B 46 52.99 57.16 -44.93
N TRP B 47 52.64 57.68 -43.76
CA TRP B 47 51.43 57.27 -43.09
C TRP B 47 50.22 58.01 -43.67
N VAL B 48 49.11 57.31 -43.91
CA VAL B 48 47.92 57.97 -44.42
C VAL B 48 46.86 58.15 -43.35
N GLY B 49 46.62 57.09 -42.58
CA GLY B 49 45.58 57.11 -41.55
C GLY B 49 45.31 55.72 -41.02
N TRP B 50 44.39 55.60 -40.06
CA TRP B 50 44.05 54.27 -39.54
C TRP B 50 42.65 54.22 -38.97
N ILE B 51 42.16 52.99 -38.81
CA ILE B 51 40.87 52.73 -38.21
C ILE B 51 40.93 51.65 -37.16
N VAL B 52 40.17 51.82 -36.09
CA VAL B 52 40.02 50.76 -35.12
C VAL B 52 38.87 49.93 -35.62
N VAL B 53 39.08 48.64 -35.86
CA VAL B 53 38.02 47.87 -36.49
C VAL B 53 36.83 47.76 -35.57
N GLY B 54 37.08 47.45 -34.31
CA GLY B 54 36.00 47.29 -33.36
C GLY B 54 35.08 48.51 -33.33
N SER B 55 35.63 49.66 -32.94
CA SER B 55 34.82 50.87 -32.77
C SER B 55 34.48 51.57 -34.08
N GLY B 56 35.32 51.42 -35.09
CA GLY B 56 35.11 52.09 -36.36
C GLY B 56 35.62 53.53 -36.33
N ASN B 57 36.29 53.91 -35.24
CA ASN B 57 36.81 55.26 -35.10
C ASN B 57 38.05 55.44 -35.96
N THR B 58 38.18 56.60 -36.59
CA THR B 58 39.31 56.86 -37.47
C THR B 58 40.08 58.13 -37.14
N ASN B 59 41.34 58.11 -37.56
CA ASN B 59 42.25 59.24 -37.47
C ASN B 59 43.10 59.27 -38.73
N TYR B 60 43.53 60.45 -39.15
CA TYR B 60 44.25 60.57 -40.41
C TYR B 60 45.50 61.41 -40.33
N ALA B 61 46.43 61.19 -41.27
CA ALA B 61 47.58 62.07 -41.41
C ALA B 61 47.07 63.42 -41.85
N GLN B 62 47.61 64.49 -41.28
CA GLN B 62 47.11 65.83 -41.58
C GLN B 62 47.20 66.21 -43.05
N LYS B 63 48.21 65.72 -43.75
CA LYS B 63 48.38 66.08 -45.15
C LYS B 63 47.32 65.47 -46.07
N PHE B 64 46.64 64.42 -45.61
CA PHE B 64 45.62 63.78 -46.45
C PHE B 64 44.23 63.96 -45.86
N HIS B 65 44.17 64.12 -44.54
CA HIS B 65 42.95 64.17 -43.74
C HIS B 65 41.69 64.61 -44.46
N GLU B 66 41.71 65.80 -45.04
CA GLU B 66 40.51 66.39 -45.60
C GLU B 66 39.86 65.58 -46.73
N ARG B 67 40.66 64.84 -47.48
CA ARG B 67 40.16 64.10 -48.62
C ARG B 67 40.27 62.58 -48.48
N VAL B 68 40.52 62.07 -47.28
CA VAL B 68 40.63 60.62 -47.10
C VAL B 68 39.65 60.08 -46.08
N THR B 69 38.98 58.98 -46.43
CA THR B 69 38.07 58.30 -45.54
C THR B 69 38.41 56.83 -45.39
N ILE B 70 38.47 56.34 -44.16
CA ILE B 70 38.72 54.94 -43.88
C ILE B 70 37.50 54.33 -43.17
N THR B 71 37.07 53.17 -43.63
CA THR B 71 35.93 52.49 -43.03
C THR B 71 36.17 50.98 -42.98
N ARG B 72 35.17 50.24 -42.54
CA ARG B 72 35.27 48.79 -42.50
C ARG B 72 33.90 48.13 -42.48
N ASP B 73 33.86 46.88 -42.89
CA ASP B 73 32.65 46.07 -42.81
C ASP B 73 32.99 44.70 -42.28
N MET B 74 32.60 44.45 -41.03
CA MET B 74 32.98 43.24 -40.33
C MET B 74 32.42 41.99 -40.98
N SER B 75 31.30 42.12 -41.69
CA SER B 75 30.65 40.93 -42.25
C SER B 75 31.49 40.26 -43.33
N THR B 76 32.45 40.98 -43.90
CA THR B 76 33.31 40.43 -44.92
C THR B 76 34.76 40.51 -44.46
N SER B 77 34.95 40.82 -43.18
CA SER B 77 36.26 41.01 -42.57
C SER B 77 37.14 41.91 -43.41
N THR B 78 36.58 43.02 -43.90
CA THR B 78 37.37 43.86 -44.81
C THR B 78 37.48 45.32 -44.37
N ALA B 79 38.69 45.83 -44.46
CA ALA B 79 38.98 47.24 -44.20
C ALA B 79 39.04 47.97 -45.54
N TYR B 80 38.52 49.18 -45.57
CA TYR B 80 38.49 49.96 -46.80
C TYR B 80 39.09 51.35 -46.62
N MET B 81 39.70 51.85 -47.69
CA MET B 81 40.10 53.25 -47.72
C MET B 81 39.75 53.89 -49.05
N GLU B 82 39.25 55.11 -48.99
CA GLU B 82 38.91 55.85 -50.18
C GLU B 82 39.58 57.21 -50.19
N LEU B 83 40.29 57.50 -51.27
CA LEU B 83 40.97 58.78 -51.40
C LEU B 83 40.32 59.60 -52.51
N SER B 84 39.88 60.81 -52.16
CA SER B 84 39.20 61.71 -53.10
C SER B 84 40.13 62.80 -53.61
N SER B 85 39.65 63.51 -54.65
CA SER B 85 40.39 64.63 -55.24
C SER B 85 41.82 64.22 -55.55
N LEU B 86 41.94 63.12 -56.27
CA LEU B 86 43.24 62.55 -56.58
C LEU B 86 44.15 63.48 -57.34
N ARG B 87 45.43 63.38 -57.02
CA ARG B 87 46.48 64.17 -57.63
C ARG B 87 47.50 63.23 -58.28
N SER B 88 48.27 63.72 -59.24
CA SER B 88 49.29 62.87 -59.86
C SER B 88 50.38 62.46 -58.86
N GLU B 89 50.53 63.25 -57.80
CA GLU B 89 51.48 62.99 -56.74
C GLU B 89 51.05 61.81 -55.88
N ASP B 90 49.81 61.32 -56.09
CA ASP B 90 49.28 60.20 -55.34
C ASP B 90 49.70 58.88 -55.96
N THR B 91 50.46 58.93 -57.05
CA THR B 91 50.90 57.66 -57.62
C THR B 91 51.84 57.03 -56.60
N ALA B 92 51.43 55.89 -56.08
CA ALA B 92 52.16 55.22 -55.00
C ALA B 92 51.68 53.81 -54.81
N VAL B 93 52.47 53.01 -54.12
CA VAL B 93 52.02 51.69 -53.73
C VAL B 93 51.37 51.81 -52.36
N TYR B 94 50.15 51.35 -52.27
CA TYR B 94 49.40 51.41 -51.03
C TYR B 94 49.53 50.11 -50.28
N TYR B 95 49.67 50.21 -48.98
CA TYR B 95 49.79 49.05 -48.12
C TYR B 95 48.82 49.18 -46.97
N CYS B 96 48.40 48.04 -46.41
CA CYS B 96 47.54 47.93 -45.25
C CYS B 96 48.21 47.04 -44.22
N ALA B 97 47.95 47.30 -42.95
CA ALA B 97 48.51 46.43 -41.93
C ALA B 97 47.64 46.36 -40.69
N SER B 98 47.76 45.24 -39.97
CA SER B 98 47.05 45.04 -38.72
C SER B 98 47.91 44.25 -37.73
N PRO B 99 47.65 44.36 -36.42
CA PRO B 99 48.17 43.50 -35.38
C PRO B 99 47.48 42.16 -35.46
N TYR B 100 48.10 41.12 -34.94
CA TYR B 100 47.43 39.85 -34.82
C TYR B 100 46.60 39.84 -33.56
N CYS B 101 45.31 39.46 -33.68
CA CYS B 101 44.38 39.39 -32.56
C CYS B 101 43.74 38.02 -32.46
N SER B 102 43.60 37.55 -31.24
CA SER B 102 42.89 36.32 -30.93
C SER B 102 41.92 36.62 -29.80
N GLY B 103 40.65 36.77 -30.15
CA GLY B 103 39.68 37.22 -29.16
C GLY B 103 40.06 38.64 -28.73
N GLY B 104 40.21 38.84 -27.43
CA GLY B 104 40.55 40.17 -26.90
C GLY B 104 42.06 40.41 -26.74
N SER B 105 42.89 39.46 -27.15
CA SER B 105 44.34 39.60 -26.99
C SER B 105 45.03 39.89 -28.32
N CYS B 106 45.66 41.08 -28.44
CA CYS B 106 46.31 41.55 -29.67
C CYS B 106 47.82 41.77 -29.48
N SER B 107 48.55 41.67 -30.59
CA SER B 107 49.98 41.95 -30.63
C SER B 107 50.23 43.44 -30.47
N ASP B 108 51.48 43.80 -30.17
CA ASP B 108 51.87 45.19 -29.86
C ASP B 108 52.50 45.95 -31.02
N GLY B 109 52.20 45.53 -32.24
CA GLY B 109 52.69 46.22 -33.41
C GLY B 109 52.07 45.64 -34.67
N PHE B 110 52.32 46.26 -35.80
CA PHE B 110 51.71 45.79 -37.03
C PHE B 110 52.52 44.67 -37.69
N ASP B 111 52.16 43.44 -37.31
CA ASP B 111 52.83 42.24 -37.81
C ASP B 111 52.27 41.75 -39.15
N ILE B 112 50.99 42.03 -39.40
CA ILE B 112 50.35 41.49 -40.60
C ILE B 112 50.25 42.57 -41.66
N TRP B 113 50.92 42.36 -42.80
CA TRP B 113 50.92 43.35 -43.87
C TRP B 113 50.37 42.81 -45.18
N GLY B 114 49.69 43.68 -45.92
CA GLY B 114 49.24 43.36 -47.27
C GLY B 114 50.45 43.40 -48.19
N GLN B 115 50.29 42.85 -49.39
CA GLN B 115 51.39 42.76 -50.34
C GLN B 115 51.77 44.08 -51.02
N GLY B 116 50.86 45.05 -51.07
CA GLY B 116 51.13 46.33 -51.72
C GLY B 116 50.48 46.43 -53.09
N THR B 117 49.73 47.49 -53.32
CA THR B 117 49.07 47.66 -54.61
C THR B 117 49.30 49.05 -55.20
N MET B 118 49.64 49.12 -56.48
CA MET B 118 49.88 50.42 -57.10
C MET B 118 48.61 51.11 -57.56
N VAL B 119 48.52 52.39 -57.23
CA VAL B 119 47.47 53.24 -57.75
C VAL B 119 48.14 54.32 -58.60
N THR B 120 47.72 54.43 -59.85
CA THR B 120 48.28 55.39 -60.78
C THR B 120 47.30 56.52 -61.03
N VAL B 121 47.78 57.78 -60.96
CA VAL B 121 46.94 58.97 -61.21
C VAL B 121 47.66 59.90 -62.19
N ILE C 2 53.87 63.89 -35.14
CA ILE C 2 55.30 64.00 -34.83
C ILE C 2 56.13 63.87 -36.12
N VAL C 3 57.41 64.26 -36.05
CA VAL C 3 58.41 64.09 -37.10
C VAL C 3 59.53 63.21 -36.58
N LEU C 4 59.82 62.13 -37.30
CA LEU C 4 60.87 61.22 -36.89
C LEU C 4 62.04 61.28 -37.86
N THR C 5 63.24 61.39 -37.32
CA THR C 5 64.43 61.44 -38.16
C THR C 5 65.16 60.10 -38.15
N GLN C 6 65.33 59.54 -39.33
CA GLN C 6 65.99 58.23 -39.48
C GLN C 6 67.38 58.38 -40.06
N THR C 7 68.38 57.87 -39.35
CA THR C 7 69.76 57.91 -39.81
C THR C 7 70.42 56.55 -39.70
N PRO C 8 71.48 56.31 -40.49
CA PRO C 8 72.05 57.10 -41.57
C PRO C 8 71.14 57.04 -42.79
N GLY C 9 71.29 57.98 -43.72
CA GLY C 9 70.48 57.92 -44.94
C GLY C 9 70.75 56.62 -45.71
N THR C 10 72.01 56.18 -45.69
CA THR C 10 72.41 54.92 -46.30
C THR C 10 73.33 54.19 -45.34
N LEU C 11 73.09 52.90 -45.12
CA LEU C 11 74.02 52.14 -44.30
C LEU C 11 74.72 51.11 -45.17
N SER C 12 75.99 51.35 -45.46
CA SER C 12 76.76 50.48 -46.32
C SER C 12 77.75 49.67 -45.51
N LEU C 13 77.51 48.37 -45.43
CA LEU C 13 78.34 47.50 -44.60
C LEU C 13 78.32 46.06 -45.10
N SER C 14 79.50 45.48 -45.26
CA SER C 14 79.63 44.10 -45.73
C SER C 14 78.95 43.09 -44.80
N PRO C 15 78.38 41.99 -45.34
CA PRO C 15 77.80 40.88 -44.62
C PRO C 15 78.82 40.30 -43.64
N GLY C 16 78.33 39.86 -42.49
CA GLY C 16 79.16 39.30 -41.44
C GLY C 16 79.46 40.32 -40.35
N GLU C 17 79.24 41.59 -40.65
CA GLU C 17 79.49 42.66 -39.68
C GLU C 17 78.20 43.09 -38.98
N ARG C 18 78.32 44.01 -38.03
CA ARG C 18 77.17 44.49 -37.27
C ARG C 18 76.83 45.92 -37.66
N ALA C 19 75.54 46.26 -37.58
CA ALA C 19 75.10 47.59 -38.00
C ALA C 19 74.30 48.31 -36.92
N THR C 20 74.46 49.63 -36.87
CA THR C 20 73.70 50.45 -35.94
C THR C 20 72.82 51.44 -36.68
N LEU C 21 71.53 51.42 -36.34
CA LEU C 21 70.54 52.29 -36.93
C LEU C 21 69.91 53.17 -35.85
N SER C 22 69.52 54.40 -36.18
CA SER C 22 68.97 55.27 -35.16
C SER C 22 67.78 56.12 -35.63
N CYS C 23 66.79 56.31 -34.72
CA CYS C 23 65.58 57.10 -34.93
C CYS C 23 65.44 58.15 -33.83
N ARG C 24 65.28 59.41 -34.23
CA ARG C 24 65.16 60.49 -33.26
C ARG C 24 63.78 61.14 -33.27
N ALA C 25 63.18 61.21 -32.08
CA ALA C 25 61.89 61.85 -31.88
C ALA C 25 62.10 63.36 -31.79
N SER C 26 61.08 64.13 -32.16
CA SER C 26 61.12 65.59 -32.09
C SER C 26 60.68 66.09 -30.71
N GLN C 27 60.31 65.15 -29.85
CA GLN C 27 59.83 65.41 -28.51
C GLN C 27 60.03 64.17 -27.69
N SER C 28 59.94 64.28 -26.38
CA SER C 28 59.99 63.05 -25.58
C SER C 28 58.76 62.22 -25.88
N VAL C 29 58.96 60.93 -26.08
CA VAL C 29 57.86 60.01 -26.35
C VAL C 29 57.99 58.74 -25.53
N SER C 30 56.90 58.02 -25.37
CA SER C 30 56.97 56.73 -24.72
C SER C 30 57.64 55.73 -25.67
N SER C 31 58.55 54.94 -25.14
CA SER C 31 59.29 53.95 -25.92
C SER C 31 58.36 52.82 -26.35
N SER C 32 57.28 52.67 -25.61
CA SER C 32 56.32 51.61 -25.81
C SER C 32 55.57 51.71 -27.12
N TYR C 33 55.62 52.87 -27.76
CA TYR C 33 54.92 53.05 -29.03
C TYR C 33 55.86 53.20 -30.23
N LEU C 34 57.15 52.90 -30.07
CA LEU C 34 58.01 52.99 -31.25
C LEU C 34 58.31 51.59 -31.80
N ALA C 35 58.23 51.45 -33.11
CA ALA C 35 58.50 50.15 -33.74
C ALA C 35 59.44 50.28 -34.94
N TRP C 36 60.20 49.23 -35.18
CA TRP C 36 61.11 49.17 -36.32
C TRP C 36 60.65 48.16 -37.35
N TYR C 37 60.77 48.57 -38.61
CA TYR C 37 60.40 47.77 -39.76
C TYR C 37 61.54 47.53 -40.74
N GLN C 38 61.49 46.39 -41.39
CA GLN C 38 62.45 46.01 -42.43
C GLN C 38 61.78 45.92 -43.78
N GLN C 39 62.19 46.76 -44.74
CA GLN C 39 61.58 46.70 -46.05
C GLN C 39 62.52 46.22 -47.15
N LYS C 40 62.31 44.98 -47.58
CA LYS C 40 63.08 44.45 -48.68
C LYS C 40 62.49 45.11 -49.92
N PRO C 41 63.29 45.75 -50.79
CA PRO C 41 62.82 46.48 -51.94
C PRO C 41 61.85 45.67 -52.78
N GLY C 42 60.75 46.30 -53.17
CA GLY C 42 59.72 45.65 -53.97
C GLY C 42 58.66 44.95 -53.14
N GLN C 43 58.86 44.88 -51.83
CA GLN C 43 57.94 44.18 -50.93
C GLN C 43 57.39 45.06 -49.81
N ALA C 44 56.26 44.66 -49.25
CA ALA C 44 55.73 45.30 -48.06
C ALA C 44 56.70 45.05 -46.91
N PRO C 45 56.86 45.99 -45.97
CA PRO C 45 57.71 45.90 -44.79
C PRO C 45 57.18 44.92 -43.77
N ARG C 46 58.06 44.43 -42.91
CA ARG C 46 57.65 43.58 -41.80
C ARG C 46 58.14 44.16 -40.48
N LEU C 47 57.41 43.87 -39.41
CA LEU C 47 57.79 44.34 -38.08
C LEU C 47 58.92 43.51 -37.50
N LEU C 48 59.95 44.21 -36.99
CA LEU C 48 61.06 43.56 -36.33
C LEU C 48 61.02 43.78 -34.83
N ILE C 49 60.95 45.05 -34.44
CA ILE C 49 60.98 45.42 -33.03
C ILE C 49 59.76 46.27 -32.67
N TYR C 50 59.12 45.94 -31.57
CA TYR C 50 58.00 46.74 -31.10
C TYR C 50 58.20 47.11 -29.64
N GLY C 51 57.63 48.23 -29.24
CA GLY C 51 57.77 48.66 -27.86
C GLY C 51 59.21 49.06 -27.59
N ALA C 52 59.90 49.49 -28.65
CA ALA C 52 61.33 49.86 -28.65
C ALA C 52 62.28 48.67 -28.46
N SER C 53 61.95 47.72 -27.58
CA SER C 53 62.88 46.66 -27.20
C SER C 53 62.47 45.20 -27.49
N SER C 54 61.23 44.92 -27.89
CA SER C 54 60.81 43.51 -28.02
C SER C 54 60.78 43.01 -29.45
N ARG C 55 61.25 41.77 -29.65
CA ARG C 55 61.23 41.16 -30.98
C ARG C 55 59.86 40.67 -31.39
N ALA C 56 59.52 40.90 -32.66
CA ALA C 56 58.30 40.39 -33.28
C ALA C 56 58.44 38.90 -33.57
N THR C 57 57.32 38.21 -33.65
CA THR C 57 57.36 36.78 -33.93
C THR C 57 58.00 36.50 -35.28
N GLY C 58 58.94 35.55 -35.29
CA GLY C 58 59.62 35.16 -36.53
C GLY C 58 60.94 35.92 -36.75
N ILE C 59 61.26 36.84 -35.85
CA ILE C 59 62.49 37.62 -35.98
C ILE C 59 63.66 36.94 -35.26
N PRO C 60 64.77 36.67 -35.96
CA PRO C 60 65.96 35.99 -35.49
C PRO C 60 66.79 36.86 -34.56
N ASP C 61 67.75 36.23 -33.88
CA ASP C 61 68.61 36.94 -32.93
C ASP C 61 69.70 37.75 -33.62
N ARG C 62 69.63 37.83 -34.94
CA ARG C 62 70.52 38.68 -35.72
C ARG C 62 70.17 40.14 -35.42
N PHE C 63 68.93 40.37 -34.97
CA PHE C 63 68.41 41.69 -34.66
C PHE C 63 68.09 41.83 -33.17
N SER C 64 68.18 43.05 -32.65
CA SER C 64 67.74 43.35 -31.29
C SER C 64 67.27 44.79 -31.14
N GLY C 65 66.43 45.04 -30.14
CA GLY C 65 65.94 46.38 -29.87
C GLY C 65 66.71 47.02 -28.70
N SER C 66 66.14 48.11 -28.15
CA SER C 66 66.74 48.86 -27.04
C SER C 66 65.67 49.65 -26.28
N THR C 70 64.54 60.67 -26.37
CA THR C 70 64.17 60.92 -27.76
C THR C 70 64.92 60.03 -28.77
N ASP C 71 66.09 59.47 -28.37
CA ASP C 71 66.94 58.66 -29.24
C ASP C 71 66.77 57.17 -29.02
N PHE C 72 66.27 56.51 -30.05
CA PHE C 72 66.00 55.09 -30.02
C PHE C 72 66.80 54.41 -31.12
N THR C 73 67.19 53.16 -30.90
CA THR C 73 68.00 52.48 -31.90
C THR C 73 67.53 51.08 -32.25
N LEU C 74 68.06 50.58 -33.35
CA LEU C 74 67.91 49.22 -33.81
C LEU C 74 69.28 48.64 -34.02
N THR C 75 69.55 47.48 -33.45
CA THR C 75 70.85 46.88 -33.60
C THR C 75 70.79 45.62 -34.44
N ILE C 76 71.68 45.53 -35.40
CA ILE C 76 71.79 44.30 -36.17
C ILE C 76 73.09 43.65 -35.73
N SER C 77 72.98 42.57 -34.95
CA SER C 77 74.15 41.93 -34.36
C SER C 77 75.04 41.39 -35.45
N ARG C 78 74.41 40.87 -36.50
CA ARG C 78 75.16 40.39 -37.65
C ARG C 78 74.30 40.45 -38.92
N LEU C 79 74.94 40.86 -40.02
CA LEU C 79 74.27 40.94 -41.32
C LEU C 79 74.44 39.71 -42.20
N GLU C 80 73.32 39.19 -42.67
CA GLU C 80 73.26 38.15 -43.69
C GLU C 80 72.73 38.82 -44.96
N PRO C 81 72.90 38.24 -46.16
CA PRO C 81 72.44 38.78 -47.43
C PRO C 81 70.96 39.21 -47.43
N GLU C 82 70.14 38.59 -46.60
CA GLU C 82 68.70 38.93 -46.54
C GLU C 82 68.40 40.07 -45.57
N ASP C 83 69.42 40.59 -44.91
CA ASP C 83 69.28 41.67 -43.94
C ASP C 83 69.63 43.01 -44.56
N PHE C 84 69.72 43.03 -45.87
CA PHE C 84 69.99 44.26 -46.59
C PHE C 84 68.68 44.81 -47.10
N ALA C 85 68.22 45.84 -46.41
CA ALA C 85 66.88 46.38 -46.58
C ALA C 85 66.87 47.82 -46.09
N VAL C 86 65.82 48.55 -46.44
CA VAL C 86 65.68 49.89 -45.90
C VAL C 86 64.91 49.80 -44.60
N TYR C 87 65.47 50.33 -43.53
CA TYR C 87 64.81 50.25 -42.25
C TYR C 87 64.10 51.53 -41.90
N TYR C 88 62.95 51.38 -41.29
CA TYR C 88 62.11 52.51 -40.88
C TYR C 88 61.71 52.39 -39.43
N CYS C 89 61.54 53.53 -38.76
CA CYS C 89 60.93 53.60 -37.43
C CYS C 89 59.53 54.19 -37.59
N GLN C 90 58.59 53.71 -36.77
CA GLN C 90 57.23 54.23 -36.77
C GLN C 90 56.72 54.48 -35.37
N GLN C 91 56.06 55.61 -35.17
CA GLN C 91 55.53 55.95 -33.85
C GLN C 91 54.01 55.97 -33.81
N TYR C 92 53.44 55.32 -32.78
CA TYR C 92 51.99 55.18 -32.58
C TYR C 92 51.48 55.87 -31.32
N VAL C 93 52.11 56.94 -30.87
CA VAL C 93 51.66 57.57 -29.64
C VAL C 93 50.36 58.34 -29.87
N GLY C 94 49.34 58.00 -29.10
CA GLY C 94 48.04 58.65 -29.22
C GLY C 94 47.28 58.13 -30.44
N LEU C 95 46.26 58.87 -30.84
CA LEU C 95 45.40 58.47 -31.96
C LEU C 95 45.86 59.04 -33.29
N THR C 96 46.53 60.18 -33.27
CA THR C 96 46.98 60.84 -34.49
C THR C 96 48.43 61.25 -34.37
N GLY C 97 48.97 61.82 -35.43
CA GLY C 97 50.36 62.26 -35.42
C GLY C 97 51.31 61.09 -35.67
N TRP C 98 50.76 59.97 -36.12
CA TRP C 98 51.55 58.79 -36.37
C TRP C 98 52.42 59.04 -37.59
N THR C 99 53.64 58.52 -37.59
CA THR C 99 54.49 58.72 -38.75
C THR C 99 55.65 57.74 -38.85
N PHE C 100 56.30 57.76 -40.01
CA PHE C 100 57.51 57.00 -40.29
C PHE C 100 58.70 57.92 -40.53
N GLY C 101 59.90 57.43 -40.27
CA GLY C 101 61.10 58.17 -40.61
C GLY C 101 61.39 58.04 -42.12
N GLN C 102 62.44 58.71 -42.60
CA GLN C 102 62.77 58.73 -44.02
C GLN C 102 63.18 57.37 -44.60
N GLY C 103 63.80 56.54 -43.79
CA GLY C 103 64.27 55.22 -44.22
C GLY C 103 65.79 55.20 -44.35
N THR C 104 66.43 54.18 -43.75
CA THR C 104 67.89 54.02 -43.73
C THR C 104 68.36 53.64 -45.17
N ALA D 27 13.42 42.55 36.48
CA ALA D 27 12.10 42.32 37.06
C ALA D 27 11.29 41.38 36.17
N TYR D 28 10.36 40.64 36.79
CA TYR D 28 9.46 39.70 36.14
C TYR D 28 8.04 39.89 36.62
N THR D 29 7.08 39.49 35.80
CA THR D 29 5.70 39.52 36.24
C THR D 29 4.93 38.29 35.80
N ASN D 30 3.68 38.24 36.26
CA ASN D 30 2.76 37.15 36.00
C ASN D 30 1.93 37.44 34.75
N SER D 31 2.07 36.61 33.73
CA SER D 31 1.35 36.83 32.47
C SER D 31 -0.15 36.56 32.59
N PHE D 32 -0.53 35.91 33.67
CA PHE D 32 -1.91 35.54 33.92
C PHE D 32 -2.55 34.81 32.75
N THR D 33 -3.60 35.39 32.19
CA THR D 33 -4.32 34.74 31.09
C THR D 33 -4.23 35.54 29.80
N ARG D 34 -3.25 36.41 29.71
CA ARG D 34 -3.03 37.22 28.52
C ARG D 34 -2.20 36.46 27.49
N GLY D 35 -2.27 36.88 26.23
CA GLY D 35 -1.42 36.31 25.18
C GLY D 35 -2.15 35.38 24.24
N VAL D 36 -3.46 35.29 24.40
CA VAL D 36 -4.30 34.49 23.52
C VAL D 36 -4.69 35.34 22.32
N TYR D 37 -4.71 34.71 21.16
CA TYR D 37 -5.06 35.36 19.92
C TYR D 37 -5.90 34.42 19.10
N TYR D 38 -6.65 34.96 18.15
CA TYR D 38 -7.48 34.13 17.28
C TYR D 38 -6.59 33.32 16.34
N PRO D 39 -6.53 31.99 16.47
CA PRO D 39 -5.67 31.09 15.72
C PRO D 39 -5.78 31.26 14.21
N ASP D 40 -6.99 31.57 13.75
CA ASP D 40 -7.24 31.72 12.34
C ASP D 40 -8.38 32.70 12.06
N LYS D 41 -8.68 32.89 10.78
CA LYS D 41 -9.72 33.82 10.36
C LYS D 41 -11.04 33.10 10.18
N VAL D 42 -11.45 32.39 11.23
CA VAL D 42 -12.65 31.57 11.16
C VAL D 42 -13.65 31.91 12.24
N PHE D 43 -14.89 32.08 11.83
CA PHE D 43 -16.00 32.35 12.71
C PHE D 43 -16.51 31.06 13.32
N ARG D 44 -16.63 31.06 14.63
CA ARG D 44 -17.14 29.91 15.35
C ARG D 44 -18.16 30.40 16.36
N SER D 45 -19.27 29.69 16.48
CA SER D 45 -20.33 30.17 17.36
C SER D 45 -20.69 29.20 18.47
N SER D 46 -20.56 29.69 19.70
CA SER D 46 -20.94 28.93 20.89
C SER D 46 -20.35 27.54 20.92
N VAL D 47 -19.07 27.44 20.61
CA VAL D 47 -18.37 26.17 20.58
C VAL D 47 -17.05 26.24 21.33
N LEU D 48 -16.67 25.13 21.96
CA LEU D 48 -15.35 25.05 22.56
C LEU D 48 -14.43 24.37 21.55
N HIS D 49 -13.41 25.08 21.12
CA HIS D 49 -12.53 24.57 20.08
C HIS D 49 -11.14 24.26 20.62
N SER D 50 -10.68 23.04 20.38
CA SER D 50 -9.38 22.62 20.85
C SER D 50 -8.34 22.76 19.75
N THR D 51 -7.31 23.55 20.02
CA THR D 51 -6.28 23.77 19.01
C THR D 51 -4.88 23.86 19.61
N GLN D 52 -3.90 23.43 18.84
CA GLN D 52 -2.51 23.56 19.26
C GLN D 52 -1.80 24.55 18.37
N ASP D 53 -1.19 25.54 18.99
CA ASP D 53 -0.49 26.59 18.28
C ASP D 53 0.48 27.25 19.22
N LEU D 54 1.21 28.23 18.75
CA LEU D 54 2.12 28.92 19.63
C LEU D 54 1.38 29.98 20.44
N PHE D 55 1.25 29.74 21.73
CA PHE D 55 0.53 30.64 22.62
C PHE D 55 1.37 30.95 23.84
N LEU D 56 1.09 32.06 24.50
CA LEU D 56 1.78 32.34 25.74
C LEU D 56 1.12 31.47 26.82
N PRO D 57 1.85 30.57 27.49
CA PRO D 57 1.32 29.67 28.50
C PRO D 57 0.71 30.48 29.62
N PHE D 58 -0.37 29.98 30.20
CA PHE D 58 -1.01 30.72 31.27
C PHE D 58 -0.16 30.73 32.52
N PHE D 59 -0.16 31.89 33.15
CA PHE D 59 0.58 32.16 34.37
C PHE D 59 2.06 31.98 34.19
N SER D 60 2.52 32.12 32.94
CA SER D 60 3.93 32.01 32.64
C SER D 60 4.72 33.21 33.17
N ASN D 61 6.05 33.02 33.25
CA ASN D 61 7.03 33.98 33.72
C ASN D 61 7.53 34.86 32.57
N VAL D 62 7.15 36.15 32.56
CA VAL D 62 7.51 37.09 31.49
C VAL D 62 8.35 38.22 32.06
N THR D 63 9.27 38.74 31.27
CA THR D 63 10.19 39.75 31.76
C THR D 63 9.60 41.14 31.69
N TRP D 64 9.78 41.89 32.76
CA TRP D 64 9.28 43.26 32.85
C TRP D 64 10.40 44.26 32.68
N PHE D 65 10.35 45.01 31.59
CA PHE D 65 11.38 45.99 31.29
C PHE D 65 10.91 47.41 31.58
N HIS D 66 11.84 48.24 32.07
CA HIS D 66 11.60 49.67 32.34
C HIS D 66 12.40 50.51 31.35
N ASP D 80 14.34 51.73 28.93
CA ASP D 80 15.38 50.92 28.30
C ASP D 80 14.83 50.16 27.08
N ASN D 81 15.73 49.41 26.39
CA ASN D 81 15.42 48.64 25.19
C ASN D 81 16.65 47.89 24.66
N PRO D 82 17.07 46.81 25.33
CA PRO D 82 18.16 45.93 24.99
C PRO D 82 17.74 44.99 23.87
N VAL D 83 18.70 44.30 23.27
CA VAL D 83 18.33 43.32 22.27
C VAL D 83 17.92 42.02 22.95
N LEU D 84 16.74 41.54 22.59
CA LEU D 84 16.16 40.33 23.17
C LEU D 84 16.09 39.25 22.11
N PRO D 85 16.17 37.97 22.47
CA PRO D 85 16.05 36.84 21.57
C PRO D 85 14.63 36.68 21.10
N PHE D 86 14.49 36.08 19.93
CA PHE D 86 13.19 35.74 19.35
C PHE D 86 13.20 34.24 19.13
N ASN D 87 12.32 33.51 19.80
CA ASN D 87 12.40 32.06 19.73
C ASN D 87 11.38 31.48 18.75
N ASP D 88 10.27 30.97 19.27
CA ASP D 88 9.23 30.43 18.39
C ASP D 88 8.32 31.56 17.97
N GLY D 89 8.23 32.54 18.85
CA GLY D 89 7.43 33.73 18.64
C GLY D 89 7.47 34.53 19.93
N VAL D 90 7.03 35.77 19.85
CA VAL D 90 7.09 36.65 20.99
C VAL D 90 5.79 37.35 21.34
N TYR D 91 5.51 37.36 22.64
CA TYR D 91 4.40 38.12 23.17
C TYR D 91 4.91 39.43 23.70
N PHE D 92 4.30 40.53 23.31
CA PHE D 92 4.73 41.84 23.75
C PHE D 92 3.57 42.65 24.32
N ALA D 93 3.83 43.40 25.38
CA ALA D 93 2.79 44.28 25.88
C ALA D 93 3.40 45.55 26.44
N SER D 94 2.66 46.65 26.38
CA SER D 94 3.13 47.91 26.94
C SER D 94 2.01 48.76 27.49
N THR D 95 2.35 49.65 28.43
CA THR D 95 1.35 50.51 29.05
C THR D 95 1.73 51.99 29.05
N GLU D 96 1.64 52.63 27.90
CA GLU D 96 1.98 54.05 27.79
C GLU D 96 0.79 54.94 27.52
N LYS D 97 0.75 56.06 28.21
CA LYS D 97 -0.25 57.08 27.98
C LYS D 97 0.31 58.18 27.08
N SER D 98 1.64 58.29 27.04
CA SER D 98 2.32 59.27 26.21
C SER D 98 2.81 58.66 24.91
N ASN D 99 2.51 57.38 24.69
CA ASN D 99 2.90 56.64 23.49
C ASN D 99 4.39 56.74 23.18
N ILE D 100 5.21 56.44 24.18
CA ILE D 100 6.66 56.50 24.03
C ILE D 100 7.20 55.33 23.22
N ILE D 101 6.74 54.12 23.50
CA ILE D 101 7.24 52.97 22.77
C ILE D 101 6.38 52.81 21.54
N ARG D 102 7.01 52.86 20.36
CA ARG D 102 6.22 52.83 19.14
C ARG D 102 6.92 52.21 17.95
N GLY D 103 7.62 51.11 18.15
CA GLY D 103 8.28 50.46 17.02
C GLY D 103 9.12 49.27 17.44
N TRP D 104 9.59 48.52 16.45
CA TRP D 104 10.39 47.32 16.67
C TRP D 104 11.38 47.05 15.55
N ILE D 105 12.43 46.33 15.90
CA ILE D 105 13.39 45.81 14.94
C ILE D 105 13.45 44.30 15.05
N PHE D 106 13.31 43.59 13.94
CA PHE D 106 13.41 42.14 13.96
C PHE D 106 14.43 41.64 12.94
N GLY D 107 15.22 40.63 13.29
CA GLY D 107 16.15 40.05 12.33
C GLY D 107 17.18 39.15 13.00
N THR D 108 18.31 38.96 12.35
CA THR D 108 19.36 38.11 12.89
C THR D 108 20.63 38.90 13.16
N THR D 109 21.24 39.43 12.10
CA THR D 109 22.50 40.14 12.26
C THR D 109 22.28 41.60 12.63
N LEU D 110 21.25 42.21 12.05
CA LEU D 110 20.92 43.60 12.31
C LEU D 110 22.10 44.54 12.09
N ASP D 111 22.96 44.24 11.12
CA ASP D 111 24.12 45.07 10.88
C ASP D 111 24.40 45.28 9.40
N SER D 112 23.39 45.00 8.57
CA SER D 112 23.39 45.10 7.10
C SER D 112 23.84 43.84 6.37
N LYS D 113 24.31 42.83 7.11
CA LYS D 113 24.73 41.58 6.47
C LYS D 113 23.54 40.77 5.93
N THR D 114 22.40 40.85 6.61
CA THR D 114 21.20 40.11 6.20
C THR D 114 19.99 41.02 6.21
N GLN D 115 18.88 40.54 5.66
CA GLN D 115 17.63 41.28 5.65
C GLN D 115 17.07 41.40 7.05
N SER D 116 16.47 42.55 7.35
CA SER D 116 15.84 42.77 8.63
C SER D 116 14.60 43.65 8.51
N LEU D 117 13.72 43.51 9.49
CA LEU D 117 12.45 44.20 9.53
C LEU D 117 12.41 45.36 10.50
N LEU D 118 12.08 46.53 9.98
CA LEU D 118 11.95 47.72 10.79
C LEU D 118 10.53 48.25 10.76
N ILE D 119 9.93 48.38 11.94
CA ILE D 119 8.59 48.90 12.06
C ILE D 119 8.56 50.15 12.92
N VAL D 120 8.12 51.26 12.35
CA VAL D 120 8.01 52.49 13.13
C VAL D 120 6.63 53.09 13.01
N ASN D 121 5.97 53.29 14.14
CA ASN D 121 4.61 53.83 14.18
C ASN D 121 4.59 55.30 14.62
N ASN D 122 4.95 56.23 13.70
CA ASN D 122 5.05 57.66 14.00
C ASN D 122 3.85 58.44 13.45
N ALA D 123 3.28 59.32 14.30
CA ALA D 123 2.16 60.23 13.96
C ALA D 123 0.98 59.46 13.35
N THR D 124 0.71 59.68 12.08
CA THR D 124 -0.43 59.09 11.41
C THR D 124 -0.06 57.99 10.41
N ASN D 125 1.21 57.63 10.34
CA ASN D 125 1.64 56.64 9.36
C ASN D 125 2.63 55.64 9.91
N VAL D 126 2.19 54.40 9.99
CA VAL D 126 3.08 53.35 10.45
C VAL D 126 3.70 52.69 9.26
N VAL D 127 5.01 52.62 9.27
CA VAL D 127 5.76 52.10 8.14
C VAL D 127 6.45 50.80 8.47
N ILE D 128 6.17 49.79 7.66
CA ILE D 128 6.81 48.50 7.78
C ILE D 128 7.78 48.32 6.62
N LYS D 129 9.06 48.17 6.92
CA LYS D 129 10.05 48.09 5.86
C LYS D 129 11.10 46.99 6.08
N VAL D 130 11.39 46.24 5.03
CA VAL D 130 12.40 45.18 5.13
C VAL D 130 13.58 45.47 4.19
N CYS D 131 14.79 45.62 4.77
CA CYS D 131 16.02 45.98 4.08
C CYS D 131 17.24 45.41 4.80
N GLU D 132 18.39 45.51 4.16
CA GLU D 132 19.63 45.15 4.82
C GLU D 132 20.10 46.37 5.58
N PHE D 133 19.42 46.60 6.69
CA PHE D 133 19.63 47.78 7.50
C PHE D 133 20.91 47.69 8.30
N GLN D 134 21.60 48.82 8.38
CA GLN D 134 22.75 48.93 9.25
C GLN D 134 22.29 49.75 10.43
N PHE D 135 21.95 49.06 11.50
CA PHE D 135 21.33 49.68 12.65
C PHE D 135 22.32 50.33 13.57
N CYS D 136 21.85 51.34 14.28
CA CYS D 136 22.62 51.98 15.33
C CYS D 136 22.80 50.97 16.46
N ASN D 137 23.86 51.10 17.23
CA ASN D 137 24.10 50.18 18.34
C ASN D 137 23.22 50.52 19.54
N ASP D 138 22.56 51.66 19.44
CA ASP D 138 21.65 52.16 20.46
C ASP D 138 20.61 53.04 19.76
N PRO D 139 19.69 52.43 18.98
CA PRO D 139 18.73 53.10 18.15
C PRO D 139 17.67 53.77 18.99
N PHE D 140 17.19 54.92 18.56
CA PHE D 140 16.13 55.58 19.30
C PHE D 140 15.35 56.57 18.45
N LEU D 141 14.21 56.96 18.97
CA LEU D 141 13.38 57.99 18.37
C LEU D 141 13.44 59.22 19.27
N GLY D 142 13.31 60.41 18.70
CA GLY D 142 13.31 61.61 19.51
C GLY D 142 11.89 62.06 19.84
N VAL D 143 11.78 63.29 20.37
CA VAL D 143 10.49 63.90 20.76
C VAL D 143 10.32 65.25 20.07
N GLU D 156 13.81 64.11 15.58
CA GLU D 156 15.06 63.36 15.56
C GLU D 156 14.77 61.87 15.36
N PHE D 157 15.50 61.24 14.42
CA PHE D 157 15.39 59.81 14.09
C PHE D 157 16.76 59.20 13.92
N ARG D 158 17.14 58.31 14.84
CA ARG D 158 18.45 57.69 14.75
C ARG D 158 18.35 56.20 14.98
N VAL D 159 17.80 55.51 14.01
CA VAL D 159 17.57 54.08 14.14
C VAL D 159 18.59 53.31 13.34
N TYR D 160 18.85 53.77 12.13
CA TYR D 160 19.78 53.11 11.23
C TYR D 160 20.55 54.15 10.43
N SER D 161 21.72 53.75 9.95
CA SER D 161 22.54 54.60 9.11
C SER D 161 22.45 54.21 7.64
N SER D 162 21.99 52.99 7.39
CA SER D 162 21.88 52.50 6.00
C SER D 162 20.72 51.51 5.85
N ALA D 163 20.18 51.42 4.63
CA ALA D 163 19.10 50.49 4.32
C ALA D 163 19.22 49.99 2.89
N ASN D 164 20.10 49.02 2.67
CA ASN D 164 20.42 48.58 1.32
C ASN D 164 19.53 47.42 0.87
N ASN D 165 19.38 47.22 -0.45
CA ASN D 165 18.70 46.06 -1.03
C ASN D 165 17.31 45.80 -0.40
N CYS D 166 16.48 46.87 -0.35
CA CYS D 166 15.13 46.78 0.22
C CYS D 166 14.22 45.88 -0.61
N THR D 167 13.53 44.97 0.08
CA THR D 167 12.67 44.00 -0.59
C THR D 167 11.19 44.20 -0.34
N PHE D 168 10.84 44.87 0.74
CA PHE D 168 9.43 45.02 1.08
C PHE D 168 9.13 46.32 1.81
N GLU D 169 8.02 46.95 1.45
CA GLU D 169 7.55 48.11 2.20
C GLU D 169 6.03 48.16 2.19
N TYR D 170 5.46 48.49 3.34
CA TYR D 170 4.02 48.61 3.51
C TYR D 170 3.67 49.74 4.46
N VAL D 171 2.66 50.52 4.12
CA VAL D 171 2.27 51.61 5.01
C VAL D 171 0.77 51.58 5.28
N SER D 172 0.38 51.70 6.57
CA SER D 172 -1.02 51.73 6.99
C SER D 172 -1.18 52.69 8.17
N ASN D 188 -2.89 53.60 26.23
CA ASN D 188 -3.42 52.73 27.29
C ASN D 188 -2.60 51.41 27.29
N LEU D 189 -3.27 50.23 27.32
CA LEU D 189 -2.62 48.91 27.28
C LEU D 189 -2.65 48.35 25.87
N ARG D 190 -1.47 48.10 25.32
CA ARG D 190 -1.38 47.60 23.97
C ARG D 190 -0.67 46.27 23.98
N GLU D 191 -1.28 45.28 23.36
CA GLU D 191 -0.71 43.95 23.34
C GLU D 191 -0.52 43.46 21.92
N PHE D 192 0.60 42.80 21.68
CA PHE D 192 0.96 42.29 20.37
C PHE D 192 1.51 40.88 20.41
N VAL D 193 1.27 40.13 19.35
CA VAL D 193 1.93 38.86 19.16
C VAL D 193 2.65 38.83 17.84
N PHE D 194 3.91 38.43 17.89
CA PHE D 194 4.73 38.36 16.69
C PHE D 194 5.24 36.93 16.45
N LYS D 195 4.84 36.33 15.34
CA LYS D 195 5.37 35.00 15.04
C LYS D 195 5.65 34.85 13.55
N ASN D 196 6.66 34.08 13.19
CA ASN D 196 6.97 33.89 11.79
C ASN D 196 6.76 32.45 11.37
N ILE D 197 5.67 32.20 10.66
CA ILE D 197 5.33 30.85 10.26
C ILE D 197 5.35 30.68 8.75
N ASP D 198 6.22 29.79 8.29
CA ASP D 198 6.32 29.45 6.88
C ASP D 198 6.45 30.65 5.95
N GLY D 199 7.24 31.63 6.36
CA GLY D 199 7.49 32.80 5.53
C GLY D 199 6.57 33.99 5.82
N TYR D 200 5.54 33.80 6.64
CA TYR D 200 4.69 34.93 6.96
C TYR D 200 4.92 35.47 8.34
N PHE D 201 5.13 36.78 8.43
CA PHE D 201 5.30 37.40 9.72
C PHE D 201 3.96 37.91 10.15
N LYS D 202 3.37 37.21 11.09
CA LYS D 202 2.02 37.46 11.51
C LYS D 202 1.98 38.28 12.77
N ILE D 203 1.24 39.36 12.72
CA ILE D 203 1.12 40.23 13.85
C ILE D 203 -0.31 40.31 14.30
N TYR D 204 -0.53 40.07 15.58
CA TYR D 204 -1.86 40.16 16.18
C TYR D 204 -1.82 41.30 17.17
N SER D 205 -2.95 41.97 17.39
CA SER D 205 -2.94 43.06 18.35
C SER D 205 -4.28 43.34 19.03
N LYS D 206 -4.19 44.00 20.18
CA LYS D 206 -5.35 44.47 20.92
C LYS D 206 -5.02 45.76 21.65
N HIS D 207 -5.96 46.70 21.69
CA HIS D 207 -5.77 47.94 22.43
C HIS D 207 -6.93 48.12 23.41
N THR D 208 -6.62 48.09 24.71
CA THR D 208 -7.64 48.17 25.74
C THR D 208 -7.29 49.27 26.75
N PRO D 209 -8.25 49.71 27.58
CA PRO D 209 -8.06 50.62 28.71
C PRO D 209 -7.13 50.02 29.75
N ILE D 210 -6.44 50.89 30.49
CA ILE D 210 -5.54 50.48 31.56
C ILE D 210 -5.87 51.26 32.82
N ASN D 211 -6.06 50.56 33.93
CA ASN D 211 -6.36 51.22 35.19
C ASN D 211 -5.32 50.93 36.26
N LEU D 212 -4.21 50.35 35.85
CA LEU D 212 -3.11 50.05 36.77
C LEU D 212 -1.91 50.88 36.37
N VAL D 213 -1.09 51.24 37.34
CA VAL D 213 0.07 52.09 37.05
C VAL D 213 1.31 51.28 36.65
N ARG D 214 1.61 50.23 37.40
CA ARG D 214 2.78 49.39 37.11
C ARG D 214 2.43 47.91 37.13
N ASP D 215 1.59 47.47 36.20
CA ASP D 215 1.18 46.08 36.21
C ASP D 215 0.68 45.62 34.84
N LEU D 216 0.35 44.34 34.75
CA LEU D 216 -0.23 43.70 33.58
C LEU D 216 -1.57 43.09 34.02
N PRO D 217 -2.70 43.77 33.77
CA PRO D 217 -4.02 43.45 34.32
C PRO D 217 -4.43 42.01 34.10
N GLN D 218 -5.00 41.42 35.15
CA GLN D 218 -5.44 40.04 35.13
C GLN D 218 -6.83 39.92 34.52
N GLY D 219 -6.87 40.09 33.21
CA GLY D 219 -8.12 40.02 32.46
C GLY D 219 -7.94 39.15 31.23
N PHE D 220 -8.94 39.12 30.36
CA PHE D 220 -8.82 38.28 29.18
C PHE D 220 -9.37 38.93 27.92
N SER D 221 -8.55 38.97 26.88
CA SER D 221 -8.94 39.42 25.56
C SER D 221 -8.15 38.60 24.56
N ALA D 222 -8.77 38.26 23.44
CA ALA D 222 -8.02 37.60 22.40
C ALA D 222 -7.60 38.62 21.36
N LEU D 223 -6.34 38.56 20.97
CA LEU D 223 -5.78 39.49 20.00
C LEU D 223 -6.15 39.13 18.57
N GLU D 224 -6.51 40.14 17.80
CA GLU D 224 -6.97 39.93 16.43
C GLU D 224 -5.80 40.08 15.47
N PRO D 225 -5.78 39.37 14.36
CA PRO D 225 -4.76 39.47 13.34
C PRO D 225 -4.80 40.87 12.76
N LEU D 226 -3.62 41.43 12.53
CA LEU D 226 -3.47 42.76 11.98
C LEU D 226 -2.92 42.66 10.58
N VAL D 227 -1.74 42.07 10.46
CA VAL D 227 -1.09 41.85 9.17
C VAL D 227 -0.49 40.46 9.08
N ASP D 228 -0.26 40.02 7.85
CA ASP D 228 0.39 38.77 7.53
C ASP D 228 1.42 39.01 6.43
N LEU D 229 2.56 39.56 6.82
CA LEU D 229 3.52 40.06 5.86
C LEU D 229 4.24 38.92 5.16
N PRO D 230 4.17 38.82 3.83
CA PRO D 230 4.78 37.77 3.03
C PRO D 230 6.26 38.04 2.81
N ILE D 231 7.01 38.09 3.90
CA ILE D 231 8.42 38.42 3.82
C ILE D 231 9.32 37.27 4.26
N GLY D 232 10.28 36.92 3.41
CA GLY D 232 11.21 35.83 3.68
C GLY D 232 12.31 36.27 4.64
N ILE D 233 11.92 36.57 5.87
CA ILE D 233 12.84 37.08 6.86
C ILE D 233 13.12 36.07 7.98
N ASN D 234 14.40 35.90 8.31
CA ASN D 234 14.85 35.06 9.43
C ASN D 234 15.04 35.93 10.68
N ILE D 235 14.16 35.74 11.68
CA ILE D 235 14.17 36.53 12.91
C ILE D 235 14.63 35.68 14.09
N THR D 236 15.75 36.05 14.69
CA THR D 236 16.30 35.33 15.82
C THR D 236 16.49 36.28 17.00
N ARG D 237 16.47 37.58 16.72
CA ARG D 237 16.61 38.61 17.72
C ARG D 237 15.68 39.77 17.41
N PHE D 238 15.30 40.54 18.41
CA PHE D 238 14.52 41.74 18.15
C PHE D 238 14.78 42.81 19.20
N GLN D 239 14.42 44.04 18.89
CA GLN D 239 14.61 45.15 19.81
C GLN D 239 13.46 46.13 19.70
N THR D 240 13.05 46.74 20.81
CA THR D 240 11.98 47.72 20.74
C THR D 240 12.54 49.09 20.40
N LEU D 241 11.67 49.98 19.92
CA LEU D 241 12.04 51.37 19.66
C LEU D 241 11.18 52.32 20.43
N LEU D 242 11.81 53.25 21.15
CA LEU D 242 11.08 54.19 21.95
C LEU D 242 11.59 55.62 21.82
N ALA D 243 10.68 56.58 22.02
CA ALA D 243 10.95 58.02 22.08
C ALA D 243 11.56 58.39 23.44
N ALA D 263 7.47 54.95 30.72
CA ALA D 263 7.08 53.87 29.82
C ALA D 263 7.60 52.54 30.37
N ALA D 264 6.90 51.44 30.02
CA ALA D 264 7.27 50.08 30.44
C ALA D 264 6.68 49.04 29.50
N TYR D 265 7.36 47.91 29.38
CA TYR D 265 6.85 46.84 28.54
C TYR D 265 7.21 45.46 29.05
N TYR D 266 6.49 44.46 28.56
CA TYR D 266 6.70 43.10 28.98
C TYR D 266 6.98 42.21 27.78
N VAL D 267 7.87 41.25 27.97
CA VAL D 267 8.16 40.29 26.91
C VAL D 267 8.05 38.86 27.36
N GLY D 268 7.25 38.08 26.64
CA GLY D 268 7.09 36.67 26.90
C GLY D 268 7.37 35.89 25.65
N TYR D 269 7.36 34.57 25.75
CA TYR D 269 7.60 33.74 24.58
C TYR D 269 6.51 32.72 24.40
N LEU D 270 6.21 32.45 23.14
CA LEU D 270 5.15 31.52 22.82
C LEU D 270 5.65 30.10 22.81
N GLN D 271 4.78 29.17 23.15
CA GLN D 271 5.11 27.75 23.16
C GLN D 271 4.00 26.95 22.47
N PRO D 272 4.32 25.79 21.88
CA PRO D 272 3.39 24.90 21.20
C PRO D 272 2.49 24.14 22.15
N ARG D 273 1.61 24.89 22.79
CA ARG D 273 0.68 24.38 23.80
C ARG D 273 -0.71 24.23 23.23
N THR D 274 -1.51 23.37 23.86
CA THR D 274 -2.88 23.19 23.41
C THR D 274 -3.84 23.97 24.29
N PHE D 275 -4.72 24.69 23.64
CA PHE D 275 -5.76 25.47 24.31
C PHE D 275 -7.15 25.07 23.92
N LEU D 276 -8.05 25.16 24.89
CA LEU D 276 -9.47 25.01 24.64
C LEU D 276 -10.07 26.41 24.63
N LEU D 277 -10.49 26.87 23.48
CA LEU D 277 -10.97 28.24 23.34
C LEU D 277 -12.48 28.30 23.34
N LYS D 278 -13.03 29.16 24.19
CA LYS D 278 -14.47 29.30 24.30
C LYS D 278 -15.00 30.46 23.50
N TYR D 279 -15.76 30.14 22.46
CA TYR D 279 -16.34 31.14 21.58
C TYR D 279 -17.76 31.50 22.01
N ASN D 280 -18.13 32.75 21.79
CA ASN D 280 -19.50 33.17 22.06
C ASN D 280 -20.31 33.10 20.78
N GLU D 281 -21.56 33.51 20.87
CA GLU D 281 -22.45 33.51 19.71
C GLU D 281 -22.08 34.52 18.61
N ASN D 282 -21.21 35.52 18.93
CA ASN D 282 -20.78 36.56 18.01
C ASN D 282 -19.36 36.31 17.43
N GLY D 283 -18.79 35.10 17.63
CA GLY D 283 -17.51 34.74 17.04
C GLY D 283 -16.27 35.18 17.80
N THR D 284 -16.44 35.70 19.02
CA THR D 284 -15.27 36.13 19.78
C THR D 284 -14.86 35.07 20.76
N ILE D 285 -13.64 35.17 21.24
CA ILE D 285 -13.19 34.27 22.28
C ILE D 285 -13.41 34.97 23.61
N THR D 286 -14.16 34.33 24.49
CA THR D 286 -14.48 34.96 25.77
C THR D 286 -13.67 34.38 26.88
N ASP D 287 -13.19 33.16 26.69
CA ASP D 287 -12.35 32.53 27.70
C ASP D 287 -11.45 31.48 27.07
N ALA D 288 -10.58 30.87 27.87
CA ALA D 288 -9.71 29.82 27.37
C ALA D 288 -9.12 28.96 28.49
N VAL D 289 -8.77 27.73 28.16
CA VAL D 289 -8.09 26.84 29.08
C VAL D 289 -6.74 26.38 28.55
N ASP D 290 -5.69 26.57 29.33
CA ASP D 290 -4.37 26.09 28.99
C ASP D 290 -4.25 24.65 29.46
N CYS D 291 -4.24 23.70 28.53
CA CYS D 291 -4.35 22.27 28.78
C CYS D 291 -3.16 21.71 29.57
N ALA D 292 -2.08 22.48 29.65
CA ALA D 292 -0.88 22.00 30.34
C ALA D 292 -0.66 22.73 31.67
N LEU D 293 -1.58 23.58 32.06
CA LEU D 293 -1.38 24.38 33.26
C LEU D 293 -1.41 23.56 34.55
N ASP D 294 -2.42 22.72 34.68
CA ASP D 294 -2.57 21.87 35.86
C ASP D 294 -3.55 20.73 35.48
N PRO D 295 -3.76 19.72 36.35
CA PRO D 295 -4.64 18.58 36.12
C PRO D 295 -6.12 18.95 35.96
N LEU D 296 -6.55 20.12 36.43
CA LEU D 296 -7.96 20.44 36.27
C LEU D 296 -8.19 20.93 34.87
N SER D 297 -7.25 21.75 34.40
CA SER D 297 -7.31 22.27 33.06
C SER D 297 -7.15 21.15 32.08
N GLU D 298 -6.30 20.18 32.41
CA GLU D 298 -6.08 19.05 31.55
C GLU D 298 -7.38 18.27 31.40
N THR D 299 -8.11 18.11 32.50
CA THR D 299 -9.40 17.43 32.49
C THR D 299 -10.39 18.15 31.61
N LYS D 300 -10.47 19.47 31.74
CA LYS D 300 -11.40 20.23 30.90
C LYS D 300 -11.15 19.99 29.41
N CYS D 301 -9.87 20.00 28.98
CA CYS D 301 -9.48 19.80 27.59
C CYS D 301 -9.84 18.38 27.14
N THR D 302 -9.63 17.42 28.04
CA THR D 302 -9.93 16.02 27.78
C THR D 302 -11.40 15.81 27.51
N LEU D 303 -12.24 16.44 28.33
CA LEU D 303 -13.68 16.33 28.20
C LEU D 303 -14.21 17.26 27.13
N LYS D 304 -13.38 18.24 26.74
CA LYS D 304 -13.76 19.27 25.80
C LYS D 304 -14.99 19.96 26.34
N SER D 305 -14.88 20.31 27.61
CA SER D 305 -15.91 20.99 28.36
C SER D 305 -15.28 22.10 29.16
N PHE D 306 -16.00 23.18 29.35
CA PHE D 306 -15.39 24.25 30.12
C PHE D 306 -15.71 24.04 31.59
N THR D 307 -16.57 23.06 31.85
CA THR D 307 -17.03 22.68 33.19
C THR D 307 -16.75 21.21 33.45
N VAL D 308 -16.16 20.91 34.59
CA VAL D 308 -15.90 19.52 34.93
C VAL D 308 -16.90 19.08 35.97
N GLU D 309 -17.56 17.97 35.67
CA GLU D 309 -18.59 17.40 36.54
C GLU D 309 -17.94 16.56 37.62
N LYS D 310 -18.70 16.24 38.65
CA LYS D 310 -18.16 15.43 39.72
C LYS D 310 -17.83 14.03 39.23
N GLY D 311 -16.63 13.55 39.55
CA GLY D 311 -16.25 12.20 39.15
C GLY D 311 -14.74 12.04 38.96
N ILE D 312 -14.36 10.92 38.37
CA ILE D 312 -12.97 10.60 38.11
C ILE D 312 -12.77 10.44 36.61
N TYR D 313 -11.78 11.11 36.05
CA TYR D 313 -11.58 11.05 34.60
C TYR D 313 -10.15 10.72 34.23
N GLN D 314 -9.94 9.87 33.23
CA GLN D 314 -8.56 9.61 32.81
C GLN D 314 -8.17 10.63 31.76
N THR D 315 -7.11 11.37 32.04
CA THR D 315 -6.70 12.45 31.15
C THR D 315 -5.34 12.24 30.50
N SER D 316 -4.49 11.43 31.12
CA SER D 316 -3.15 11.28 30.55
C SER D 316 -2.57 9.89 30.78
N ASN D 317 -1.27 9.77 30.52
CA ASN D 317 -0.55 8.52 30.63
C ASN D 317 0.87 8.77 31.13
N PHE D 318 1.13 8.31 32.34
CA PHE D 318 2.40 8.48 33.01
C PHE D 318 3.39 7.47 32.48
N ARG D 319 4.58 7.91 32.11
CA ARG D 319 5.61 6.99 31.66
C ARG D 319 6.97 7.39 32.20
N VAL D 320 7.64 6.44 32.85
CA VAL D 320 8.98 6.68 33.33
C VAL D 320 9.95 6.61 32.17
N GLN D 321 10.78 7.62 32.03
CA GLN D 321 11.71 7.68 30.92
C GLN D 321 13.07 7.11 31.33
N PRO D 322 13.83 6.57 30.38
CA PRO D 322 15.20 6.13 30.57
C PRO D 322 16.09 7.31 30.85
N THR D 323 17.06 7.12 31.73
CA THR D 323 17.99 8.19 32.07
C THR D 323 19.37 7.97 31.48
N GLU D 324 19.65 6.76 31.02
CA GLU D 324 20.94 6.40 30.47
C GLU D 324 20.81 5.45 29.31
N SER D 325 21.95 5.12 28.71
CA SER D 325 22.02 4.17 27.61
C SER D 325 23.11 3.16 27.93
N ILE D 326 22.70 1.91 28.12
CA ILE D 326 23.62 0.88 28.58
C ILE D 326 23.86 -0.16 27.51
N VAL D 327 25.10 -0.26 27.06
CA VAL D 327 25.43 -1.22 26.04
C VAL D 327 26.51 -2.15 26.52
N ARG D 328 26.29 -3.45 26.36
CA ARG D 328 27.28 -4.40 26.81
C ARG D 328 27.50 -5.54 25.82
N PHE D 329 28.78 -5.84 25.63
CA PHE D 329 29.29 -6.91 24.82
C PHE D 329 30.36 -7.66 25.61
N PRO D 330 30.69 -8.91 25.25
CA PRO D 330 31.68 -9.75 25.91
C PRO D 330 33.04 -9.11 25.85
N ASN D 331 33.95 -9.51 26.75
CA ASN D 331 35.33 -9.05 26.80
C ASN D 331 36.00 -9.25 25.44
N ILE D 332 36.72 -8.24 24.95
CA ILE D 332 37.36 -8.34 23.63
C ILE D 332 38.68 -9.06 23.71
N THR D 333 38.70 -10.23 23.08
CA THR D 333 39.83 -11.13 23.04
C THR D 333 40.00 -11.55 21.60
N ASN D 334 41.06 -12.30 21.30
CA ASN D 334 41.27 -12.76 19.93
C ASN D 334 41.34 -11.60 18.94
N LEU D 335 42.20 -10.64 19.23
CA LEU D 335 42.42 -9.52 18.35
C LEU D 335 43.18 -10.00 17.10
N CYS D 336 42.88 -9.39 15.95
CA CYS D 336 43.53 -9.69 14.67
C CYS D 336 45.02 -9.33 14.74
N PRO D 337 45.88 -10.21 14.21
CA PRO D 337 47.33 -10.11 14.24
C PRO D 337 47.87 -9.07 13.28
N PHE D 338 47.50 -7.81 13.50
CA PHE D 338 48.04 -6.75 12.66
C PHE D 338 49.48 -6.51 13.06
N GLY D 339 49.79 -6.70 14.34
CA GLY D 339 51.15 -6.48 14.81
C GLY D 339 52.13 -7.42 14.09
N GLU D 340 51.67 -8.61 13.74
CA GLU D 340 52.50 -9.59 13.06
C GLU D 340 52.87 -9.15 11.64
N VAL D 341 52.12 -8.19 11.11
CA VAL D 341 52.34 -7.71 9.76
C VAL D 341 53.13 -6.39 9.79
N PHE D 342 52.70 -5.48 10.66
CA PHE D 342 53.27 -4.15 10.77
C PHE D 342 54.62 -4.09 11.51
N ASN D 343 54.81 -4.95 12.53
CA ASN D 343 56.03 -5.02 13.34
C ASN D 343 56.91 -6.22 12.94
N ALA D 344 56.72 -6.75 11.72
CA ALA D 344 57.47 -7.89 11.18
C ALA D 344 58.96 -7.56 11.03
N THR D 345 59.80 -8.55 11.27
CA THR D 345 61.24 -8.36 11.16
C THR D 345 61.70 -8.37 9.72
N ARG D 346 60.89 -8.97 8.86
CA ARG D 346 61.21 -9.03 7.45
C ARG D 346 59.98 -8.80 6.59
N PHE D 347 60.15 -7.96 5.59
CA PHE D 347 59.14 -7.68 4.59
C PHE D 347 59.57 -8.29 3.27
N ALA D 348 58.60 -8.66 2.46
CA ALA D 348 58.87 -9.27 1.17
C ALA D 348 59.25 -8.25 0.13
N SER D 349 59.89 -8.75 -0.92
CA SER D 349 60.21 -7.94 -2.09
C SER D 349 58.91 -7.54 -2.74
N VAL D 350 58.86 -6.37 -3.36
CA VAL D 350 57.62 -5.94 -3.97
C VAL D 350 57.20 -6.81 -5.14
N TYR D 351 58.15 -7.43 -5.84
CA TYR D 351 57.78 -8.32 -6.94
C TYR D 351 57.14 -9.60 -6.41
N ALA D 352 57.36 -9.90 -5.13
CA ALA D 352 56.91 -11.13 -4.51
C ALA D 352 56.30 -10.85 -3.14
N TRP D 353 55.30 -9.98 -3.12
CA TRP D 353 54.71 -9.48 -1.87
C TRP D 353 54.12 -10.57 -0.99
N ASN D 354 54.15 -10.35 0.32
CA ASN D 354 53.69 -11.33 1.30
C ASN D 354 52.24 -11.14 1.73
N ARG D 355 51.38 -12.04 1.29
CA ARG D 355 49.97 -11.95 1.66
C ARG D 355 49.61 -12.78 2.88
N LYS D 356 49.19 -12.11 3.94
CA LYS D 356 48.73 -12.79 5.15
C LYS D 356 47.21 -12.70 5.23
N ARG D 357 46.55 -13.83 5.43
CA ARG D 357 45.11 -13.80 5.56
C ARG D 357 44.67 -13.64 7.00
N ILE D 358 43.85 -12.63 7.24
CA ILE D 358 43.31 -12.32 8.55
C ILE D 358 41.83 -12.73 8.59
N SER D 359 41.49 -13.60 9.55
CA SER D 359 40.13 -14.12 9.64
C SER D 359 39.78 -14.53 11.07
N ASN D 360 38.49 -14.67 11.34
CA ASN D 360 38.01 -15.17 12.64
C ASN D 360 38.65 -14.46 13.83
N CYS D 361 38.61 -13.10 13.83
CA CYS D 361 39.23 -12.24 14.83
C CYS D 361 38.61 -10.86 14.93
N VAL D 362 39.04 -10.10 15.94
CA VAL D 362 38.58 -8.74 16.15
C VAL D 362 39.60 -7.73 15.64
N ALA D 363 39.22 -6.96 14.65
CA ALA D 363 40.13 -6.04 13.98
C ALA D 363 40.18 -4.67 14.63
N ASP D 364 41.19 -4.44 15.45
CA ASP D 364 41.29 -3.18 16.17
C ASP D 364 41.93 -2.14 15.26
N TYR D 365 41.14 -1.65 14.31
CA TYR D 365 41.60 -0.72 13.29
C TYR D 365 41.96 0.61 13.90
N SER D 366 41.43 0.87 15.09
CA SER D 366 41.66 2.12 15.79
C SER D 366 43.13 2.31 16.12
N VAL D 367 43.86 1.22 16.34
CA VAL D 367 45.27 1.38 16.66
C VAL D 367 46.03 1.89 15.45
N LEU D 368 45.77 1.29 14.31
CA LEU D 368 46.45 1.67 13.08
C LEU D 368 46.10 3.09 12.68
N TYR D 369 44.84 3.45 12.86
CA TYR D 369 44.38 4.80 12.54
C TYR D 369 44.92 5.86 13.49
N ASN D 370 44.82 5.60 14.80
CA ASN D 370 45.16 6.56 15.83
C ASN D 370 46.65 6.86 15.94
N SER D 371 47.52 5.89 15.65
CA SER D 371 48.94 6.16 15.83
C SER D 371 49.47 7.15 14.81
N ALA D 372 50.61 7.75 15.13
CA ALA D 372 51.27 8.69 14.24
C ALA D 372 52.45 8.06 13.52
N SER D 373 52.51 6.73 13.60
CA SER D 373 53.60 5.98 13.00
C SER D 373 53.51 5.92 11.48
N PHE D 374 52.34 6.25 10.93
CA PHE D 374 52.13 6.11 9.50
C PHE D 374 52.13 7.45 8.80
N SER D 375 52.75 7.49 7.61
CA SER D 375 52.75 8.70 6.81
C SER D 375 51.63 8.64 5.79
N THR D 376 51.21 7.42 5.45
CA THR D 376 50.15 7.17 4.50
C THR D 376 49.05 6.34 5.12
N PHE D 377 47.81 6.78 4.96
CA PHE D 377 46.64 6.04 5.44
C PHE D 377 45.47 6.35 4.50
N LYS D 378 45.49 5.72 3.33
CA LYS D 378 44.53 6.04 2.28
C LYS D 378 43.43 4.98 2.17
N CYS D 379 42.21 5.33 2.59
CA CYS D 379 41.07 4.42 2.62
C CYS D 379 40.17 4.62 1.41
N TYR D 380 39.87 3.54 0.73
CA TYR D 380 39.06 3.54 -0.47
C TYR D 380 37.77 2.73 -0.28
N GLY D 381 36.64 3.41 -0.40
CA GLY D 381 35.34 2.75 -0.27
C GLY D 381 34.88 2.67 1.17
N VAL D 382 35.77 3.02 2.09
CA VAL D 382 35.48 2.97 3.51
C VAL D 382 35.94 4.24 4.20
N SER D 383 35.38 4.52 5.36
CA SER D 383 35.80 5.65 6.18
C SER D 383 36.80 5.18 7.23
N PRO D 384 37.97 5.83 7.36
CA PRO D 384 39.08 5.45 8.21
C PRO D 384 38.73 5.43 9.70
N THR D 385 37.66 6.11 10.07
CA THR D 385 37.22 6.16 11.47
C THR D 385 36.03 5.25 11.75
N LYS D 386 35.53 4.58 10.72
CA LYS D 386 34.38 3.69 10.82
C LYS D 386 34.75 2.26 10.47
N LEU D 387 36.03 2.00 10.38
CA LEU D 387 36.52 0.69 9.94
C LEU D 387 36.06 -0.40 10.89
N ASN D 388 35.92 -0.06 12.16
CA ASN D 388 35.51 -1.03 13.17
C ASN D 388 34.11 -1.56 12.93
N ASP D 389 33.26 -0.78 12.26
CA ASP D 389 31.88 -1.17 12.06
C ASP D 389 31.68 -1.93 10.77
N LEU D 390 32.76 -2.20 10.07
CA LEU D 390 32.66 -2.90 8.80
C LEU D 390 33.12 -4.36 8.96
N CYS D 391 32.17 -5.31 8.82
CA CYS D 391 32.44 -6.74 8.98
C CYS D 391 32.69 -7.40 7.63
N PHE D 392 33.82 -8.11 7.55
CA PHE D 392 34.23 -8.77 6.32
C PHE D 392 34.50 -10.25 6.51
N THR D 393 34.44 -10.98 5.42
CA THR D 393 34.73 -12.41 5.46
C THR D 393 36.23 -12.60 5.60
N ASN D 394 36.97 -11.83 4.81
CA ASN D 394 38.41 -11.90 4.82
C ASN D 394 39.04 -10.53 4.78
N VAL D 395 40.16 -10.39 5.50
CA VAL D 395 40.99 -9.21 5.35
C VAL D 395 42.36 -9.68 4.93
N TYR D 396 42.86 -9.13 3.82
CA TYR D 396 44.16 -9.58 3.35
C TYR D 396 45.20 -8.50 3.52
N ALA D 397 46.26 -8.82 4.22
CA ALA D 397 47.33 -7.88 4.47
C ALA D 397 48.52 -8.16 3.56
N ASP D 398 48.68 -7.33 2.53
CA ASP D 398 49.77 -7.51 1.58
C ASP D 398 50.96 -6.65 1.99
N SER D 399 52.02 -7.31 2.44
CA SER D 399 53.22 -6.67 3.01
C SER D 399 54.46 -6.68 2.10
N PHE D 400 54.99 -5.49 1.83
CA PHE D 400 56.17 -5.34 0.97
C PHE D 400 56.94 -4.03 1.15
N VAL D 401 58.17 -3.99 0.63
CA VAL D 401 58.97 -2.75 0.65
C VAL D 401 59.25 -2.17 -0.73
N ILE D 402 58.99 -0.87 -0.86
CA ILE D 402 59.24 -0.07 -2.05
C ILE D 402 59.95 1.22 -1.70
N ARG D 403 60.48 1.93 -2.69
CA ARG D 403 61.09 3.24 -2.43
C ARG D 403 60.03 4.33 -2.38
N GLY D 404 60.35 5.41 -1.67
CA GLY D 404 59.46 6.56 -1.47
C GLY D 404 58.72 7.06 -2.71
N ASP D 405 59.43 7.26 -3.81
CA ASP D 405 58.78 7.78 -5.01
C ASP D 405 57.69 6.87 -5.57
N GLU D 406 57.74 5.60 -5.21
CA GLU D 406 56.79 4.61 -5.71
C GLU D 406 55.60 4.40 -4.79
N VAL D 407 55.59 5.08 -3.64
CA VAL D 407 54.49 4.93 -2.69
C VAL D 407 53.19 5.39 -3.33
N ARG D 408 53.29 6.40 -4.18
CA ARG D 408 52.14 6.96 -4.87
C ARG D 408 51.48 5.95 -5.82
N GLN D 409 52.18 4.87 -6.18
CA GLN D 409 51.64 3.89 -7.11
C GLN D 409 50.75 2.88 -6.41
N ILE D 410 50.78 2.83 -5.07
CA ILE D 410 49.98 1.82 -4.40
C ILE D 410 48.59 2.37 -4.20
N ALA D 411 47.81 2.33 -5.27
CA ALA D 411 46.46 2.86 -5.25
C ALA D 411 45.70 2.35 -6.47
N PRO D 412 44.37 2.28 -6.41
CA PRO D 412 43.50 1.96 -7.52
C PRO D 412 43.62 3.02 -8.59
N GLY D 413 43.70 2.57 -9.84
CA GLY D 413 43.77 3.49 -10.98
C GLY D 413 45.19 3.93 -11.31
N GLN D 414 46.18 3.45 -10.56
CA GLN D 414 47.56 3.86 -10.84
C GLN D 414 48.28 2.93 -11.80
N THR D 415 49.29 3.49 -12.47
CA THR D 415 50.13 2.75 -13.40
C THR D 415 51.60 3.00 -13.05
N GLY D 416 52.50 2.20 -13.62
CA GLY D 416 53.93 2.38 -13.36
C GLY D 416 54.60 1.03 -13.10
N LYS D 417 55.89 1.04 -12.82
CA LYS D 417 56.60 -0.22 -12.66
C LYS D 417 56.03 -1.06 -11.53
N ILE D 418 55.57 -0.44 -10.45
CA ILE D 418 55.06 -1.23 -9.36
C ILE D 418 53.61 -1.56 -9.61
N ALA D 419 52.84 -0.55 -9.95
CA ALA D 419 51.42 -0.75 -10.17
C ALA D 419 51.16 -1.77 -11.28
N ASP D 420 52.00 -1.81 -12.30
CA ASP D 420 51.76 -2.73 -13.41
C ASP D 420 52.56 -4.03 -13.39
N TYR D 421 53.77 -4.06 -12.79
CA TYR D 421 54.54 -5.29 -12.88
C TYR D 421 54.83 -5.99 -11.55
N ASN D 422 54.44 -5.38 -10.42
CA ASN D 422 54.78 -5.98 -9.14
C ASN D 422 53.56 -6.21 -8.25
N TYR D 423 52.88 -5.13 -7.92
CA TYR D 423 51.74 -5.16 -7.03
C TYR D 423 50.64 -4.25 -7.54
N LYS D 424 49.63 -4.83 -8.18
CA LYS D 424 48.60 -4.01 -8.78
C LYS D 424 47.31 -4.03 -7.98
N LEU D 425 46.74 -2.86 -7.74
CA LEU D 425 45.43 -2.77 -7.12
C LEU D 425 44.39 -2.48 -8.19
N PRO D 426 43.19 -3.06 -8.06
CA PRO D 426 42.05 -2.88 -8.96
C PRO D 426 41.46 -1.50 -8.80
N ASP D 427 40.83 -0.99 -9.86
CA ASP D 427 40.21 0.33 -9.84
C ASP D 427 39.12 0.43 -8.78
N ASP D 428 38.45 -0.68 -8.50
CA ASP D 428 37.39 -0.72 -7.50
C ASP D 428 37.86 -1.29 -6.17
N PHE D 429 39.16 -1.18 -5.90
CA PHE D 429 39.74 -1.63 -4.65
C PHE D 429 39.03 -1.08 -3.43
N THR D 430 38.72 -1.98 -2.51
CA THR D 430 38.12 -1.59 -1.24
C THR D 430 39.07 -2.00 -0.13
N GLY D 431 39.41 -1.04 0.71
CA GLY D 431 40.35 -1.29 1.79
C GLY D 431 41.19 -0.06 2.03
N CYS D 432 42.24 -0.19 2.85
CA CYS D 432 43.11 0.94 3.22
C CYS D 432 44.57 0.62 2.95
N VAL D 433 45.27 1.61 2.39
CA VAL D 433 46.71 1.50 2.13
C VAL D 433 47.46 2.22 3.22
N ILE D 434 48.25 1.48 3.97
CA ILE D 434 48.97 2.04 5.08
C ILE D 434 50.47 1.92 4.86
N ALA D 435 51.19 3.02 4.98
CA ALA D 435 52.64 2.95 4.74
C ALA D 435 53.40 3.91 5.63
N TRP D 436 54.66 3.56 5.89
CA TRP D 436 55.51 4.40 6.70
C TRP D 436 56.97 4.33 6.28
N ASN D 437 57.72 5.37 6.63
CA ASN D 437 59.13 5.45 6.32
C ASN D 437 59.89 4.45 7.17
N SER D 438 60.63 3.57 6.52
CA SER D 438 61.34 2.49 7.19
C SER D 438 62.83 2.60 6.94
N ASN D 439 63.29 3.81 6.65
CA ASN D 439 64.69 4.07 6.35
C ASN D 439 65.64 3.51 7.41
N ASN D 440 65.29 3.67 8.67
CA ASN D 440 66.16 3.24 9.75
C ASN D 440 66.00 1.77 10.08
N LEU D 441 65.14 1.07 9.36
CA LEU D 441 64.89 -0.32 9.62
C LEU D 441 65.50 -1.20 8.53
N ASP D 442 65.29 -0.79 7.27
CA ASP D 442 65.74 -1.59 6.14
C ASP D 442 67.05 -1.13 5.50
N SER D 443 67.36 0.16 5.55
CA SER D 443 68.55 0.61 4.82
C SER D 443 69.84 0.12 5.46
N LYS D 444 70.84 -0.15 4.63
CA LYS D 444 72.14 -0.57 5.10
C LYS D 444 73.19 0.38 4.56
N VAL D 445 74.30 0.53 5.26
CA VAL D 445 75.32 1.48 4.85
C VAL D 445 75.86 1.19 3.46
N GLY D 446 76.07 -0.09 3.15
CA GLY D 446 76.59 -0.47 1.85
C GLY D 446 75.48 -0.70 0.82
N GLY D 447 74.23 -0.48 1.23
CA GLY D 447 73.07 -0.71 0.39
C GLY D 447 72.38 -2.03 0.66
N ASN D 448 71.08 -1.96 0.93
CA ASN D 448 70.28 -3.16 1.13
C ASN D 448 69.66 -3.53 -0.19
N TYR D 449 70.20 -4.58 -0.80
CA TYR D 449 69.80 -5.00 -2.14
C TYR D 449 68.95 -6.26 -2.11
N ASN D 450 68.40 -6.57 -0.95
CA ASN D 450 67.58 -7.77 -0.80
C ASN D 450 66.16 -7.54 -1.29
N TYR D 451 65.84 -6.30 -1.61
CA TYR D 451 64.53 -5.96 -2.09
C TYR D 451 64.56 -5.71 -3.59
N LEU D 452 63.75 -6.47 -4.32
CA LEU D 452 63.73 -6.36 -5.77
C LEU D 452 62.35 -6.04 -6.29
N TYR D 453 62.35 -5.42 -7.47
CA TYR D 453 61.12 -5.12 -8.17
C TYR D 453 61.28 -5.53 -9.64
N ARG D 454 60.15 -5.79 -10.27
CA ARG D 454 60.11 -6.19 -11.67
C ARG D 454 60.07 -4.99 -12.58
N LEU D 455 60.96 -5.03 -13.56
CA LEU D 455 61.15 -3.98 -14.54
C LEU D 455 60.62 -4.41 -15.91
N PHE D 456 60.85 -5.68 -16.23
CA PHE D 456 60.48 -6.19 -17.54
C PHE D 456 59.46 -7.32 -17.45
N ARG D 457 58.36 -7.17 -18.18
CA ARG D 457 57.35 -8.22 -18.25
C ARG D 457 56.68 -8.17 -19.61
N LYS D 458 56.20 -9.33 -20.08
CA LYS D 458 55.52 -9.43 -21.36
C LYS D 458 54.24 -8.60 -21.42
N SER D 459 53.56 -8.52 -20.28
CA SER D 459 52.30 -7.78 -20.16
C SER D 459 52.12 -7.30 -18.74
N ASN D 460 51.11 -6.48 -18.52
CA ASN D 460 50.83 -5.97 -17.18
C ASN D 460 50.12 -7.03 -16.34
N LEU D 461 50.22 -6.88 -15.02
CA LEU D 461 49.59 -7.79 -14.06
C LEU D 461 48.10 -7.56 -13.92
N LYS D 462 47.40 -8.62 -13.57
CA LYS D 462 46.01 -8.51 -13.15
C LYS D 462 46.03 -8.04 -11.69
N PRO D 463 44.95 -7.45 -11.18
CA PRO D 463 44.85 -7.03 -9.80
C PRO D 463 45.20 -8.19 -8.88
N PHE D 464 46.09 -7.91 -7.94
CA PHE D 464 46.57 -8.88 -6.96
C PHE D 464 47.21 -10.14 -7.55
N GLU D 465 47.75 -10.03 -8.75
CA GLU D 465 48.49 -11.14 -9.34
C GLU D 465 49.91 -11.13 -8.82
N ARG D 466 50.43 -12.28 -8.42
CA ARG D 466 51.77 -12.35 -7.88
C ARG D 466 52.69 -13.18 -8.79
N ASP D 467 53.44 -12.49 -9.63
CA ASP D 467 54.33 -13.12 -10.61
C ASP D 467 55.76 -13.09 -10.09
N ILE D 468 56.30 -14.25 -9.75
CA ILE D 468 57.61 -14.31 -9.14
C ILE D 468 58.63 -15.05 -10.02
N SER D 469 58.34 -15.14 -11.31
CA SER D 469 59.26 -15.77 -12.26
C SER D 469 60.55 -14.96 -12.40
N THR D 470 61.67 -15.67 -12.56
CA THR D 470 62.97 -15.04 -12.73
C THR D 470 63.56 -15.31 -14.12
N GLU D 471 62.71 -15.74 -15.05
CA GLU D 471 63.14 -16.02 -16.42
C GLU D 471 63.71 -14.78 -17.06
N ILE D 472 64.84 -14.90 -17.76
CA ILE D 472 65.44 -13.73 -18.41
C ILE D 472 64.48 -13.21 -19.46
N TYR D 473 64.20 -11.92 -19.40
CA TYR D 473 63.24 -11.33 -20.31
C TYR D 473 63.79 -11.19 -21.71
N GLN D 474 63.00 -11.67 -22.67
CA GLN D 474 63.37 -11.58 -24.06
C GLN D 474 62.73 -10.37 -24.71
N ALA D 475 63.54 -9.34 -24.97
CA ALA D 475 63.02 -8.11 -25.54
C ALA D 475 62.91 -8.23 -27.05
N GLY D 476 63.76 -9.06 -27.65
CA GLY D 476 63.81 -9.22 -29.10
C GLY D 476 63.15 -10.52 -29.53
N SER D 477 63.59 -11.06 -30.66
CA SER D 477 63.01 -12.30 -31.18
C SER D 477 63.97 -13.47 -30.97
N THR D 478 65.15 -13.17 -30.43
CA THR D 478 66.18 -14.17 -30.19
C THR D 478 66.03 -14.78 -28.79
N PRO D 479 65.85 -16.10 -28.66
CA PRO D 479 65.76 -16.82 -27.41
C PRO D 479 67.02 -16.55 -26.60
N CYS D 480 66.88 -16.31 -25.29
CA CYS D 480 68.00 -16.00 -24.41
C CYS D 480 68.70 -17.29 -23.96
N ASN D 481 67.92 -18.36 -23.82
CA ASN D 481 68.45 -19.65 -23.42
C ASN D 481 69.28 -19.59 -22.14
N GLY D 482 68.85 -18.78 -21.18
CA GLY D 482 69.54 -18.68 -19.90
C GLY D 482 70.72 -17.71 -19.91
N VAL D 483 70.94 -17.01 -21.03
CA VAL D 483 72.07 -16.10 -21.13
C VAL D 483 71.65 -14.65 -21.29
N GLU D 484 72.17 -13.79 -20.41
CA GLU D 484 71.90 -12.37 -20.48
C GLU D 484 72.78 -11.74 -21.57
N GLY D 485 72.32 -10.65 -22.16
CA GLY D 485 73.04 -10.03 -23.27
C GLY D 485 72.18 -8.97 -23.93
N PHE D 486 72.48 -8.64 -25.17
CA PHE D 486 71.68 -7.62 -25.85
C PHE D 486 70.27 -8.15 -26.04
N ASN D 487 69.29 -7.38 -25.58
CA ASN D 487 67.87 -7.75 -25.59
C ASN D 487 67.50 -8.97 -24.72
N CYS D 488 68.38 -9.35 -23.78
CA CYS D 488 68.17 -10.40 -22.78
C CYS D 488 68.47 -9.83 -21.41
N TYR D 489 67.42 -9.46 -20.69
CA TYR D 489 67.62 -8.75 -19.44
C TYR D 489 66.96 -9.47 -18.29
N PHE D 490 67.62 -9.53 -17.14
CA PHE D 490 66.99 -10.15 -15.99
C PHE D 490 65.82 -9.23 -15.62
N PRO D 491 64.61 -9.76 -15.43
CA PRO D 491 63.39 -9.00 -15.23
C PRO D 491 63.34 -8.20 -13.94
N LEU D 492 64.18 -8.56 -12.97
CA LEU D 492 64.17 -7.90 -11.68
C LEU D 492 65.41 -7.05 -11.46
N GLN D 493 65.28 -6.02 -10.62
CA GLN D 493 66.41 -5.22 -10.19
C GLN D 493 66.26 -4.87 -8.72
N SER D 494 67.38 -4.78 -8.03
CA SER D 494 67.38 -4.47 -6.61
C SER D 494 67.33 -2.97 -6.32
N TYR D 495 66.84 -2.63 -5.14
CA TYR D 495 66.85 -1.24 -4.69
C TYR D 495 68.10 -0.97 -3.88
N GLY D 496 68.78 0.13 -4.16
CA GLY D 496 69.95 0.48 -3.36
C GLY D 496 69.54 1.27 -2.13
N PHE D 497 68.94 0.59 -1.15
CA PHE D 497 68.46 1.32 0.02
C PHE D 497 69.59 1.61 1.00
N GLN D 498 69.85 2.90 1.20
CA GLN D 498 70.94 3.39 2.02
C GLN D 498 70.45 4.50 2.95
N PRO D 499 71.05 4.66 4.14
CA PRO D 499 70.74 5.66 5.16
C PRO D 499 71.04 7.08 4.70
N THR D 500 71.76 7.20 3.58
CA THR D 500 72.13 8.49 3.03
C THR D 500 71.25 8.91 1.86
N ASN D 501 70.27 8.08 1.52
CA ASN D 501 69.39 8.38 0.40
C ASN D 501 68.43 9.51 0.71
N GLY D 502 68.04 10.24 -0.34
CA GLY D 502 67.00 11.25 -0.19
C GLY D 502 65.68 10.51 -0.01
N VAL D 503 64.64 11.20 0.41
CA VAL D 503 63.39 10.54 0.76
C VAL D 503 62.81 9.70 -0.36
N GLY D 504 62.87 10.19 -1.58
CA GLY D 504 62.30 9.46 -2.71
C GLY D 504 62.96 8.10 -2.94
N TYR D 505 64.17 7.91 -2.39
CA TYR D 505 64.89 6.67 -2.57
C TYR D 505 65.03 5.89 -1.26
N GLN D 506 64.36 6.36 -0.21
CA GLN D 506 64.37 5.64 1.06
C GLN D 506 63.31 4.57 0.96
N PRO D 507 63.46 3.44 1.66
CA PRO D 507 62.47 2.39 1.73
C PRO D 507 61.28 2.82 2.55
N TYR D 508 60.13 2.35 2.12
CA TYR D 508 58.88 2.46 2.83
C TYR D 508 58.25 1.10 2.98
N ARG D 509 57.73 0.82 4.16
CA ARG D 509 57.03 -0.42 4.39
C ARG D 509 55.56 -0.20 4.14
N VAL D 510 55.03 -1.01 3.26
CA VAL D 510 53.65 -0.84 2.86
C VAL D 510 52.83 -2.07 3.21
N VAL D 511 51.71 -1.84 3.86
CA VAL D 511 50.77 -2.89 4.15
C VAL D 511 49.42 -2.49 3.61
N VAL D 512 48.88 -3.29 2.71
CA VAL D 512 47.58 -2.99 2.17
C VAL D 512 46.55 -3.93 2.72
N LEU D 513 45.52 -3.39 3.35
CA LEU D 513 44.48 -4.22 3.92
C LEU D 513 43.28 -4.23 2.99
N SER D 514 43.14 -5.34 2.27
CA SER D 514 42.07 -5.52 1.30
C SER D 514 40.87 -6.13 2.00
N PHE D 515 39.71 -5.53 1.81
CA PHE D 515 38.50 -5.98 2.49
C PHE D 515 37.57 -6.75 1.58
N GLU D 516 37.38 -8.04 1.87
CA GLU D 516 36.56 -8.88 1.01
C GLU D 516 35.30 -9.40 1.69
N LEU D 517 34.16 -9.13 1.07
CA LEU D 517 32.89 -9.62 1.60
C LEU D 517 32.30 -10.68 0.67
N LEU D 518 32.20 -11.90 1.18
CA LEU D 518 31.69 -13.04 0.43
C LEU D 518 30.35 -13.46 0.99
N HIS D 519 29.73 -14.43 0.34
CA HIS D 519 28.47 -14.99 0.84
C HIS D 519 28.79 -15.89 2.02
N ALA D 520 29.11 -15.24 3.13
CA ALA D 520 29.63 -15.88 4.32
C ALA D 520 29.23 -15.04 5.55
N PRO D 521 29.32 -15.60 6.76
CA PRO D 521 29.01 -14.97 8.04
C PRO D 521 29.72 -13.64 8.34
N ALA D 522 30.86 -13.37 7.68
CA ALA D 522 31.65 -12.14 7.92
C ALA D 522 32.25 -12.20 9.32
N THR D 523 33.40 -12.83 9.44
CA THR D 523 33.97 -13.13 10.75
C THR D 523 34.90 -12.07 11.33
N VAL D 524 35.34 -11.11 10.52
CA VAL D 524 36.24 -10.10 11.07
C VAL D 524 35.54 -8.74 11.21
N CYS D 525 35.46 -8.27 12.47
CA CYS D 525 34.76 -7.02 12.84
C CYS D 525 35.63 -6.34 13.89
N GLY D 526 35.40 -5.06 14.15
CA GLY D 526 36.18 -4.36 15.16
C GLY D 526 35.65 -4.69 16.54
N PRO D 527 36.24 -4.09 17.58
CA PRO D 527 35.90 -4.23 18.97
C PRO D 527 34.57 -3.57 19.22
N LYS D 528 33.86 -4.03 20.23
CA LYS D 528 32.57 -3.44 20.54
C LYS D 528 32.64 -2.51 21.73
N LYS D 529 31.78 -1.50 21.71
CA LYS D 529 31.65 -0.56 22.81
C LYS D 529 30.97 -1.21 23.99
N SER D 530 31.41 -0.86 25.17
CA SER D 530 30.73 -1.32 26.37
C SER D 530 30.75 -0.22 27.42
N THR D 531 29.71 -0.19 28.23
CA THR D 531 29.58 0.78 29.30
C THR D 531 29.30 0.08 30.61
N ASN D 532 29.36 0.83 31.69
CA ASN D 532 29.08 0.28 33.01
C ASN D 532 27.63 -0.14 33.10
N LEU D 533 27.38 -1.22 33.82
CA LEU D 533 26.02 -1.68 34.04
C LEU D 533 25.32 -0.83 35.07
N VAL D 534 24.12 -0.38 34.76
CA VAL D 534 23.35 0.41 35.70
C VAL D 534 22.10 -0.30 36.13
N LYS D 535 21.97 -0.50 37.43
CA LYS D 535 20.85 -1.23 38.00
C LYS D 535 19.83 -0.33 38.67
N ASN D 536 18.61 -0.84 38.76
CA ASN D 536 17.50 -0.23 39.47
C ASN D 536 17.07 1.12 38.91
N LYS D 537 17.37 1.35 37.64
CA LYS D 537 16.98 2.56 36.95
C LYS D 537 16.51 2.20 35.55
N CYS D 538 15.61 3.01 34.97
CA CYS D 538 15.21 2.82 33.58
C CYS D 538 16.34 3.23 32.64
N VAL D 539 16.71 2.31 31.77
CA VAL D 539 17.74 2.60 30.80
C VAL D 539 17.31 2.11 29.43
N ASN D 540 17.93 2.68 28.42
CA ASN D 540 17.79 2.17 27.07
C ASN D 540 18.94 1.20 26.90
N PHE D 541 18.64 -0.09 26.87
CA PHE D 541 19.72 -1.07 26.91
C PHE D 541 19.93 -1.81 25.60
N ASN D 542 21.16 -2.32 25.46
CA ASN D 542 21.54 -3.18 24.36
C ASN D 542 22.51 -4.27 24.83
N PHE D 543 22.01 -5.49 25.00
CA PHE D 543 22.83 -6.62 25.43
C PHE D 543 23.06 -7.51 24.23
N ASN D 544 24.25 -7.45 23.67
CA ASN D 544 24.51 -8.12 22.40
C ASN D 544 23.54 -7.60 21.33
N GLY D 545 22.55 -8.41 20.99
CA GLY D 545 21.57 -8.03 19.97
C GLY D 545 20.17 -7.76 20.55
N LEU D 546 20.08 -7.72 21.87
CA LEU D 546 18.80 -7.55 22.55
C LEU D 546 18.61 -6.13 23.02
N THR D 547 17.62 -5.44 22.46
CA THR D 547 17.43 -4.05 22.80
C THR D 547 16.05 -3.79 23.35
N GLY D 548 15.95 -2.70 24.12
CA GLY D 548 14.67 -2.26 24.67
C GLY D 548 14.89 -1.30 25.82
N THR D 549 13.81 -0.94 26.50
CA THR D 549 13.88 -0.01 27.61
C THR D 549 13.32 -0.67 28.85
N GLY D 550 14.02 -0.55 29.97
CA GLY D 550 13.53 -1.14 31.20
C GLY D 550 14.50 -1.03 32.35
N VAL D 551 14.07 -1.56 33.49
CA VAL D 551 14.84 -1.55 34.72
C VAL D 551 15.45 -2.91 34.97
N LEU D 552 16.74 -2.94 35.22
CA LEU D 552 17.38 -4.22 35.43
C LEU D 552 17.77 -4.44 36.88
N THR D 553 17.45 -5.64 37.36
CA THR D 553 17.74 -6.03 38.74
C THR D 553 18.37 -7.41 38.77
N GLU D 554 18.92 -7.80 39.91
CA GLU D 554 19.49 -9.14 40.03
C GLU D 554 18.41 -10.19 39.86
N SER D 555 18.72 -11.22 39.07
CA SER D 555 17.79 -12.31 38.84
C SER D 555 18.05 -13.46 39.78
N ASN D 556 17.00 -14.18 40.13
CA ASN D 556 17.14 -15.41 40.90
C ASN D 556 16.86 -16.61 40.00
N LYS D 557 16.89 -16.39 38.70
CA LYS D 557 16.67 -17.44 37.72
C LYS D 557 17.98 -18.13 37.41
N LYS D 558 17.89 -19.40 37.03
CA LYS D 558 19.10 -20.12 36.67
C LYS D 558 19.07 -20.50 35.21
N PHE D 559 19.96 -19.91 34.45
CA PHE D 559 20.06 -20.19 33.04
C PHE D 559 20.97 -21.36 32.81
N LEU D 560 20.73 -22.08 31.74
CA LEU D 560 21.64 -23.13 31.37
C LEU D 560 22.88 -22.42 30.85
N PRO D 561 24.06 -23.04 30.87
CA PRO D 561 25.34 -22.47 30.47
C PRO D 561 25.38 -21.88 29.07
N PHE D 562 24.45 -22.29 28.22
CA PHE D 562 24.44 -21.80 26.85
C PHE D 562 23.29 -20.84 26.57
N GLN D 563 22.47 -20.53 27.57
CA GLN D 563 21.34 -19.66 27.34
C GLN D 563 21.71 -18.21 27.62
N GLN D 564 21.47 -17.36 26.63
CA GLN D 564 21.85 -15.96 26.70
C GLN D 564 20.77 -15.08 27.26
N PHE D 565 19.52 -15.45 27.05
CA PHE D 565 18.45 -14.63 27.59
C PHE D 565 17.21 -15.44 27.86
N GLY D 566 16.33 -14.89 28.68
CA GLY D 566 15.08 -15.53 29.01
C GLY D 566 13.91 -14.84 28.36
N ARG D 567 12.91 -15.63 28.02
CA ARG D 567 11.70 -15.15 27.39
C ARG D 567 10.47 -15.80 28.02
N ASP D 568 9.43 -15.00 28.23
CA ASP D 568 8.22 -15.49 28.88
C ASP D 568 7.20 -16.09 27.90
N ILE D 569 6.03 -16.41 28.44
CA ILE D 569 4.95 -17.07 27.70
C ILE D 569 4.30 -16.19 26.64
N ALA D 570 4.62 -14.90 26.64
CA ALA D 570 4.05 -13.95 25.71
C ALA D 570 5.12 -13.39 24.79
N ASP D 571 6.21 -14.14 24.65
CA ASP D 571 7.34 -13.81 23.80
C ASP D 571 8.04 -12.51 24.17
N THR D 572 8.04 -12.18 25.46
CA THR D 572 8.71 -10.97 25.91
C THR D 572 9.99 -11.33 26.62
N THR D 573 11.08 -10.65 26.26
CA THR D 573 12.33 -10.90 26.95
C THR D 573 12.17 -10.40 28.37
N ASP D 574 12.45 -11.25 29.36
CA ASP D 574 12.29 -10.81 30.74
C ASP D 574 13.55 -11.01 31.55
N ALA D 575 14.60 -11.49 30.90
CA ALA D 575 15.87 -11.64 31.58
C ALA D 575 16.97 -11.71 30.56
N VAL D 576 18.15 -11.25 30.92
CA VAL D 576 19.31 -11.39 30.07
C VAL D 576 20.52 -11.84 30.84
N ARG D 577 21.42 -12.51 30.16
CA ARG D 577 22.71 -12.79 30.73
C ARG D 577 23.63 -11.66 30.37
N ASP D 578 24.35 -11.14 31.35
CA ASP D 578 25.33 -10.12 31.10
C ASP D 578 26.52 -10.72 30.31
N PRO D 579 26.81 -10.23 29.10
CA PRO D 579 27.88 -10.67 28.23
C PRO D 579 29.27 -10.69 28.87
N GLN D 580 29.49 -9.85 29.88
CA GLN D 580 30.80 -9.79 30.53
C GLN D 580 30.86 -10.65 31.78
N THR D 581 30.48 -10.08 32.93
CA THR D 581 30.37 -10.86 34.15
C THR D 581 29.13 -11.70 33.95
N LEU D 582 29.18 -13.00 34.20
CA LEU D 582 28.03 -13.83 33.82
C LEU D 582 26.93 -13.80 34.88
N GLU D 583 26.39 -12.63 35.09
CA GLU D 583 25.30 -12.35 36.01
C GLU D 583 23.99 -12.39 35.26
N ILE D 584 22.95 -12.93 35.89
CA ILE D 584 21.66 -12.92 35.22
C ILE D 584 20.85 -11.76 35.77
N LEU D 585 20.33 -10.96 34.85
CA LEU D 585 19.56 -9.78 35.20
C LEU D 585 18.13 -9.89 34.71
N ASP D 586 17.19 -9.51 35.56
CA ASP D 586 15.78 -9.52 35.19
C ASP D 586 15.41 -8.17 34.62
N ILE D 587 14.56 -8.15 33.61
CA ILE D 587 14.12 -6.88 33.06
C ILE D 587 12.67 -6.59 33.41
N THR D 588 12.48 -5.51 34.14
CA THR D 588 11.16 -5.07 34.54
C THR D 588 10.83 -3.85 33.69
N PRO D 589 9.72 -3.83 32.97
CA PRO D 589 9.35 -2.75 32.08
C PRO D 589 9.19 -1.50 32.93
N CYS D 590 9.50 -0.33 32.36
CA CYS D 590 9.40 0.95 33.05
C CYS D 590 7.95 1.27 33.38
N SER D 591 7.73 1.67 34.62
CA SER D 591 6.39 1.93 35.10
C SER D 591 5.64 2.90 34.24
N PHE D 592 4.39 2.59 34.00
CA PHE D 592 3.52 3.45 33.25
C PHE D 592 2.10 3.21 33.69
N GLY D 593 1.22 4.11 33.35
CA GLY D 593 -0.19 3.89 33.64
C GLY D 593 -1.02 5.14 33.38
N GLY D 594 -2.32 4.97 33.38
CA GLY D 594 -3.19 6.09 33.14
C GLY D 594 -3.14 7.06 34.30
N VAL D 595 -3.36 8.32 34.00
CA VAL D 595 -3.43 9.33 35.05
C VAL D 595 -4.84 9.86 35.11
N SER D 596 -5.46 9.72 36.26
CA SER D 596 -6.84 10.15 36.41
C SER D 596 -6.99 11.28 37.40
N VAL D 597 -7.88 12.18 37.09
CA VAL D 597 -8.13 13.32 37.94
C VAL D 597 -9.44 13.14 38.68
N ILE D 598 -9.34 13.17 39.99
CA ILE D 598 -10.45 13.00 40.89
C ILE D 598 -10.93 14.34 41.37
N THR D 599 -12.18 14.65 41.12
CA THR D 599 -12.59 15.98 41.48
C THR D 599 -14.09 16.10 41.74
N PRO D 600 -14.49 16.97 42.67
CA PRO D 600 -15.85 17.42 42.84
C PRO D 600 -16.09 18.31 41.66
N GLY D 601 -17.32 18.55 41.28
CA GLY D 601 -17.49 19.40 40.11
C GLY D 601 -16.98 20.79 40.40
N THR D 602 -16.65 21.53 39.35
CA THR D 602 -16.14 22.91 39.46
C THR D 602 -17.17 23.90 40.03
N ASN D 603 -18.42 23.46 40.13
CA ASN D 603 -19.53 24.17 40.75
C ASN D 603 -19.36 24.25 42.29
N THR D 604 -18.52 23.35 42.85
CA THR D 604 -18.22 23.24 44.28
C THR D 604 -16.77 23.60 44.59
N SER D 605 -15.83 23.05 43.83
CA SER D 605 -14.42 23.29 44.10
C SER D 605 -13.50 23.09 42.91
N ASN D 606 -12.42 23.86 42.87
CA ASN D 606 -11.42 23.71 41.82
C ASN D 606 -10.22 22.93 42.31
N GLN D 607 -10.35 22.30 43.47
CA GLN D 607 -9.28 21.47 44.00
C GLN D 607 -9.38 20.07 43.42
N VAL D 608 -8.25 19.49 43.06
CA VAL D 608 -8.27 18.13 42.51
C VAL D 608 -7.26 17.23 43.19
N ALA D 609 -7.48 15.93 43.05
CA ALA D 609 -6.52 14.91 43.47
C ALA D 609 -6.17 14.08 42.25
N VAL D 610 -4.94 13.59 42.17
CA VAL D 610 -4.54 12.84 41.00
C VAL D 610 -4.08 11.43 41.31
N LEU D 611 -4.63 10.48 40.57
CA LEU D 611 -4.29 9.08 40.70
C LEU D 611 -3.39 8.61 39.57
N TYR D 612 -2.29 7.99 39.94
CA TYR D 612 -1.41 7.38 38.95
C TYR D 612 -1.64 5.88 39.00
N GLN D 613 -2.29 5.35 37.97
CA GLN D 613 -2.74 3.97 38.00
C GLN D 613 -1.60 2.99 37.91
N ASP D 614 -1.56 2.06 38.83
CA ASP D 614 -0.51 1.05 38.87
C ASP D 614 0.90 1.64 38.86
N VAL D 615 1.09 2.71 39.61
CA VAL D 615 2.38 3.38 39.73
C VAL D 615 2.72 3.48 41.21
N ASN D 616 4.01 3.27 41.56
CA ASN D 616 4.49 3.44 42.94
C ASN D 616 4.71 4.94 43.21
N CYS D 617 4.47 5.37 44.47
CA CYS D 617 4.62 6.79 44.83
C CYS D 617 6.09 7.20 44.84
N THR D 618 6.99 6.25 44.81
CA THR D 618 8.41 6.54 44.76
C THR D 618 8.87 6.77 43.33
N GLU D 619 7.98 6.47 42.38
CA GLU D 619 8.28 6.61 40.95
C GLU D 619 7.79 7.92 40.33
N VAL D 620 6.74 8.54 40.92
CA VAL D 620 6.12 9.76 40.43
C VAL D 620 7.03 10.95 40.77
N ASN D 641 0.27 15.15 51.07
CA ASN D 641 -0.80 14.18 50.95
C ASN D 641 -0.49 13.18 49.83
N VAL D 642 0.31 12.15 50.15
CA VAL D 642 0.64 11.07 49.21
C VAL D 642 0.23 9.73 49.82
N PHE D 643 -0.71 9.07 49.16
CA PHE D 643 -1.27 7.83 49.64
C PHE D 643 -1.10 6.69 48.66
N GLN D 644 -0.40 5.64 49.05
CA GLN D 644 -0.22 4.53 48.16
C GLN D 644 -1.36 3.55 48.36
N THR D 645 -2.12 3.30 47.29
CA THR D 645 -3.23 2.38 47.39
C THR D 645 -3.15 1.29 46.34
N ARG D 646 -4.08 0.35 46.40
CA ARG D 646 -4.07 -0.81 45.53
C ARG D 646 -4.34 -0.45 44.07
N ALA D 647 -4.95 0.70 43.86
CA ALA D 647 -5.27 1.18 42.52
C ALA D 647 -4.14 2.01 41.91
N GLY D 648 -3.10 2.32 42.69
CA GLY D 648 -2.07 3.23 42.21
C GLY D 648 -1.70 4.25 43.27
N CYS D 649 -0.98 5.31 42.89
CA CYS D 649 -0.54 6.35 43.83
C CYS D 649 -1.51 7.53 43.77
N LEU D 650 -2.12 7.84 44.91
CA LEU D 650 -3.08 8.91 44.98
C LEU D 650 -2.48 10.12 45.66
N ILE D 651 -2.41 11.23 44.93
CA ILE D 651 -1.79 12.43 45.46
C ILE D 651 -2.77 13.60 45.54
N GLY D 652 -2.82 14.23 46.71
CA GLY D 652 -3.67 15.38 46.93
C GLY D 652 -4.88 15.08 47.82
N ALA D 653 -5.20 13.80 47.96
CA ALA D 653 -6.31 13.40 48.82
C ALA D 653 -5.80 13.06 50.20
N GLU D 654 -6.56 13.43 51.22
CA GLU D 654 -6.18 13.09 52.58
C GLU D 654 -6.86 11.80 53.01
N HIS D 655 -6.06 10.78 53.30
CA HIS D 655 -6.66 9.52 53.71
C HIS D 655 -7.15 9.60 55.14
N VAL D 656 -8.34 9.06 55.38
CA VAL D 656 -8.92 9.05 56.72
C VAL D 656 -9.37 7.64 57.09
N ASN D 657 -9.54 7.39 58.41
CA ASN D 657 -10.00 6.09 58.93
C ASN D 657 -11.51 5.90 58.76
N ASN D 658 -12.30 6.99 58.78
CA ASN D 658 -13.75 6.92 58.70
C ASN D 658 -14.24 6.47 57.34
N SER D 659 -15.14 5.50 57.33
CA SER D 659 -15.75 5.04 56.10
C SER D 659 -17.02 5.81 55.86
N TYR D 660 -17.42 5.92 54.60
CA TYR D 660 -18.66 6.60 54.25
C TYR D 660 -19.26 5.91 53.04
N GLU D 661 -20.42 6.37 52.61
CA GLU D 661 -21.00 5.84 51.39
C GLU D 661 -20.08 6.27 50.26
N CYS D 662 -19.86 5.40 49.26
CA CYS D 662 -18.97 5.71 48.15
C CYS D 662 -19.50 6.90 47.33
N ASP D 663 -18.60 7.81 47.04
CA ASP D 663 -18.92 9.02 46.31
C ASP D 663 -18.23 8.98 44.95
N ILE D 664 -16.93 9.28 44.89
CA ILE D 664 -16.22 9.11 43.63
C ILE D 664 -15.31 7.91 43.74
N PRO D 665 -15.64 6.77 43.11
CA PRO D 665 -14.92 5.53 43.26
C PRO D 665 -13.55 5.62 42.64
N ILE D 666 -12.56 5.04 43.31
CA ILE D 666 -11.22 4.93 42.78
C ILE D 666 -10.93 3.51 42.36
N GLY D 667 -11.25 2.58 43.24
CA GLY D 667 -11.01 1.17 42.98
C GLY D 667 -10.45 0.46 44.19
N ALA D 668 -10.61 -0.85 44.22
CA ALA D 668 -10.08 -1.69 45.28
C ALA D 668 -10.58 -1.26 46.65
N GLY D 669 -11.85 -0.88 46.73
CA GLY D 669 -12.48 -0.53 47.99
C GLY D 669 -12.30 0.93 48.40
N ILE D 670 -11.54 1.69 47.62
CA ILE D 670 -11.30 3.07 47.97
C ILE D 670 -12.13 4.03 47.12
N CYS D 671 -12.77 4.99 47.79
CA CYS D 671 -13.57 6.06 47.19
C CYS D 671 -13.07 7.40 47.73
N ALA D 672 -13.22 8.45 46.93
CA ALA D 672 -12.87 9.79 47.34
C ALA D 672 -14.10 10.65 47.53
N SER D 673 -13.99 11.67 48.36
CA SER D 673 -15.11 12.59 48.56
C SER D 673 -14.64 13.96 48.96
N TYR D 674 -15.42 14.99 48.66
CA TYR D 674 -15.10 16.34 49.09
C TYR D 674 -15.83 16.63 50.39
N GLN D 675 -15.07 16.83 51.46
CA GLN D 675 -15.62 16.97 52.80
C GLN D 675 -15.09 18.18 53.56
N THR D 676 -15.87 18.65 54.54
CA THR D 676 -15.51 19.77 55.42
C THR D 676 -14.69 19.25 56.60
N GLN D 690 -12.03 22.95 53.72
CA GLN D 690 -12.56 21.80 53.00
C GLN D 690 -11.44 21.17 52.17
N SER D 691 -11.54 19.85 51.91
CA SER D 691 -10.53 19.10 51.14
C SER D 691 -11.09 17.80 50.57
N ILE D 692 -10.32 17.19 49.68
CA ILE D 692 -10.65 15.88 49.14
C ILE D 692 -10.05 14.81 50.04
N ILE D 693 -10.86 13.82 50.39
CA ILE D 693 -10.39 12.75 51.26
C ILE D 693 -10.50 11.42 50.56
N ALA D 694 -9.75 10.45 51.06
CA ALA D 694 -9.83 9.07 50.56
C ALA D 694 -10.14 8.14 51.72
N TYR D 695 -10.99 7.16 51.47
CA TYR D 695 -11.37 6.24 52.51
C TYR D 695 -11.83 4.91 51.96
N THR D 696 -11.86 3.90 52.83
CA THR D 696 -12.44 2.63 52.44
C THR D 696 -13.94 2.77 52.55
N MET D 697 -14.63 2.43 51.48
CA MET D 697 -16.06 2.64 51.42
C MET D 697 -16.84 1.73 52.33
N SER D 698 -17.93 2.26 52.86
CA SER D 698 -18.88 1.50 53.66
C SER D 698 -19.85 0.83 52.71
N LEU D 699 -20.34 -0.34 53.09
CA LEU D 699 -21.30 -1.01 52.24
C LEU D 699 -22.71 -0.74 52.72
N GLY D 700 -22.84 0.09 53.73
CA GLY D 700 -24.13 0.42 54.31
C GLY D 700 -24.06 0.31 55.83
N ALA D 701 -25.07 0.87 56.49
CA ALA D 701 -25.15 0.82 57.94
C ALA D 701 -25.40 -0.59 58.39
N GLU D 702 -24.86 -0.96 59.54
CA GLU D 702 -25.13 -2.28 60.09
C GLU D 702 -26.47 -2.28 60.79
N ASN D 703 -27.18 -3.40 60.71
CA ASN D 703 -28.45 -3.54 61.39
C ASN D 703 -28.66 -4.96 61.89
N SER D 704 -28.31 -5.22 63.13
CA SER D 704 -28.53 -6.56 63.65
C SER D 704 -30.02 -6.81 63.77
N VAL D 705 -30.44 -7.99 63.38
CA VAL D 705 -31.84 -8.38 63.49
C VAL D 705 -32.03 -9.12 64.80
N ALA D 706 -33.04 -8.75 65.56
CA ALA D 706 -33.27 -9.35 66.87
C ALA D 706 -33.91 -10.71 66.73
N TYR D 707 -33.14 -11.64 66.20
CA TYR D 707 -33.60 -12.99 65.97
C TYR D 707 -33.69 -13.78 67.25
N SER D 708 -34.77 -14.53 67.37
CA SER D 708 -34.97 -15.49 68.43
C SER D 708 -35.94 -16.52 67.89
N ASN D 709 -36.08 -17.67 68.57
CA ASN D 709 -36.95 -18.76 68.12
C ASN D 709 -38.43 -18.52 68.43
N ASN D 710 -38.75 -17.46 69.18
CA ASN D 710 -40.10 -17.12 69.62
C ASN D 710 -40.49 -15.66 69.42
N SER D 711 -39.89 -14.95 68.47
CA SER D 711 -40.25 -13.54 68.29
C SER D 711 -40.42 -13.19 66.83
N ILE D 712 -41.53 -12.55 66.53
CA ILE D 712 -41.84 -12.15 65.18
C ILE D 712 -42.17 -10.66 65.11
N ALA D 713 -41.69 -9.97 64.09
CA ALA D 713 -42.05 -8.56 63.96
C ALA D 713 -43.11 -8.40 62.89
N ILE D 714 -44.17 -7.68 63.22
CA ILE D 714 -45.26 -7.47 62.28
C ILE D 714 -45.58 -5.98 62.19
N PRO D 715 -45.64 -5.37 61.00
CA PRO D 715 -45.93 -3.98 60.76
C PRO D 715 -47.33 -3.65 61.20
N THR D 716 -47.49 -2.57 61.94
CA THR D 716 -48.81 -2.08 62.35
C THR D 716 -49.31 -0.94 61.46
N ASN D 717 -48.47 -0.48 60.53
CA ASN D 717 -48.71 0.61 59.61
C ASN D 717 -47.88 0.37 58.35
N PHE D 718 -48.17 1.13 57.30
CA PHE D 718 -47.51 1.04 56.00
C PHE D 718 -47.56 2.36 55.28
N THR D 719 -46.74 2.49 54.26
CA THR D 719 -46.78 3.63 53.39
C THR D 719 -46.90 3.20 51.95
N ILE D 720 -47.35 4.12 51.10
CA ILE D 720 -47.40 3.85 49.68
C ILE D 720 -46.28 4.61 49.04
N SER D 721 -45.39 3.88 48.41
CA SER D 721 -44.21 4.45 47.81
C SER D 721 -44.32 4.45 46.31
N VAL D 722 -43.89 5.54 45.70
CA VAL D 722 -43.85 5.57 44.25
C VAL D 722 -42.43 5.80 43.82
N THR D 723 -41.93 4.93 42.97
CA THR D 723 -40.57 5.06 42.49
C THR D 723 -40.57 5.18 40.98
N THR D 724 -39.51 5.75 40.44
CA THR D 724 -39.44 5.91 39.00
C THR D 724 -38.33 5.07 38.40
N GLU D 725 -38.69 4.26 37.43
CA GLU D 725 -37.72 3.47 36.71
C GLU D 725 -37.70 3.88 35.24
N ILE D 726 -36.52 4.22 34.75
CA ILE D 726 -36.41 4.71 33.39
C ILE D 726 -35.63 3.78 32.51
N LEU D 727 -36.23 3.39 31.40
CA LEU D 727 -35.57 2.52 30.44
C LEU D 727 -35.61 3.15 29.05
N PRO D 728 -34.52 3.08 28.28
CA PRO D 728 -34.48 3.45 26.90
C PRO D 728 -35.23 2.40 26.11
N VAL D 729 -35.86 2.82 25.03
CA VAL D 729 -36.56 1.91 24.15
C VAL D 729 -35.98 1.91 22.77
N SER D 730 -35.59 3.09 22.30
CA SER D 730 -35.12 3.22 20.93
C SER D 730 -34.02 4.25 20.85
N MET D 731 -33.40 4.34 19.70
CA MET D 731 -32.35 5.32 19.47
C MET D 731 -32.52 5.95 18.10
N THR D 732 -31.83 7.06 17.88
CA THR D 732 -31.93 7.78 16.62
C THR D 732 -31.63 6.90 15.42
N LYS D 733 -32.51 6.91 14.43
CA LYS D 733 -32.36 6.07 13.25
C LYS D 733 -31.43 6.70 12.23
N THR D 734 -30.14 6.62 12.50
CA THR D 734 -29.15 7.20 11.62
C THR D 734 -28.90 6.28 10.44
N SER D 735 -28.87 6.87 9.25
CA SER D 735 -28.61 6.15 8.01
C SER D 735 -27.51 6.83 7.21
N VAL D 736 -26.40 6.14 6.98
CA VAL D 736 -25.27 6.72 6.29
C VAL D 736 -25.09 6.06 4.94
N ASP D 737 -25.10 6.86 3.88
CA ASP D 737 -24.89 6.32 2.54
C ASP D 737 -23.39 6.13 2.31
N CYS D 738 -22.94 4.86 2.24
CA CYS D 738 -21.51 4.51 2.15
C CYS D 738 -20.82 5.22 1.00
N THR D 739 -21.36 5.15 -0.20
CA THR D 739 -20.68 5.75 -1.33
C THR D 739 -20.58 7.26 -1.18
N MET D 740 -21.66 7.93 -0.79
CA MET D 740 -21.60 9.37 -0.70
C MET D 740 -20.66 9.84 0.40
N TYR D 741 -20.61 9.08 1.50
CA TYR D 741 -19.73 9.37 2.61
C TYR D 741 -18.26 9.25 2.22
N ILE D 742 -17.91 8.14 1.58
CA ILE D 742 -16.51 7.91 1.21
C ILE D 742 -16.05 8.76 0.01
N CYS D 743 -16.87 8.80 -1.05
CA CYS D 743 -16.56 9.47 -2.31
C CYS D 743 -17.51 10.64 -2.55
N GLY D 744 -17.15 11.80 -2.03
CA GLY D 744 -18.02 12.96 -2.11
C GLY D 744 -18.17 13.49 -3.52
N ASP D 745 -19.11 12.92 -4.27
CA ASP D 745 -19.47 13.35 -5.62
C ASP D 745 -18.26 13.42 -6.55
N SER D 746 -17.40 12.42 -6.48
CA SER D 746 -16.23 12.34 -7.34
C SER D 746 -16.23 11.05 -8.13
N THR D 747 -16.18 11.18 -9.44
CA THR D 747 -16.25 10.04 -10.34
C THR D 747 -15.11 9.07 -10.15
N GLU D 748 -13.90 9.59 -10.01
CA GLU D 748 -12.72 8.72 -9.93
C GLU D 748 -12.78 7.82 -8.69
N CYS D 749 -13.19 8.38 -7.55
CA CYS D 749 -13.34 7.67 -6.29
C CYS D 749 -14.50 6.70 -6.39
N SER D 750 -15.62 7.17 -6.96
CA SER D 750 -16.81 6.32 -7.04
C SER D 750 -16.48 5.05 -7.79
N ASN D 751 -15.65 5.15 -8.83
CA ASN D 751 -15.27 3.99 -9.60
C ASN D 751 -14.25 3.11 -8.85
N LEU D 752 -13.29 3.73 -8.16
CA LEU D 752 -12.30 2.94 -7.43
C LEU D 752 -12.96 2.15 -6.31
N LEU D 753 -13.99 2.72 -5.71
CA LEU D 753 -14.72 2.10 -4.62
C LEU D 753 -15.45 0.84 -5.08
N LEU D 754 -15.63 0.64 -6.37
CA LEU D 754 -16.34 -0.52 -6.88
C LEU D 754 -15.50 -1.76 -6.74
N GLN D 755 -14.20 -1.58 -6.49
CA GLN D 755 -13.31 -2.71 -6.38
C GLN D 755 -13.46 -3.36 -5.02
N TYR D 756 -14.26 -2.73 -4.17
CA TYR D 756 -14.50 -3.23 -2.83
C TYR D 756 -15.79 -4.02 -2.80
N GLY D 757 -16.36 -4.24 -3.97
CA GLY D 757 -17.52 -5.10 -4.12
C GLY D 757 -18.74 -4.63 -3.35
N SER D 758 -19.23 -5.50 -2.50
CA SER D 758 -20.43 -5.30 -1.72
C SER D 758 -20.20 -4.69 -0.36
N PHE D 759 -18.98 -4.28 -0.03
CA PHE D 759 -18.78 -3.73 1.31
C PHE D 759 -19.80 -2.62 1.66
N CYS D 760 -20.04 -1.68 0.73
CA CYS D 760 -21.01 -0.61 0.93
C CYS D 760 -22.44 -1.10 0.99
N THR D 761 -22.76 -2.14 0.23
CA THR D 761 -24.11 -2.67 0.24
C THR D 761 -24.41 -3.26 1.60
N GLN D 762 -23.46 -4.02 2.13
CA GLN D 762 -23.64 -4.66 3.42
C GLN D 762 -23.73 -3.66 4.55
N LEU D 763 -22.95 -2.59 4.48
CA LEU D 763 -23.00 -1.57 5.52
C LEU D 763 -24.31 -0.81 5.48
N ASN D 764 -24.80 -0.52 4.27
CA ASN D 764 -26.06 0.19 4.15
C ASN D 764 -27.18 -0.70 4.66
N ARG D 765 -27.07 -2.00 4.41
CA ARG D 765 -28.04 -2.98 4.85
C ARG D 765 -28.08 -3.08 6.36
N ALA D 766 -26.91 -3.11 6.99
CA ALA D 766 -26.83 -3.23 8.44
C ALA D 766 -27.47 -2.05 9.13
N LEU D 767 -27.24 -0.84 8.62
CA LEU D 767 -27.84 0.32 9.24
C LEU D 767 -29.34 0.35 9.02
N THR D 768 -29.79 -0.11 7.85
CA THR D 768 -31.22 -0.18 7.61
C THR D 768 -31.85 -1.14 8.59
N GLY D 769 -31.21 -2.28 8.82
CA GLY D 769 -31.75 -3.26 9.74
C GLY D 769 -31.96 -2.65 11.12
N ILE D 770 -31.00 -1.84 11.57
CA ILE D 770 -31.16 -1.19 12.85
C ILE D 770 -32.32 -0.22 12.80
N ALA D 771 -32.40 0.58 11.76
CA ALA D 771 -33.45 1.58 11.66
C ALA D 771 -34.84 0.94 11.73
N VAL D 772 -35.01 -0.21 11.09
CA VAL D 772 -36.30 -0.89 11.14
C VAL D 772 -36.58 -1.38 12.55
N GLU D 773 -35.56 -1.97 13.16
CA GLU D 773 -35.65 -2.51 14.50
C GLU D 773 -36.08 -1.45 15.50
N GLN D 774 -35.68 -0.21 15.32
CA GLN D 774 -36.04 0.82 16.27
C GLN D 774 -37.55 1.03 16.33
N ASP D 775 -38.25 0.83 15.22
CA ASP D 775 -39.70 1.01 15.26
C ASP D 775 -40.35 -0.22 15.84
N LYS D 776 -39.74 -1.37 15.59
CA LYS D 776 -40.24 -2.59 16.15
C LYS D 776 -40.19 -2.52 17.67
N ASN D 777 -39.08 -2.00 18.20
CA ASN D 777 -38.91 -1.89 19.64
C ASN D 777 -39.95 -0.98 20.24
N THR D 778 -40.22 0.13 19.57
CA THR D 778 -41.19 1.07 20.08
C THR D 778 -42.57 0.45 20.13
N GLN D 779 -42.95 -0.28 19.08
CA GLN D 779 -44.26 -0.88 19.07
C GLN D 779 -44.39 -1.96 20.15
N GLU D 780 -43.37 -2.76 20.35
CA GLU D 780 -43.45 -3.80 21.36
C GLU D 780 -43.66 -3.24 22.75
N VAL D 781 -43.04 -2.11 23.02
CA VAL D 781 -43.17 -1.50 24.33
C VAL D 781 -44.50 -0.79 24.53
N PHE D 782 -44.94 0.00 23.56
CA PHE D 782 -46.13 0.80 23.79
C PHE D 782 -47.43 0.26 23.20
N ALA D 783 -47.36 -0.39 22.05
CA ALA D 783 -48.57 -0.80 21.38
C ALA D 783 -49.04 -2.16 21.85
N GLN D 784 -49.36 -2.27 23.13
CA GLN D 784 -49.83 -3.52 23.71
C GLN D 784 -51.32 -3.50 23.94
N VAL D 785 -51.95 -2.43 23.53
CA VAL D 785 -53.37 -2.27 23.71
C VAL D 785 -54.02 -2.08 22.35
N LYS D 786 -55.09 -2.82 22.09
CA LYS D 786 -55.74 -2.78 20.78
C LYS D 786 -56.84 -1.73 20.68
N GLN D 787 -57.15 -1.11 21.79
CA GLN D 787 -58.17 -0.08 21.82
C GLN D 787 -57.66 1.14 22.55
N ILE D 788 -58.17 2.30 22.19
CA ILE D 788 -57.79 3.49 22.89
C ILE D 788 -58.83 3.83 23.93
N TYR D 789 -58.45 3.61 25.18
CA TYR D 789 -59.32 3.83 26.30
C TYR D 789 -59.18 5.26 26.75
N LYS D 790 -60.24 5.80 27.31
CA LYS D 790 -60.20 7.16 27.82
C LYS D 790 -60.83 7.22 29.19
N THR D 791 -60.32 8.10 30.03
CA THR D 791 -60.92 8.29 31.33
C THR D 791 -62.21 9.07 31.16
N PRO D 792 -63.14 8.98 32.10
CA PRO D 792 -64.38 9.71 32.11
C PRO D 792 -64.14 11.19 32.39
N PRO D 793 -65.07 12.07 32.00
CA PRO D 793 -65.17 13.48 32.35
C PRO D 793 -65.15 13.73 33.85
N ILE D 794 -65.68 12.80 34.63
CA ILE D 794 -65.69 12.97 36.07
C ILE D 794 -64.63 12.11 36.72
N LYS D 795 -63.60 12.75 37.23
CA LYS D 795 -62.46 12.03 37.78
C LYS D 795 -62.69 11.62 39.22
N ASP D 796 -63.62 10.72 39.45
CA ASP D 796 -63.89 10.25 40.80
C ASP D 796 -63.34 8.85 41.00
N PHE D 797 -62.17 8.77 41.60
CA PHE D 797 -61.51 7.50 41.77
C PHE D 797 -61.41 7.16 43.25
N GLY D 798 -62.29 7.76 44.04
CA GLY D 798 -62.33 7.47 45.47
C GLY D 798 -61.26 8.20 46.26
N GLY D 799 -60.82 9.35 45.76
CA GLY D 799 -59.80 10.14 46.46
C GLY D 799 -58.43 10.00 45.83
N PHE D 800 -58.30 9.10 44.88
CA PHE D 800 -57.03 8.93 44.20
C PHE D 800 -56.90 9.93 43.06
N ASN D 801 -55.90 10.81 43.16
CA ASN D 801 -55.63 11.90 42.23
C ASN D 801 -54.59 11.48 41.19
N PHE D 802 -55.00 11.37 39.92
CA PHE D 802 -54.13 10.96 38.82
C PHE D 802 -53.82 12.11 37.89
N SER D 803 -54.03 13.34 38.35
CA SER D 803 -53.86 14.50 37.48
C SER D 803 -52.44 14.69 36.98
N GLN D 804 -51.47 14.10 37.65
CA GLN D 804 -50.10 14.31 37.23
C GLN D 804 -49.62 13.24 36.25
N ILE D 805 -50.42 12.20 36.06
CA ILE D 805 -50.02 11.14 35.16
C ILE D 805 -50.92 11.10 33.92
N LEU D 806 -52.12 11.65 34.02
CA LEU D 806 -53.04 11.74 32.89
C LEU D 806 -52.77 13.01 32.10
N PRO D 807 -52.99 13.01 30.79
CA PRO D 807 -52.82 14.15 29.92
C PRO D 807 -53.85 15.21 30.21
N ASP D 808 -53.48 16.46 30.05
CA ASP D 808 -54.43 17.54 30.24
C ASP D 808 -54.74 18.18 28.89
N PRO D 809 -55.87 18.89 28.75
CA PRO D 809 -56.27 19.65 27.60
C PRO D 809 -55.71 21.07 27.54
N SER D 810 -54.77 21.41 28.42
CA SER D 810 -54.23 22.76 28.42
C SER D 810 -53.05 22.84 27.46
N LYS D 811 -52.23 21.80 27.44
CA LYS D 811 -51.10 21.76 26.54
C LYS D 811 -51.52 21.19 25.19
N PRO D 812 -51.03 21.75 24.08
CA PRO D 812 -51.32 21.32 22.72
C PRO D 812 -50.74 19.94 22.41
N SER D 813 -49.79 19.52 23.24
CA SER D 813 -49.14 18.23 23.10
C SER D 813 -49.96 17.10 23.70
N LYS D 814 -50.99 17.44 24.45
CA LYS D 814 -51.84 16.45 25.11
C LYS D 814 -51.03 15.46 25.95
N ARG D 815 -50.11 15.98 26.72
CA ARG D 815 -49.27 15.15 27.59
C ARG D 815 -49.55 15.47 29.05
N SER D 816 -49.14 14.58 29.94
CA SER D 816 -49.33 14.77 31.37
C SER D 816 -48.30 15.76 31.91
N PRO D 817 -48.53 16.37 33.07
CA PRO D 817 -47.57 17.16 33.84
C PRO D 817 -46.24 16.45 34.01
N ILE D 818 -46.24 15.18 34.42
CA ILE D 818 -44.97 14.48 34.53
C ILE D 818 -44.31 14.29 33.18
N GLU D 819 -45.08 13.92 32.16
CA GLU D 819 -44.47 13.78 30.86
C GLU D 819 -43.89 15.11 30.39
N ASP D 820 -44.56 16.21 30.69
CA ASP D 820 -44.04 17.50 30.28
C ASP D 820 -42.62 17.68 30.79
N LEU D 821 -42.38 17.28 32.04
CA LEU D 821 -41.04 17.39 32.60
C LEU D 821 -40.08 16.43 31.91
N LEU D 822 -40.54 15.20 31.66
CA LEU D 822 -39.66 14.20 31.08
C LEU D 822 -39.18 14.61 29.71
N PHE D 823 -40.05 15.25 28.94
CA PHE D 823 -39.67 15.72 27.61
C PHE D 823 -38.81 16.97 27.67
N ASN D 824 -39.19 17.92 28.52
CA ASN D 824 -38.45 19.18 28.59
C ASN D 824 -37.05 19.01 29.16
N LYS D 825 -36.82 18.01 29.99
CA LYS D 825 -35.52 17.84 30.62
C LYS D 825 -34.49 16.94 29.93
N VAL D 826 -34.76 16.45 28.69
CA VAL D 826 -33.77 15.62 27.95
C VAL D 826 -33.23 16.44 26.77
N ASN D 856 -22.35 15.42 4.43
CA ASN D 856 -21.54 14.26 4.75
C ASN D 856 -22.13 12.93 4.22
N GLY D 857 -23.31 13.00 3.58
CA GLY D 857 -23.98 11.83 2.97
C GLY D 857 -24.83 11.03 3.95
N LEU D 858 -25.08 11.58 5.12
CA LEU D 858 -25.90 10.88 6.09
C LEU D 858 -27.16 11.65 6.42
N THR D 859 -28.21 10.91 6.76
CA THR D 859 -29.49 11.46 7.14
C THR D 859 -30.03 10.78 8.38
N VAL D 860 -31.05 11.36 8.99
CA VAL D 860 -31.73 10.75 10.12
C VAL D 860 -33.20 10.57 9.80
N LEU D 861 -33.68 9.35 9.93
CA LEU D 861 -35.06 9.06 9.58
C LEU D 861 -35.94 9.24 10.80
N PRO D 862 -37.18 9.74 10.63
CA PRO D 862 -38.15 9.91 11.68
C PRO D 862 -38.72 8.55 12.07
N PRO D 863 -39.19 8.40 13.30
CA PRO D 863 -39.87 7.25 13.84
C PRO D 863 -41.25 7.15 13.24
N LEU D 864 -41.80 5.95 13.19
CA LEU D 864 -43.18 5.81 12.73
C LEU D 864 -44.15 6.42 13.71
N LEU D 865 -43.93 6.21 14.99
CA LEU D 865 -44.82 6.76 15.99
C LEU D 865 -44.27 8.03 16.57
N THR D 866 -44.99 9.13 16.36
CA THR D 866 -44.58 10.44 16.81
C THR D 866 -44.85 10.57 18.29
N ASP D 867 -44.32 11.61 18.93
CA ASP D 867 -44.52 11.77 20.36
C ASP D 867 -46.00 11.79 20.70
N GLU D 868 -46.81 12.38 19.82
CA GLU D 868 -48.23 12.44 20.01
C GLU D 868 -48.87 11.04 20.03
N MET D 869 -48.34 10.12 19.23
CA MET D 869 -48.91 8.79 19.17
C MET D 869 -48.46 7.95 20.33
N ILE D 870 -47.25 8.20 20.81
CA ILE D 870 -46.77 7.49 21.96
C ILE D 870 -47.58 7.94 23.16
N ALA D 871 -47.83 9.25 23.24
CA ALA D 871 -48.63 9.80 24.31
C ALA D 871 -50.03 9.22 24.30
N GLN D 872 -50.60 9.01 23.11
CA GLN D 872 -51.92 8.41 23.04
C GLN D 872 -51.90 6.97 23.53
N TYR D 873 -50.83 6.24 23.23
CA TYR D 873 -50.75 4.87 23.74
C TYR D 873 -50.64 4.86 25.24
N THR D 874 -49.83 5.73 25.82
CA THR D 874 -49.70 5.73 27.27
C THR D 874 -50.98 6.21 27.90
N SER D 875 -51.69 7.12 27.26
CA SER D 875 -52.95 7.59 27.78
C SER D 875 -53.93 6.43 27.83
N ALA D 876 -53.98 5.64 26.76
CA ALA D 876 -54.87 4.48 26.71
C ALA D 876 -54.52 3.48 27.78
N LEU D 877 -53.23 3.28 28.01
CA LEU D 877 -52.82 2.33 29.01
C LEU D 877 -53.20 2.81 30.39
N LEU D 878 -53.08 4.10 30.66
CA LEU D 878 -53.48 4.60 31.97
C LEU D 878 -54.97 4.55 32.13
N ALA D 879 -55.71 4.91 31.10
CA ALA D 879 -57.14 4.90 31.22
C ALA D 879 -57.60 3.48 31.48
N GLY D 880 -56.99 2.52 30.81
CA GLY D 880 -57.30 1.12 31.00
C GLY D 880 -56.97 0.69 32.42
N THR D 881 -55.75 0.98 32.85
CA THR D 881 -55.27 0.60 34.16
C THR D 881 -56.15 1.16 35.25
N ILE D 882 -56.55 2.41 35.11
CA ILE D 882 -57.36 3.08 36.10
C ILE D 882 -58.81 2.62 36.13
N THR D 883 -59.45 2.46 34.98
CA THR D 883 -60.87 2.13 35.00
C THR D 883 -61.20 0.64 34.92
N SER D 884 -60.28 -0.20 34.45
CA SER D 884 -60.58 -1.62 34.31
C SER D 884 -59.50 -2.55 34.88
N GLY D 885 -58.51 -1.99 35.55
CA GLY D 885 -57.46 -2.79 36.13
C GLY D 885 -56.70 -3.59 35.10
N TRP D 886 -56.53 -4.88 35.35
CA TRP D 886 -55.81 -5.75 34.44
C TRP D 886 -56.70 -6.45 33.43
N THR D 887 -58.00 -6.22 33.52
CA THR D 887 -58.89 -7.01 32.68
C THR D 887 -58.76 -6.64 31.22
N PHE D 888 -58.37 -5.41 30.93
CA PHE D 888 -58.23 -5.00 29.54
C PHE D 888 -56.98 -5.60 28.94
N GLY D 889 -56.01 -5.91 29.78
CA GLY D 889 -54.77 -6.49 29.29
C GLY D 889 -55.03 -7.91 28.82
N ALA D 890 -55.89 -8.61 29.56
CA ALA D 890 -56.21 -10.01 29.32
C ALA D 890 -57.39 -10.21 28.36
N GLY D 891 -57.99 -9.13 27.87
CA GLY D 891 -59.14 -9.28 26.99
C GLY D 891 -59.98 -8.00 26.94
N PRO D 892 -61.30 -8.07 27.19
CA PRO D 892 -62.22 -6.96 27.16
C PRO D 892 -61.98 -6.08 28.37
N ALA D 893 -62.18 -4.79 28.24
CA ALA D 893 -62.03 -3.92 29.39
C ALA D 893 -63.28 -3.94 30.24
N LEU D 894 -63.14 -4.41 31.46
CA LEU D 894 -64.25 -4.53 32.38
C LEU D 894 -64.16 -3.46 33.45
N GLN D 895 -65.13 -2.57 33.51
CA GLN D 895 -65.06 -1.49 34.47
C GLN D 895 -65.10 -2.00 35.89
N ILE D 896 -64.36 -1.32 36.76
CA ILE D 896 -64.38 -1.59 38.19
C ILE D 896 -64.13 -0.27 38.92
N PRO D 897 -64.78 0.03 40.06
CA PRO D 897 -64.50 1.18 40.87
C PRO D 897 -63.05 1.16 41.25
N PHE D 898 -62.38 2.31 41.21
CA PHE D 898 -60.97 2.28 41.50
C PHE D 898 -60.65 1.70 42.89
N PRO D 899 -61.33 2.11 43.97
CA PRO D 899 -61.11 1.58 45.31
C PRO D 899 -61.18 0.07 45.35
N MET D 900 -62.04 -0.53 44.54
CA MET D 900 -62.12 -1.98 44.53
C MET D 900 -60.93 -2.57 43.81
N GLN D 901 -60.50 -1.92 42.75
CA GLN D 901 -59.32 -2.38 42.05
C GLN D 901 -58.16 -2.41 43.01
N MET D 902 -58.04 -1.38 43.84
CA MET D 902 -56.98 -1.36 44.82
C MET D 902 -57.16 -2.48 45.81
N ALA D 903 -58.39 -2.77 46.19
CA ALA D 903 -58.65 -3.83 47.14
C ALA D 903 -58.12 -5.15 46.62
N TYR D 904 -58.27 -5.37 45.32
CA TYR D 904 -57.83 -6.62 44.74
C TYR D 904 -56.32 -6.67 44.75
N ARG D 905 -55.70 -5.53 44.49
CA ARG D 905 -54.25 -5.41 44.46
C ARG D 905 -53.65 -5.57 45.86
N PHE D 906 -54.36 -5.11 46.89
CA PHE D 906 -53.90 -5.34 48.25
C PHE D 906 -54.01 -6.80 48.62
N ASN D 907 -55.12 -7.42 48.24
CA ASN D 907 -55.31 -8.82 48.56
C ASN D 907 -54.20 -9.64 47.91
N GLY D 908 -53.78 -9.22 46.74
CA GLY D 908 -52.75 -9.88 45.96
C GLY D 908 -51.37 -9.88 46.61
N ILE D 909 -51.16 -9.06 47.63
CA ILE D 909 -49.87 -9.01 48.32
C ILE D 909 -49.97 -9.51 49.74
N GLY D 910 -51.06 -10.19 50.07
CA GLY D 910 -51.21 -10.77 51.39
C GLY D 910 -51.81 -9.82 52.42
N VAL D 911 -52.48 -8.76 51.97
CA VAL D 911 -53.11 -7.84 52.90
C VAL D 911 -54.61 -7.87 52.64
N THR D 912 -55.40 -8.26 53.63
CA THR D 912 -56.81 -8.43 53.37
C THR D 912 -57.43 -7.10 52.98
N GLN D 913 -58.49 -7.17 52.17
CA GLN D 913 -59.09 -6.00 51.55
C GLN D 913 -59.74 -5.02 52.50
N ASN D 914 -60.04 -5.45 53.70
CA ASN D 914 -60.65 -4.54 54.63
C ASN D 914 -59.65 -3.49 55.05
N VAL D 915 -58.36 -3.77 54.89
CA VAL D 915 -57.36 -2.82 55.30
C VAL D 915 -57.48 -1.60 54.44
N LEU D 916 -57.66 -1.80 53.14
CA LEU D 916 -57.81 -0.69 52.24
C LEU D 916 -59.02 0.13 52.56
N TYR D 917 -60.16 -0.51 52.74
CA TYR D 917 -61.36 0.27 52.94
C TYR D 917 -61.32 1.03 54.23
N GLU D 918 -60.82 0.40 55.28
CA GLU D 918 -60.77 1.06 56.56
C GLU D 918 -59.80 2.24 56.53
N ASN D 919 -58.74 2.10 55.74
CA ASN D 919 -57.74 3.14 55.61
C ASN D 919 -57.79 3.82 54.25
N GLN D 920 -58.93 3.78 53.56
CA GLN D 920 -58.97 4.34 52.22
C GLN D 920 -58.55 5.79 52.15
N LYS D 921 -58.94 6.60 53.13
CA LYS D 921 -58.57 8.00 53.07
C LYS D 921 -57.08 8.17 53.22
N LEU D 922 -56.48 7.38 54.10
CA LEU D 922 -55.05 7.46 54.33
C LEU D 922 -54.28 7.01 53.10
N ILE D 923 -54.72 5.92 52.51
CA ILE D 923 -54.05 5.37 51.36
C ILE D 923 -54.12 6.31 50.20
N ALA D 924 -55.28 6.89 49.95
CA ALA D 924 -55.40 7.85 48.87
C ALA D 924 -54.51 9.05 49.11
N ASN D 925 -54.41 9.51 50.36
CA ASN D 925 -53.57 10.66 50.63
C ASN D 925 -52.09 10.34 50.48
N GLN D 926 -51.68 9.15 50.92
CA GLN D 926 -50.27 8.78 50.78
C GLN D 926 -49.93 8.65 49.31
N PHE D 927 -50.86 8.10 48.54
CA PHE D 927 -50.66 7.95 47.11
C PHE D 927 -50.50 9.29 46.44
N ASN D 928 -51.41 10.21 46.74
CA ASN D 928 -51.41 11.50 46.09
C ASN D 928 -50.14 12.27 46.40
N SER D 929 -49.66 12.16 47.64
CA SER D 929 -48.43 12.84 48.00
C SER D 929 -47.25 12.23 47.29
N ALA D 930 -47.21 10.89 47.19
CA ALA D 930 -46.11 10.23 46.52
C ALA D 930 -46.01 10.65 45.06
N ILE D 931 -47.15 10.80 44.38
CA ILE D 931 -47.10 11.22 42.99
C ILE D 931 -46.55 12.64 42.89
N GLY D 932 -47.00 13.52 43.77
CA GLY D 932 -46.51 14.89 43.76
C GLY D 932 -45.00 14.92 43.96
N LYS D 933 -44.49 14.05 44.81
CA LYS D 933 -43.06 13.98 45.06
C LYS D 933 -42.29 13.61 43.80
N ILE D 934 -42.87 12.77 42.95
CA ILE D 934 -42.18 12.37 41.74
C ILE D 934 -41.94 13.54 40.82
N GLN D 935 -42.95 14.38 40.66
CA GLN D 935 -42.77 15.52 39.77
C GLN D 935 -41.64 16.40 40.28
N ASP D 936 -41.59 16.62 41.59
CA ASP D 936 -40.55 17.46 42.17
C ASP D 936 -39.19 16.80 42.13
N SER D 937 -39.15 15.48 42.32
CA SER D 937 -37.89 14.74 42.31
C SER D 937 -37.24 14.80 40.95
N LEU D 938 -38.04 14.61 39.89
CA LEU D 938 -37.51 14.64 38.54
C LEU D 938 -37.01 16.03 38.19
N SER D 939 -37.75 17.05 38.62
CA SER D 939 -37.36 18.43 38.36
C SER D 939 -36.06 18.80 39.07
N SER D 940 -35.99 18.44 40.35
CA SER D 940 -34.86 18.78 41.20
C SER D 940 -33.55 18.10 40.82
N THR D 941 -33.59 16.81 40.51
CA THR D 941 -32.37 16.07 40.23
C THR D 941 -32.12 15.93 38.71
N PRO D 942 -31.10 16.61 38.15
CA PRO D 942 -30.80 16.67 36.73
C PRO D 942 -30.32 15.33 36.18
N SER D 943 -29.87 14.46 37.08
CA SER D 943 -29.34 13.16 36.70
C SER D 943 -30.43 12.09 36.68
N ALA D 944 -31.65 12.50 37.04
CA ALA D 944 -32.76 11.57 37.17
C ALA D 944 -33.04 10.84 35.86
N LEU D 945 -32.83 11.51 34.73
CA LEU D 945 -33.10 10.91 33.43
C LEU D 945 -31.80 10.61 32.70
N GLY D 946 -30.74 10.39 33.46
CA GLY D 946 -29.42 10.17 32.91
C GLY D 946 -29.36 9.02 31.92
N LYS D 947 -30.16 7.98 32.12
CA LYS D 947 -30.13 6.86 31.20
C LYS D 947 -30.54 7.24 29.77
N LEU D 948 -31.51 8.14 29.64
CA LEU D 948 -31.98 8.47 28.30
C LEU D 948 -31.02 9.42 27.66
N GLN D 949 -30.45 10.32 28.47
CA GLN D 949 -29.51 11.28 27.94
C GLN D 949 -28.25 10.57 27.50
N ASP D 950 -27.88 9.52 28.22
CA ASP D 950 -26.68 8.76 27.88
C ASP D 950 -26.82 8.09 26.53
N VAL D 951 -27.99 7.56 26.22
CA VAL D 951 -28.18 6.95 24.91
C VAL D 951 -28.00 7.98 23.83
N VAL D 952 -28.56 9.16 24.04
CA VAL D 952 -28.44 10.23 23.08
C VAL D 952 -26.99 10.64 22.91
N ASN D 953 -26.27 10.75 24.01
CA ASN D 953 -24.88 11.17 23.96
C ASN D 953 -24.01 10.16 23.23
N GLN D 954 -24.25 8.87 23.45
CA GLN D 954 -23.43 7.86 22.79
C GLN D 954 -23.62 7.89 21.29
N ASN D 955 -24.85 8.10 20.84
CA ASN D 955 -25.11 8.12 19.41
C ASN D 955 -24.56 9.40 18.80
N ALA D 956 -24.66 10.51 19.55
CA ALA D 956 -24.13 11.76 19.05
C ALA D 956 -22.62 11.67 18.86
N GLN D 957 -21.95 11.03 19.80
CA GLN D 957 -20.52 10.87 19.71
C GLN D 957 -20.15 9.99 18.54
N ALA D 958 -20.95 8.94 18.31
CA ALA D 958 -20.67 8.04 17.21
C ALA D 958 -20.68 8.78 15.88
N LEU D 959 -21.61 9.72 15.73
CA LEU D 959 -21.69 10.46 14.47
C LEU D 959 -20.58 11.48 14.34
N ASN D 960 -20.25 12.15 15.45
CA ASN D 960 -19.20 13.14 15.38
C ASN D 960 -17.85 12.48 15.13
N THR D 961 -17.67 11.28 15.66
CA THR D 961 -16.43 10.56 15.43
C THR D 961 -16.34 10.19 13.97
N LEU D 962 -17.44 9.73 13.39
CA LEU D 962 -17.43 9.35 11.98
C LEU D 962 -17.03 10.55 11.13
N VAL D 963 -17.56 11.73 11.44
CA VAL D 963 -17.20 12.92 10.68
C VAL D 963 -15.73 13.29 10.86
N LYS D 964 -15.22 13.21 12.09
CA LYS D 964 -13.82 13.52 12.30
C LYS D 964 -12.92 12.62 11.45
N GLN D 965 -13.31 11.36 11.31
CA GLN D 965 -12.51 10.45 10.49
C GLN D 965 -12.56 10.85 9.03
N LEU D 966 -13.68 11.41 8.59
CA LEU D 966 -13.84 11.86 7.22
C LEU D 966 -12.77 12.88 6.88
N SER D 967 -12.40 13.68 7.86
CA SER D 967 -11.41 14.76 7.70
C SER D 967 -9.96 14.31 7.87
N SER D 968 -9.71 13.04 8.18
CA SER D 968 -8.35 12.56 8.40
C SER D 968 -7.67 12.18 7.08
N ASN D 969 -6.34 12.06 7.12
CA ASN D 969 -5.57 11.75 5.92
C ASN D 969 -5.35 10.27 5.68
N PHE D 970 -5.19 9.50 6.74
CA PHE D 970 -4.94 8.07 6.64
C PHE D 970 -3.74 7.72 5.77
N GLY D 971 -2.73 8.57 5.76
CA GLY D 971 -1.53 8.32 4.95
C GLY D 971 -1.60 9.03 3.60
N ALA D 972 -2.75 9.59 3.28
CA ALA D 972 -2.93 10.29 2.02
C ALA D 972 -2.22 11.63 2.03
N ILE D 973 -1.88 12.11 0.84
CA ILE D 973 -1.26 13.41 0.64
C ILE D 973 -2.16 14.56 1.10
N SER D 974 -3.46 14.31 1.12
CA SER D 974 -4.44 15.28 1.54
C SER D 974 -5.73 14.63 1.97
N SER D 975 -6.36 15.19 2.99
CA SER D 975 -7.65 14.73 3.47
C SER D 975 -8.79 15.10 2.53
N VAL D 976 -8.52 15.99 1.59
CA VAL D 976 -9.53 16.47 0.66
C VAL D 976 -9.40 15.79 -0.69
N LEU D 977 -10.45 15.11 -1.09
CA LEU D 977 -10.45 14.34 -2.32
C LEU D 977 -10.28 15.22 -3.54
N ASN D 978 -10.90 16.39 -3.51
CA ASN D 978 -10.82 17.31 -4.64
C ASN D 978 -9.41 17.85 -4.82
N ASP D 979 -8.67 17.99 -3.72
CA ASP D 979 -7.32 18.51 -3.81
C ASP D 979 -6.39 17.45 -4.38
N ILE D 980 -6.65 16.19 -4.05
CA ILE D 980 -5.84 15.13 -4.60
C ILE D 980 -6.01 15.09 -6.11
N LEU D 981 -7.25 15.16 -6.56
CA LEU D 981 -7.55 15.11 -7.98
C LEU D 981 -6.98 16.31 -8.72
N SER D 982 -7.02 17.48 -8.10
CA SER D 982 -6.47 18.69 -8.72
C SER D 982 -4.94 18.67 -8.81
N ARG D 983 -4.28 18.25 -7.72
CA ARG D 983 -2.83 18.28 -7.63
C ARG D 983 -2.11 17.14 -8.34
N LEU D 984 -2.68 15.94 -8.33
CA LEU D 984 -1.98 14.81 -8.89
C LEU D 984 -2.62 14.24 -10.15
N ASP D 985 -1.79 13.90 -11.12
CA ASP D 985 -2.27 13.22 -12.31
C ASP D 985 -2.81 11.86 -11.86
N PRO D 986 -3.80 11.28 -12.55
CA PRO D 986 -4.44 10.01 -12.24
C PRO D 986 -3.52 8.86 -11.79
N PRO D 987 -2.33 8.61 -12.39
CA PRO D 987 -1.43 7.53 -12.01
C PRO D 987 -0.92 7.67 -10.59
N GLU D 988 -1.00 8.88 -10.04
CA GLU D 988 -0.56 9.15 -8.68
C GLU D 988 -1.76 9.39 -7.77
N ALA D 989 -2.79 10.02 -8.33
CA ALA D 989 -3.98 10.34 -7.57
C ALA D 989 -4.65 9.06 -7.10
N GLU D 990 -4.62 8.03 -7.95
CA GLU D 990 -5.25 6.77 -7.60
C GLU D 990 -4.75 6.23 -6.28
N VAL D 991 -3.45 6.36 -6.02
CA VAL D 991 -2.89 5.84 -4.79
C VAL D 991 -3.37 6.63 -3.60
N GLN D 992 -3.36 7.95 -3.73
CA GLN D 992 -3.76 8.78 -2.61
C GLN D 992 -5.26 8.64 -2.33
N ILE D 993 -6.04 8.43 -3.38
CA ILE D 993 -7.47 8.23 -3.25
C ILE D 993 -7.72 6.89 -2.59
N ASP D 994 -6.98 5.87 -3.01
CA ASP D 994 -7.13 4.54 -2.45
C ASP D 994 -6.86 4.58 -0.95
N ARG D 995 -5.89 5.39 -0.52
CA ARG D 995 -5.62 5.50 0.91
C ARG D 995 -6.81 6.12 1.64
N LEU D 996 -7.42 7.16 1.05
CA LEU D 996 -8.59 7.74 1.70
C LEU D 996 -9.75 6.77 1.70
N ILE D 997 -9.91 5.98 0.64
CA ILE D 997 -11.01 5.03 0.60
C ILE D 997 -10.85 3.95 1.66
N THR D 998 -9.64 3.40 1.79
CA THR D 998 -9.45 2.35 2.78
C THR D 998 -9.71 2.91 4.16
N GLY D 999 -9.18 4.09 4.44
CA GLY D 999 -9.35 4.72 5.73
C GLY D 999 -10.81 5.02 6.05
N ARG D 1000 -11.51 5.65 5.11
CA ARG D 1000 -12.89 6.01 5.31
C ARG D 1000 -13.80 4.80 5.37
N LEU D 1001 -13.49 3.77 4.60
CA LEU D 1001 -14.29 2.56 4.65
C LEU D 1001 -14.08 1.89 5.99
N GLN D 1002 -12.85 1.85 6.48
CA GLN D 1002 -12.56 1.26 7.77
C GLN D 1002 -13.29 2.02 8.86
N SER D 1003 -13.34 3.35 8.74
CA SER D 1003 -14.04 4.18 9.71
C SER D 1003 -15.52 3.90 9.72
N LEU D 1004 -16.11 3.80 8.54
CA LEU D 1004 -17.52 3.53 8.44
C LEU D 1004 -17.85 2.15 8.97
N GLN D 1005 -17.00 1.16 8.69
CA GLN D 1005 -17.24 -0.18 9.20
C GLN D 1005 -17.21 -0.19 10.70
N THR D 1006 -16.29 0.57 11.28
CA THR D 1006 -16.18 0.66 12.73
C THR D 1006 -17.46 1.27 13.29
N TYR D 1007 -17.93 2.34 12.67
CA TYR D 1007 -19.16 2.98 13.09
C TYR D 1007 -20.34 2.04 13.07
N VAL D 1008 -20.51 1.32 11.96
CA VAL D 1008 -21.65 0.43 11.84
C VAL D 1008 -21.57 -0.67 12.88
N THR D 1009 -20.38 -1.23 13.10
CA THR D 1009 -20.23 -2.27 14.09
C THR D 1009 -20.63 -1.77 15.46
N GLN D 1010 -20.20 -0.55 15.80
CA GLN D 1010 -20.53 0.03 17.09
C GLN D 1010 -22.03 0.24 17.21
N GLN D 1011 -22.69 0.62 16.12
CA GLN D 1011 -24.12 0.82 16.15
C GLN D 1011 -24.86 -0.50 16.30
N LEU D 1012 -24.33 -1.57 15.72
CA LEU D 1012 -24.99 -2.87 15.85
C LEU D 1012 -24.90 -3.40 17.27
N ILE D 1013 -23.76 -3.21 17.91
CA ILE D 1013 -23.61 -3.66 19.28
C ILE D 1013 -24.49 -2.80 20.17
N ARG D 1014 -24.46 -1.49 19.96
CA ARG D 1014 -25.27 -0.57 20.71
C ARG D 1014 -26.75 -0.85 20.48
N ALA D 1015 -27.12 -1.19 19.25
CA ALA D 1015 -28.51 -1.49 18.95
C ALA D 1015 -28.96 -2.70 19.73
N ALA D 1016 -28.09 -3.69 19.89
CA ALA D 1016 -28.44 -4.87 20.65
C ALA D 1016 -28.72 -4.53 22.09
N GLU D 1017 -27.95 -3.60 22.65
CA GLU D 1017 -28.18 -3.18 24.02
C GLU D 1017 -29.53 -2.50 24.14
N ILE D 1018 -29.86 -1.66 23.18
CA ILE D 1018 -31.15 -0.98 23.19
C ILE D 1018 -32.26 -1.98 23.03
N ARG D 1019 -32.09 -2.97 22.16
CA ARG D 1019 -33.10 -3.99 21.97
C ARG D 1019 -33.34 -4.73 23.26
N ALA D 1020 -32.28 -5.10 23.96
CA ALA D 1020 -32.43 -5.81 25.22
C ALA D 1020 -33.20 -4.95 26.21
N SER D 1021 -32.92 -3.66 26.23
CA SER D 1021 -33.64 -2.75 27.11
C SER D 1021 -35.10 -2.68 26.71
N ALA D 1022 -35.37 -2.59 25.41
CA ALA D 1022 -36.73 -2.54 24.92
C ALA D 1022 -37.48 -3.81 25.27
N ASN D 1023 -36.80 -4.95 25.21
CA ASN D 1023 -37.45 -6.20 25.55
C ASN D 1023 -37.81 -6.20 27.02
N LEU D 1024 -36.93 -5.64 27.84
CA LEU D 1024 -37.21 -5.52 29.25
C LEU D 1024 -38.36 -4.58 29.48
N ALA D 1025 -38.35 -3.44 28.80
CA ALA D 1025 -39.40 -2.46 28.95
C ALA D 1025 -40.74 -3.01 28.53
N ALA D 1026 -40.75 -3.81 27.48
CA ALA D 1026 -41.98 -4.40 27.00
C ALA D 1026 -42.49 -5.43 27.98
N THR D 1027 -41.58 -6.23 28.53
CA THR D 1027 -41.94 -7.23 29.52
C THR D 1027 -42.45 -6.55 30.76
N LYS D 1028 -41.76 -5.50 31.14
CA LYS D 1028 -42.07 -4.74 32.32
C LYS D 1028 -43.44 -4.13 32.20
N MET D 1029 -43.76 -3.57 31.06
CA MET D 1029 -45.09 -3.02 30.93
C MET D 1029 -46.14 -4.10 31.03
N SER D 1030 -45.92 -5.23 30.37
CA SER D 1030 -46.95 -6.25 30.41
C SER D 1030 -47.19 -6.72 31.84
N GLU D 1031 -46.12 -6.93 32.58
CA GLU D 1031 -46.24 -7.49 33.91
C GLU D 1031 -46.49 -6.49 35.06
N CYS D 1032 -46.04 -5.23 34.92
CA CYS D 1032 -46.18 -4.21 35.95
C CYS D 1032 -47.40 -3.33 35.71
N VAL D 1033 -47.79 -3.16 34.45
CA VAL D 1033 -48.89 -2.24 34.12
C VAL D 1033 -50.17 -2.99 33.83
N LEU D 1034 -50.08 -4.06 33.06
CA LEU D 1034 -51.28 -4.80 32.64
C LEU D 1034 -51.62 -5.91 33.62
N GLY D 1035 -50.95 -5.90 34.76
CA GLY D 1035 -51.15 -6.90 35.78
C GLY D 1035 -50.53 -6.47 37.08
N GLN D 1036 -50.30 -7.43 37.95
CA GLN D 1036 -49.67 -7.21 39.23
C GLN D 1036 -48.52 -8.19 39.35
N SER D 1037 -47.35 -7.70 39.67
CA SER D 1037 -46.18 -8.57 39.72
C SER D 1037 -45.96 -9.23 41.06
N LYS D 1038 -45.52 -10.47 41.00
CA LYS D 1038 -45.12 -11.21 42.18
C LYS D 1038 -43.61 -11.45 42.17
N ARG D 1039 -42.95 -10.81 41.22
CA ARG D 1039 -41.51 -10.91 41.07
C ARG D 1039 -40.86 -9.82 41.90
N VAL D 1040 -40.06 -10.22 42.87
CA VAL D 1040 -39.49 -9.27 43.82
C VAL D 1040 -38.51 -8.32 43.16
N ASP D 1041 -38.70 -7.04 43.45
CA ASP D 1041 -37.88 -5.95 42.95
C ASP D 1041 -37.90 -5.83 41.43
N PHE D 1042 -38.83 -6.51 40.79
CA PHE D 1042 -38.99 -6.36 39.36
C PHE D 1042 -39.67 -5.04 39.02
N CYS D 1043 -40.73 -4.70 39.78
CA CYS D 1043 -41.56 -3.50 39.58
C CYS D 1043 -41.32 -2.56 40.76
N GLY D 1044 -40.07 -2.34 41.11
CA GLY D 1044 -39.71 -1.44 42.19
C GLY D 1044 -39.59 -2.18 43.51
N LYS D 1045 -39.07 -1.49 44.52
CA LYS D 1045 -38.87 -2.06 45.84
C LYS D 1045 -40.17 -2.07 46.61
N GLY D 1046 -40.44 -3.15 47.32
CA GLY D 1046 -41.67 -3.26 48.10
C GLY D 1046 -42.63 -4.21 47.43
N TYR D 1047 -43.86 -4.26 47.91
CA TYR D 1047 -44.81 -5.19 47.34
C TYR D 1047 -45.60 -4.49 46.27
N HIS D 1048 -45.41 -4.91 45.03
CA HIS D 1048 -46.03 -4.20 43.92
C HIS D 1048 -47.53 -4.20 44.00
N LEU D 1049 -48.13 -3.03 43.81
CA LEU D 1049 -49.58 -2.90 43.73
C LEU D 1049 -49.97 -2.65 42.29
N MET D 1050 -49.33 -1.66 41.66
CA MET D 1050 -49.63 -1.29 40.29
C MET D 1050 -48.60 -0.33 39.75
N SER D 1051 -48.66 -0.01 38.47
CA SER D 1051 -47.76 0.99 37.94
C SER D 1051 -48.40 1.76 36.80
N PHE D 1052 -47.84 2.91 36.50
CA PHE D 1052 -48.35 3.73 35.42
C PHE D 1052 -47.20 4.17 34.50
N PRO D 1053 -47.23 3.85 33.21
CA PRO D 1053 -46.24 4.25 32.24
C PRO D 1053 -46.39 5.70 31.89
N GLN D 1054 -45.28 6.35 31.57
CA GLN D 1054 -45.24 7.70 31.05
C GLN D 1054 -44.26 7.69 29.89
N SER D 1055 -44.52 8.45 28.85
CA SER D 1055 -43.58 8.46 27.76
C SER D 1055 -42.43 9.41 28.02
N ALA D 1056 -41.34 9.20 27.31
CA ALA D 1056 -40.18 10.07 27.38
C ALA D 1056 -39.47 9.99 26.03
N PRO D 1057 -38.63 10.96 25.68
CA PRO D 1057 -37.85 10.92 24.47
C PRO D 1057 -37.05 9.64 24.43
N HIS D 1058 -37.20 8.89 23.36
CA HIS D 1058 -36.49 7.64 23.14
C HIS D 1058 -36.63 6.61 24.25
N GLY D 1059 -37.71 6.66 25.02
CA GLY D 1059 -37.85 5.68 26.08
C GLY D 1059 -39.16 5.74 26.84
N VAL D 1060 -39.24 4.92 27.87
CA VAL D 1060 -40.44 4.80 28.68
C VAL D 1060 -40.09 4.92 30.15
N VAL D 1061 -40.94 5.59 30.89
CA VAL D 1061 -40.76 5.78 32.31
C VAL D 1061 -41.87 5.12 33.09
N PHE D 1062 -41.52 4.28 34.05
CA PHE D 1062 -42.55 3.61 34.81
C PHE D 1062 -42.63 4.14 36.22
N LEU D 1063 -43.84 4.50 36.64
CA LEU D 1063 -44.05 4.90 38.02
C LEU D 1063 -44.61 3.71 38.75
N HIS D 1064 -43.81 3.14 39.63
CA HIS D 1064 -44.20 1.92 40.32
C HIS D 1064 -44.77 2.23 41.67
N VAL D 1065 -45.98 1.77 41.92
CA VAL D 1065 -46.66 2.01 43.17
C VAL D 1065 -46.55 0.78 44.02
N THR D 1066 -45.88 0.88 45.15
CA THR D 1066 -45.65 -0.28 45.98
C THR D 1066 -46.08 -0.08 47.42
N TYR D 1067 -46.44 -1.17 48.05
CA TYR D 1067 -46.79 -1.22 49.46
C TYR D 1067 -45.56 -1.51 50.28
N VAL D 1068 -45.28 -0.66 51.25
CA VAL D 1068 -44.11 -0.87 52.07
C VAL D 1068 -44.47 -0.86 53.56
N PRO D 1069 -44.18 -1.92 54.31
CA PRO D 1069 -44.39 -2.02 55.74
C PRO D 1069 -43.67 -0.87 56.42
N ALA D 1070 -44.28 -0.24 57.42
CA ALA D 1070 -43.64 0.92 58.03
C ALA D 1070 -43.31 0.79 59.50
N GLN D 1071 -44.23 0.29 60.31
CA GLN D 1071 -44.00 0.33 61.76
C GLN D 1071 -44.15 -1.00 62.47
N GLU D 1072 -43.12 -1.80 62.48
CA GLU D 1072 -43.22 -3.10 63.12
C GLU D 1072 -43.14 -3.04 64.61
N LYS D 1073 -43.74 -4.03 65.25
CA LYS D 1073 -43.66 -4.22 66.68
C LYS D 1073 -43.20 -5.64 66.97
N ASN D 1074 -42.53 -5.84 68.12
CA ASN D 1074 -42.02 -7.13 68.57
C ASN D 1074 -43.13 -7.93 69.27
N PHE D 1075 -43.56 -9.04 68.67
CA PHE D 1075 -44.60 -9.93 69.23
C PHE D 1075 -43.99 -11.28 69.53
N THR D 1076 -44.52 -11.96 70.54
CA THR D 1076 -44.07 -13.32 70.81
C THR D 1076 -44.86 -14.25 69.93
N THR D 1077 -44.25 -15.30 69.43
CA THR D 1077 -44.97 -16.19 68.54
C THR D 1077 -44.91 -17.66 68.87
N ALA D 1078 -45.70 -18.42 68.14
CA ALA D 1078 -45.72 -19.87 68.26
C ALA D 1078 -46.20 -20.47 66.95
N PRO D 1079 -45.70 -21.64 66.55
CA PRO D 1079 -46.08 -22.38 65.37
C PRO D 1079 -47.49 -22.96 65.45
N ALA D 1080 -47.99 -23.15 66.66
CA ALA D 1080 -49.31 -23.76 66.82
C ALA D 1080 -49.85 -23.52 68.21
N ILE D 1081 -51.16 -23.71 68.34
CA ILE D 1081 -51.84 -23.66 69.62
C ILE D 1081 -52.29 -25.05 70.04
N CYS D 1082 -52.00 -25.42 71.29
CA CYS D 1082 -52.41 -26.69 71.88
C CYS D 1082 -53.72 -26.47 72.64
N HIS D 1083 -54.77 -27.18 72.23
CA HIS D 1083 -56.08 -26.95 72.84
C HIS D 1083 -56.55 -28.15 73.67
N ASP D 1084 -57.12 -29.16 73.01
CA ASP D 1084 -57.57 -30.38 73.69
C ASP D 1084 -56.60 -31.52 73.44
N GLY D 1085 -55.35 -31.16 73.19
CA GLY D 1085 -54.31 -32.11 72.84
C GLY D 1085 -54.09 -32.07 71.35
N LYS D 1086 -55.01 -31.38 70.69
CA LYS D 1086 -54.98 -31.15 69.26
C LYS D 1086 -54.09 -29.97 68.94
N ALA D 1087 -53.40 -30.04 67.81
CA ALA D 1087 -52.55 -28.94 67.37
C ALA D 1087 -53.24 -28.09 66.34
N HIS D 1088 -53.47 -26.84 66.69
CA HIS D 1088 -54.16 -25.90 65.83
C HIS D 1088 -53.18 -24.97 65.13
N PHE D 1089 -53.24 -24.95 63.81
CA PHE D 1089 -52.38 -24.12 62.99
C PHE D 1089 -53.22 -23.02 62.40
N PRO D 1090 -52.69 -21.84 62.11
CA PRO D 1090 -53.43 -20.74 61.56
C PRO D 1090 -53.73 -21.05 60.11
N ARG D 1091 -54.87 -20.60 59.60
CA ARG D 1091 -55.14 -20.82 58.19
C ARG D 1091 -54.54 -19.77 57.27
N GLU D 1092 -54.65 -18.51 57.65
CA GLU D 1092 -54.18 -17.42 56.80
C GLU D 1092 -53.07 -16.59 57.42
N GLY D 1093 -53.04 -16.53 58.75
CA GLY D 1093 -52.12 -15.67 59.45
C GLY D 1093 -51.11 -16.40 60.29
N VAL D 1094 -50.65 -15.72 61.33
CA VAL D 1094 -49.66 -16.22 62.26
C VAL D 1094 -50.10 -16.01 63.70
N PHE D 1095 -49.79 -16.95 64.59
CA PHE D 1095 -50.15 -16.78 65.99
C PHE D 1095 -49.15 -15.89 66.70
N VAL D 1096 -49.67 -14.87 67.37
CA VAL D 1096 -48.85 -13.92 68.09
C VAL D 1096 -49.37 -13.66 69.50
N SER D 1097 -48.50 -13.17 70.36
CA SER D 1097 -48.86 -12.81 71.71
C SER D 1097 -48.37 -11.43 72.10
N ASN D 1098 -49.26 -10.65 72.74
CA ASN D 1098 -48.98 -9.30 73.22
C ASN D 1098 -48.47 -9.28 74.68
N GLY D 1099 -48.22 -10.47 75.25
CA GLY D 1099 -47.73 -10.68 76.62
C GLY D 1099 -48.77 -11.30 77.53
N THR D 1100 -50.05 -11.15 77.20
CA THR D 1100 -51.09 -11.78 78.03
C THR D 1100 -52.06 -12.62 77.22
N HIS D 1101 -52.28 -12.25 75.96
CA HIS D 1101 -53.24 -12.97 75.15
C HIS D 1101 -52.71 -13.32 73.78
N TRP D 1102 -53.14 -14.48 73.29
CA TRP D 1102 -52.79 -14.95 71.96
C TRP D 1102 -53.85 -14.59 70.93
N PHE D 1103 -53.38 -14.14 69.79
CA PHE D 1103 -54.20 -13.71 68.66
C PHE D 1103 -53.66 -14.30 67.38
N VAL D 1104 -54.48 -14.35 66.36
CA VAL D 1104 -53.99 -14.76 65.05
C VAL D 1104 -54.17 -13.60 64.09
N THR D 1105 -53.13 -13.29 63.33
CA THR D 1105 -53.25 -12.15 62.42
C THR D 1105 -52.56 -12.34 61.10
N GLN D 1106 -53.02 -11.63 60.08
CA GLN D 1106 -52.40 -11.70 58.77
C GLN D 1106 -50.93 -11.31 58.82
N ARG D 1107 -50.12 -12.06 58.09
CA ARG D 1107 -48.67 -11.90 58.13
C ARG D 1107 -48.13 -10.51 57.80
N ASN D 1108 -48.72 -9.84 56.83
CA ASN D 1108 -48.17 -8.56 56.38
C ASN D 1108 -48.81 -7.30 56.97
N PHE D 1109 -49.66 -7.47 57.98
CA PHE D 1109 -50.28 -6.30 58.60
C PHE D 1109 -50.90 -6.65 59.94
N TYR D 1110 -50.48 -5.98 61.01
CA TYR D 1110 -50.96 -6.36 62.31
C TYR D 1110 -52.39 -5.94 62.54
N GLU D 1111 -53.24 -6.94 62.72
CA GLU D 1111 -54.65 -6.75 62.94
C GLU D 1111 -55.19 -7.99 63.64
N PRO D 1112 -55.00 -8.10 64.96
CA PRO D 1112 -55.16 -9.31 65.74
C PRO D 1112 -56.60 -9.75 65.82
N GLN D 1113 -56.81 -11.05 65.60
CA GLN D 1113 -58.14 -11.62 65.69
C GLN D 1113 -58.17 -12.61 66.84
N ILE D 1114 -59.36 -12.88 67.33
CA ILE D 1114 -59.52 -13.91 68.34
C ILE D 1114 -59.28 -15.24 67.67
N ILE D 1115 -58.53 -16.11 68.35
CA ILE D 1115 -58.26 -17.41 67.78
C ILE D 1115 -59.47 -18.29 67.95
N THR D 1116 -60.01 -18.74 66.83
CA THR D 1116 -61.22 -19.52 66.82
C THR D 1116 -61.04 -20.71 65.92
N THR D 1117 -61.98 -21.62 65.96
CA THR D 1117 -61.91 -22.81 65.11
C THR D 1117 -62.17 -22.46 63.65
N ASP D 1118 -62.63 -21.24 63.39
CA ASP D 1118 -62.91 -20.80 62.03
C ASP D 1118 -61.72 -20.14 61.35
N ASN D 1119 -60.60 -19.96 62.06
CA ASN D 1119 -59.44 -19.33 61.45
C ASN D 1119 -58.17 -20.16 61.65
N THR D 1120 -58.37 -21.38 62.13
CA THR D 1120 -57.30 -22.35 62.35
C THR D 1120 -57.70 -23.69 61.76
N PHE D 1121 -56.77 -24.61 61.69
CA PHE D 1121 -57.07 -25.97 61.27
C PHE D 1121 -56.30 -26.95 62.13
N VAL D 1122 -56.76 -28.17 62.20
CA VAL D 1122 -56.11 -29.13 63.09
C VAL D 1122 -55.44 -30.27 62.38
N SER D 1123 -54.21 -30.56 62.80
CA SER D 1123 -53.48 -31.69 62.27
C SER D 1123 -52.44 -32.16 63.27
N GLY D 1124 -52.36 -33.47 63.46
CA GLY D 1124 -51.37 -34.03 64.38
C GLY D 1124 -51.78 -33.73 65.81
N ASN D 1125 -50.80 -33.61 66.69
CA ASN D 1125 -51.11 -33.37 68.09
C ASN D 1125 -49.97 -32.58 68.78
N CYS D 1126 -50.18 -32.25 70.06
CA CYS D 1126 -49.30 -31.41 70.87
C CYS D 1126 -47.97 -32.09 71.22
N ASP D 1127 -47.87 -33.39 70.98
CA ASP D 1127 -46.63 -34.10 71.29
C ASP D 1127 -45.72 -34.15 70.07
N VAL D 1128 -46.18 -33.59 68.96
CA VAL D 1128 -45.41 -33.62 67.72
C VAL D 1128 -44.82 -32.26 67.41
N VAL D 1129 -45.63 -31.22 67.51
CA VAL D 1129 -45.16 -29.88 67.14
C VAL D 1129 -44.20 -29.33 68.19
N ILE D 1130 -43.06 -28.85 67.72
CA ILE D 1130 -42.05 -28.29 68.61
C ILE D 1130 -42.34 -26.84 68.92
N GLY D 1131 -42.42 -26.50 70.20
CA GLY D 1131 -42.67 -25.11 70.58
C GLY D 1131 -44.15 -24.74 70.56
N ILE D 1132 -45.02 -25.73 70.67
CA ILE D 1132 -46.46 -25.48 70.69
C ILE D 1132 -46.82 -24.89 72.05
N VAL D 1133 -47.74 -23.92 72.07
CA VAL D 1133 -48.09 -23.31 73.34
C VAL D 1133 -49.55 -23.57 73.69
N ASN D 1134 -49.88 -23.52 74.99
CA ASN D 1134 -51.24 -23.74 75.51
C ASN D 1134 -52.07 -22.45 75.46
N ASN D 1135 -53.24 -22.55 74.81
CA ASN D 1135 -54.22 -21.46 74.71
C ASN D 1135 -55.59 -22.07 74.51
N THR D 1136 -56.60 -21.24 74.41
CA THR D 1136 -57.93 -21.75 74.17
C THR D 1136 -58.40 -21.35 72.79
N VAL D 1137 -58.90 -22.32 72.04
CA VAL D 1137 -59.44 -22.03 70.73
C VAL D 1137 -60.94 -21.93 70.82
N TYR D 1138 -61.45 -20.75 70.51
CA TYR D 1138 -62.86 -20.46 70.66
C TYR D 1138 -63.73 -21.08 69.57
N ASP D 1139 -64.82 -21.70 69.98
CA ASP D 1139 -65.78 -22.27 69.05
C ASP D 1139 -67.11 -21.55 69.18
N PRO D 1140 -67.48 -20.65 68.25
CA PRO D 1140 -68.65 -19.80 68.28
C PRO D 1140 -69.94 -20.59 68.45
N LEU D 1141 -69.92 -21.87 68.07
CA LEU D 1141 -71.10 -22.69 68.16
C LEU D 1141 -71.50 -22.97 69.59
N GLN D 1142 -70.53 -23.15 70.49
CA GLN D 1142 -70.91 -23.56 71.82
C GLN D 1142 -71.64 -22.45 72.60
N PRO D 1143 -71.13 -21.20 72.65
CA PRO D 1143 -71.80 -20.05 73.24
C PRO D 1143 -73.19 -19.83 72.66
N GLU D 1144 -73.34 -20.07 71.37
CA GLU D 1144 -74.63 -19.89 70.71
C GLU D 1144 -75.64 -20.99 71.03
N LEU D 1145 -75.18 -22.25 71.03
CA LEU D 1145 -76.02 -23.43 71.26
C LEU D 1145 -75.29 -24.41 72.17
N VAL E 2 61.18 8.82 -33.92
CA VAL E 2 62.16 7.88 -33.40
C VAL E 2 63.58 8.39 -33.74
N GLN E 3 64.21 9.09 -32.78
CA GLN E 3 65.57 9.64 -32.93
C GLN E 3 66.33 9.62 -31.62
N LEU E 4 67.64 9.47 -31.73
CA LEU E 4 68.55 9.58 -30.60
C LEU E 4 69.46 10.79 -30.85
N VAL E 5 69.28 11.83 -30.06
CA VAL E 5 69.98 13.09 -30.31
C VAL E 5 71.20 13.27 -29.44
N GLN E 6 72.36 13.34 -30.08
CA GLN E 6 73.63 13.43 -29.37
C GLN E 6 74.03 14.87 -29.10
N SER E 7 74.71 15.06 -27.98
CA SER E 7 75.22 16.35 -27.54
C SER E 7 76.35 16.85 -28.44
N GLY E 8 76.70 18.13 -28.29
CA GLY E 8 77.72 18.76 -29.10
C GLY E 8 79.14 18.35 -28.69
N PRO E 9 80.16 18.86 -29.40
CA PRO E 9 81.58 18.56 -29.28
C PRO E 9 82.18 19.12 -28.01
N GLU E 10 83.30 18.52 -27.60
CA GLU E 10 84.02 18.93 -26.39
C GLU E 10 85.52 19.02 -26.61
N VAL E 11 86.16 19.93 -25.89
CA VAL E 11 87.62 20.02 -25.90
C VAL E 11 88.12 19.95 -24.47
N LYS E 12 88.93 18.95 -24.18
CA LYS E 12 89.41 18.71 -22.82
C LYS E 12 90.92 18.54 -22.76
N LYS E 13 91.48 18.84 -21.60
CA LYS E 13 92.91 18.64 -21.40
C LYS E 13 93.18 17.16 -21.08
N PRO E 14 94.36 16.64 -21.38
CA PRO E 14 94.85 15.35 -20.96
C PRO E 14 94.80 15.29 -19.45
N GLY E 15 94.42 14.15 -18.91
CA GLY E 15 94.35 13.96 -17.46
C GLY E 15 93.00 14.35 -16.87
N THR E 16 92.09 14.92 -17.67
CA THR E 16 90.80 15.33 -17.14
C THR E 16 89.69 14.39 -17.61
N SER E 17 88.48 14.90 -17.75
CA SER E 17 87.33 14.04 -18.09
C SER E 17 86.34 14.72 -19.03
N VAL E 18 85.61 13.90 -19.78
CA VAL E 18 84.58 14.41 -20.68
C VAL E 18 83.24 13.73 -20.44
N ARG E 19 82.18 14.52 -20.49
CA ARG E 19 80.83 13.98 -20.39
C ARG E 19 80.09 14.16 -21.70
N VAL E 20 79.56 13.07 -22.23
CA VAL E 20 78.78 13.10 -23.45
C VAL E 20 77.43 12.45 -23.17
N SER E 21 76.40 12.86 -23.90
CA SER E 21 75.08 12.29 -23.66
C SER E 21 74.20 12.27 -24.92
N CYS E 22 73.16 11.39 -24.91
CA CYS E 22 72.20 11.30 -25.99
C CYS E 22 70.76 11.18 -25.45
N LYS E 23 69.88 12.01 -26.01
CA LYS E 23 68.47 12.01 -25.62
C LYS E 23 67.61 11.19 -26.57
N ALA E 24 66.80 10.32 -26.00
CA ALA E 24 65.89 9.49 -26.78
C ALA E 24 64.54 10.17 -26.91
N SER E 25 63.98 10.10 -28.11
CA SER E 25 62.66 10.65 -28.35
C SER E 25 61.91 9.81 -29.39
N GLY E 26 60.62 9.57 -29.14
CA GLY E 26 59.78 8.83 -30.08
C GLY E 26 59.77 7.33 -29.83
N PHE E 27 60.49 6.88 -28.81
CA PHE E 27 60.54 5.44 -28.52
C PHE E 27 60.70 5.17 -27.04
N THR E 28 60.46 3.92 -26.66
CA THR E 28 60.46 3.54 -25.25
C THR E 28 61.87 3.37 -24.73
N PHE E 29 62.47 4.50 -24.38
CA PHE E 29 63.81 4.57 -23.86
C PHE E 29 64.00 3.64 -22.67
N THR E 30 63.02 3.64 -21.79
CA THR E 30 63.11 2.93 -20.51
C THR E 30 63.15 1.41 -20.62
N SER E 31 62.83 0.86 -21.78
CA SER E 31 62.88 -0.59 -21.98
C SER E 31 64.01 -0.95 -22.94
N SER E 32 64.80 0.05 -23.30
CA SER E 32 65.84 -0.09 -24.30
C SER E 32 67.23 -0.24 -23.68
N ALA E 33 68.23 -0.05 -24.51
CA ALA E 33 69.63 -0.14 -24.13
C ALA E 33 70.42 0.82 -25.01
N VAL E 34 71.51 1.34 -24.48
CA VAL E 34 72.33 2.26 -25.27
C VAL E 34 73.78 1.82 -25.26
N GLN E 35 74.39 1.79 -26.44
CA GLN E 35 75.80 1.47 -26.50
C GLN E 35 76.57 2.70 -26.91
N TRP E 36 77.81 2.77 -26.46
CA TRP E 36 78.69 3.84 -26.83
C TRP E 36 79.90 3.30 -27.56
N VAL E 37 80.24 3.97 -28.64
CA VAL E 37 81.38 3.59 -29.47
C VAL E 37 82.17 4.85 -29.82
N ARG E 38 83.43 4.70 -30.25
CA ARG E 38 84.18 5.85 -30.71
C ARG E 38 84.97 5.52 -31.96
N GLN E 39 85.24 6.53 -32.78
CA GLN E 39 86.04 6.31 -33.97
C GLN E 39 87.00 7.45 -34.25
N ALA E 40 88.29 7.13 -34.30
CA ALA E 40 89.27 8.16 -34.62
C ALA E 40 89.21 8.39 -36.12
N ARG E 41 89.61 9.57 -36.58
CA ARG E 41 89.54 9.82 -38.01
C ARG E 41 90.49 8.90 -38.74
N GLY E 42 89.96 8.21 -39.76
CA GLY E 42 90.75 7.29 -40.58
C GLY E 42 90.90 5.89 -39.96
N GLN E 43 90.28 5.68 -38.81
CA GLN E 43 90.40 4.41 -38.10
C GLN E 43 89.09 3.62 -38.03
N ARG E 44 89.17 2.43 -37.44
CA ARG E 44 88.02 1.55 -37.28
C ARG E 44 87.13 2.01 -36.15
N LEU E 45 85.88 1.56 -36.16
CA LEU E 45 84.96 1.90 -35.08
C LEU E 45 85.20 0.97 -33.89
N GLU E 46 85.47 1.55 -32.73
CA GLU E 46 85.77 0.75 -31.54
C GLU E 46 84.62 0.78 -30.56
N TRP E 47 84.37 -0.35 -29.91
CA TRP E 47 83.35 -0.42 -28.89
C TRP E 47 83.87 0.10 -27.56
N VAL E 48 83.08 0.92 -26.85
CA VAL E 48 83.51 1.42 -25.56
C VAL E 48 82.83 0.72 -24.41
N GLY E 49 81.51 0.55 -24.52
CA GLY E 49 80.72 -0.06 -23.45
C GLY E 49 79.23 0.13 -23.70
N TRP E 50 78.40 -0.40 -22.81
CA TRP E 50 76.95 -0.22 -22.97
C TRP E 50 76.21 -0.30 -21.65
N ILE E 51 74.98 0.21 -21.67
CA ILE E 51 74.09 0.16 -20.53
C ILE E 51 72.71 -0.33 -20.90
N VAL E 52 72.11 -1.11 -20.02
CA VAL E 52 70.73 -1.48 -20.20
C VAL E 52 69.93 -0.38 -19.54
N VAL E 53 69.05 0.29 -20.26
CA VAL E 53 68.41 1.45 -19.68
C VAL E 53 67.51 1.03 -18.53
N GLY E 54 66.72 0.00 -18.75
CA GLY E 54 65.81 -0.46 -17.72
C GLY E 54 66.52 -0.73 -16.39
N SER E 55 67.44 -1.69 -16.40
CA SER E 55 68.11 -2.10 -15.16
C SER E 55 69.23 -1.17 -14.72
N GLY E 56 69.84 -0.45 -15.65
CA GLY E 56 70.94 0.43 -15.33
C GLY E 56 72.27 -0.33 -15.23
N ASN E 57 72.25 -1.61 -15.57
CA ASN E 57 73.45 -2.44 -15.49
C ASN E 57 74.39 -2.12 -16.64
N THR E 58 75.68 -2.07 -16.36
CA THR E 58 76.66 -1.74 -17.39
C THR E 58 77.77 -2.76 -17.56
N ASN E 59 78.34 -2.74 -18.76
CA ASN E 59 79.50 -3.54 -19.14
C ASN E 59 80.39 -2.68 -20.03
N TYR E 60 81.69 -2.94 -20.00
CA TYR E 60 82.61 -2.08 -20.75
C TYR E 60 83.64 -2.85 -21.55
N ALA E 61 84.20 -2.21 -22.58
CA ALA E 61 85.32 -2.76 -23.31
C ALA E 61 86.50 -2.79 -22.35
N GLN E 62 87.27 -3.88 -22.36
CA GLN E 62 88.36 -4.02 -21.39
C GLN E 62 89.42 -2.93 -21.49
N LYS E 63 89.65 -2.40 -22.68
CA LYS E 63 90.68 -1.38 -22.85
C LYS E 63 90.30 -0.03 -22.23
N PHE E 64 89.01 0.19 -21.96
CA PHE E 64 88.58 1.46 -21.39
C PHE E 64 88.03 1.27 -19.97
N HIS E 65 87.51 0.07 -19.72
CA HIS E 65 86.80 -0.31 -18.50
C HIS E 65 87.13 0.50 -17.25
N GLU E 66 88.39 0.52 -16.87
CA GLU E 66 88.79 1.09 -15.59
C GLU E 66 88.48 2.59 -15.45
N ARG E 67 88.47 3.32 -16.56
CA ARG E 67 88.27 4.76 -16.51
C ARG E 67 86.97 5.23 -17.20
N VAL E 68 86.06 4.31 -17.49
CA VAL E 68 84.81 4.73 -18.15
C VAL E 68 83.57 4.33 -17.36
N THR E 69 82.65 5.27 -17.23
CA THR E 69 81.37 5.03 -16.57
C THR E 69 80.19 5.41 -17.45
N ILE E 70 79.22 4.51 -17.56
CA ILE E 70 78.01 4.78 -18.31
C ILE E 70 76.80 4.75 -17.37
N THR E 71 75.94 5.74 -17.49
CA THR E 71 74.75 5.83 -16.65
C THR E 71 73.55 6.34 -17.46
N ARG E 72 72.43 6.53 -16.79
CA ARG E 72 71.24 7.05 -17.46
C ARG E 72 70.29 7.70 -16.46
N ASP E 73 69.44 8.58 -16.97
CA ASP E 73 68.38 9.17 -16.18
C ASP E 73 67.09 9.19 -16.98
N MET E 74 66.17 8.32 -16.58
CA MET E 74 64.95 8.10 -17.33
C MET E 74 64.07 9.33 -17.38
N SER E 75 64.18 10.21 -16.39
CA SER E 75 63.28 11.36 -16.33
C SER E 75 63.50 12.34 -17.47
N THR E 76 64.65 12.26 -18.13
CA THR E 76 64.96 13.13 -19.24
C THR E 76 65.24 12.29 -20.48
N SER E 77 64.92 11.00 -20.39
CA SER E 77 65.18 10.03 -21.45
C SER E 77 66.60 10.14 -21.98
N THR E 78 67.58 10.27 -21.09
CA THR E 78 68.95 10.49 -21.57
C THR E 78 69.96 9.49 -21.04
N ALA E 79 70.78 9.01 -21.96
CA ALA E 79 71.90 8.14 -21.64
C ALA E 79 73.17 8.97 -21.55
N TYR E 80 74.03 8.66 -20.60
CA TYR E 80 75.25 9.42 -20.39
C TYR E 80 76.49 8.54 -20.37
N MET E 81 77.60 9.08 -20.84
CA MET E 81 78.88 8.42 -20.67
C MET E 81 79.95 9.42 -20.24
N GLU E 82 80.77 9.00 -19.28
CA GLU E 82 81.86 9.83 -18.82
C GLU E 82 83.18 9.09 -18.88
N LEU E 83 84.16 9.72 -19.53
CA LEU E 83 85.47 9.11 -19.66
C LEU E 83 86.49 9.91 -18.87
N SER E 84 87.19 9.25 -17.95
CA SER E 84 88.17 9.88 -17.08
C SER E 84 89.60 9.63 -17.54
N SER E 85 90.54 10.37 -16.94
CA SER E 85 91.97 10.22 -17.23
C SER E 85 92.21 10.26 -18.73
N LEU E 86 91.69 11.30 -19.36
CA LEU E 86 91.75 11.43 -20.81
C LEU E 86 93.16 11.46 -21.35
N ARG E 87 93.31 10.86 -22.52
CA ARG E 87 94.57 10.77 -23.23
C ARG E 87 94.42 11.43 -24.60
N SER E 88 95.51 11.85 -25.22
CA SER E 88 95.42 12.45 -26.56
C SER E 88 94.92 11.44 -27.59
N GLU E 89 95.11 10.16 -27.30
CA GLU E 89 94.66 9.07 -28.17
C GLU E 89 93.15 8.93 -28.14
N ASP E 90 92.49 9.66 -27.23
CA ASP E 90 91.04 9.62 -27.10
C ASP E 90 90.38 10.57 -28.08
N THR E 91 91.17 11.30 -28.87
CA THR E 91 90.54 12.17 -29.84
C THR E 91 89.80 11.29 -30.83
N ALA E 92 88.49 11.41 -30.86
CA ALA E 92 87.65 10.55 -31.66
C ALA E 92 86.25 11.10 -31.76
N VAL E 93 85.49 10.60 -32.73
CA VAL E 93 84.08 10.92 -32.80
C VAL E 93 83.32 9.87 -32.01
N TYR E 94 82.53 10.32 -31.07
CA TYR E 94 81.76 9.43 -30.22
C TYR E 94 80.37 9.28 -30.78
N TYR E 95 79.86 8.05 -30.73
CA TYR E 95 78.53 7.75 -31.21
C TYR E 95 77.79 6.98 -30.14
N CYS E 96 76.46 7.07 -30.15
CA CYS E 96 75.55 6.35 -29.27
C CYS E 96 74.51 5.64 -30.13
N ALA E 97 74.04 4.50 -29.65
CA ALA E 97 73.00 3.81 -30.39
C ALA E 97 72.08 3.01 -29.50
N SER E 98 70.85 2.81 -29.98
CA SER E 98 69.86 2.00 -29.27
C SER E 98 68.99 1.22 -30.26
N PRO E 99 68.37 0.12 -29.83
CA PRO E 99 67.31 -0.58 -30.54
C PRO E 99 66.04 0.23 -30.45
N TYR E 100 65.13 0.02 -31.37
CA TYR E 100 63.82 0.63 -31.25
C TYR E 100 62.96 -0.22 -30.35
N CYS E 101 62.32 0.39 -29.35
CA CYS E 101 61.44 -0.29 -28.40
C CYS E 101 60.07 0.37 -28.35
N SER E 102 59.04 -0.46 -28.28
CA SER E 102 57.68 -0.04 -28.08
C SER E 102 57.09 -0.86 -26.95
N GLY E 103 57.00 -0.26 -25.77
CA GLY E 103 56.61 -1.04 -24.61
C GLY E 103 57.67 -2.09 -24.35
N GLY E 104 57.26 -3.35 -24.26
CA GLY E 104 58.19 -4.44 -23.99
C GLY E 104 58.77 -5.11 -25.24
N SER E 105 58.43 -4.60 -26.43
CA SER E 105 58.90 -5.20 -27.67
C SER E 105 59.99 -4.36 -28.34
N CYS E 106 61.23 -4.92 -28.45
CA CYS E 106 62.39 -4.23 -29.00
C CYS E 106 62.94 -4.90 -30.26
N SER E 107 63.60 -4.10 -31.09
CA SER E 107 64.28 -4.58 -32.28
C SER E 107 65.51 -5.40 -31.90
N ASP E 108 66.04 -6.16 -32.86
CA ASP E 108 67.14 -7.10 -32.64
C ASP E 108 68.52 -6.59 -33.04
N GLY E 109 68.67 -5.28 -33.07
CA GLY E 109 69.96 -4.67 -33.37
C GLY E 109 69.90 -3.17 -33.16
N PHE E 110 71.03 -2.52 -33.28
CA PHE E 110 71.06 -1.09 -33.03
C PHE E 110 70.70 -0.28 -34.29
N ASP E 111 69.40 -0.01 -34.42
CA ASP E 111 68.85 0.73 -35.55
C ASP E 111 68.93 2.25 -35.38
N ILE E 112 68.89 2.72 -34.14
CA ILE E 112 68.84 4.15 -33.89
C ILE E 112 70.21 4.66 -33.49
N TRP E 113 70.79 5.55 -34.30
CA TRP E 113 72.13 6.08 -34.02
C TRP E 113 72.16 7.59 -33.88
N GLY E 114 73.02 8.07 -33.00
CA GLY E 114 73.27 9.50 -32.87
C GLY E 114 74.11 9.95 -34.05
N GLN E 115 74.19 11.26 -34.25
CA GLN E 115 74.91 11.80 -35.39
C GLN E 115 76.44 11.75 -35.30
N GLY E 116 76.99 11.65 -34.08
CA GLY E 116 78.43 11.61 -33.90
C GLY E 116 78.98 12.95 -33.41
N THR E 117 79.75 12.92 -32.33
CA THR E 117 80.32 14.16 -31.80
C THR E 117 81.81 14.04 -31.52
N MET E 118 82.59 15.03 -31.94
CA MET E 118 84.02 14.98 -31.71
C MET E 118 84.44 15.44 -30.34
N VAL E 119 85.30 14.67 -29.71
CA VAL E 119 85.94 15.06 -28.47
C VAL E 119 87.44 15.16 -28.74
N THR E 120 88.00 16.33 -28.46
CA THR E 120 89.42 16.58 -28.69
C THR E 120 90.17 16.62 -27.37
N VAL E 121 91.32 15.91 -27.30
CA VAL E 121 92.17 15.87 -26.10
C VAL E 121 93.62 16.15 -26.49
N ILE F 2 85.67 -10.72 -27.64
CA ILE F 2 86.05 -11.43 -28.85
C ILE F 2 86.81 -10.49 -29.81
N VAL F 3 87.48 -11.08 -30.81
CA VAL F 3 88.15 -10.38 -31.90
C VAL F 3 87.51 -10.78 -33.22
N LEU F 4 87.06 -9.80 -33.98
CA LEU F 4 86.42 -10.08 -35.26
C LEU F 4 87.30 -9.60 -36.41
N THR F 5 87.48 -10.44 -37.41
CA THR F 5 88.28 -10.07 -38.56
C THR F 5 87.40 -9.73 -39.75
N GLN F 6 87.56 -8.53 -40.26
CA GLN F 6 86.76 -8.06 -41.39
C GLN F 6 87.57 -8.00 -42.67
N THR F 7 87.10 -8.69 -43.71
CA THR F 7 87.78 -8.70 -44.99
C THR F 7 86.80 -8.41 -46.13
N PRO F 8 87.30 -7.93 -47.28
CA PRO F 8 88.65 -7.48 -47.59
C PRO F 8 88.92 -6.14 -46.92
N GLY F 9 90.18 -5.76 -46.79
CA GLY F 9 90.48 -4.44 -46.21
C GLY F 9 89.87 -3.33 -47.05
N THR F 10 89.87 -3.51 -48.36
CA THR F 10 89.25 -2.59 -49.30
C THR F 10 88.46 -3.37 -50.33
N LEU F 11 87.22 -2.98 -50.60
CA LEU F 11 86.48 -3.64 -51.65
C LEU F 11 86.26 -2.65 -52.80
N SER F 12 86.98 -2.86 -53.89
CA SER F 12 86.91 -1.97 -55.03
C SER F 12 86.15 -2.62 -56.16
N LEU F 13 84.97 -2.10 -56.46
CA LEU F 13 84.10 -2.69 -57.46
C LEU F 13 83.15 -1.66 -58.08
N SER F 14 83.11 -1.62 -59.40
CA SER F 14 82.24 -0.69 -60.11
C SER F 14 80.75 -0.89 -59.79
N PRO F 15 79.94 0.19 -59.77
CA PRO F 15 78.51 0.18 -59.60
C PRO F 15 77.86 -0.71 -60.64
N GLY F 16 76.80 -1.40 -60.25
CA GLY F 16 76.08 -2.31 -61.11
C GLY F 16 76.48 -3.76 -60.86
N GLU F 17 77.61 -3.97 -60.19
CA GLU F 17 78.09 -5.30 -59.89
C GLU F 17 77.71 -5.72 -58.48
N ARG F 18 78.04 -6.97 -58.11
CA ARG F 18 77.74 -7.50 -56.79
C ARG F 18 78.99 -7.65 -55.96
N ALA F 19 78.86 -7.50 -54.64
CA ALA F 19 80.01 -7.55 -53.76
C ALA F 19 79.85 -8.56 -52.63
N THR F 20 80.96 -9.18 -52.24
CA THR F 20 80.95 -10.11 -51.12
C THR F 20 81.86 -9.63 -50.00
N LEU F 21 81.29 -9.56 -48.80
CA LEU F 21 82.00 -9.12 -47.61
C LEU F 21 82.00 -10.24 -46.59
N SER F 22 83.06 -10.34 -45.77
CA SER F 22 83.12 -11.43 -44.81
C SER F 22 83.69 -11.04 -43.44
N CYS F 23 83.11 -11.63 -42.37
CA CYS F 23 83.50 -11.43 -40.97
C CYS F 23 83.79 -12.77 -40.31
N ARG F 24 84.97 -12.90 -39.71
CA ARG F 24 85.36 -14.13 -39.06
C ARG F 24 85.48 -14.01 -37.55
N ALA F 25 84.77 -14.89 -36.85
CA ALA F 25 84.82 -14.98 -35.40
C ALA F 25 86.08 -15.73 -34.98
N SER F 26 86.58 -15.42 -33.79
CA SER F 26 87.76 -16.11 -33.24
C SER F 26 87.38 -17.37 -32.48
N GLN F 27 86.08 -17.63 -32.42
CA GLN F 27 85.51 -18.79 -31.74
C GLN F 27 84.14 -19.03 -32.33
N SER F 28 83.57 -20.20 -32.06
CA SER F 28 82.20 -20.41 -32.50
C SER F 28 81.29 -19.46 -31.74
N VAL F 29 80.38 -18.80 -32.46
CA VAL F 29 79.43 -17.88 -31.84
C VAL F 29 78.03 -18.13 -32.38
N SER F 30 77.03 -17.66 -31.65
CA SER F 30 75.67 -17.72 -32.16
C SER F 30 75.52 -16.68 -33.27
N SER F 31 74.87 -17.07 -34.36
CA SER F 31 74.66 -16.19 -35.50
C SER F 31 73.66 -15.10 -35.16
N SER F 32 72.86 -15.38 -34.14
CA SER F 32 71.79 -14.50 -33.71
C SER F 32 72.29 -13.18 -33.13
N TYR F 33 73.57 -13.12 -32.78
CA TYR F 33 74.12 -11.91 -32.21
C TYR F 33 75.11 -11.19 -33.14
N LEU F 34 75.17 -11.55 -34.42
CA LEU F 34 76.07 -10.81 -35.30
C LEU F 34 75.28 -9.85 -36.18
N ALA F 35 75.76 -8.62 -36.31
CA ALA F 35 75.09 -7.64 -37.14
C ALA F 35 76.06 -6.90 -38.07
N TRP F 36 75.54 -6.48 -39.21
CA TRP F 36 76.31 -5.72 -40.19
C TRP F 36 75.84 -4.28 -40.29
N TYR F 37 76.82 -3.39 -40.37
CA TYR F 37 76.60 -1.96 -40.47
C TYR F 37 77.24 -1.34 -41.71
N GLN F 38 76.59 -0.29 -42.20
CA GLN F 38 77.07 0.50 -43.33
C GLN F 38 77.45 1.90 -42.90
N GLN F 39 78.73 2.27 -43.04
CA GLN F 39 79.13 3.61 -42.66
C GLN F 39 79.54 4.49 -43.82
N LYS F 40 78.67 5.44 -44.17
CA LYS F 40 78.99 6.39 -45.20
C LYS F 40 79.97 7.36 -44.54
N PRO F 41 81.15 7.63 -45.11
CA PRO F 41 82.17 8.46 -44.51
C PRO F 41 81.61 9.79 -44.05
N GLY F 42 81.99 10.18 -42.84
CA GLY F 42 81.54 11.44 -42.24
C GLY F 42 80.24 11.30 -41.46
N GLN F 43 79.61 10.13 -41.52
CA GLN F 43 78.33 9.90 -40.87
C GLN F 43 78.34 8.72 -39.89
N ALA F 44 77.40 8.72 -38.96
CA ALA F 44 77.19 7.57 -38.10
C ALA F 44 76.72 6.40 -38.95
N PRO F 45 77.09 5.16 -38.62
CA PRO F 45 76.70 3.93 -39.30
C PRO F 45 75.24 3.59 -39.10
N ARG F 46 74.68 2.80 -40.01
CA ARG F 46 73.33 2.29 -39.84
C ARG F 46 73.32 0.78 -39.92
N LEU F 47 72.34 0.17 -39.25
CA LEU F 47 72.19 -1.28 -39.27
C LEU F 47 71.58 -1.78 -40.56
N LEU F 48 72.21 -2.77 -41.16
CA LEU F 48 71.69 -3.41 -42.37
C LEU F 48 71.14 -4.79 -42.08
N ILE F 49 71.97 -5.63 -41.47
CA ILE F 49 71.60 -7.01 -41.20
C ILE F 49 71.75 -7.32 -39.71
N TYR F 50 70.76 -7.96 -39.14
CA TYR F 50 70.85 -8.38 -37.75
C TYR F 50 70.51 -9.85 -37.63
N GLY F 51 71.07 -10.51 -36.62
CA GLY F 51 70.79 -11.92 -36.43
C GLY F 51 71.43 -12.72 -37.55
N ALA F 52 72.50 -12.18 -38.13
CA ALA F 52 73.24 -12.72 -39.28
C ALA F 52 72.44 -12.67 -40.60
N SER F 53 71.14 -12.95 -40.58
CA SER F 53 70.37 -13.11 -41.81
C SER F 53 69.17 -12.15 -42.05
N SER F 54 68.77 -11.35 -41.07
CA SER F 54 67.55 -10.54 -41.25
C SER F 54 67.82 -9.07 -41.58
N ARG F 55 67.04 -8.53 -42.52
CA ARG F 55 67.18 -7.13 -42.89
C ARG F 55 66.56 -6.17 -41.88
N ALA F 56 67.26 -5.07 -41.63
CA ALA F 56 66.78 -3.99 -40.78
C ALA F 56 65.74 -3.17 -41.53
N THR F 57 64.87 -2.49 -40.79
CA THR F 57 63.84 -1.68 -41.41
C THR F 57 64.45 -0.58 -42.27
N GLY F 58 63.97 -0.44 -43.49
CA GLY F 58 64.44 0.60 -44.41
C GLY F 58 65.57 0.11 -45.33
N ILE F 59 65.98 -1.14 -45.17
CA ILE F 59 67.06 -1.69 -45.99
C ILE F 59 66.50 -2.36 -47.25
N PRO F 60 66.95 -1.96 -48.44
CA PRO F 60 66.52 -2.41 -49.75
C PRO F 60 67.04 -3.81 -50.05
N ASP F 61 66.48 -4.42 -51.10
CA ASP F 61 66.86 -5.78 -51.51
C ASP F 61 68.19 -5.82 -52.25
N ARG F 62 68.88 -4.68 -52.30
CA ARG F 62 70.22 -4.61 -52.86
C ARG F 62 71.16 -5.36 -51.93
N PHE F 63 70.76 -5.50 -50.67
CA PHE F 63 71.54 -6.17 -49.63
C PHE F 63 70.84 -7.42 -49.12
N SER F 64 71.62 -8.40 -48.66
CA SER F 64 71.07 -9.58 -47.99
C SER F 64 72.05 -10.16 -46.97
N GLY F 65 71.52 -10.90 -46.00
CA GLY F 65 72.34 -11.54 -44.99
C GLY F 65 72.54 -13.03 -45.31
N SER F 66 72.99 -13.80 -44.31
CA SER F 66 73.25 -15.24 -44.44
C SER F 66 73.22 -15.92 -43.07
N THR F 70 81.98 -20.02 -37.68
CA THR F 70 82.75 -18.82 -37.40
C THR F 70 82.72 -17.79 -38.55
N ASP F 71 82.43 -18.24 -39.78
CA ASP F 71 82.44 -17.39 -40.98
C ASP F 71 81.05 -16.92 -41.38
N PHE F 72 80.86 -15.62 -41.30
CA PHE F 72 79.59 -14.98 -41.61
C PHE F 72 79.81 -13.98 -42.73
N THR F 73 78.79 -13.77 -43.56
CA THR F 73 78.96 -12.84 -44.68
C THR F 73 77.83 -11.84 -44.84
N LEU F 74 78.12 -10.83 -45.64
CA LEU F 74 77.17 -9.83 -46.10
C LEU F 74 77.21 -9.80 -47.61
N THR F 75 76.06 -9.89 -48.24
CA THR F 75 76.03 -9.89 -49.69
C THR F 75 75.39 -8.63 -50.22
N ILE F 76 76.04 -8.00 -51.17
CA ILE F 76 75.43 -6.87 -51.83
C ILE F 76 75.07 -7.34 -53.23
N SER F 77 73.78 -7.55 -53.48
CA SER F 77 73.32 -8.13 -54.73
C SER F 77 73.66 -7.21 -55.88
N ARG F 78 73.56 -5.92 -55.63
CA ARG F 78 73.94 -4.92 -56.62
C ARG F 78 74.35 -3.62 -55.96
N LEU F 79 75.40 -3.00 -56.49
CA LEU F 79 75.90 -1.71 -56.00
C LEU F 79 75.37 -0.49 -56.74
N GLU F 80 74.84 0.43 -55.96
CA GLU F 80 74.45 1.76 -56.44
C GLU F 80 75.46 2.74 -55.83
N PRO F 81 75.61 3.97 -56.34
CA PRO F 81 76.53 4.99 -55.85
C PRO F 81 76.45 5.22 -54.33
N GLU F 82 75.29 4.99 -53.73
CA GLU F 82 75.10 5.21 -52.28
C GLU F 82 75.49 3.98 -51.44
N ASP F 83 75.90 2.91 -52.10
CA ASP F 83 76.28 1.66 -51.44
C ASP F 83 77.79 1.55 -51.29
N PHE F 84 78.46 2.66 -51.51
CA PHE F 84 79.90 2.70 -51.35
C PHE F 84 80.20 3.29 -49.99
N ALA F 85 80.58 2.40 -49.09
CA ALA F 85 80.71 2.70 -47.68
C ALA F 85 81.65 1.70 -47.04
N VAL F 86 82.10 2.00 -45.84
CA VAL F 86 82.90 1.02 -45.11
C VAL F 86 81.97 0.15 -44.30
N TYR F 87 82.05 -1.15 -44.49
CA TYR F 87 81.17 -2.06 -43.78
C TYR F 87 81.85 -2.68 -42.59
N TYR F 88 81.08 -2.82 -41.53
CA TYR F 88 81.56 -3.40 -40.28
C TYR F 88 80.64 -4.50 -39.81
N CYS F 89 81.21 -5.51 -39.12
CA CYS F 89 80.44 -6.51 -38.39
C CYS F 89 80.57 -6.22 -36.90
N GLN F 90 79.51 -6.48 -36.15
CA GLN F 90 79.53 -6.30 -34.69
C GLN F 90 78.90 -7.49 -33.99
N GLN F 91 79.54 -7.93 -32.91
CA GLN F 91 79.02 -9.07 -32.14
C GLN F 91 78.56 -8.69 -30.75
N TYR F 92 77.35 -9.16 -30.38
CA TYR F 92 76.71 -8.86 -29.09
C TYR F 92 76.52 -10.09 -28.20
N VAL F 93 77.37 -11.10 -28.31
CA VAL F 93 77.15 -12.30 -27.51
C VAL F 93 77.51 -12.05 -26.06
N GLY F 94 76.55 -12.29 -25.17
CA GLY F 94 76.75 -12.08 -23.74
C GLY F 94 76.69 -10.60 -23.39
N LEU F 95 77.19 -10.27 -22.21
CA LEU F 95 77.14 -8.90 -21.70
C LEU F 95 78.39 -8.09 -22.05
N THR F 96 79.52 -8.77 -22.21
CA THR F 96 80.79 -8.11 -22.49
C THR F 96 81.50 -8.78 -23.63
N GLY F 97 82.65 -8.25 -24.01
CA GLY F 97 83.43 -8.82 -25.10
C GLY F 97 82.86 -8.40 -26.46
N TRP F 98 82.00 -7.40 -26.45
CA TRP F 98 81.38 -6.91 -27.67
C TRP F 98 82.44 -6.20 -28.49
N THR F 99 82.37 -6.34 -29.81
CA THR F 99 83.36 -5.64 -30.63
C THR F 99 82.95 -5.49 -32.09
N PHE F 100 83.72 -4.67 -32.81
CA PHE F 100 83.59 -4.47 -34.24
C PHE F 100 84.83 -4.96 -34.98
N GLY F 101 84.65 -5.32 -36.25
CA GLY F 101 85.79 -5.67 -37.09
C GLY F 101 86.50 -4.39 -37.56
N GLN F 102 87.60 -4.54 -38.31
CA GLN F 102 88.40 -3.40 -38.76
C GLN F 102 87.68 -2.46 -39.73
N GLY F 103 86.79 -3.00 -40.54
CA GLY F 103 86.05 -2.22 -41.53
C GLY F 103 86.56 -2.53 -42.94
N THR F 104 85.62 -2.81 -43.86
CA THR F 104 85.92 -3.16 -45.25
C THR F 104 86.44 -1.90 -46.00
N ALA G 27 21.36 -52.84 8.59
CA ALA G 27 20.49 -52.87 9.76
C ALA G 27 19.91 -51.48 10.04
N TYR G 28 18.73 -51.46 10.65
CA TYR G 28 17.99 -50.25 11.03
C TYR G 28 17.50 -50.35 12.45
N THR G 29 17.28 -49.21 13.09
CA THR G 29 16.68 -49.23 14.40
C THR G 29 15.65 -48.12 14.57
N ASN G 30 15.01 -48.14 15.73
CA ASN G 30 13.96 -47.21 16.12
C ASN G 30 14.56 -46.02 16.86
N SER G 31 14.41 -44.82 16.29
CA SER G 31 14.98 -43.63 16.89
C SER G 31 14.26 -43.20 18.17
N PHE G 32 13.08 -43.75 18.38
CA PHE G 32 12.24 -43.43 19.51
C PHE G 32 12.02 -41.94 19.67
N THR G 33 12.45 -41.39 20.81
CA THR G 33 12.24 -39.98 21.09
C THR G 33 13.54 -39.21 21.17
N ARG G 34 14.60 -39.76 20.62
CA ARG G 34 15.91 -39.12 20.61
C ARG G 34 16.03 -38.15 19.44
N GLY G 35 16.96 -37.21 19.54
CA GLY G 35 17.26 -36.30 18.42
C GLY G 35 16.72 -34.89 18.61
N VAL G 36 16.18 -34.63 19.78
CA VAL G 36 15.70 -33.30 20.15
C VAL G 36 16.86 -32.50 20.70
N TYR G 37 16.90 -31.24 20.34
CA TYR G 37 17.93 -30.32 20.79
C TYR G 37 17.30 -28.99 21.09
N TYR G 38 17.97 -28.17 21.88
CA TYR G 38 17.47 -26.85 22.22
C TYR G 38 17.53 -25.95 20.99
N PRO G 39 16.38 -25.54 20.42
CA PRO G 39 16.27 -24.76 19.20
C PRO G 39 17.10 -23.48 19.20
N ASP G 40 17.22 -22.87 20.37
CA ASP G 40 17.95 -21.64 20.51
C ASP G 40 18.54 -21.47 21.90
N LYS G 41 19.23 -20.35 22.11
CA LYS G 41 19.89 -20.08 23.38
C LYS G 41 18.99 -19.26 24.29
N VAL G 42 17.77 -19.75 24.49
CA VAL G 42 16.78 -19.03 25.25
C VAL G 42 16.23 -19.83 26.41
N PHE G 43 16.19 -19.18 27.57
CA PHE G 43 15.65 -19.75 28.78
C PHE G 43 14.15 -19.61 28.80
N ARG G 44 13.48 -20.71 29.06
CA ARG G 44 12.04 -20.72 29.15
C ARG G 44 11.64 -21.52 30.37
N SER G 45 10.67 -21.03 31.12
CA SER G 45 10.31 -21.68 32.37
C SER G 45 8.89 -22.15 32.45
N SER G 46 8.73 -23.45 32.66
CA SER G 46 7.42 -24.07 32.83
C SER G 46 6.43 -23.70 31.73
N VAL G 47 6.89 -23.74 30.50
CA VAL G 47 6.06 -23.40 29.35
C VAL G 47 6.15 -24.45 28.26
N LEU G 48 5.05 -24.64 27.54
CA LEU G 48 5.09 -25.50 26.38
C LEU G 48 5.29 -24.61 25.16
N HIS G 49 6.39 -24.81 24.47
CA HIS G 49 6.73 -23.95 23.34
C HIS G 49 6.63 -24.68 22.02
N SER G 50 5.89 -24.11 21.09
CA SER G 50 5.71 -24.72 19.79
C SER G 50 6.67 -24.11 18.77
N THR G 51 7.50 -24.95 18.17
CA THR G 51 8.47 -24.45 17.21
C THR G 51 8.68 -25.40 16.04
N GLN G 52 8.99 -24.83 14.89
CA GLN G 52 9.31 -25.64 13.72
C GLN G 52 10.76 -25.47 13.37
N ASP G 53 11.46 -26.59 13.27
CA ASP G 53 12.88 -26.60 12.97
C ASP G 53 13.25 -27.96 12.44
N LEU G 54 14.51 -28.16 12.12
CA LEU G 54 14.93 -29.46 11.66
C LEU G 54 15.19 -30.38 12.84
N PHE G 55 14.33 -31.37 13.01
CA PHE G 55 14.42 -32.31 14.12
C PHE G 55 14.33 -33.72 13.61
N LEU G 56 14.84 -34.67 14.38
CA LEU G 56 14.68 -36.06 14.00
C LEU G 56 13.24 -36.46 14.36
N PRO G 57 12.39 -36.88 13.41
CA PRO G 57 11.01 -37.23 13.66
C PRO G 57 10.95 -38.37 14.65
N PHE G 58 9.94 -38.36 15.50
CA PHE G 58 9.83 -39.42 16.49
C PHE G 58 9.49 -40.74 15.86
N PHE G 59 10.14 -41.77 16.39
CA PHE G 59 10.00 -43.15 15.96
C PHE G 59 10.38 -43.33 14.51
N SER G 60 11.23 -42.43 14.01
CA SER G 60 11.72 -42.53 12.64
C SER G 60 12.68 -43.70 12.47
N ASN G 61 12.89 -44.07 11.20
CA ASN G 61 13.74 -45.13 10.72
C ASN G 61 15.18 -44.64 10.50
N VAL G 62 16.13 -45.05 11.35
CA VAL G 62 17.52 -44.61 11.27
C VAL G 62 18.42 -45.80 11.02
N THR G 63 19.51 -45.58 10.30
CA THR G 63 20.38 -46.68 9.91
C THR G 63 21.38 -47.02 10.99
N TRP G 64 21.53 -48.30 11.25
CA TRP G 64 22.46 -48.80 12.25
C TRP G 64 23.70 -49.38 11.61
N PHE G 65 24.83 -48.74 11.83
CA PHE G 65 26.09 -49.16 11.24
C PHE G 65 26.98 -49.85 12.27
N HIS G 66 27.71 -50.89 11.81
CA HIS G 66 28.67 -51.62 12.62
C HIS G 66 30.08 -51.33 12.12
N ASP G 80 32.84 -50.27 10.57
CA ASP G 80 32.79 -49.70 9.23
C ASP G 80 32.59 -48.17 9.29
N ASN G 81 32.58 -47.52 8.11
CA ASN G 81 32.43 -46.07 7.95
C ASN G 81 32.44 -45.65 6.48
N PRO G 82 31.35 -45.91 5.74
CA PRO G 82 31.12 -45.56 4.36
C PRO G 82 30.77 -44.10 4.25
N VAL G 83 30.77 -43.56 3.04
CA VAL G 83 30.34 -42.18 2.87
C VAL G 83 28.82 -42.13 2.81
N LEU G 84 28.24 -41.29 3.65
CA LEU G 84 26.80 -41.14 3.77
C LEU G 84 26.40 -39.75 3.28
N PRO G 85 25.20 -39.57 2.75
CA PRO G 85 24.67 -38.30 2.30
C PRO G 85 24.34 -37.41 3.49
N PHE G 86 24.38 -36.11 3.26
CA PHE G 86 23.98 -35.11 4.24
C PHE G 86 22.86 -34.31 3.61
N ASN G 87 21.67 -34.35 4.20
CA ASN G 87 20.54 -33.71 3.54
C ASN G 87 20.22 -32.34 4.13
N ASP G 88 19.22 -32.27 5.00
CA ASP G 88 18.89 -31.00 5.64
C ASP G 88 19.75 -30.85 6.87
N GLY G 89 20.11 -31.97 7.44
CA GLY G 89 20.94 -32.06 8.61
C GLY G 89 20.99 -33.51 9.04
N VAL G 90 21.92 -33.82 9.92
CA VAL G 90 22.11 -35.19 10.34
C VAL G 90 22.12 -35.42 11.83
N TYR G 91 21.43 -36.47 12.25
CA TYR G 91 21.46 -36.92 13.62
C TYR G 91 22.43 -38.08 13.72
N PHE G 92 23.34 -38.00 14.68
CA PHE G 92 24.34 -39.03 14.85
C PHE G 92 24.38 -39.53 16.29
N ALA G 93 24.56 -40.83 16.47
CA ALA G 93 24.73 -41.35 17.82
C ALA G 93 25.68 -42.52 17.82
N SER G 94 26.40 -42.71 18.93
CA SER G 94 27.30 -43.84 19.05
C SER G 94 27.40 -44.35 20.48
N THR G 95 27.78 -45.63 20.62
CA THR G 95 27.89 -46.24 21.94
C THR G 95 29.22 -46.96 22.18
N GLU G 96 30.28 -46.19 22.39
CA GLU G 96 31.60 -46.77 22.62
C GLU G 96 32.11 -46.55 24.04
N LYS G 97 32.68 -47.61 24.59
CA LYS G 97 33.33 -47.54 25.89
C LYS G 97 34.84 -47.36 25.71
N SER G 98 35.34 -47.75 24.54
CA SER G 98 36.75 -47.62 24.21
C SER G 98 37.03 -46.38 23.39
N ASN G 99 35.99 -45.58 23.13
CA ASN G 99 36.09 -44.34 22.35
C ASN G 99 36.77 -44.54 21.00
N ILE G 100 36.28 -45.50 20.24
CA ILE G 100 36.84 -45.82 18.93
C ILE G 100 36.43 -44.79 17.88
N ILE G 101 35.16 -44.41 17.85
CA ILE G 101 34.71 -43.44 16.85
C ILE G 101 34.92 -42.06 17.44
N ARG G 102 35.72 -41.24 16.76
CA ARG G 102 36.05 -39.95 17.35
C ARG G 102 36.33 -38.86 16.33
N GLY G 103 35.53 -38.78 15.27
CA GLY G 103 35.74 -37.72 14.29
C GLY G 103 34.81 -37.84 13.10
N TRP G 104 34.82 -36.80 12.27
CA TRP G 104 33.97 -36.72 11.09
C TRP G 104 34.58 -35.91 9.96
N ILE G 105 34.14 -36.23 8.75
CA ILE G 105 34.46 -35.45 7.56
C ILE G 105 33.18 -34.95 6.92
N PHE G 106 33.09 -33.65 6.65
CA PHE G 106 31.92 -33.11 5.98
C PHE G 106 32.30 -32.30 4.75
N GLY G 107 31.55 -32.42 3.67
CA GLY G 107 31.81 -31.60 2.49
C GLY G 107 31.06 -32.11 1.27
N THR G 108 31.55 -31.78 0.08
CA THR G 108 30.90 -32.20 -1.16
C THR G 108 31.80 -33.12 -1.97
N THR G 109 32.94 -32.59 -2.43
CA THR G 109 33.83 -33.37 -3.28
C THR G 109 34.78 -34.23 -2.46
N LEU G 110 35.25 -33.69 -1.35
CA LEU G 110 36.16 -34.38 -0.46
C LEU G 110 37.40 -34.91 -1.19
N ASP G 111 37.87 -34.18 -2.20
CA ASP G 111 39.03 -34.64 -2.96
C ASP G 111 40.00 -33.51 -3.29
N SER G 112 39.87 -32.40 -2.57
CA SER G 112 40.67 -31.16 -2.68
C SER G 112 40.11 -30.14 -3.68
N LYS G 113 39.06 -30.50 -4.42
CA LYS G 113 38.48 -29.55 -5.37
C LYS G 113 37.72 -28.42 -4.66
N THR G 114 37.10 -28.72 -3.53
CA THR G 114 36.34 -27.73 -2.76
C THR G 114 36.71 -27.77 -1.30
N GLN G 115 36.25 -26.78 -0.55
CA GLN G 115 36.50 -26.73 0.90
C GLN G 115 35.75 -27.83 1.61
N SER G 116 36.37 -28.39 2.64
CA SER G 116 35.74 -29.42 3.44
C SER G 116 36.14 -29.32 4.90
N LEU G 117 35.30 -29.87 5.76
CA LEU G 117 35.47 -29.83 7.20
C LEU G 117 35.94 -31.13 7.80
N LEU G 118 37.06 -31.06 8.51
CA LEU G 118 37.60 -32.22 9.18
C LEU G 118 37.62 -32.02 10.68
N ILE G 119 36.98 -32.93 11.40
CA ILE G 119 36.95 -32.86 12.86
C ILE G 119 37.55 -34.11 13.46
N VAL G 120 38.62 -33.95 14.25
CA VAL G 120 39.22 -35.09 14.92
C VAL G 120 39.36 -34.84 16.41
N ASN G 121 38.77 -35.73 17.20
CA ASN G 121 38.79 -35.60 18.66
C ASN G 121 39.78 -36.58 19.32
N ASN G 122 41.10 -36.25 19.26
CA ASN G 122 42.15 -37.13 19.76
C ASN G 122 42.70 -36.62 21.10
N ALA G 123 42.85 -37.57 22.07
CA ALA G 123 43.43 -37.32 23.41
C ALA G 123 42.73 -36.16 24.11
N THR G 124 43.45 -35.06 24.31
CA THR G 124 42.94 -33.91 25.04
C THR G 124 42.63 -32.71 24.16
N ASN G 125 42.76 -32.86 22.85
CA ASN G 125 42.54 -31.72 21.96
C ASN G 125 41.75 -32.06 20.71
N VAL G 126 40.55 -31.52 20.64
CA VAL G 126 39.73 -31.73 19.46
C VAL G 126 39.95 -30.59 18.51
N VAL G 127 40.30 -30.95 17.29
CA VAL G 127 40.63 -29.96 16.28
C VAL G 127 39.61 -29.92 15.17
N ILE G 128 39.09 -28.73 14.93
CA ILE G 128 38.16 -28.48 13.85
C ILE G 128 38.86 -27.67 12.77
N LYS G 129 38.98 -28.23 11.58
CA LYS G 129 39.73 -27.56 10.52
C LYS G 129 39.03 -27.60 9.16
N VAL G 130 39.00 -26.46 8.47
CA VAL G 130 38.39 -26.40 7.15
C VAL G 130 39.43 -26.03 6.08
N CYS G 131 39.64 -26.94 5.11
CA CYS G 131 40.64 -26.83 4.06
C CYS G 131 40.19 -27.57 2.80
N GLU G 132 40.92 -27.37 1.72
CA GLU G 132 40.68 -28.14 0.51
C GLU G 132 41.46 -29.43 0.65
N PHE G 133 40.91 -30.31 1.49
CA PHE G 133 41.54 -31.55 1.85
C PHE G 133 41.46 -32.56 0.73
N GLN G 134 42.56 -33.29 0.56
CA GLN G 134 42.58 -34.41 -0.35
C GLN G 134 42.54 -35.64 0.52
N PHE G 135 41.35 -36.19 0.67
CA PHE G 135 41.12 -37.27 1.61
C PHE G 135 41.52 -38.62 1.07
N CYS G 136 41.86 -39.52 1.97
CA CYS G 136 42.11 -40.90 1.64
C CYS G 136 40.78 -41.52 1.20
N ASN G 137 40.84 -42.54 0.36
CA ASN G 137 39.61 -43.20 -0.10
C ASN G 137 39.05 -44.13 0.97
N ASP G 138 39.84 -44.32 2.01
CA ASP G 138 39.48 -45.15 3.15
C ASP G 138 40.23 -44.61 4.37
N PRO G 139 39.83 -43.44 4.88
CA PRO G 139 40.50 -42.71 5.94
C PRO G 139 40.33 -43.42 7.26
N PHE G 140 41.34 -43.39 8.10
CA PHE G 140 41.21 -43.99 9.42
C PHE G 140 42.19 -43.43 10.43
N LEU G 141 41.92 -43.74 11.68
CA LEU G 141 42.81 -43.39 12.78
C LEU G 141 43.40 -44.70 13.30
N GLY G 142 44.62 -44.65 13.83
CA GLY G 142 45.22 -45.86 14.40
C GLY G 142 45.00 -45.92 15.90
N VAL G 143 45.72 -46.85 16.55
CA VAL G 143 45.64 -47.08 18.01
C VAL G 143 47.04 -46.98 18.62
N GLU G 156 49.32 -43.59 14.50
CA GLU G 156 49.09 -43.63 13.06
C GLU G 156 47.88 -42.75 12.72
N PHE G 157 48.03 -41.89 11.70
CA PHE G 157 46.98 -40.98 11.20
C PHE G 157 46.97 -40.98 9.69
N ARG G 158 45.91 -41.51 9.09
CA ARG G 158 45.84 -41.55 7.64
C ARG G 158 44.47 -41.13 7.17
N VAL G 159 44.20 -39.84 7.28
CA VAL G 159 42.89 -39.31 6.95
C VAL G 159 42.95 -38.58 5.62
N TYR G 160 43.99 -37.79 5.43
CA TYR G 160 44.17 -37.01 4.22
C TYR G 160 45.64 -36.95 3.85
N SER G 161 45.90 -36.70 2.58
CA SER G 161 47.25 -36.55 2.07
C SER G 161 47.61 -35.08 1.84
N SER G 162 46.59 -34.23 1.75
CA SER G 162 46.82 -32.81 1.50
C SER G 162 45.74 -31.94 2.15
N ALA G 163 46.09 -30.70 2.47
CA ALA G 163 45.16 -29.74 3.06
C ALA G 163 45.47 -28.32 2.59
N ASN G 164 45.05 -27.99 1.39
CA ASN G 164 45.42 -26.73 0.77
C ASN G 164 44.42 -25.62 1.07
N ASN G 165 44.85 -24.34 0.99
CA ASN G 165 43.98 -23.17 1.09
C ASN G 165 43.04 -23.23 2.32
N CYS G 166 43.65 -23.47 3.51
CA CYS G 166 42.90 -23.55 4.76
C CYS G 166 42.28 -22.21 5.14
N THR G 167 41.00 -22.23 5.49
CA THR G 167 40.27 -21.02 5.81
C THR G 167 39.87 -20.90 7.27
N PHE G 168 39.79 -22.02 7.97
CA PHE G 168 39.33 -21.98 9.36
C PHE G 168 39.95 -23.05 10.22
N GLU G 169 40.30 -22.69 11.44
CA GLU G 169 40.76 -23.67 12.42
C GLU G 169 40.35 -23.27 13.82
N TYR G 170 39.90 -24.23 14.60
CA TYR G 170 39.47 -24.02 15.97
C TYR G 170 39.84 -25.21 16.84
N VAL G 171 40.35 -24.95 18.04
CA VAL G 171 40.70 -26.06 18.92
C VAL G 171 40.09 -25.87 20.31
N SER G 172 39.45 -26.93 20.85
CA SER G 172 38.84 -26.91 22.18
C SER G 172 39.02 -28.29 22.84
N ASN G 188 30.52 -43.86 26.72
CA ASN G 188 29.14 -44.27 26.97
C ASN G 188 28.30 -43.97 25.71
N LEU G 189 27.11 -43.32 25.85
CA LEU G 189 26.24 -42.93 24.73
C LEU G 189 26.45 -41.47 24.38
N ARG G 190 26.87 -41.22 23.16
CA ARG G 190 27.14 -39.87 22.72
C ARG G 190 26.24 -39.54 21.55
N GLU G 191 25.55 -38.41 21.65
CA GLU G 191 24.63 -38.01 20.60
C GLU G 191 24.98 -36.64 20.09
N PHE G 192 24.89 -36.49 18.77
CA PHE G 192 25.21 -35.23 18.10
C PHE G 192 24.19 -34.85 17.04
N VAL G 193 24.03 -33.56 16.85
CA VAL G 193 23.26 -33.06 15.72
C VAL G 193 24.09 -32.10 14.91
N PHE G 194 24.12 -32.33 13.61
CA PHE G 194 24.88 -31.49 12.69
C PHE G 194 23.99 -30.84 11.65
N LYS G 195 23.91 -29.52 11.65
CA LYS G 195 23.12 -28.86 10.60
C LYS G 195 23.80 -27.59 10.14
N ASN G 196 23.64 -27.25 8.87
CA ASN G 196 24.26 -26.04 8.36
C ASN G 196 23.21 -25.03 7.93
N ILE G 197 23.02 -24.00 8.74
CA ILE G 197 22.00 -23.01 8.47
C ILE G 197 22.60 -21.64 8.23
N ASP G 198 22.35 -21.11 7.04
CA ASP G 198 22.78 -19.78 6.65
C ASP G 198 24.26 -19.50 6.91
N GLY G 199 25.10 -20.48 6.62
CA GLY G 199 26.55 -20.30 6.78
C GLY G 199 27.10 -20.79 8.10
N TYR G 200 26.24 -21.13 9.06
CA TYR G 200 26.76 -21.62 10.32
C TYR G 200 26.61 -23.12 10.48
N PHE G 201 27.70 -23.78 10.80
CA PHE G 201 27.64 -25.21 11.04
C PHE G 201 27.45 -25.40 12.52
N LYS G 202 26.24 -25.78 12.87
CA LYS G 202 25.85 -25.86 14.25
C LYS G 202 25.89 -27.28 14.74
N ILE G 203 26.58 -27.46 15.84
CA ILE G 203 26.73 -28.77 16.42
C ILE G 203 26.13 -28.80 17.81
N TYR G 204 25.26 -29.75 18.05
CA TYR G 204 24.64 -29.93 19.36
C TYR G 204 25.11 -31.26 19.89
N SER G 205 25.22 -31.41 21.20
CA SER G 205 25.66 -32.70 21.74
C SER G 205 25.15 -33.02 23.13
N LYS G 206 25.17 -34.31 23.45
CA LYS G 206 24.84 -34.83 24.77
C LYS G 206 25.66 -36.09 25.06
N HIS G 207 26.12 -36.24 26.29
CA HIS G 207 26.84 -37.43 26.70
C HIS G 207 26.16 -38.03 27.93
N THR G 208 25.62 -39.24 27.78
CA THR G 208 24.87 -39.88 28.85
C THR G 208 25.39 -41.30 29.07
N PRO G 209 25.07 -41.94 30.22
CA PRO G 209 25.32 -43.34 30.52
C PRO G 209 24.60 -44.26 29.55
N ILE G 210 25.17 -45.44 29.35
CA ILE G 210 24.59 -46.46 28.49
C ILE G 210 24.52 -47.79 29.23
N ASN G 211 23.35 -48.42 29.25
CA ASN G 211 23.19 -49.69 29.93
C ASN G 211 22.75 -50.79 28.97
N LEU G 212 22.80 -50.51 27.68
CA LEU G 212 22.44 -51.50 26.66
C LEU G 212 23.68 -51.82 25.86
N VAL G 213 23.75 -53.05 25.36
CA VAL G 213 24.94 -53.47 24.60
C VAL G 213 24.84 -53.15 23.11
N ARG G 214 23.70 -53.45 22.50
CA ARG G 214 23.50 -53.17 21.08
C ARG G 214 22.17 -52.50 20.80
N ASP G 215 22.00 -51.28 21.29
CA ASP G 215 20.73 -50.58 21.12
C ASP G 215 20.87 -49.08 21.24
N LEU G 216 19.76 -48.39 21.03
CA LEU G 216 19.62 -46.95 21.18
C LEU G 216 18.51 -46.69 22.21
N PRO G 217 18.84 -46.44 23.47
CA PRO G 217 17.93 -46.42 24.61
C PRO G 217 16.72 -45.53 24.39
N GLN G 218 15.56 -46.05 24.79
CA GLN G 218 14.30 -45.33 24.64
C GLN G 218 14.09 -44.36 25.80
N GLY G 219 14.85 -43.28 25.77
CA GLY G 219 14.78 -42.25 26.79
C GLY G 219 14.71 -40.88 26.15
N PHE G 220 14.80 -39.83 26.95
CA PHE G 220 14.72 -38.49 26.39
C PHE G 220 15.70 -37.51 27.01
N SER G 221 16.48 -36.86 26.15
CA SER G 221 17.37 -35.80 26.54
C SER G 221 17.42 -34.80 25.40
N ALA G 222 17.50 -33.52 25.70
CA ALA G 222 17.69 -32.55 24.64
C ALA G 222 19.16 -32.20 24.55
N LEU G 223 19.67 -32.17 23.34
CA LEU G 223 21.07 -31.87 23.09
C LEU G 223 21.35 -30.37 23.13
N GLU G 224 22.45 -30.01 23.78
CA GLU G 224 22.80 -28.62 23.96
C GLU G 224 23.74 -28.18 22.85
N PRO G 225 23.69 -26.92 22.43
CA PRO G 225 24.59 -26.37 21.43
C PRO G 225 26.00 -26.42 21.95
N LEU G 226 26.92 -26.79 21.08
CA LEU G 226 28.33 -26.90 21.41
C LEU G 226 29.09 -25.78 20.71
N VAL G 227 29.01 -25.77 19.39
CA VAL G 227 29.65 -24.76 18.57
C VAL G 227 28.73 -24.28 17.46
N ASP G 228 29.04 -23.09 16.95
CA ASP G 228 28.36 -22.48 15.82
C ASP G 228 29.39 -21.91 14.85
N LEU G 229 30.00 -22.79 14.08
CA LEU G 229 31.17 -22.44 13.30
C LEU G 229 30.78 -21.57 12.11
N PRO G 230 31.32 -20.36 11.99
CA PRO G 230 31.03 -19.40 10.94
C PRO G 230 31.81 -19.74 9.68
N ILE G 231 31.54 -20.91 9.13
CA ILE G 231 32.28 -21.37 7.96
C ILE G 231 31.38 -21.54 6.73
N GLY G 232 31.80 -20.92 5.63
CA GLY G 232 31.04 -20.98 4.38
C GLY G 232 31.26 -22.30 3.65
N ILE G 233 30.80 -23.37 4.25
CA ILE G 233 31.02 -24.71 3.73
C ILE G 233 29.73 -25.34 3.20
N ASN G 234 29.81 -25.94 1.99
CA ASN G 234 28.72 -26.68 1.37
C ASN G 234 28.89 -28.17 1.69
N ILE G 235 27.98 -28.72 2.51
CA ILE G 235 28.04 -30.12 2.95
C ILE G 235 26.91 -30.92 2.33
N THR G 236 27.26 -31.90 1.53
CA THR G 236 26.29 -32.75 0.86
C THR G 236 26.54 -34.22 1.19
N ARG G 237 27.75 -34.49 1.69
CA ARG G 237 28.16 -35.84 2.08
C ARG G 237 28.99 -35.77 3.35
N PHE G 238 29.02 -36.85 4.12
CA PHE G 238 29.89 -36.88 5.27
C PHE G 238 30.34 -38.31 5.57
N GLN G 239 31.40 -38.45 6.36
CA GLN G 239 31.92 -39.75 6.72
C GLN G 239 32.44 -39.74 8.15
N THR G 240 32.28 -40.83 8.88
CA THR G 240 32.80 -40.86 10.24
C THR G 240 34.26 -41.29 10.24
N LEU G 241 34.97 -41.01 11.33
CA LEU G 241 36.34 -41.44 11.51
C LEU G 241 36.49 -42.26 12.77
N LEU G 242 37.09 -43.42 12.62
CA LEU G 242 37.26 -44.31 13.76
C LEU G 242 38.66 -44.93 13.84
N ALA G 243 39.08 -45.24 15.08
CA ALA G 243 40.31 -45.95 15.41
C ALA G 243 40.14 -47.45 15.15
N ALA G 263 32.56 -51.23 18.29
CA ALA G 263 32.00 -49.89 18.13
C ALA G 263 30.79 -49.96 17.19
N ALA G 264 29.84 -49.02 17.35
CA ALA G 264 28.64 -48.93 16.52
C ALA G 264 28.06 -47.53 16.55
N TYR G 265 27.39 -47.15 15.47
CA TYR G 265 26.77 -45.84 15.42
C TYR G 265 25.49 -45.82 14.60
N TYR G 266 24.70 -44.78 14.81
CA TYR G 266 23.43 -44.65 14.12
C TYR G 266 23.37 -43.33 13.39
N VAL G 267 22.75 -43.35 12.21
CA VAL G 267 22.57 -42.12 11.46
C VAL G 267 21.13 -41.90 11.03
N GLY G 268 20.60 -40.73 11.38
CA GLY G 268 19.27 -40.34 10.99
C GLY G 268 19.31 -39.01 10.28
N TYR G 269 18.18 -38.55 9.79
CA TYR G 269 18.13 -37.27 9.10
C TYR G 269 17.06 -36.38 9.68
N LEU G 270 17.35 -35.09 9.71
CA LEU G 270 16.43 -34.14 10.29
C LEU G 270 15.41 -33.70 9.26
N GLN G 271 14.22 -33.36 9.72
CA GLN G 271 13.15 -32.87 8.85
C GLN G 271 12.49 -31.65 9.47
N PRO G 272 11.92 -30.76 8.66
CA PRO G 272 11.24 -29.53 9.09
C PRO G 272 9.89 -29.80 9.71
N ARG G 273 9.92 -30.41 10.88
CA ARG G 273 8.74 -30.81 11.63
C ARG G 273 8.47 -29.86 12.77
N THR G 274 7.23 -29.84 13.24
CA THR G 274 6.88 -29.00 14.36
C THR G 274 6.82 -29.80 15.64
N PHE G 275 7.46 -29.29 16.67
CA PHE G 275 7.45 -29.90 17.98
C PHE G 275 6.90 -29.01 19.06
N LEU G 276 6.24 -29.63 20.02
CA LEU G 276 5.81 -28.94 21.22
C LEU G 276 6.78 -29.36 22.31
N LEU G 277 7.60 -28.42 22.77
CA LEU G 277 8.64 -28.71 23.73
C LEU G 277 8.24 -28.33 25.13
N LYS G 278 8.37 -29.25 26.06
CA LYS G 278 8.00 -29.00 27.45
C LYS G 278 9.19 -28.63 28.30
N TYR G 279 9.20 -27.38 28.76
CA TYR G 279 10.28 -26.86 29.58
C TYR G 279 9.94 -26.99 31.06
N ASN G 280 10.96 -27.20 31.88
CA ASN G 280 10.77 -27.23 33.31
C ASN G 280 11.08 -25.86 33.89
N GLU G 281 11.00 -25.75 35.21
CA GLU G 281 11.29 -24.49 35.89
C GLU G 281 12.77 -24.06 35.84
N ASN G 282 13.69 -24.98 35.46
CA ASN G 282 15.13 -24.74 35.38
C ASN G 282 15.63 -24.53 33.94
N GLY G 283 14.71 -24.36 32.96
CA GLY G 283 15.08 -24.05 31.58
C GLY G 283 15.44 -25.26 30.71
N THR G 284 15.23 -26.48 31.20
CA THR G 284 15.58 -27.64 30.39
C THR G 284 14.35 -28.18 29.71
N ILE G 285 14.56 -28.98 28.68
CA ILE G 285 13.45 -29.64 28.03
C ILE G 285 13.32 -31.02 28.65
N THR G 286 12.14 -31.31 29.18
CA THR G 286 11.95 -32.58 29.86
C THR G 286 11.17 -33.54 29.00
N ASP G 287 10.40 -33.02 28.06
CA ASP G 287 9.65 -33.87 27.16
C ASP G 287 9.36 -33.15 25.86
N ALA G 288 8.74 -33.83 24.91
CA ALA G 288 8.37 -33.21 23.65
C ALA G 288 7.31 -34.01 22.89
N VAL G 289 6.55 -33.31 22.05
CA VAL G 289 5.58 -33.95 21.17
C VAL G 289 5.87 -33.67 19.71
N ASP G 290 5.96 -34.73 18.91
CA ASP G 290 6.13 -34.61 17.48
C ASP G 290 4.75 -34.46 16.84
N CYS G 291 4.42 -33.25 16.35
CA CYS G 291 3.08 -32.86 15.91
C CYS G 291 2.61 -33.66 14.70
N ALA G 292 3.52 -34.35 14.02
CA ALA G 292 3.15 -35.09 12.83
C ALA G 292 3.17 -36.60 13.04
N LEU G 293 3.42 -37.03 14.27
CA LEU G 293 3.56 -38.46 14.54
C LEU G 293 2.24 -39.23 14.38
N ASP G 294 1.18 -38.71 14.98
CA ASP G 294 -0.14 -39.35 14.91
C ASP G 294 -1.18 -38.28 15.30
N PRO G 295 -2.50 -38.56 15.20
CA PRO G 295 -3.57 -37.65 15.53
C PRO G 295 -3.65 -37.25 17.01
N LEU G 296 -3.04 -38.01 17.91
CA LEU G 296 -3.13 -37.60 19.30
C LEU G 296 -2.11 -36.53 19.55
N SER G 297 -0.93 -36.72 18.97
CA SER G 297 0.13 -35.75 19.09
C SER G 297 -0.27 -34.47 18.39
N GLU G 298 -0.97 -34.62 17.27
CA GLU G 298 -1.42 -33.46 16.52
C GLU G 298 -2.38 -32.65 17.38
N THR G 299 -3.26 -33.34 18.10
CA THR G 299 -4.20 -32.69 19.00
C THR G 299 -3.48 -31.95 20.10
N LYS G 300 -2.47 -32.57 20.71
CA LYS G 300 -1.73 -31.90 21.77
C LYS G 300 -1.13 -30.57 21.29
N CYS G 301 -0.52 -30.56 20.09
CA CYS G 301 0.09 -29.38 19.49
C CYS G 301 -0.97 -28.31 19.19
N THR G 302 -2.12 -28.75 18.73
CA THR G 302 -3.24 -27.87 18.42
C THR G 302 -3.73 -27.14 19.65
N LEU G 303 -3.86 -27.88 20.74
CA LEU G 303 -4.32 -27.31 22.00
C LEU G 303 -3.18 -26.62 22.74
N LYS G 304 -1.95 -26.90 22.33
CA LYS G 304 -0.76 -26.40 22.98
C LYS G 304 -0.81 -26.83 24.44
N SER G 305 -1.11 -28.10 24.62
CA SER G 305 -1.22 -28.73 25.92
C SER G 305 -0.51 -30.05 25.85
N PHE G 306 0.07 -30.47 26.96
CA PHE G 306 0.77 -31.73 26.92
C PHE G 306 -0.22 -32.84 27.29
N THR G 307 -1.41 -32.42 27.70
CA THR G 307 -2.50 -33.30 28.12
C THR G 307 -3.76 -33.00 27.31
N VAL G 308 -4.38 -34.04 26.78
CA VAL G 308 -5.60 -33.85 26.03
C VAL G 308 -6.77 -34.27 26.88
N GLU G 309 -7.74 -33.38 27.02
CA GLU G 309 -8.94 -33.61 27.81
C GLU G 309 -9.95 -34.39 27.01
N LYS G 310 -10.93 -34.95 27.69
CA LYS G 310 -11.97 -35.69 26.99
C LYS G 310 -12.78 -34.78 26.08
N GLY G 311 -12.97 -35.20 24.84
CA GLY G 311 -13.77 -34.42 23.90
C GLY G 311 -13.36 -34.61 22.45
N ILE G 312 -13.89 -33.74 21.59
CA ILE G 312 -13.61 -33.78 20.17
C ILE G 312 -12.95 -32.46 19.77
N TYR G 313 -11.82 -32.53 19.07
CA TYR G 313 -11.12 -31.31 18.70
C TYR G 313 -10.78 -31.25 17.23
N GLN G 314 -10.94 -30.11 16.58
CA GLN G 314 -10.53 -30.01 15.19
C GLN G 314 -9.07 -29.62 15.11
N THR G 315 -8.27 -30.47 14.48
CA THR G 315 -6.84 -30.25 14.43
C THR G 315 -6.29 -29.99 13.04
N SER G 316 -7.00 -30.43 12.01
CA SER G 316 -6.45 -30.25 10.67
C SER G 316 -7.52 -30.05 9.61
N ASN G 317 -7.11 -30.14 8.36
CA ASN G 317 -7.98 -29.92 7.20
C ASN G 317 -7.59 -30.86 6.06
N PHE G 318 -8.47 -31.80 5.79
CA PHE G 318 -8.27 -32.81 4.76
C PHE G 318 -8.55 -32.20 3.41
N ARG G 319 -7.65 -32.40 2.46
CA ARG G 319 -7.89 -31.93 1.10
C ARG G 319 -7.42 -32.94 0.07
N VAL G 320 -8.30 -33.31 -0.83
CA VAL G 320 -7.94 -34.20 -1.91
C VAL G 320 -7.15 -33.43 -2.95
N GLN G 321 -6.00 -33.96 -3.33
CA GLN G 321 -5.13 -33.29 -4.27
C GLN G 321 -5.39 -33.79 -5.69
N PRO G 322 -5.15 -32.95 -6.71
CA PRO G 322 -5.20 -33.32 -8.10
C PRO G 322 -4.09 -34.30 -8.41
N THR G 323 -4.38 -35.26 -9.28
CA THR G 323 -3.39 -36.25 -9.67
C THR G 323 -2.87 -36.04 -11.08
N GLU G 324 -3.57 -35.22 -11.86
CA GLU G 324 -3.19 -34.96 -13.24
C GLU G 324 -3.46 -33.52 -13.62
N SER G 325 -3.10 -33.19 -14.86
CA SER G 325 -3.33 -31.87 -15.43
C SER G 325 -3.99 -32.04 -16.78
N ILE G 326 -5.23 -31.58 -16.88
CA ILE G 326 -6.02 -31.82 -18.08
C ILE G 326 -6.29 -30.53 -18.82
N VAL G 327 -5.78 -30.45 -20.04
CA VAL G 327 -5.98 -29.26 -20.83
C VAL G 327 -6.66 -29.60 -22.14
N ARG G 328 -7.71 -28.87 -22.47
CA ARG G 328 -8.42 -29.15 -23.70
C ARG G 328 -8.81 -27.89 -24.46
N PHE G 329 -8.58 -27.97 -25.76
CA PHE G 329 -8.91 -26.96 -26.75
C PHE G 329 -9.60 -27.64 -27.92
N PRO G 330 -10.35 -26.92 -28.76
CA PRO G 330 -11.06 -27.42 -29.92
C PRO G 330 -10.09 -28.01 -30.92
N ASN G 331 -10.59 -28.90 -31.81
CA ASN G 331 -9.83 -29.51 -32.88
C ASN G 331 -9.13 -28.43 -33.72
N ILE G 332 -7.85 -28.62 -34.03
CA ILE G 332 -7.10 -27.62 -34.79
C ILE G 332 -7.34 -27.76 -36.28
N THR G 333 -7.98 -26.76 -36.82
CA THR G 333 -8.37 -26.66 -38.22
C THR G 333 -7.97 -25.28 -38.70
N ASN G 334 -8.12 -25.02 -39.99
CA ASN G 334 -7.77 -23.70 -40.51
C ASN G 334 -6.32 -23.33 -40.23
N LEU G 335 -5.42 -24.22 -40.61
CA LEU G 335 -3.99 -23.97 -40.45
C LEU G 335 -3.56 -22.91 -41.47
N CYS G 336 -2.59 -22.07 -41.08
CA CYS G 336 -2.03 -21.03 -41.93
C CYS G 336 -1.32 -21.65 -43.13
N PRO G 337 -1.53 -21.08 -44.33
CA PRO G 337 -1.03 -21.54 -45.61
C PRO G 337 0.46 -21.28 -45.79
N PHE G 338 1.27 -21.88 -44.93
CA PHE G 338 2.72 -21.75 -45.10
C PHE G 338 3.15 -22.59 -46.28
N GLY G 339 2.47 -23.71 -46.49
CA GLY G 339 2.82 -24.59 -47.60
C GLY G 339 2.71 -23.86 -48.93
N GLU G 340 1.75 -22.95 -49.02
CA GLU G 340 1.52 -22.19 -50.24
C GLU G 340 2.68 -21.24 -50.55
N VAL G 341 3.51 -20.95 -49.55
CA VAL G 341 4.62 -20.05 -49.71
C VAL G 341 5.92 -20.83 -49.91
N PHE G 342 6.12 -21.83 -49.06
CA PHE G 342 7.34 -22.64 -49.04
C PHE G 342 7.44 -23.69 -50.16
N ASN G 343 6.29 -24.27 -50.57
CA ASN G 343 6.20 -25.28 -51.62
C ASN G 343 5.67 -24.70 -52.94
N ALA G 344 5.77 -23.36 -53.11
CA ALA G 344 5.32 -22.65 -54.31
C ALA G 344 6.11 -23.06 -55.54
N THR G 345 5.44 -23.11 -56.68
CA THR G 345 6.07 -23.50 -57.93
C THR G 345 6.90 -22.36 -58.51
N ARG G 346 6.58 -21.14 -58.11
CA ARG G 346 7.30 -19.98 -58.57
C ARG G 346 7.55 -18.99 -57.45
N PHE G 347 8.76 -18.51 -57.39
CA PHE G 347 9.17 -17.46 -56.47
C PHE G 347 9.44 -16.19 -57.24
N ALA G 348 9.24 -15.07 -56.60
CA ALA G 348 9.44 -13.78 -57.22
C ALA G 348 10.90 -13.40 -57.28
N SER G 349 11.19 -12.47 -58.17
CA SER G 349 12.51 -11.87 -58.28
C SER G 349 12.77 -11.11 -56.99
N VAL G 350 14.02 -11.04 -56.55
CA VAL G 350 14.29 -10.32 -55.32
C VAL G 350 14.02 -8.83 -55.40
N TYR G 351 14.14 -8.24 -56.59
CA TYR G 351 13.83 -6.82 -56.72
C TYR G 351 12.32 -6.58 -56.60
N ALA G 352 11.52 -7.63 -56.78
CA ALA G 352 10.08 -7.54 -56.78
C ALA G 352 9.47 -8.67 -55.97
N TRP G 353 9.86 -8.76 -54.71
CA TRP G 353 9.49 -9.88 -53.84
C TRP G 353 8.00 -10.03 -53.63
N ASN G 354 7.55 -11.28 -53.43
CA ASN G 354 6.13 -11.59 -53.30
C ASN G 354 5.65 -11.64 -51.86
N ARG G 355 4.86 -10.65 -51.47
CA ARG G 355 4.34 -10.61 -50.11
C ARG G 355 2.96 -11.23 -49.99
N LYS G 356 2.87 -12.31 -49.21
CA LYS G 356 1.59 -12.95 -48.94
C LYS G 356 1.17 -12.64 -47.50
N ARG G 357 -0.05 -12.16 -47.33
CA ARG G 357 -0.53 -11.87 -45.99
C ARG G 357 -1.22 -13.08 -45.37
N ILE G 358 -0.76 -13.46 -44.20
CA ILE G 358 -1.29 -14.57 -43.43
C ILE G 358 -2.09 -14.02 -42.24
N SER G 359 -3.37 -14.41 -42.17
CA SER G 359 -4.25 -13.89 -41.14
C SER G 359 -5.39 -14.87 -40.82
N ASN G 360 -6.02 -14.68 -39.66
CA ASN G 360 -7.21 -15.46 -39.29
C ASN G 360 -7.00 -16.98 -39.45
N CYS G 361 -5.90 -17.51 -38.89
CA CYS G 361 -5.50 -18.91 -39.01
C CYS G 361 -4.58 -19.38 -37.87
N VAL G 362 -4.33 -20.69 -37.86
CA VAL G 362 -3.44 -21.30 -36.88
C VAL G 362 -2.06 -21.56 -37.47
N ALA G 363 -1.06 -20.91 -36.91
CA ALA G 363 0.29 -20.96 -37.46
C ALA G 363 1.12 -22.09 -36.89
N ASP G 364 1.21 -23.18 -37.63
CA ASP G 364 1.94 -24.34 -37.14
C ASP G 364 3.42 -24.17 -37.41
N TYR G 365 4.04 -23.32 -36.60
CA TYR G 365 5.44 -22.95 -36.77
C TYR G 365 6.35 -24.12 -36.50
N SER G 366 5.83 -25.11 -35.78
CA SER G 366 6.58 -26.28 -35.42
C SER G 366 7.03 -27.06 -36.65
N VAL G 367 6.24 -27.02 -37.73
CA VAL G 367 6.63 -27.76 -38.92
C VAL G 367 7.87 -27.14 -39.54
N LEU G 368 7.85 -25.82 -39.66
CA LEU G 368 8.96 -25.09 -40.26
C LEU G 368 10.21 -25.24 -39.43
N TYR G 369 10.05 -25.19 -38.11
CA TYR G 369 11.17 -25.33 -37.20
C TYR G 369 11.75 -26.74 -37.16
N ASN G 370 10.87 -27.74 -37.04
CA ASN G 370 11.27 -29.12 -36.85
C ASN G 370 11.90 -29.76 -38.08
N SER G 371 11.51 -29.35 -39.29
CA SER G 371 12.07 -30.02 -40.46
C SER G 371 13.53 -29.69 -40.66
N ALA G 372 14.22 -30.53 -41.42
CA ALA G 372 15.62 -30.33 -41.74
C ALA G 372 15.79 -29.78 -43.16
N SER G 373 14.69 -29.32 -43.73
CA SER G 373 14.68 -28.80 -45.09
C SER G 373 15.34 -27.42 -45.20
N PHE G 374 15.52 -26.76 -44.06
CA PHE G 374 16.06 -25.41 -44.07
C PHE G 374 17.49 -25.34 -43.62
N SER G 375 18.28 -24.50 -44.29
CA SER G 375 19.67 -24.29 -43.91
C SER G 375 19.77 -23.07 -43.02
N THR G 376 18.80 -22.17 -43.16
CA THR G 376 18.74 -20.93 -42.39
C THR G 376 17.43 -20.83 -41.64
N PHE G 377 17.51 -20.51 -40.35
CA PHE G 377 16.31 -20.30 -39.53
C PHE G 377 16.67 -19.29 -38.45
N LYS G 378 16.72 -18.02 -38.84
CA LYS G 378 17.20 -16.96 -37.95
C LYS G 378 16.06 -16.13 -37.39
N CYS G 379 15.78 -16.30 -36.10
CA CYS G 379 14.68 -15.63 -35.40
C CYS G 379 15.15 -14.41 -34.64
N TYR G 380 14.50 -13.29 -34.87
CA TYR G 380 14.84 -12.01 -34.26
C TYR G 380 13.69 -11.50 -33.39
N GLY G 381 13.97 -11.35 -32.10
CA GLY G 381 12.98 -10.83 -31.16
C GLY G 381 12.08 -11.91 -30.61
N VAL G 382 12.19 -13.11 -31.19
CA VAL G 382 11.37 -14.23 -30.79
C VAL G 382 12.22 -15.48 -30.63
N SER G 383 11.73 -16.45 -29.87
CA SER G 383 12.38 -17.74 -29.73
C SER G 383 11.78 -18.74 -30.71
N PRO G 384 12.61 -19.45 -31.50
CA PRO G 384 12.22 -20.35 -32.58
C PRO G 384 11.37 -21.53 -32.11
N THR G 385 11.43 -21.83 -30.82
CA THR G 385 10.67 -22.95 -30.25
C THR G 385 9.43 -22.48 -29.49
N LYS G 386 9.23 -21.16 -29.41
CA LYS G 386 8.10 -20.57 -28.70
C LYS G 386 7.21 -19.78 -29.64
N LEU G 387 7.41 -19.96 -30.94
CA LEU G 387 6.70 -19.18 -31.94
C LEU G 387 5.20 -19.43 -31.85
N ASN G 388 4.82 -20.63 -31.45
CA ASN G 388 3.42 -21.00 -31.35
C ASN G 388 2.68 -20.18 -30.31
N ASP G 389 3.39 -19.69 -29.31
CA ASP G 389 2.75 -18.97 -28.21
C ASP G 389 2.69 -17.47 -28.47
N LEU G 390 3.13 -17.05 -29.64
CA LEU G 390 3.13 -15.64 -29.97
C LEU G 390 2.00 -15.31 -30.94
N CYS G 391 1.01 -14.53 -30.47
CA CYS G 391 -0.17 -14.17 -31.27
C CYS G 391 0.02 -12.80 -31.91
N PHE G 392 -0.19 -12.74 -33.22
CA PHE G 392 -0.01 -11.53 -34.00
C PHE G 392 -1.24 -11.17 -34.80
N THR G 393 -1.34 -9.90 -35.16
CA THR G 393 -2.44 -9.44 -35.98
C THR G 393 -2.22 -9.90 -37.41
N ASN G 394 -0.98 -9.74 -37.87
CA ASN G 394 -0.62 -10.12 -39.21
C ASN G 394 0.73 -10.83 -39.25
N VAL G 395 0.83 -11.81 -40.12
CA VAL G 395 2.12 -12.41 -40.43
C VAL G 395 2.35 -12.24 -41.92
N TYR G 396 3.48 -11.64 -42.28
CA TYR G 396 3.73 -11.41 -43.69
C TYR G 396 4.85 -12.28 -44.19
N ALA G 397 4.56 -13.07 -45.22
CA ALA G 397 5.54 -13.97 -45.78
C ALA G 397 6.11 -13.39 -47.07
N ASP G 398 7.33 -12.90 -47.02
CA ASP G 398 7.97 -12.30 -48.18
C ASP G 398 8.84 -13.34 -48.88
N SER G 399 8.39 -13.76 -50.06
CA SER G 399 9.00 -14.85 -50.84
C SER G 399 9.80 -14.41 -52.07
N PHE G 400 11.07 -14.81 -52.11
CA PHE G 400 11.96 -14.45 -53.22
C PHE G 400 13.18 -15.37 -53.39
N VAL G 401 13.84 -15.27 -54.55
CA VAL G 401 15.09 -16.02 -54.79
C VAL G 401 16.31 -15.13 -54.96
N ILE G 402 17.36 -15.49 -54.23
CA ILE G 402 18.68 -14.84 -54.26
C ILE G 402 19.79 -15.88 -54.36
N ARG G 403 21.00 -15.45 -54.68
CA ARG G 403 22.13 -16.39 -54.69
C ARG G 403 22.70 -16.58 -53.28
N GLY G 404 23.33 -17.73 -53.06
CA GLY G 404 23.92 -18.13 -51.78
C GLY G 404 24.70 -17.04 -51.04
N ASP G 405 25.62 -16.36 -51.72
CA ASP G 405 26.43 -15.35 -51.05
C ASP G 405 25.62 -14.19 -50.48
N GLU G 406 24.42 -13.99 -50.99
CA GLU G 406 23.56 -12.88 -50.58
C GLU G 406 22.59 -13.28 -49.47
N VAL G 407 22.59 -14.54 -49.07
CA VAL G 407 21.67 -14.99 -48.03
C VAL G 407 21.97 -14.26 -46.73
N ARG G 408 23.25 -13.97 -46.51
CA ARG G 408 23.69 -13.26 -45.32
C ARG G 408 23.13 -11.85 -45.21
N GLN G 409 22.63 -11.30 -46.32
CA GLN G 409 22.11 -9.94 -46.31
C GLN G 409 20.67 -9.88 -45.83
N ILE G 410 20.00 -11.02 -45.73
CA ILE G 410 18.61 -10.97 -45.32
C ILE G 410 18.54 -10.99 -43.82
N ALA G 411 18.79 -9.82 -43.24
CA ALA G 411 18.81 -9.66 -41.79
C ALA G 411 18.76 -8.19 -41.44
N PRO G 412 18.27 -7.84 -40.25
CA PRO G 412 18.28 -6.51 -39.70
C PRO G 412 19.71 -6.04 -39.51
N GLY G 413 19.97 -4.79 -39.89
CA GLY G 413 21.30 -4.20 -39.71
C GLY G 413 22.24 -4.48 -40.87
N GLN G 414 21.78 -5.22 -41.89
CA GLN G 414 22.67 -5.54 -43.01
C GLN G 414 22.58 -4.52 -44.14
N THR G 415 23.66 -4.45 -44.91
CA THR G 415 23.76 -3.59 -46.08
C THR G 415 24.24 -4.40 -47.27
N GLY G 416 24.12 -3.83 -48.47
CA GLY G 416 24.57 -4.53 -49.68
C GLY G 416 23.54 -4.39 -50.80
N LYS G 417 23.80 -5.01 -51.94
CA LYS G 417 22.89 -4.82 -53.07
C LYS G 417 21.48 -5.31 -52.76
N ILE G 418 21.34 -6.36 -51.97
CA ILE G 418 20.01 -6.85 -51.71
C ILE G 418 19.42 -6.09 -50.55
N ALA G 419 20.19 -5.99 -49.47
CA ALA G 419 19.71 -5.32 -48.28
C ALA G 419 19.33 -3.87 -48.57
N ASP G 420 20.04 -3.20 -49.47
CA ASP G 420 19.74 -1.79 -49.74
C ASP G 420 18.91 -1.51 -50.98
N TYR G 421 18.96 -2.34 -52.01
CA TYR G 421 18.21 -1.99 -53.23
C TYR G 421 17.09 -2.94 -53.61
N ASN G 422 16.92 -4.06 -52.91
CA ASN G 422 15.92 -5.02 -53.31
C ASN G 422 14.92 -5.35 -52.20
N TYR G 423 15.45 -5.89 -51.11
CA TYR G 423 14.66 -6.34 -49.98
C TYR G 423 15.33 -5.95 -48.67
N LYS G 424 14.86 -4.87 -48.06
CA LYS G 424 15.50 -4.39 -46.85
C LYS G 424 14.71 -4.71 -45.60
N LEU G 425 15.39 -5.25 -44.59
CA LEU G 425 14.78 -5.47 -43.29
C LEU G 425 15.21 -4.36 -42.35
N PRO G 426 14.32 -3.89 -41.46
CA PRO G 426 14.56 -2.87 -40.46
C PRO G 426 15.44 -3.40 -39.34
N ASP G 427 16.19 -2.51 -38.69
CA ASP G 427 17.08 -2.89 -37.60
C ASP G 427 16.32 -3.55 -36.45
N ASP G 428 15.07 -3.16 -36.25
CA ASP G 428 14.24 -3.70 -35.19
C ASP G 428 13.27 -4.76 -35.71
N PHE G 429 13.62 -5.40 -36.81
CA PHE G 429 12.81 -6.47 -37.38
C PHE G 429 12.46 -7.55 -36.39
N THR G 430 11.19 -7.90 -36.36
CA THR G 430 10.71 -9.00 -35.52
C THR G 430 10.12 -10.06 -36.43
N GLY G 431 10.61 -11.26 -36.27
CA GLY G 431 10.16 -12.37 -37.10
C GLY G 431 11.31 -13.33 -37.35
N CYS G 432 11.13 -14.28 -38.28
CA CYS G 432 12.13 -15.30 -38.58
C CYS G 432 12.44 -15.34 -40.07
N VAL G 433 13.73 -15.46 -40.38
CA VAL G 433 14.19 -15.59 -41.75
C VAL G 433 14.49 -17.05 -42.04
N ILE G 434 13.74 -17.61 -42.97
CA ILE G 434 13.89 -19.02 -43.29
C ILE G 434 14.34 -19.19 -44.73
N ALA G 435 15.41 -19.95 -44.94
CA ALA G 435 15.91 -20.13 -46.30
C ALA G 435 16.49 -21.50 -46.53
N TRP G 436 16.46 -21.93 -47.78
CA TRP G 436 17.00 -23.22 -48.15
C TRP G 436 17.58 -23.24 -49.55
N ASN G 437 18.50 -24.17 -49.77
CA ASN G 437 19.14 -24.34 -51.06
C ASN G 437 18.14 -24.89 -52.06
N SER G 438 17.94 -24.16 -53.15
CA SER G 438 16.94 -24.50 -54.16
C SER G 438 17.61 -24.75 -55.50
N ASN G 439 18.87 -25.12 -55.47
CA ASN G 439 19.65 -25.37 -56.68
C ASN G 439 18.96 -26.31 -57.65
N ASN G 440 18.38 -27.39 -57.13
CA ASN G 440 17.76 -28.39 -57.97
C ASN G 440 16.34 -28.03 -58.38
N LEU G 441 15.87 -26.87 -57.94
CA LEU G 441 14.52 -26.46 -58.24
C LEU G 441 14.51 -25.33 -59.26
N ASP G 442 15.39 -24.35 -59.05
CA ASP G 442 15.41 -23.17 -59.90
C ASP G 442 16.50 -23.17 -60.97
N SER G 443 17.63 -23.83 -60.75
CA SER G 443 18.70 -23.70 -61.74
C SER G 443 18.38 -24.43 -63.03
N LYS G 444 18.86 -23.88 -64.13
CA LYS G 444 18.68 -24.49 -65.44
C LYS G 444 20.04 -24.70 -66.08
N VAL G 445 20.15 -25.68 -66.96
CA VAL G 445 21.44 -26.00 -67.56
C VAL G 445 22.04 -24.82 -68.32
N GLY G 446 21.20 -24.09 -69.04
CA GLY G 446 21.67 -22.94 -69.82
C GLY G 446 21.63 -21.64 -69.01
N GLY G 447 21.24 -21.74 -67.74
CA GLY G 447 21.12 -20.59 -66.86
C GLY G 447 19.69 -20.09 -66.72
N ASN G 448 19.24 -19.99 -65.48
CA ASN G 448 17.91 -19.45 -65.20
C ASN G 448 18.05 -17.98 -64.93
N TYR G 449 17.65 -17.17 -65.90
CA TYR G 449 17.84 -15.72 -65.85
C TYR G 449 16.53 -15.00 -65.57
N ASN G 450 15.55 -15.72 -65.06
CA ASN G 450 14.24 -15.13 -64.78
C ASN G 450 14.24 -14.40 -63.45
N TYR G 451 15.32 -14.54 -62.70
CA TYR G 451 15.44 -13.89 -61.42
C TYR G 451 16.37 -12.70 -61.52
N LEU G 452 15.87 -11.53 -61.16
CA LEU G 452 16.64 -10.30 -61.25
C LEU G 452 16.76 -9.60 -59.92
N TYR G 453 17.83 -8.82 -59.81
CA TYR G 453 18.05 -7.99 -58.65
C TYR G 453 18.47 -6.60 -59.11
N ARG G 454 18.23 -5.63 -58.25
CA ARG G 454 18.56 -4.24 -58.52
C ARG G 454 19.98 -3.93 -58.11
N LEU G 455 20.69 -3.30 -59.04
CA LEU G 455 22.08 -2.94 -58.91
C LEU G 455 22.22 -1.43 -58.74
N PHE G 456 21.40 -0.69 -59.49
CA PHE G 456 21.51 0.76 -59.50
C PHE G 456 20.24 1.43 -59.00
N ARG G 457 20.38 2.32 -58.03
CA ARG G 457 19.25 3.08 -57.53
C ARG G 457 19.75 4.44 -57.05
N LYS G 458 18.88 5.44 -57.12
CA LYS G 458 19.22 6.80 -56.68
C LYS G 458 19.54 6.86 -55.19
N SER G 459 18.85 6.04 -54.41
CA SER G 459 19.02 5.99 -52.96
C SER G 459 18.67 4.60 -52.46
N ASN G 460 18.93 4.36 -51.18
CA ASN G 460 18.63 3.07 -50.57
C ASN G 460 17.14 2.97 -50.26
N LEU G 461 16.65 1.74 -50.15
CA LEU G 461 15.26 1.45 -49.82
C LEU G 461 14.93 1.65 -48.37
N LYS G 462 13.67 1.97 -48.11
CA LYS G 462 13.15 1.96 -46.75
C LYS G 462 12.84 0.51 -46.42
N PRO G 463 12.74 0.12 -45.15
CA PRO G 463 12.39 -1.22 -44.74
C PRO G 463 11.10 -1.66 -45.42
N PHE G 464 11.13 -2.83 -46.02
CA PHE G 464 10.01 -3.42 -46.74
C PHE G 464 9.46 -2.57 -47.87
N GLU G 465 10.29 -1.72 -48.46
CA GLU G 465 9.88 -0.97 -49.64
C GLU G 465 10.07 -1.83 -50.87
N ARG G 466 9.08 -1.85 -51.76
CA ARG G 466 9.17 -2.66 -52.95
C ARG G 466 9.20 -1.80 -54.21
N ASP G 467 10.41 -1.56 -54.71
CA ASP G 467 10.61 -0.71 -55.89
C ASP G 467 10.81 -1.57 -57.12
N ILE G 468 9.86 -1.54 -58.04
CA ILE G 468 9.91 -2.41 -59.20
C ILE G 468 10.03 -1.63 -60.50
N SER G 469 10.50 -0.39 -60.42
CA SER G 469 10.71 0.42 -61.61
C SER G 469 11.82 -0.14 -62.49
N THR G 470 11.66 -0.03 -63.80
CA THR G 470 12.65 -0.50 -64.76
C THR G 470 13.28 0.65 -65.55
N GLU G 471 13.12 1.86 -65.05
CA GLU G 471 13.67 3.05 -65.71
C GLU G 471 15.18 2.93 -65.80
N ILE G 472 15.76 3.28 -66.95
CA ILE G 472 17.21 3.20 -67.11
C ILE G 472 17.87 4.17 -66.14
N TYR G 473 18.81 3.67 -65.37
CA TYR G 473 19.45 4.47 -64.36
C TYR G 473 20.40 5.49 -64.96
N GLN G 474 20.24 6.74 -64.54
CA GLN G 474 21.10 7.81 -64.99
C GLN G 474 22.22 8.05 -63.99
N ALA G 475 23.43 7.64 -64.35
CA ALA G 475 24.57 7.77 -63.45
C ALA G 475 25.16 9.17 -63.56
N GLY G 476 25.03 9.77 -64.74
CA GLY G 476 25.61 11.09 -64.99
C GLY G 476 24.55 12.19 -64.95
N SER G 477 24.78 13.26 -65.70
CA SER G 477 23.84 14.39 -65.72
C SER G 477 23.07 14.42 -67.03
N THR G 478 23.41 13.50 -67.93
CA THR G 478 22.78 13.40 -69.24
C THR G 478 21.56 12.48 -69.18
N PRO G 479 20.35 12.96 -69.53
CA PRO G 479 19.13 12.18 -69.60
C PRO G 479 19.33 11.02 -70.56
N CYS G 480 18.86 9.82 -70.19
CA CYS G 480 19.01 8.62 -70.99
C CYS G 480 17.95 8.56 -72.09
N ASN G 481 16.78 9.08 -71.79
CA ASN G 481 15.67 9.12 -72.74
C ASN G 481 15.36 7.75 -73.33
N GLY G 482 15.43 6.71 -72.52
CA GLY G 482 15.10 5.36 -72.96
C GLY G 482 16.26 4.63 -73.65
N VAL G 483 17.43 5.26 -73.71
CA VAL G 483 18.57 4.66 -74.39
C VAL G 483 19.71 4.32 -73.44
N GLU G 484 20.15 3.07 -73.49
CA GLU G 484 21.28 2.63 -72.68
C GLU G 484 22.58 3.06 -73.36
N GLY G 485 23.63 3.27 -72.57
CA GLY G 485 24.89 3.77 -73.09
C GLY G 485 25.83 4.16 -71.96
N PHE G 486 26.79 5.01 -72.24
CA PHE G 486 27.71 5.41 -71.19
C PHE G 486 26.94 6.19 -70.13
N ASN G 487 27.06 5.75 -68.87
CA ASN G 487 26.34 6.31 -67.73
C ASN G 487 24.80 6.15 -67.78
N CYS G 488 24.29 5.24 -68.64
CA CYS G 488 22.89 4.87 -68.75
C CYS G 488 22.78 3.35 -68.65
N TYR G 489 22.43 2.88 -67.47
CA TYR G 489 22.47 1.44 -67.23
C TYR G 489 21.12 0.92 -66.80
N PHE G 490 20.72 -0.23 -67.29
CA PHE G 490 19.46 -0.80 -66.84
C PHE G 490 19.68 -1.17 -65.37
N PRO G 491 18.80 -0.78 -64.44
CA PRO G 491 18.96 -0.93 -63.02
C PRO G 491 18.97 -2.36 -62.52
N LEU G 492 18.46 -3.28 -63.32
CA LEU G 492 18.38 -4.68 -62.91
C LEU G 492 19.34 -5.56 -63.68
N GLN G 493 19.74 -6.67 -63.06
CA GLN G 493 20.53 -7.70 -63.73
C GLN G 493 20.07 -9.07 -63.29
N SER G 494 20.14 -10.01 -64.20
CA SER G 494 19.71 -11.38 -63.91
C SER G 494 20.78 -12.22 -63.25
N TYR G 495 20.35 -13.25 -62.54
CA TYR G 495 21.27 -14.21 -61.95
C TYR G 495 21.48 -15.38 -62.89
N GLY G 496 22.72 -15.77 -63.11
CA GLY G 496 22.98 -16.94 -63.94
C GLY G 496 22.90 -18.22 -63.13
N PHE G 497 21.69 -18.62 -62.74
CA PHE G 497 21.58 -19.80 -61.89
C PHE G 497 21.69 -21.09 -62.70
N GLN G 498 22.73 -21.86 -62.40
CA GLN G 498 23.06 -23.09 -63.11
C GLN G 498 23.39 -24.22 -62.12
N PRO G 499 23.11 -25.48 -62.49
CA PRO G 499 23.35 -26.68 -61.69
C PRO G 499 24.83 -26.94 -61.45
N THR G 500 25.69 -26.23 -62.18
CA THR G 500 27.12 -26.39 -62.07
C THR G 500 27.77 -25.29 -61.23
N ASN G 501 26.96 -24.37 -60.70
CA ASN G 501 27.49 -23.27 -59.90
C ASN G 501 27.98 -23.73 -58.54
N GLY G 502 28.97 -23.02 -58.01
CA GLY G 502 29.41 -23.26 -56.65
C GLY G 502 28.32 -22.75 -55.72
N VAL G 503 28.38 -23.11 -54.45
CA VAL G 503 27.28 -22.79 -53.54
C VAL G 503 26.96 -21.30 -53.46
N GLY G 504 27.98 -20.46 -53.46
CA GLY G 504 27.76 -19.02 -53.34
C GLY G 504 26.94 -18.46 -54.51
N TYR G 505 26.89 -19.19 -55.63
CA TYR G 505 26.17 -18.73 -56.79
C TYR G 505 24.94 -19.59 -57.09
N GLN G 506 24.60 -20.51 -56.18
CA GLN G 506 23.41 -21.32 -56.34
C GLN G 506 22.26 -20.49 -55.80
N PRO G 507 21.04 -20.69 -56.30
CA PRO G 507 19.84 -20.05 -55.82
C PRO G 507 19.44 -20.59 -54.47
N TYR G 508 18.92 -19.70 -53.66
CA TYR G 508 18.29 -20.02 -52.40
C TYR G 508 16.91 -19.41 -52.35
N ARG G 509 15.96 -20.17 -51.84
CA ARG G 509 14.62 -19.68 -51.68
C ARG G 509 14.47 -19.13 -50.29
N VAL G 510 14.08 -17.88 -50.21
CA VAL G 510 13.99 -17.23 -48.94
C VAL G 510 12.57 -16.79 -48.64
N VAL G 511 12.11 -17.14 -47.46
CA VAL G 511 10.83 -16.69 -46.98
C VAL G 511 11.01 -16.01 -45.66
N VAL G 512 10.63 -14.75 -45.58
CA VAL G 512 10.75 -14.04 -44.32
C VAL G 512 9.39 -13.85 -43.71
N LEU G 513 9.22 -14.33 -42.48
CA LEU G 513 7.96 -14.18 -41.80
C LEU G 513 8.03 -13.04 -40.82
N SER G 514 7.43 -11.92 -41.20
CA SER G 514 7.43 -10.70 -40.40
C SER G 514 6.23 -10.72 -39.47
N PHE G 515 6.47 -10.48 -38.19
CA PHE G 515 5.41 -10.55 -37.20
C PHE G 515 4.94 -9.17 -36.76
N GLU G 516 3.69 -8.85 -37.05
CA GLU G 516 3.15 -7.53 -36.75
C GLU G 516 2.02 -7.55 -35.72
N LEU G 517 2.20 -6.80 -34.64
CA LEU G 517 1.17 -6.70 -33.62
C LEU G 517 0.57 -5.30 -33.60
N LEU G 518 -0.71 -5.22 -33.95
CA LEU G 518 -1.44 -3.96 -34.02
C LEU G 518 -2.46 -3.89 -32.90
N HIS G 519 -3.13 -2.75 -32.79
CA HIS G 519 -4.20 -2.61 -31.81
C HIS G 519 -5.41 -3.36 -32.32
N ALA G 520 -5.32 -4.67 -32.24
CA ALA G 520 -6.27 -5.59 -32.83
C ALA G 520 -6.30 -6.89 -32.00
N PRO G 521 -7.32 -7.75 -32.17
CA PRO G 521 -7.51 -9.03 -31.50
C PRO G 521 -6.34 -10.03 -31.59
N ALA G 522 -5.47 -9.89 -32.59
CA ALA G 522 -4.34 -10.81 -32.81
C ALA G 522 -4.88 -12.18 -33.22
N THR G 523 -5.12 -12.34 -34.51
CA THR G 523 -5.82 -13.52 -35.00
C THR G 523 -4.95 -14.72 -35.37
N VAL G 524 -3.64 -14.54 -35.47
CA VAL G 524 -2.80 -15.68 -35.83
C VAL G 524 -1.97 -16.16 -34.65
N CYS G 525 -2.21 -17.42 -34.24
CA CYS G 525 -1.58 -18.06 -33.08
C CYS G 525 -1.25 -19.48 -33.48
N GLY G 526 -0.40 -20.17 -32.73
CA GLY G 526 -0.08 -21.55 -33.06
C GLY G 526 -1.17 -22.48 -32.55
N PRO G 527 -1.01 -23.79 -32.76
CA PRO G 527 -1.91 -24.83 -32.35
C PRO G 527 -1.88 -24.96 -30.84
N LYS G 528 -2.95 -25.44 -30.26
CA LYS G 528 -3.01 -25.59 -28.82
C LYS G 528 -2.79 -27.02 -28.39
N LYS G 529 -2.21 -27.17 -27.20
CA LYS G 529 -2.02 -28.47 -26.60
C LYS G 529 -3.33 -29.04 -26.11
N SER G 530 -3.47 -30.34 -26.23
CA SER G 530 -4.63 -31.00 -25.67
C SER G 530 -4.23 -32.37 -25.14
N THR G 531 -4.91 -32.79 -24.09
CA THR G 531 -4.68 -34.07 -23.47
C THR G 531 -5.97 -34.86 -23.36
N ASN G 532 -5.85 -36.12 -22.99
CA ASN G 532 -7.02 -36.96 -22.80
C ASN G 532 -7.84 -36.46 -21.64
N LEU G 533 -9.16 -36.57 -21.76
CA LEU G 533 -10.05 -36.19 -20.69
C LEU G 533 -10.06 -37.25 -19.60
N VAL G 534 -9.90 -36.82 -18.36
CA VAL G 534 -9.93 -37.74 -17.24
C VAL G 534 -11.11 -37.46 -16.33
N LYS G 535 -11.94 -38.48 -16.16
CA LYS G 535 -13.15 -38.37 -15.36
C LYS G 535 -13.04 -39.02 -14.00
N ASN G 536 -13.87 -38.54 -13.09
CA ASN G 536 -14.05 -39.10 -11.75
C ASN G 536 -12.79 -39.05 -10.89
N LYS G 537 -11.89 -38.13 -11.21
CA LYS G 537 -10.68 -37.91 -10.44
C LYS G 537 -10.44 -36.41 -10.31
N CYS G 538 -9.77 -35.98 -9.23
CA CYS G 538 -9.37 -34.59 -9.09
C CYS G 538 -8.24 -34.26 -10.07
N VAL G 539 -8.46 -33.23 -10.86
CA VAL G 539 -7.45 -32.78 -11.79
C VAL G 539 -7.32 -31.29 -11.75
N ASN G 540 -6.18 -30.82 -12.20
CA ASN G 540 -5.98 -29.39 -12.41
C ASN G 540 -6.35 -29.17 -13.87
N PHE G 541 -7.49 -28.54 -14.11
CA PHE G 541 -7.98 -28.47 -15.47
C PHE G 541 -7.89 -27.10 -16.10
N ASN G 542 -7.89 -27.11 -17.43
CA ASN G 542 -7.95 -25.92 -18.25
C ASN G 542 -8.78 -26.16 -19.52
N PHE G 543 -10.01 -25.66 -19.51
CA PHE G 543 -10.90 -25.79 -20.66
C PHE G 543 -10.99 -24.46 -21.36
N ASN G 544 -10.31 -24.33 -22.48
CA ASN G 544 -10.16 -23.03 -23.12
C ASN G 544 -9.52 -22.04 -22.16
N GLY G 545 -10.31 -21.13 -21.60
CA GLY G 545 -9.80 -20.12 -20.67
C GLY G 545 -10.28 -20.35 -19.23
N LEU G 546 -10.91 -21.47 -18.98
CA LEU G 546 -11.49 -21.79 -17.67
C LEU G 546 -10.59 -22.72 -16.89
N THR G 547 -10.06 -22.23 -15.78
CA THR G 547 -9.14 -23.05 -15.02
C THR G 547 -9.60 -23.25 -13.60
N GLY G 548 -9.11 -24.33 -12.99
CA GLY G 548 -9.40 -24.62 -11.59
C GLY G 548 -9.10 -26.08 -11.28
N THR G 549 -9.45 -26.51 -10.07
CA THR G 549 -9.21 -27.88 -9.66
C THR G 549 -10.51 -28.53 -9.26
N GLY G 550 -10.75 -29.74 -9.74
CA GLY G 550 -11.98 -30.42 -9.39
C GLY G 550 -12.15 -31.75 -10.10
N VAL G 551 -13.28 -32.40 -9.81
CA VAL G 551 -13.62 -33.69 -10.36
C VAL G 551 -14.68 -33.53 -11.43
N LEU G 552 -14.44 -34.09 -12.60
CA LEU G 552 -15.40 -33.94 -13.67
C LEU G 552 -16.17 -35.20 -13.95
N THR G 553 -17.49 -35.05 -14.07
CA THR G 553 -18.38 -36.17 -14.35
C THR G 553 -19.35 -35.81 -15.47
N GLU G 554 -20.05 -36.80 -16.00
CA GLU G 554 -21.04 -36.51 -17.03
C GLU G 554 -22.14 -35.63 -16.48
N SER G 555 -22.52 -34.61 -17.25
CA SER G 555 -23.58 -33.71 -16.86
C SER G 555 -24.90 -34.12 -17.46
N ASN G 556 -25.98 -33.84 -16.75
CA ASN G 556 -27.32 -34.04 -17.28
C ASN G 556 -27.96 -32.69 -17.59
N LYS G 557 -27.13 -31.66 -17.68
CA LYS G 557 -27.60 -30.32 -18.00
C LYS G 557 -27.62 -30.13 -19.50
N LYS G 558 -28.50 -29.27 -19.97
CA LYS G 558 -28.56 -28.99 -21.39
C LYS G 558 -28.18 -27.56 -21.67
N PHE G 559 -27.06 -27.40 -22.33
CA PHE G 559 -26.57 -26.09 -22.68
C PHE G 559 -27.15 -25.66 -24.00
N LEU G 560 -27.30 -24.37 -24.19
CA LEU G 560 -27.71 -23.88 -25.48
C LEU G 560 -26.51 -24.07 -26.39
N PRO G 561 -26.67 -24.17 -27.70
CA PRO G 561 -25.63 -24.41 -28.70
C PRO G 561 -24.45 -23.44 -28.63
N PHE G 562 -24.65 -22.28 -28.05
CA PHE G 562 -23.59 -21.28 -27.99
C PHE G 562 -23.01 -21.11 -26.60
N GLN G 563 -23.49 -21.88 -25.62
CA GLN G 563 -23.00 -21.71 -24.26
C GLN G 563 -21.83 -22.66 -24.00
N GLN G 564 -20.73 -22.08 -23.56
CA GLN G 564 -19.50 -22.81 -23.34
C GLN G 564 -19.37 -23.36 -21.94
N PHE G 565 -19.94 -22.67 -20.97
CA PHE G 565 -19.85 -23.17 -19.61
C PHE G 565 -21.02 -22.73 -18.77
N GLY G 566 -21.23 -23.41 -17.66
CA GLY G 566 -22.29 -23.09 -16.74
C GLY G 566 -21.76 -22.47 -15.47
N ARG G 567 -22.55 -21.58 -14.91
CA ARG G 567 -22.20 -20.88 -13.68
C ARG G 567 -23.41 -20.82 -12.75
N ASP G 568 -23.17 -21.04 -11.47
CA ASP G 568 -24.25 -21.06 -10.48
C ASP G 568 -24.57 -19.68 -9.90
N ILE G 569 -25.45 -19.69 -8.90
CA ILE G 569 -25.96 -18.48 -8.27
C ILE G 569 -24.91 -17.74 -7.43
N ALA G 570 -23.75 -18.35 -7.21
CA ALA G 570 -22.69 -17.77 -6.42
C ALA G 570 -21.47 -17.51 -7.28
N ASP G 571 -21.69 -17.37 -8.58
CA ASP G 571 -20.67 -17.09 -9.58
C ASP G 571 -19.57 -18.14 -9.66
N THR G 572 -19.92 -19.40 -9.38
CA THR G 572 -18.95 -20.46 -9.46
C THR G 572 -19.20 -21.29 -10.70
N THR G 573 -18.14 -21.57 -11.46
CA THR G 573 -18.31 -22.42 -12.63
C THR G 573 -18.63 -23.81 -12.12
N ASP G 574 -19.72 -24.40 -12.61
CA ASP G 574 -20.07 -25.73 -12.14
C ASP G 574 -20.26 -26.70 -13.27
N ALA G 575 -20.02 -26.25 -14.49
CA ALA G 575 -20.09 -27.13 -15.64
C ALA G 575 -19.34 -26.52 -16.79
N VAL G 576 -18.77 -27.36 -17.63
CA VAL G 576 -18.13 -26.88 -18.84
C VAL G 576 -18.50 -27.73 -20.04
N ARG G 577 -18.46 -27.11 -21.20
CA ARG G 577 -18.58 -27.85 -22.43
C ARG G 577 -17.20 -28.26 -22.86
N ASP G 578 -17.03 -29.51 -23.20
CA ASP G 578 -15.78 -29.99 -23.72
C ASP G 578 -15.54 -29.40 -25.13
N PRO G 579 -14.46 -28.63 -25.33
CA PRO G 579 -14.08 -27.99 -26.58
C PRO G 579 -13.99 -28.94 -27.77
N GLN G 580 -13.72 -30.22 -27.54
CA GLN G 580 -13.59 -31.17 -28.63
C GLN G 580 -14.88 -31.93 -28.89
N THR G 581 -15.08 -33.06 -28.20
CA THR G 581 -16.36 -33.75 -28.27
C THR G 581 -17.32 -32.90 -27.50
N LEU G 582 -18.49 -32.59 -28.04
CA LEU G 582 -19.33 -31.62 -27.36
C LEU G 582 -20.16 -32.22 -26.22
N GLU G 583 -19.45 -32.73 -25.24
CA GLU G 583 -19.99 -33.35 -24.04
C GLU G 583 -20.06 -32.31 -22.94
N ILE G 584 -21.11 -32.34 -22.14
CA ILE G 584 -21.17 -31.40 -21.03
C ILE G 584 -20.73 -32.12 -19.77
N LEU G 585 -19.78 -31.50 -19.08
CA LEU G 585 -19.21 -32.08 -17.88
C LEU G 585 -19.49 -31.20 -16.67
N ASP G 586 -19.88 -31.83 -15.57
CA ASP G 586 -20.12 -31.10 -14.32
C ASP G 586 -18.85 -31.06 -13.52
N ILE G 587 -18.59 -29.96 -12.84
CA ILE G 587 -17.41 -29.86 -12.00
C ILE G 587 -17.78 -29.88 -10.52
N THR G 588 -17.31 -30.91 -9.85
CA THR G 588 -17.53 -31.06 -8.42
C THR G 588 -16.22 -30.73 -7.73
N PRO G 589 -16.19 -29.80 -6.79
CA PRO G 589 -14.98 -29.37 -6.13
C PRO G 589 -14.41 -30.57 -5.39
N CYS G 590 -13.08 -30.64 -5.28
CA CYS G 590 -12.39 -31.74 -4.59
C CYS G 590 -12.73 -31.74 -3.11
N SER G 591 -13.05 -32.93 -2.62
CA SER G 591 -13.48 -33.07 -1.25
C SER G 591 -12.48 -32.52 -0.27
N PHE G 592 -13.01 -31.82 0.73
CA PHE G 592 -12.19 -31.27 1.77
C PHE G 592 -13.03 -31.16 3.02
N GLY G 593 -12.38 -30.99 4.15
CA GLY G 593 -13.13 -30.75 5.38
C GLY G 593 -12.23 -30.80 6.59
N GLY G 594 -12.76 -30.37 7.71
CA GLY G 594 -11.98 -30.37 8.93
C GLY G 594 -11.73 -31.79 9.39
N VAL G 595 -10.61 -31.98 10.07
CA VAL G 595 -10.31 -33.28 10.64
C VAL G 595 -10.32 -33.15 12.14
N SER G 596 -11.19 -33.93 12.78
CA SER G 596 -11.31 -33.84 14.22
C SER G 596 -10.91 -35.12 14.91
N VAL G 597 -10.28 -34.97 16.04
CA VAL G 597 -9.84 -36.10 16.82
C VAL G 597 -10.74 -36.30 18.02
N ILE G 598 -11.30 -37.48 18.09
CA ILE G 598 -12.22 -37.89 19.13
C ILE G 598 -11.50 -38.71 20.14
N THR G 599 -11.49 -38.27 21.38
CA THR G 599 -10.70 -39.01 22.32
C THR G 599 -11.17 -38.87 23.76
N PRO G 600 -11.03 -39.90 24.58
CA PRO G 600 -11.15 -39.86 26.01
C PRO G 600 -9.91 -39.13 26.46
N GLY G 601 -9.90 -38.55 27.63
CA GLY G 601 -8.69 -37.83 27.99
C GLY G 601 -7.53 -38.80 28.12
N THR G 602 -6.31 -38.28 28.00
CA THR G 602 -5.08 -39.10 28.08
C THR G 602 -4.85 -39.70 29.48
N ASN G 603 -5.64 -39.25 30.46
CA ASN G 603 -5.69 -39.77 31.82
C ASN G 603 -6.31 -41.19 31.86
N THR G 604 -7.08 -41.54 30.79
CA THR G 604 -7.77 -42.83 30.64
C THR G 604 -7.19 -43.65 29.49
N SER G 605 -6.98 -43.02 28.34
CA SER G 605 -6.50 -43.76 27.17
C SER G 605 -5.82 -42.90 26.12
N ASN G 606 -4.83 -43.48 25.45
CA ASN G 606 -4.15 -42.80 24.36
C ASN G 606 -4.68 -43.23 23.00
N GLN G 607 -5.80 -43.95 22.99
CA GLN G 607 -6.41 -44.37 21.75
C GLN G 607 -7.30 -43.27 21.23
N VAL G 608 -7.28 -43.03 19.93
CA VAL G 608 -8.12 -42.00 19.36
C VAL G 608 -8.90 -42.50 18.14
N ALA G 609 -9.96 -41.78 17.82
CA ALA G 609 -10.71 -42.00 16.59
C ALA G 609 -10.71 -40.70 15.80
N VAL G 610 -10.71 -40.78 14.48
CA VAL G 610 -10.64 -39.56 13.69
C VAL G 610 -11.80 -39.39 12.74
N LEU G 611 -12.39 -38.21 12.79
CA LEU G 611 -13.50 -37.85 11.95
C LEU G 611 -13.08 -36.93 10.81
N TYR G 612 -13.43 -37.30 9.60
CA TYR G 612 -13.20 -36.45 8.44
C TYR G 612 -14.52 -35.81 8.07
N GLN G 613 -14.65 -34.52 8.35
CA GLN G 613 -15.94 -33.84 8.21
C GLN G 613 -16.35 -33.69 6.78
N ASP G 614 -17.56 -34.13 6.47
CA ASP G 614 -18.10 -34.05 5.11
C ASP G 614 -17.18 -34.67 4.06
N VAL G 615 -16.60 -35.81 4.39
CA VAL G 615 -15.73 -36.56 3.49
C VAL G 615 -16.26 -37.98 3.38
N ASN G 616 -16.21 -38.56 2.16
CA ASN G 616 -16.60 -39.96 1.94
C ASN G 616 -15.43 -40.87 2.36
N CYS G 617 -15.76 -42.06 2.89
CA CYS G 617 -14.72 -43.01 3.35
C CYS G 617 -13.94 -43.59 2.19
N THR G 618 -14.45 -43.43 0.97
CA THR G 618 -13.76 -43.91 -0.21
C THR G 618 -12.74 -42.88 -0.69
N GLU G 619 -12.79 -41.68 -0.10
CA GLU G 619 -11.90 -40.59 -0.48
C GLU G 619 -10.66 -40.45 0.43
N VAL G 620 -10.76 -40.92 1.69
CA VAL G 620 -9.70 -40.81 2.69
C VAL G 620 -8.61 -41.86 2.37
N ASN G 641 -12.16 -50.62 11.33
CA ASN G 641 -13.23 -49.81 11.89
C ASN G 641 -13.42 -48.51 11.09
N VAL G 642 -14.17 -48.60 9.99
CA VAL G 642 -14.51 -47.44 9.16
C VAL G 642 -16.03 -47.31 9.07
N PHE G 643 -16.54 -46.20 9.59
CA PHE G 643 -17.96 -45.95 9.66
C PHE G 643 -18.36 -44.67 8.95
N GLN G 644 -19.21 -44.80 7.94
CA GLN G 644 -19.64 -43.61 7.23
C GLN G 644 -20.88 -43.06 7.91
N THR G 645 -20.80 -41.83 8.38
CA THR G 645 -21.93 -41.22 9.05
C THR G 645 -22.30 -39.89 8.42
N ARG G 646 -23.39 -39.30 8.91
CA ARG G 646 -23.91 -38.05 8.35
C ARG G 646 -22.99 -36.87 8.58
N ALA G 647 -22.12 -36.98 9.57
CA ALA G 647 -21.17 -35.93 9.89
C ALA G 647 -19.86 -36.05 9.14
N GLY G 648 -19.68 -37.14 8.39
CA GLY G 648 -18.39 -37.39 7.77
C GLY G 648 -17.95 -38.85 7.94
N CYS G 649 -16.68 -39.14 7.67
CA CYS G 649 -16.14 -40.50 7.78
C CYS G 649 -15.44 -40.67 9.12
N LEU G 650 -15.91 -41.61 9.92
CA LEU G 650 -15.35 -41.84 11.23
C LEU G 650 -14.50 -43.09 11.25
N ILE G 651 -13.22 -42.93 11.54
CA ILE G 651 -12.30 -44.05 11.51
C ILE G 651 -11.68 -44.32 12.87
N GLY G 652 -11.74 -45.58 13.29
CA GLY G 652 -11.15 -46.02 14.55
C GLY G 652 -12.20 -46.31 15.62
N ALA G 653 -13.41 -45.82 15.43
CA ALA G 653 -14.48 -46.10 16.39
C ALA G 653 -15.28 -47.29 15.92
N GLU G 654 -15.70 -48.12 16.87
CA GLU G 654 -16.52 -49.27 16.55
C GLU G 654 -17.99 -48.92 16.69
N HIS G 655 -18.73 -48.99 15.60
CA HIS G 655 -20.15 -48.66 15.69
C HIS G 655 -20.92 -49.80 16.33
N VAL G 656 -21.83 -49.45 17.22
CA VAL G 656 -22.66 -50.44 17.90
C VAL G 656 -24.14 -50.07 17.79
N ASN G 657 -25.04 -51.06 17.98
CA ASN G 657 -26.49 -50.86 17.95
C ASN G 657 -27.02 -50.19 19.23
N ASN G 658 -26.38 -50.45 20.37
CA ASN G 658 -26.82 -49.94 21.67
C ASN G 658 -26.68 -48.43 21.79
N SER G 659 -27.74 -47.78 22.23
CA SER G 659 -27.71 -46.35 22.46
C SER G 659 -27.34 -46.09 23.90
N TYR G 660 -26.76 -44.93 24.17
CA TYR G 660 -26.41 -44.56 25.52
C TYR G 660 -26.56 -43.06 25.67
N GLU G 661 -26.33 -42.55 26.86
CA GLU G 661 -26.35 -41.12 27.05
C GLU G 661 -25.17 -40.57 26.26
N CYS G 662 -25.34 -39.40 25.61
CA CYS G 662 -24.27 -38.81 24.80
C CYS G 662 -23.07 -38.44 25.66
N ASP G 663 -21.90 -38.81 25.18
CA ASP G 663 -20.65 -38.60 25.87
C ASP G 663 -19.82 -37.57 25.08
N ILE G 664 -19.16 -38.01 24.00
CA ILE G 664 -18.47 -37.06 23.15
C ILE G 664 -19.25 -36.90 21.85
N PRO G 665 -19.97 -35.81 21.63
CA PRO G 665 -20.85 -35.63 20.51
C PRO G 665 -20.06 -35.52 19.22
N ILE G 666 -20.57 -36.13 18.16
CA ILE G 666 -20.00 -36.01 16.84
C ILE G 666 -20.88 -35.14 15.97
N GLY G 667 -22.17 -35.44 15.98
CA GLY G 667 -23.13 -34.70 15.18
C GLY G 667 -24.13 -35.62 14.52
N ALA G 668 -25.27 -35.07 14.15
CA ALA G 668 -26.32 -35.80 13.45
C ALA G 668 -26.77 -37.02 14.23
N GLY G 669 -26.88 -36.89 15.54
CA GLY G 669 -27.39 -37.95 16.40
C GLY G 669 -26.34 -38.95 16.85
N ILE G 670 -25.11 -38.80 16.37
CA ILE G 670 -24.06 -39.74 16.74
C ILE G 670 -23.12 -39.15 17.78
N CYS G 671 -22.84 -39.95 18.82
CA CYS G 671 -21.91 -39.64 19.90
C CYS G 671 -20.92 -40.79 20.04
N ALA G 672 -19.71 -40.49 20.51
CA ALA G 672 -18.71 -41.50 20.76
C ALA G 672 -18.46 -41.65 22.24
N SER G 673 -17.99 -42.83 22.64
CA SER G 673 -17.66 -43.06 24.05
C SER G 673 -16.58 -44.12 24.21
N TYR G 674 -15.84 -44.04 25.30
CA TYR G 674 -14.83 -45.06 25.58
C TYR G 674 -15.43 -46.11 26.51
N GLN G 675 -15.57 -47.34 26.00
CA GLN G 675 -16.27 -48.39 26.71
C GLN G 675 -15.48 -49.70 26.79
N THR G 676 -15.80 -50.52 27.80
CA THR G 676 -15.20 -51.84 28.01
C THR G 676 -15.95 -52.89 27.18
N GLN G 690 -10.72 -52.65 25.91
CA GLN G 690 -11.48 -51.40 25.85
C GLN G 690 -11.25 -50.74 24.50
N SER G 691 -12.24 -49.95 24.03
CA SER G 691 -12.18 -49.25 22.74
C SER G 691 -13.15 -48.07 22.67
N ILE G 692 -12.99 -47.26 21.63
CA ILE G 692 -13.91 -46.17 21.35
C ILE G 692 -15.03 -46.68 20.49
N ILE G 693 -16.27 -46.35 20.86
CA ILE G 693 -17.42 -46.79 20.10
C ILE G 693 -18.22 -45.61 19.60
N ALA G 694 -19.03 -45.86 18.59
CA ALA G 694 -19.94 -44.86 18.07
C ALA G 694 -21.36 -45.38 18.10
N TYR G 695 -22.30 -44.52 18.46
CA TYR G 695 -23.68 -44.96 18.56
C TYR G 695 -24.65 -43.81 18.38
N THR G 696 -25.90 -44.13 18.10
CA THR G 696 -26.93 -43.12 18.09
C THR G 696 -27.31 -42.85 19.53
N MET G 697 -27.28 -41.59 19.91
CA MET G 697 -27.51 -41.21 21.29
C MET G 697 -28.94 -41.42 21.74
N SER G 698 -29.08 -41.79 23.00
CA SER G 698 -30.38 -41.89 23.65
C SER G 698 -30.77 -40.53 24.16
N LEU G 699 -32.05 -40.25 24.19
CA LEU G 699 -32.48 -38.97 24.70
C LEU G 699 -32.92 -39.09 26.15
N GLY G 700 -32.76 -40.28 26.70
CA GLY G 700 -33.15 -40.56 28.07
C GLY G 700 -33.96 -41.84 28.14
N ALA G 701 -34.12 -42.36 29.35
CA ALA G 701 -34.88 -43.58 29.56
C ALA G 701 -36.34 -43.32 29.28
N GLU G 702 -37.04 -44.32 28.77
CA GLU G 702 -38.46 -44.19 28.55
C GLU G 702 -39.21 -44.42 29.85
N ASN G 703 -40.30 -43.70 30.04
CA ASN G 703 -41.13 -43.86 31.22
C ASN G 703 -42.60 -43.66 30.91
N SER G 704 -43.31 -44.73 30.62
CA SER G 704 -44.73 -44.57 30.34
C SER G 704 -45.44 -44.15 31.61
N VAL G 705 -46.35 -43.21 31.49
CA VAL G 705 -47.14 -42.77 32.62
C VAL G 705 -48.44 -43.54 32.64
N ALA G 706 -48.80 -44.08 33.79
CA ALA G 706 -50.00 -44.90 33.90
C ALA G 706 -51.25 -44.04 33.94
N TYR G 707 -51.53 -43.42 32.81
CA TYR G 707 -52.66 -42.54 32.67
C TYR G 707 -53.96 -43.30 32.57
N SER G 708 -54.96 -42.79 33.28
CA SER G 708 -56.32 -43.27 33.19
C SER G 708 -57.20 -42.11 33.61
N ASN G 709 -58.50 -42.19 33.36
CA ASN G 709 -59.44 -41.11 33.68
C ASN G 709 -59.83 -41.06 35.16
N ASN G 710 -59.43 -42.06 35.94
CA ASN G 710 -59.77 -42.20 37.36
C ASN G 710 -58.59 -42.51 38.27
N SER G 711 -57.36 -42.14 37.90
CA SER G 711 -56.23 -42.45 38.76
C SER G 711 -55.28 -41.29 38.90
N ILE G 712 -54.94 -40.97 40.14
CA ILE G 712 -54.05 -39.87 40.43
C ILE G 712 -52.89 -40.34 41.31
N ALA G 713 -51.69 -39.87 41.03
CA ALA G 713 -50.58 -40.22 41.91
C ALA G 713 -50.24 -39.06 42.83
N ILE G 714 -50.13 -39.34 44.11
CA ILE G 714 -49.82 -38.32 45.09
C ILE G 714 -48.65 -38.76 45.96
N PRO G 715 -47.60 -37.94 46.12
CA PRO G 715 -46.42 -38.22 46.92
C PRO G 715 -46.78 -38.35 48.37
N THR G 716 -46.30 -39.39 49.02
CA THR G 716 -46.49 -39.58 50.46
C THR G 716 -45.27 -39.13 51.28
N ASN G 717 -44.20 -38.75 50.58
CA ASN G 717 -42.92 -38.33 51.14
C ASN G 717 -42.27 -37.37 50.15
N PHE G 718 -41.22 -36.68 50.60
CA PHE G 718 -40.47 -35.70 49.82
C PHE G 718 -39.05 -35.60 50.32
N THR G 719 -38.21 -34.99 49.51
CA THR G 719 -36.85 -34.69 49.90
C THR G 719 -36.55 -33.22 49.69
N ILE G 720 -35.52 -32.74 50.36
CA ILE G 720 -35.06 -31.39 50.16
C ILE G 720 -33.79 -31.46 49.36
N SER G 721 -33.82 -30.86 48.19
CA SER G 721 -32.71 -30.90 47.28
C SER G 721 -32.01 -29.58 47.21
N VAL G 722 -30.70 -29.61 47.18
CA VAL G 722 -29.97 -28.38 46.99
C VAL G 722 -29.14 -28.49 45.75
N THR G 723 -29.29 -27.53 44.86
CA THR G 723 -28.54 -27.55 43.63
C THR G 723 -27.72 -26.31 43.50
N THR G 724 -26.67 -26.36 42.70
CA THR G 724 -25.83 -25.20 42.53
C THR G 724 -25.89 -24.65 41.14
N GLU G 725 -26.19 -23.36 41.04
CA GLU G 725 -26.21 -22.68 39.76
C GLU G 725 -25.15 -21.60 39.74
N ILE G 726 -24.28 -21.64 38.75
CA ILE G 726 -23.18 -20.69 38.69
C ILE G 726 -23.30 -19.75 37.51
N LEU G 727 -23.25 -18.46 37.80
CA LEU G 727 -23.31 -17.46 36.74
C LEU G 727 -22.13 -16.50 36.88
N PRO G 728 -21.49 -16.11 35.77
CA PRO G 728 -20.51 -15.07 35.73
C PRO G 728 -21.21 -13.75 35.90
N VAL G 729 -20.53 -12.81 36.54
CA VAL G 729 -21.06 -11.48 36.72
C VAL G 729 -20.22 -10.43 36.04
N SER G 730 -18.91 -10.62 36.10
CA SER G 730 -17.99 -9.62 35.58
C SER G 730 -16.78 -10.29 34.97
N MET G 731 -15.96 -9.49 34.32
CA MET G 731 -14.73 -9.99 33.73
C MET G 731 -13.60 -9.01 33.98
N THR G 732 -12.37 -9.45 33.76
CA THR G 732 -11.21 -8.63 34.01
C THR G 732 -11.26 -7.32 33.25
N LYS G 733 -11.03 -6.21 33.95
CA LYS G 733 -11.11 -4.89 33.34
C LYS G 733 -9.82 -4.52 32.64
N THR G 734 -9.63 -5.09 31.45
CA THR G 734 -8.42 -4.84 30.69
C THR G 734 -8.54 -3.51 29.98
N SER G 735 -7.48 -2.72 30.04
CA SER G 735 -7.39 -1.43 29.38
C SER G 735 -6.11 -1.31 28.58
N VAL G 736 -6.24 -1.15 27.26
CA VAL G 736 -5.09 -1.10 26.39
C VAL G 736 -4.92 0.29 25.82
N ASP G 737 -3.75 0.89 26.02
CA ASP G 737 -3.49 2.21 25.47
C ASP G 737 -3.09 2.06 24.01
N CYS G 738 -3.96 2.52 23.09
CA CYS G 738 -3.78 2.34 21.63
C CYS G 738 -2.43 2.85 21.15
N THR G 739 -2.07 4.07 21.49
CA THR G 739 -0.82 4.62 20.99
C THR G 739 0.38 3.85 21.52
N MET G 740 0.40 3.54 22.81
CA MET G 740 1.58 2.85 23.34
C MET G 740 1.71 1.44 22.78
N TYR G 741 0.57 0.79 22.55
CA TYR G 741 0.53 -0.54 21.98
C TYR G 741 1.07 -0.57 20.56
N ILE G 742 0.56 0.34 19.72
CA ILE G 742 0.97 0.36 18.32
C ILE G 742 2.39 0.92 18.10
N CYS G 743 2.69 2.07 18.75
CA CYS G 743 3.94 2.79 18.60
C CYS G 743 4.74 2.79 19.90
N GLY G 744 5.55 1.77 20.09
CA GLY G 744 6.28 1.60 21.33
C GLY G 744 7.35 2.66 21.53
N ASP G 745 6.96 3.81 22.07
CA ASP G 745 7.86 4.90 22.42
C ASP G 745 8.73 5.34 21.25
N SER G 746 8.13 5.45 20.08
CA SER G 746 8.84 5.89 18.89
C SER G 746 8.16 7.10 18.29
N THR G 747 8.92 8.18 18.15
CA THR G 747 8.39 9.45 17.67
C THR G 747 7.84 9.36 16.26
N GLU G 748 8.56 8.69 15.38
CA GLU G 748 8.16 8.64 13.97
C GLU G 748 6.81 7.95 13.80
N CYS G 749 6.59 6.84 14.52
CA CYS G 749 5.35 6.08 14.52
C CYS G 749 4.26 6.90 15.19
N SER G 750 4.58 7.51 16.32
CA SER G 750 3.58 8.26 17.06
C SER G 750 2.98 9.34 16.18
N ASN G 751 3.82 9.96 15.35
CA ASN G 751 3.34 10.99 14.45
C ASN G 751 2.57 10.42 13.27
N LEU G 752 3.04 9.30 12.71
CA LEU G 752 2.33 8.70 11.57
C LEU G 752 0.94 8.24 11.98
N LEU G 753 0.81 7.79 13.21
CA LEU G 753 -0.44 7.30 13.75
C LEU G 753 -1.49 8.40 13.86
N LEU G 754 -1.06 9.67 13.82
CA LEU G 754 -1.99 10.78 13.95
C LEU G 754 -2.84 10.93 12.70
N GLN G 755 -2.41 10.28 11.61
CA GLN G 755 -3.13 10.39 10.36
C GLN G 755 -4.37 9.52 10.40
N TYR G 756 -4.50 8.74 11.46
CA TYR G 756 -5.63 7.86 11.63
C TYR G 756 -6.69 8.51 12.50
N GLY G 757 -6.47 9.78 12.80
CA GLY G 757 -7.45 10.58 13.51
C GLY G 757 -7.80 10.07 14.89
N SER G 758 -9.08 9.82 15.08
CA SER G 758 -9.65 9.41 16.34
C SER G 758 -9.73 7.90 16.52
N PHE G 759 -9.19 7.11 15.61
CA PHE G 759 -9.33 5.66 15.78
C PHE G 759 -8.90 5.20 17.19
N CYS G 760 -7.74 5.69 17.68
CA CYS G 760 -7.24 5.35 19.02
C CYS G 760 -8.11 5.90 20.13
N THR G 761 -8.69 7.07 19.93
CA THR G 761 -9.53 7.66 20.96
C THR G 761 -10.77 6.80 21.14
N GLN G 762 -11.36 6.38 20.03
CA GLN G 762 -12.57 5.58 20.08
C GLN G 762 -12.32 4.21 20.68
N LEU G 763 -11.17 3.61 20.38
CA LEU G 763 -10.85 2.30 20.95
C LEU G 763 -10.60 2.42 22.44
N ASN G 764 -9.92 3.47 22.87
CA ASN G 764 -9.65 3.65 24.29
C ASN G 764 -10.97 3.87 25.02
N ARG G 765 -11.89 4.59 24.37
CA ARG G 765 -13.19 4.89 24.92
C ARG G 765 -14.02 3.62 25.08
N ALA G 766 -14.00 2.76 24.06
CA ALA G 766 -14.77 1.54 24.10
C ALA G 766 -14.33 0.63 25.23
N LEU G 767 -13.02 0.51 25.44
CA LEU G 767 -12.54 -0.32 26.52
C LEU G 767 -12.86 0.28 27.87
N THR G 768 -12.81 1.60 27.97
CA THR G 768 -13.18 2.25 29.22
C THR G 768 -14.63 1.95 29.52
N GLY G 769 -15.49 2.05 28.51
CA GLY G 769 -16.91 1.80 28.71
C GLY G 769 -17.13 0.41 29.29
N ILE G 770 -16.40 -0.58 28.79
CA ILE G 770 -16.53 -1.91 29.34
C ILE G 770 -16.06 -1.94 30.78
N ALA G 771 -14.91 -1.34 31.05
CA ALA G 771 -14.36 -1.37 32.39
C ALA G 771 -15.34 -0.77 33.41
N VAL G 772 -16.02 0.29 33.04
CA VAL G 772 -17.00 0.89 33.95
C VAL G 772 -18.16 -0.05 34.17
N GLU G 773 -18.64 -0.62 33.07
CA GLU G 773 -19.74 -1.55 33.09
C GLU G 773 -19.50 -2.72 34.01
N GLN G 774 -18.27 -3.19 34.11
CA GLN G 774 -17.99 -4.33 34.95
C GLN G 774 -18.29 -4.05 36.42
N ASP G 775 -18.14 -2.80 36.86
CA ASP G 775 -18.44 -2.50 38.25
C ASP G 775 -19.93 -2.33 38.42
N LYS G 776 -20.57 -1.80 37.39
CA LYS G 776 -22.00 -1.66 37.42
C LYS G 776 -22.66 -3.02 37.56
N ASN G 777 -22.16 -4.00 36.81
CA ASN G 777 -22.72 -5.35 36.86
C ASN G 777 -22.57 -5.95 38.24
N THR G 778 -21.41 -5.74 38.85
CA THR G 778 -21.17 -6.29 40.17
C THR G 778 -22.12 -5.69 41.18
N GLN G 779 -22.32 -4.39 41.13
CA GLN G 779 -23.21 -3.76 42.08
C GLN G 779 -24.65 -4.21 41.90
N GLU G 780 -25.11 -4.35 40.66
CA GLU G 780 -26.48 -4.77 40.43
C GLU G 780 -26.75 -6.16 41.00
N VAL G 781 -25.76 -7.04 40.91
CA VAL G 781 -25.93 -8.38 41.41
C VAL G 781 -25.85 -8.48 42.92
N PHE G 782 -24.86 -7.83 43.53
CA PHE G 782 -24.67 -8.02 44.97
C PHE G 782 -25.22 -6.93 45.86
N ALA G 783 -25.18 -5.68 45.42
CA ALA G 783 -25.55 -4.58 46.30
C ALA G 783 -27.04 -4.31 46.23
N GLN G 784 -27.84 -5.29 46.63
CA GLN G 784 -29.29 -5.15 46.62
C GLN G 784 -29.84 -4.93 48.01
N VAL G 785 -28.94 -4.83 48.96
CA VAL G 785 -29.32 -4.66 50.34
C VAL G 785 -28.71 -3.37 50.85
N LYS G 786 -29.51 -2.54 51.51
CA LYS G 786 -29.04 -1.24 51.98
C LYS G 786 -28.45 -1.27 53.39
N GLN G 787 -28.57 -2.40 54.03
CA GLN G 787 -28.04 -2.57 55.38
C GLN G 787 -27.23 -3.84 55.48
N ILE G 788 -26.27 -3.85 56.37
CA ILE G 788 -25.51 -5.05 56.56
C ILE G 788 -26.05 -5.81 57.76
N TYR G 789 -26.71 -6.91 57.46
CA TYR G 789 -27.34 -7.72 58.47
C TYR G 789 -26.34 -8.74 58.96
N LYS G 790 -26.49 -9.15 60.20
CA LYS G 790 -25.60 -10.17 60.74
C LYS G 790 -26.40 -11.20 61.49
N THR G 791 -25.93 -12.43 61.47
CA THR G 791 -26.59 -13.47 62.23
C THR G 791 -26.25 -13.27 63.70
N PRO G 792 -27.05 -13.79 64.62
CA PRO G 792 -26.83 -13.75 66.04
C PRO G 792 -25.68 -14.67 66.44
N PRO G 793 -25.04 -14.42 67.59
CA PRO G 793 -24.09 -15.27 68.28
C PRO G 793 -24.59 -16.69 68.53
N ILE G 794 -25.90 -16.84 68.72
CA ILE G 794 -26.46 -18.16 68.96
C ILE G 794 -27.17 -18.67 67.72
N LYS G 795 -26.57 -19.66 67.08
CA LYS G 795 -27.09 -20.16 65.83
C LYS G 795 -28.19 -21.19 66.03
N ASP G 796 -29.33 -20.74 66.54
CA ASP G 796 -30.44 -21.66 66.74
C ASP G 796 -31.53 -21.41 65.72
N PHE G 797 -31.54 -22.23 64.68
CA PHE G 797 -32.47 -22.05 63.60
C PHE G 797 -33.43 -23.22 63.54
N GLY G 798 -33.59 -23.90 64.66
CA GLY G 798 -34.52 -25.01 64.74
C GLY G 798 -33.98 -26.31 64.14
N GLY G 799 -32.67 -26.46 64.14
CA GLY G 799 -32.06 -27.67 63.60
C GLY G 799 -31.45 -27.46 62.23
N PHE G 800 -31.69 -26.30 61.64
CA PHE G 800 -31.12 -26.01 60.34
C PHE G 800 -29.71 -25.45 60.49
N ASN G 801 -28.74 -26.19 59.94
CA ASN G 801 -27.30 -25.89 60.03
C ASN G 801 -26.84 -25.12 58.79
N PHE G 802 -26.44 -23.85 58.99
CA PHE G 802 -25.98 -22.97 57.93
C PHE G 802 -24.49 -22.72 57.99
N SER G 803 -23.77 -23.56 58.72
CA SER G 803 -22.34 -23.33 58.93
C SER G 803 -21.52 -23.37 57.66
N GLN G 804 -22.03 -23.99 56.61
CA GLN G 804 -21.25 -24.09 55.40
C GLN G 804 -21.51 -22.95 54.43
N ILE G 805 -22.51 -22.13 54.72
CA ILE G 805 -22.83 -21.02 53.85
C ILE G 805 -22.53 -19.67 54.51
N LEU G 806 -22.49 -19.65 55.84
CA LEU G 806 -22.15 -18.44 56.59
C LEU G 806 -20.64 -18.35 56.75
N PRO G 807 -20.07 -17.15 56.82
CA PRO G 807 -18.66 -16.91 57.03
C PRO G 807 -18.24 -17.31 58.41
N ASP G 808 -17.02 -17.79 58.55
CA ASP G 808 -16.51 -18.12 59.86
C ASP G 808 -15.43 -17.12 60.25
N PRO G 809 -15.11 -16.98 61.55
CA PRO G 809 -14.05 -16.17 62.09
C PRO G 809 -12.68 -16.85 62.13
N SER G 810 -12.55 -18.03 61.50
CA SER G 810 -11.27 -18.73 61.55
C SER G 810 -10.38 -18.27 60.41
N LYS G 811 -11.00 -18.05 59.24
CA LYS G 811 -10.25 -17.58 58.10
C LYS G 811 -10.19 -16.05 58.11
N PRO G 812 -9.05 -15.44 57.76
CA PRO G 812 -8.83 -14.01 57.71
C PRO G 812 -9.64 -13.35 56.60
N SER G 813 -10.11 -14.16 55.66
CA SER G 813 -10.90 -13.69 54.54
C SER G 813 -12.37 -13.52 54.91
N LYS G 814 -12.76 -14.02 56.06
CA LYS G 814 -14.14 -13.95 56.52
C LYS G 814 -15.12 -14.50 55.49
N ARG G 815 -14.80 -15.65 54.92
CA ARG G 815 -15.65 -16.30 53.93
C ARG G 815 -16.17 -17.61 54.47
N SER G 816 -17.21 -18.14 53.84
CA SER G 816 -17.80 -19.40 54.25
C SER G 816 -16.95 -20.56 53.75
N PRO G 817 -17.08 -21.76 54.33
CA PRO G 817 -16.52 -23.02 53.84
C PRO G 817 -16.78 -23.25 52.37
N ILE G 818 -18.02 -23.10 51.92
CA ILE G 818 -18.26 -23.27 50.49
C ILE G 818 -17.57 -22.20 49.67
N GLU G 819 -17.61 -20.95 50.11
CA GLU G 819 -16.91 -19.92 49.37
C GLU G 819 -15.43 -20.22 49.31
N ASP G 820 -14.87 -20.74 50.38
CA ASP G 820 -13.45 -21.05 50.39
C ASP G 820 -13.13 -21.97 49.22
N LEU G 821 -13.97 -22.97 48.98
CA LEU G 821 -13.76 -23.87 47.85
C LEU G 821 -13.94 -23.15 46.52
N LEU G 822 -14.96 -22.30 46.43
CA LEU G 822 -15.24 -21.64 45.17
C LEU G 822 -14.09 -20.74 44.75
N PHE G 823 -13.45 -20.11 45.71
CA PHE G 823 -12.31 -19.25 45.40
C PHE G 823 -11.05 -20.06 45.12
N ASN G 824 -10.80 -21.07 45.93
CA ASN G 824 -9.58 -21.85 45.76
C ASN G 824 -9.57 -22.67 44.49
N LYS G 825 -10.73 -23.04 43.97
CA LYS G 825 -10.78 -23.89 42.79
C LYS G 825 -10.88 -23.21 41.41
N VAL G 826 -10.76 -21.87 41.33
CA VAL G 826 -10.79 -21.16 40.02
C VAL G 826 -9.38 -20.62 39.72
N ASN G 856 3.85 -3.87 26.97
CA ASN G 856 2.97 -3.90 25.80
C ASN G 856 1.96 -2.73 25.76
N GLY G 857 1.97 -1.86 26.79
CA GLY G 857 1.10 -0.67 26.87
C GLY G 857 -0.27 -0.95 27.45
N LEU G 858 -0.46 -2.13 28.01
CA LEU G 858 -1.75 -2.45 28.59
C LEU G 858 -1.66 -2.70 30.07
N THR G 859 -2.74 -2.39 30.77
CA THR G 859 -2.87 -2.60 32.20
C THR G 859 -4.19 -3.24 32.55
N VAL G 860 -4.30 -3.73 33.79
CA VAL G 860 -5.56 -4.26 34.29
C VAL G 860 -6.00 -3.49 35.52
N LEU G 861 -7.20 -2.97 35.49
CA LEU G 861 -7.68 -2.17 36.60
C LEU G 861 -8.40 -3.04 37.60
N PRO G 862 -8.28 -2.76 38.90
CA PRO G 862 -8.93 -3.46 39.98
C PRO G 862 -10.40 -3.09 40.00
N PRO G 863 -11.26 -3.96 40.51
CA PRO G 863 -12.68 -3.77 40.73
C PRO G 863 -12.88 -2.82 41.87
N LEU G 864 -14.01 -2.13 41.90
CA LEU G 864 -14.33 -1.29 43.04
C LEU G 864 -14.57 -2.12 44.29
N LEU G 865 -15.30 -3.21 44.14
CA LEU G 865 -15.60 -4.05 45.28
C LEU G 865 -14.67 -5.23 45.35
N THR G 866 -13.88 -5.29 46.41
CA THR G 866 -12.91 -6.33 46.61
C THR G 866 -13.60 -7.59 47.07
N ASP G 867 -12.89 -8.72 47.06
CA ASP G 867 -13.50 -9.97 47.48
C ASP G 867 -14.10 -9.85 48.86
N GLU G 868 -13.44 -9.10 49.73
CA GLU G 868 -13.91 -8.89 51.07
C GLU G 868 -15.25 -8.17 51.11
N MET G 869 -15.46 -7.24 50.17
CA MET G 869 -16.70 -6.48 50.16
C MET G 869 -17.82 -7.28 49.54
N ILE G 870 -17.48 -8.13 48.60
CA ILE G 870 -18.48 -8.98 48.00
C ILE G 870 -18.92 -9.97 49.05
N ALA G 871 -17.96 -10.50 49.80
CA ALA G 871 -18.27 -11.44 50.86
C ALA G 871 -19.16 -10.80 51.91
N GLN G 872 -18.93 -9.52 52.22
CA GLN G 872 -19.79 -8.85 53.17
C GLN G 872 -21.20 -8.69 52.63
N TYR G 873 -21.34 -8.43 51.34
CA TYR G 873 -22.68 -8.33 50.78
C TYR G 873 -23.39 -9.67 50.84
N THR G 874 -22.70 -10.76 50.51
CA THR G 874 -23.37 -12.04 50.55
C THR G 874 -23.66 -12.43 51.98
N SER G 875 -22.81 -12.04 52.91
CA SER G 875 -23.06 -12.35 54.30
C SER G 875 -24.33 -11.64 54.75
N ALA G 876 -24.48 -10.37 54.36
CA ALA G 876 -25.67 -9.60 54.71
C ALA G 876 -26.91 -10.21 54.11
N LEU G 877 -26.80 -10.70 52.88
CA LEU G 877 -27.95 -11.30 52.23
C LEU G 877 -28.33 -12.58 52.92
N LEU G 878 -27.36 -13.39 53.36
CA LEU G 878 -27.71 -14.61 54.06
C LEU G 878 -28.27 -14.31 55.42
N ALA G 879 -27.69 -13.35 56.12
CA ALA G 879 -28.20 -13.04 57.43
C ALA G 879 -29.62 -12.55 57.32
N GLY G 880 -29.90 -11.76 56.31
CA GLY G 880 -31.24 -11.27 56.06
C GLY G 880 -32.17 -12.42 55.75
N THR G 881 -31.78 -13.26 54.80
CA THR G 881 -32.59 -14.37 54.35
C THR G 881 -32.93 -15.31 55.48
N ILE G 882 -31.94 -15.58 56.33
CA ILE G 882 -32.11 -16.49 57.45
C ILE G 882 -32.94 -15.92 58.59
N THR G 883 -32.71 -14.67 58.98
CA THR G 883 -33.41 -14.15 60.15
C THR G 883 -34.69 -13.38 59.86
N SER G 884 -34.89 -12.90 58.62
CA SER G 884 -36.08 -12.10 58.32
C SER G 884 -36.79 -12.52 57.04
N GLY G 885 -36.36 -13.60 56.43
CA GLY G 885 -36.99 -14.09 55.21
C GLY G 885 -36.91 -13.07 54.09
N TRP G 886 -38.04 -12.81 53.46
CA TRP G 886 -38.11 -11.86 52.36
C TRP G 886 -38.46 -10.46 52.78
N THR G 887 -38.71 -10.26 54.07
CA THR G 887 -39.21 -8.97 54.47
C THR G 887 -38.17 -7.88 54.34
N PHE G 888 -36.90 -8.24 54.44
CA PHE G 888 -35.84 -7.25 54.33
C PHE G 888 -35.67 -6.83 52.88
N GLY G 889 -36.04 -7.70 51.96
CA GLY G 889 -35.92 -7.39 50.55
C GLY G 889 -36.93 -6.33 50.17
N ALA G 890 -38.12 -6.44 50.76
CA ALA G 890 -39.25 -5.57 50.47
C ALA G 890 -39.30 -4.33 51.37
N GLY G 891 -38.36 -4.17 52.28
CA GLY G 891 -38.40 -3.03 53.18
C GLY G 891 -37.58 -3.26 54.45
N PRO G 892 -38.16 -3.08 55.65
CA PRO G 892 -37.50 -3.26 56.92
C PRO G 892 -37.29 -4.73 57.19
N ALA G 893 -36.22 -5.08 57.87
CA ALA G 893 -36.02 -6.48 58.20
C ALA G 893 -36.83 -6.86 59.42
N LEU G 894 -37.75 -7.77 59.25
CA LEU G 894 -38.64 -8.21 60.31
C LEU G 894 -38.25 -9.59 60.76
N GLN G 895 -37.83 -9.74 62.02
CA GLN G 895 -37.39 -11.04 62.48
C GLN G 895 -38.51 -12.06 62.47
N ILE G 896 -38.15 -13.29 62.16
CA ILE G 896 -39.07 -14.42 62.22
C ILE G 896 -38.26 -15.66 62.59
N PRO G 897 -38.75 -16.59 63.44
CA PRO G 897 -38.12 -17.84 63.72
C PRO G 897 -37.88 -18.57 62.43
N PHE G 898 -36.72 -19.20 62.27
CA PHE G 898 -36.47 -19.83 61.00
C PHE G 898 -37.52 -20.89 60.64
N PRO G 899 -37.91 -21.81 61.53
CA PRO G 899 -38.92 -22.81 61.27
C PRO G 899 -40.21 -22.22 60.74
N MET G 900 -40.57 -21.02 61.19
CA MET G 900 -41.78 -20.40 60.69
C MET G 900 -41.56 -19.87 59.30
N GLN G 901 -40.38 -19.33 59.05
CA GLN G 901 -40.06 -18.88 57.72
C GLN G 901 -40.21 -20.02 56.75
N MET G 902 -39.73 -21.19 57.14
CA MET G 902 -39.87 -22.35 56.29
C MET G 902 -41.32 -22.70 56.12
N ALA G 903 -42.11 -22.56 57.16
CA ALA G 903 -43.53 -22.88 57.08
C ALA G 903 -44.20 -22.04 56.02
N TYR G 904 -43.79 -20.78 55.93
CA TYR G 904 -44.41 -19.89 54.97
C TYR G 904 -44.01 -20.31 53.57
N ARG G 905 -42.76 -20.71 53.44
CA ARG G 905 -42.21 -21.14 52.16
C ARG G 905 -42.83 -22.47 51.70
N PHE G 906 -43.17 -23.34 52.63
CA PHE G 906 -43.88 -24.58 52.27
C PHE G 906 -45.29 -24.26 51.84
N ASN G 907 -45.95 -23.37 52.56
CA ASN G 907 -47.32 -23.01 52.22
C ASN G 907 -47.34 -22.43 50.81
N GLY G 908 -46.30 -21.70 50.47
CA GLY G 908 -46.16 -21.04 49.18
C GLY G 908 -46.06 -21.99 47.99
N ILE G 909 -45.82 -23.28 48.24
CA ILE G 909 -45.72 -24.26 47.16
C ILE G 909 -46.85 -25.27 47.20
N GLY G 910 -47.90 -24.97 47.97
CA GLY G 910 -49.05 -25.84 48.02
C GLY G 910 -48.95 -26.95 49.06
N VAL G 911 -48.07 -26.79 50.03
CA VAL G 911 -47.95 -27.80 51.08
C VAL G 911 -48.30 -27.14 52.40
N THR G 912 -49.32 -27.62 53.07
CA THR G 912 -49.76 -26.94 54.27
C THR G 912 -48.67 -26.96 55.32
N GLN G 913 -48.66 -25.93 56.16
CA GLN G 913 -47.57 -25.71 57.11
C GLN G 913 -47.42 -26.74 58.19
N ASN G 914 -48.44 -27.53 58.43
CA ASN G 914 -48.33 -28.54 59.45
C ASN G 914 -47.37 -29.62 58.99
N VAL G 915 -47.14 -29.72 57.69
CA VAL G 915 -46.25 -30.75 57.19
C VAL G 915 -44.87 -30.46 57.69
N LEU G 916 -44.47 -29.20 57.64
CA LEU G 916 -43.16 -28.83 58.12
C LEU G 916 -42.99 -29.11 59.58
N TYR G 917 -43.96 -28.68 60.38
CA TYR G 917 -43.77 -28.82 61.81
C TYR G 917 -43.76 -30.28 62.22
N GLU G 918 -44.63 -31.08 61.63
CA GLU G 918 -44.69 -32.47 61.98
C GLU G 918 -43.42 -33.20 61.55
N ASN G 919 -42.83 -32.75 60.46
CA ASN G 919 -41.61 -33.34 59.94
C ASN G 919 -40.41 -32.42 60.11
N GLN G 920 -40.46 -31.49 61.05
CA GLN G 920 -39.35 -30.54 61.17
C GLN G 920 -38.00 -31.19 61.35
N LYS G 921 -37.93 -32.25 62.14
CA LYS G 921 -36.63 -32.89 62.36
C LYS G 921 -36.12 -33.51 61.07
N LEU G 922 -37.02 -34.12 60.30
CA LEU G 922 -36.64 -34.75 59.05
C LEU G 922 -36.18 -33.72 58.05
N ILE G 923 -36.92 -32.63 57.95
CA ILE G 923 -36.63 -31.60 56.99
C ILE G 923 -35.30 -30.96 57.30
N ALA G 924 -35.05 -30.65 58.57
CA ALA G 924 -33.78 -30.06 58.94
C ALA G 924 -32.65 -31.02 58.63
N ASN G 925 -32.84 -32.32 58.86
CA ASN G 925 -31.77 -33.27 58.57
C ASN G 925 -31.53 -33.41 57.08
N GLN G 926 -32.59 -33.43 56.28
CA GLN G 926 -32.39 -33.55 54.84
C GLN G 926 -31.70 -32.32 54.31
N PHE G 927 -32.05 -31.16 54.86
CA PHE G 927 -31.42 -29.91 54.46
C PHE G 927 -29.95 -29.93 54.78
N ASN G 928 -29.61 -30.30 56.00
CA ASN G 928 -28.23 -30.27 56.44
C ASN G 928 -27.37 -31.21 55.62
N SER G 929 -27.92 -32.37 55.28
CA SER G 929 -27.17 -33.32 54.47
C SER G 929 -26.97 -32.78 53.07
N ALA G 930 -28.00 -32.15 52.51
CA ALA G 930 -27.90 -31.61 51.15
C ALA G 930 -26.83 -30.54 51.07
N ILE G 931 -26.71 -29.70 52.10
CA ILE G 931 -25.68 -28.67 52.06
C ILE G 931 -24.30 -29.32 52.11
N GLY G 932 -24.14 -30.32 52.97
CA GLY G 932 -22.86 -31.01 53.06
C GLY G 932 -22.47 -31.61 51.72
N LYS G 933 -23.45 -32.15 51.00
CA LYS G 933 -23.20 -32.74 49.70
C LYS G 933 -22.67 -31.70 48.72
N ILE G 934 -23.12 -30.46 48.83
CA ILE G 934 -22.66 -29.44 47.89
C ILE G 934 -21.17 -29.19 48.05
N GLN G 935 -20.71 -29.10 49.29
CA GLN G 935 -19.29 -28.85 49.47
C GLN G 935 -18.47 -29.97 48.85
N ASP G 936 -18.91 -31.21 49.03
CA ASP G 936 -18.19 -32.35 48.48
C ASP G 936 -18.31 -32.42 46.97
N SER G 937 -19.47 -32.06 46.43
CA SER G 937 -19.69 -32.11 45.00
C SER G 937 -18.79 -31.13 44.28
N LEU G 938 -18.68 -29.92 44.81
CA LEU G 938 -17.84 -28.90 44.19
C LEU G 938 -16.38 -29.31 44.25
N SER G 939 -15.97 -29.90 45.37
CA SER G 939 -14.59 -30.33 45.54
C SER G 939 -14.23 -31.47 44.58
N SER G 940 -15.13 -32.45 44.50
CA SER G 940 -14.93 -33.65 43.71
C SER G 940 -14.91 -33.41 42.21
N THR G 941 -15.84 -32.59 41.69
CA THR G 941 -15.94 -32.40 40.26
C THR G 941 -15.25 -31.09 39.81
N PRO G 942 -14.12 -31.17 39.09
CA PRO G 942 -13.29 -30.05 38.68
C PRO G 942 -13.98 -29.16 37.66
N SER G 943 -14.99 -29.70 37.00
CA SER G 943 -15.72 -28.99 35.96
C SER G 943 -16.91 -28.25 36.53
N ALA G 944 -17.12 -28.37 37.84
CA ALA G 944 -18.29 -27.79 38.49
C ALA G 944 -18.33 -26.28 38.32
N LEU G 945 -17.17 -25.62 38.27
CA LEU G 945 -17.11 -24.17 38.14
C LEU G 945 -16.63 -23.78 36.75
N GLY G 946 -16.84 -24.67 35.78
CA GLY G 946 -16.36 -24.47 34.43
C GLY G 946 -16.82 -23.14 33.82
N LYS G 947 -18.01 -22.66 34.16
CA LYS G 947 -18.47 -21.42 33.59
C LYS G 947 -17.60 -20.23 33.95
N LEU G 948 -17.09 -20.21 35.17
CA LEU G 948 -16.31 -19.05 35.59
C LEU G 948 -14.92 -19.16 35.02
N GLN G 949 -14.41 -20.37 34.95
CA GLN G 949 -13.08 -20.57 34.42
C GLN G 949 -13.07 -20.25 32.94
N ASP G 950 -14.18 -20.56 32.26
CA ASP G 950 -14.28 -20.29 30.83
C ASP G 950 -14.22 -18.80 30.54
N VAL G 951 -14.85 -17.99 31.37
CA VAL G 951 -14.78 -16.55 31.16
C VAL G 951 -13.35 -16.08 31.28
N VAL G 952 -12.65 -16.59 32.29
CA VAL G 952 -11.27 -16.22 32.50
C VAL G 952 -10.42 -16.65 31.31
N ASN G 953 -10.65 -17.85 30.82
CA ASN G 953 -9.85 -18.37 29.72
C ASN G 953 -10.08 -17.57 28.44
N GLN G 954 -11.31 -17.17 28.17
CA GLN G 954 -11.58 -16.41 26.95
C GLN G 954 -10.88 -15.07 26.98
N ASN G 955 -10.87 -14.41 28.13
CA ASN G 955 -10.24 -13.11 28.22
C ASN G 955 -8.72 -13.26 28.17
N ALA G 956 -8.20 -14.33 28.77
CA ALA G 956 -6.77 -14.56 28.74
C ALA G 956 -6.30 -14.79 27.31
N GLN G 957 -7.09 -15.53 26.54
CA GLN G 957 -6.74 -15.79 25.15
C GLN G 957 -6.79 -14.52 24.35
N ALA G 958 -7.78 -13.67 24.63
CA ALA G 958 -7.91 -12.42 23.90
C ALA G 958 -6.66 -11.56 24.06
N LEU G 959 -6.08 -11.56 25.26
CA LEU G 959 -4.89 -10.74 25.49
C LEU G 959 -3.66 -11.36 24.88
N ASN G 960 -3.55 -12.68 24.95
CA ASN G 960 -2.38 -13.32 24.39
C ASN G 960 -2.40 -13.21 22.87
N THR G 961 -3.59 -13.25 22.29
CA THR G 961 -3.70 -13.09 20.85
C THR G 961 -3.27 -11.70 20.45
N LEU G 962 -3.70 -10.69 21.21
CA LEU G 962 -3.32 -9.32 20.91
C LEU G 962 -1.81 -9.19 20.92
N VAL G 963 -1.14 -9.80 21.91
CA VAL G 963 0.31 -9.71 21.97
C VAL G 963 0.96 -10.43 20.78
N LYS G 964 0.46 -11.61 20.43
CA LYS G 964 1.03 -12.31 19.29
C LYS G 964 0.97 -11.47 18.02
N GLN G 965 -0.12 -10.71 17.86
CA GLN G 965 -0.22 -9.86 16.69
C GLN G 965 0.79 -8.74 16.73
N LEU G 966 1.13 -8.28 17.92
CA LEU G 966 2.12 -7.21 18.10
C LEU G 966 3.44 -7.64 17.49
N SER G 967 3.74 -8.93 17.58
CA SER G 967 4.99 -9.50 17.09
C SER G 967 4.98 -9.88 15.61
N SER G 968 3.86 -9.70 14.91
CA SER G 968 3.77 -10.07 13.50
C SER G 968 4.29 -8.97 12.58
N ASN G 969 4.58 -9.33 11.33
CA ASN G 969 5.14 -8.37 10.38
C ASN G 969 4.09 -7.62 9.57
N PHE G 970 3.00 -8.28 9.24
CA PHE G 970 1.94 -7.66 8.42
C PHE G 970 2.44 -7.10 7.10
N GLY G 971 3.44 -7.74 6.50
CA GLY G 971 3.99 -7.27 5.23
C GLY G 971 5.20 -6.37 5.42
N ALA G 972 5.47 -5.99 6.67
CA ALA G 972 6.61 -5.12 6.97
C ALA G 972 7.92 -5.89 6.85
N ILE G 973 8.99 -5.15 6.61
CA ILE G 973 10.34 -5.68 6.53
C ILE G 973 10.79 -6.29 7.85
N SER G 974 10.19 -5.83 8.94
CA SER G 974 10.50 -6.33 10.27
C SER G 974 9.37 -6.07 11.23
N SER G 975 9.14 -7.01 12.14
CA SER G 975 8.14 -6.88 13.19
C SER G 975 8.56 -5.89 14.27
N VAL G 976 9.83 -5.52 14.27
CA VAL G 976 10.37 -4.63 15.28
C VAL G 976 10.51 -3.21 14.75
N LEU G 977 9.82 -2.29 15.39
CA LEU G 977 9.78 -0.90 14.96
C LEU G 977 11.15 -0.25 15.02
N ASN G 978 11.92 -0.58 16.05
CA ASN G 978 13.23 0.01 16.22
C ASN G 978 14.19 -0.45 15.13
N ASP G 979 13.99 -1.67 14.62
CA ASP G 979 14.87 -2.20 13.58
C ASP G 979 14.56 -1.52 12.26
N ILE G 980 13.28 -1.22 12.04
CA ILE G 980 12.91 -0.53 10.81
C ILE G 980 13.56 0.83 10.79
N LEU G 981 13.47 1.54 11.90
CA LEU G 981 14.03 2.88 12.00
C LEU G 981 15.54 2.88 11.88
N SER G 982 16.20 1.87 12.45
CA SER G 982 17.65 1.76 12.35
C SER G 982 18.13 1.42 10.94
N ARG G 983 17.46 0.46 10.30
CA ARG G 983 17.87 -0.05 8.99
C ARG G 983 17.50 0.83 7.81
N LEU G 984 16.34 1.48 7.85
CA LEU G 984 15.88 2.24 6.70
C LEU G 984 15.84 3.73 6.93
N ASP G 985 16.27 4.48 5.93
CA ASP G 985 16.15 5.93 5.97
C ASP G 985 14.64 6.24 5.97
N PRO G 986 14.20 7.36 6.56
CA PRO G 986 12.82 7.79 6.68
C PRO G 986 11.93 7.61 5.44
N PRO G 987 12.38 7.91 4.19
CA PRO G 987 11.57 7.76 2.98
C PRO G 987 11.16 6.32 2.73
N GLU G 988 11.86 5.37 3.34
CA GLU G 988 11.55 3.96 3.19
C GLU G 988 10.96 3.40 4.48
N ALA G 989 11.43 3.92 5.61
CA ALA G 989 10.97 3.47 6.91
C ALA G 989 9.49 3.77 7.05
N GLU G 990 9.07 4.91 6.53
CA GLU G 990 7.67 5.31 6.64
C GLU G 990 6.74 4.23 6.12
N VAL G 991 7.11 3.60 5.01
CA VAL G 991 6.25 2.59 4.43
C VAL G 991 6.18 1.37 5.31
N GLN G 992 7.34 0.93 5.80
CA GLN G 992 7.37 -0.27 6.63
C GLN G 992 6.66 -0.03 7.97
N ILE G 993 6.76 1.19 8.47
CA ILE G 993 6.10 1.56 9.72
C ILE G 993 4.61 1.61 9.48
N ASP G 994 4.19 2.18 8.36
CA ASP G 994 2.78 2.27 8.03
C ASP G 994 2.17 0.88 7.96
N ARG G 995 2.92 -0.10 7.45
CA ARG G 995 2.40 -1.46 7.41
C ARG G 995 2.21 -2.01 8.82
N LEU G 996 3.15 -1.75 9.71
CA LEU G 996 2.97 -2.22 11.08
C LEU G 996 1.82 -1.51 11.76
N ILE G 997 1.64 -0.22 11.48
CA ILE G 997 0.54 0.51 12.09
C ILE G 997 -0.80 -0.01 11.64
N THR G 998 -0.95 -0.23 10.34
CA THR G 998 -2.24 -0.72 9.86
C THR G 998 -2.53 -2.07 10.45
N GLY G 999 -1.53 -2.94 10.48
CA GLY G 999 -1.69 -4.28 11.02
C GLY G 999 -2.03 -4.26 12.50
N ARG G 1000 -1.27 -3.50 13.29
CA ARG G 1000 -1.49 -3.45 14.71
C ARG G 1000 -2.79 -2.75 15.06
N LEU G 1001 -3.17 -1.74 14.30
CA LEU G 1001 -4.42 -1.07 14.55
C LEU G 1001 -5.56 -2.01 14.24
N GLN G 1002 -5.46 -2.76 13.16
CA GLN G 1002 -6.48 -3.73 12.80
C GLN G 1002 -6.61 -4.78 13.88
N SER G 1003 -5.47 -5.21 14.44
CA SER G 1003 -5.46 -6.19 15.51
C SER G 1003 -6.14 -5.68 16.75
N LEU G 1004 -5.83 -4.44 17.12
CA LEU G 1004 -6.43 -3.85 18.29
C LEU G 1004 -7.92 -3.64 18.11
N GLN G 1005 -8.34 -3.24 16.91
CA GLN G 1005 -9.76 -3.06 16.65
C GLN G 1005 -10.49 -4.38 16.77
N THR G 1006 -9.87 -5.46 16.30
CA THR G 1006 -10.46 -6.77 16.40
C THR G 1006 -10.62 -7.15 17.86
N TYR G 1007 -9.59 -6.91 18.65
CA TYR G 1007 -9.62 -7.20 20.08
C TYR G 1007 -10.73 -6.46 20.78
N VAL G 1008 -10.84 -5.16 20.53
CA VAL G 1008 -11.86 -4.38 21.20
C VAL G 1008 -13.24 -4.85 20.80
N THR G 1009 -13.45 -5.15 19.52
CA THR G 1009 -14.75 -5.62 19.08
C THR G 1009 -15.11 -6.91 19.79
N GLN G 1010 -14.15 -7.82 19.92
CA GLN G 1010 -14.39 -9.08 20.59
C GLN G 1010 -14.73 -8.85 22.06
N GLN G 1011 -14.08 -7.87 22.69
CA GLN G 1011 -14.37 -7.58 24.07
C GLN G 1011 -15.74 -6.95 24.25
N LEU G 1012 -16.19 -6.17 23.27
CA LEU G 1012 -17.51 -5.57 23.37
C LEU G 1012 -18.61 -6.60 23.24
N ILE G 1013 -18.42 -7.56 22.34
CA ILE G 1013 -19.41 -8.61 22.17
C ILE G 1013 -19.40 -9.49 23.40
N ARG G 1014 -18.21 -9.85 23.87
CA ARG G 1014 -18.05 -10.64 25.07
C ARG G 1014 -18.62 -9.92 26.28
N ALA G 1015 -18.41 -8.61 26.36
CA ALA G 1015 -18.93 -7.83 27.46
C ALA G 1015 -20.44 -7.88 27.48
N ALA G 1016 -21.06 -7.87 26.32
CA ALA G 1016 -22.52 -7.94 26.24
C ALA G 1016 -23.01 -9.26 26.80
N GLU G 1017 -22.28 -10.33 26.52
CA GLU G 1017 -22.67 -11.64 27.04
C GLU G 1017 -22.58 -11.64 28.56
N ILE G 1018 -21.52 -11.06 29.09
CA ILE G 1018 -21.35 -10.99 30.54
C ILE G 1018 -22.43 -10.12 31.14
N ARG G 1019 -22.77 -9.02 30.49
CA ARG G 1019 -23.82 -8.15 30.99
C ARG G 1019 -25.13 -8.89 31.05
N ALA G 1020 -25.45 -9.65 30.02
CA ALA G 1020 -26.69 -10.41 30.02
C ALA G 1020 -26.70 -11.41 31.16
N SER G 1021 -25.56 -12.03 31.42
CA SER G 1021 -25.46 -12.96 32.52
C SER G 1021 -25.63 -12.23 33.85
N ALA G 1022 -25.02 -11.07 33.98
CA ALA G 1022 -25.14 -10.28 35.20
C ALA G 1022 -26.58 -9.85 35.41
N ASN G 1023 -27.29 -9.53 34.33
CA ASN G 1023 -28.68 -9.12 34.46
C ASN G 1023 -29.50 -10.29 34.96
N LEU G 1024 -29.17 -11.48 34.47
CA LEU G 1024 -29.84 -12.68 34.92
C LEU G 1024 -29.52 -12.94 36.37
N ALA G 1025 -28.26 -12.82 36.73
CA ALA G 1025 -27.83 -13.07 38.10
C ALA G 1025 -28.48 -12.10 39.06
N ALA G 1026 -28.63 -10.85 38.64
CA ALA G 1026 -29.25 -9.85 39.47
C ALA G 1026 -30.73 -10.14 39.63
N THR G 1027 -31.38 -10.54 38.55
CA THR G 1027 -32.79 -10.89 38.58
C THR G 1027 -32.98 -12.10 39.46
N LYS G 1028 -32.10 -13.06 39.28
CA LYS G 1028 -32.14 -14.30 40.00
C LYS G 1028 -31.98 -14.07 41.47
N MET G 1029 -31.07 -13.21 41.86
CA MET G 1029 -30.95 -12.95 43.28
C MET G 1029 -32.21 -12.29 43.82
N SER G 1030 -32.75 -11.32 43.10
CA SER G 1030 -33.92 -10.66 43.64
C SER G 1030 -35.07 -11.63 43.83
N GLU G 1031 -35.27 -12.49 42.85
CA GLU G 1031 -36.42 -13.39 42.89
C GLU G 1031 -36.22 -14.74 43.62
N CYS G 1032 -34.98 -15.24 43.71
CA CYS G 1032 -34.69 -16.53 44.35
C CYS G 1032 -34.21 -16.32 45.78
N VAL G 1033 -33.58 -15.19 46.07
CA VAL G 1033 -32.99 -14.97 47.39
C VAL G 1033 -33.85 -14.05 48.24
N LEU G 1034 -34.34 -12.96 47.65
CA LEU G 1034 -35.10 -11.97 48.40
C LEU G 1034 -36.59 -12.28 48.38
N GLY G 1035 -36.93 -13.45 47.90
CA GLY G 1035 -38.31 -13.87 47.80
C GLY G 1035 -38.39 -15.35 47.54
N GLN G 1036 -39.54 -15.78 47.05
CA GLN G 1036 -39.79 -17.16 46.70
C GLN G 1036 -40.31 -17.18 45.28
N SER G 1037 -39.71 -18.00 44.44
CA SER G 1037 -40.10 -18.00 43.04
C SER G 1037 -41.22 -18.97 42.71
N LYS G 1038 -42.08 -18.54 41.81
CA LYS G 1038 -43.14 -19.37 41.29
C LYS G 1038 -42.88 -19.68 39.82
N ARG G 1039 -41.70 -19.30 39.36
CA ARG G 1039 -41.27 -19.54 38.00
C ARG G 1039 -40.58 -20.89 37.92
N VAL G 1040 -41.14 -21.80 37.15
CA VAL G 1040 -40.65 -23.16 37.10
C VAL G 1040 -39.26 -23.26 36.51
N ASP G 1041 -38.40 -23.97 37.22
CA ASP G 1041 -37.02 -24.21 36.86
C ASP G 1041 -36.19 -22.94 36.76
N PHE G 1042 -36.72 -21.84 37.26
CA PHE G 1042 -35.95 -20.62 37.31
C PHE G 1042 -34.91 -20.67 38.42
N CYS G 1043 -35.30 -21.18 39.61
CA CYS G 1043 -34.47 -21.26 40.81
C CYS G 1043 -34.19 -22.74 41.10
N GLY G 1044 -33.82 -23.47 40.07
CA GLY G 1044 -33.49 -24.89 40.22
C GLY G 1044 -34.71 -25.77 39.97
N LYS G 1045 -34.46 -27.07 39.88
CA LYS G 1045 -35.50 -28.04 39.62
C LYS G 1045 -36.28 -28.34 40.88
N GLY G 1046 -37.60 -28.43 40.77
CA GLY G 1046 -38.43 -28.73 41.93
C GLY G 1046 -39.17 -27.47 42.37
N TYR G 1047 -39.83 -27.53 43.51
CA TYR G 1047 -40.60 -26.39 43.95
C TYR G 1047 -39.74 -25.52 44.83
N HIS G 1048 -39.43 -24.34 44.36
CA HIS G 1048 -38.49 -23.50 45.08
C HIS G 1048 -38.97 -23.12 46.46
N LEU G 1049 -38.10 -23.27 47.46
CA LEU G 1049 -38.39 -22.85 48.81
C LEU G 1049 -37.61 -21.60 49.11
N MET G 1050 -36.30 -21.64 48.85
CA MET G 1050 -35.42 -20.50 49.12
C MET G 1050 -34.06 -20.73 48.50
N SER G 1051 -33.20 -19.72 48.54
CA SER G 1051 -31.84 -19.93 48.07
C SER G 1051 -30.86 -19.07 48.83
N PHE G 1052 -29.59 -19.43 48.74
CA PHE G 1052 -28.54 -18.69 49.41
C PHE G 1052 -27.39 -18.40 48.45
N PRO G 1053 -27.05 -17.13 48.20
CA PRO G 1053 -25.96 -16.73 47.35
C PRO G 1053 -24.63 -16.98 48.03
N GLN G 1054 -23.62 -17.27 47.24
CA GLN G 1054 -22.24 -17.40 47.67
C GLN G 1054 -21.40 -16.66 46.65
N SER G 1055 -20.35 -15.98 47.08
CA SER G 1055 -19.52 -15.30 46.11
C SER G 1055 -18.52 -16.25 45.46
N ALA G 1056 -18.03 -15.86 44.30
CA ALA G 1056 -17.00 -16.60 43.60
C ALA G 1056 -16.19 -15.60 42.78
N PRO G 1057 -14.98 -15.92 42.36
CA PRO G 1057 -14.20 -15.07 41.50
C PRO G 1057 -14.99 -14.74 40.25
N HIS G 1058 -15.13 -13.45 39.98
CA HIS G 1058 -15.84 -12.95 38.81
C HIS G 1058 -17.26 -13.46 38.66
N GLY G 1059 -17.92 -13.85 39.75
CA GLY G 1059 -19.28 -14.34 39.60
C GLY G 1059 -19.99 -14.64 40.90
N VAL G 1060 -21.19 -15.18 40.76
CA VAL G 1060 -22.04 -15.50 41.90
C VAL G 1060 -22.54 -16.92 41.79
N VAL G 1061 -22.61 -17.59 42.90
CA VAL G 1061 -23.09 -18.95 42.96
C VAL G 1061 -24.34 -19.06 43.81
N PHE G 1062 -25.39 -19.64 43.26
CA PHE G 1062 -26.61 -19.75 44.01
C PHE G 1062 -26.89 -21.16 44.45
N LEU G 1063 -27.16 -21.34 45.74
CA LEU G 1063 -27.56 -22.63 46.24
C LEU G 1063 -29.06 -22.63 46.36
N HIS G 1064 -29.71 -23.39 45.50
CA HIS G 1064 -31.16 -23.38 45.45
C HIS G 1064 -31.73 -24.52 46.23
N VAL G 1065 -32.60 -24.20 47.18
CA VAL G 1065 -33.20 -25.20 48.04
C VAL G 1065 -34.60 -25.46 47.54
N THR G 1066 -34.86 -26.67 47.10
CA THR G 1066 -36.14 -26.98 46.52
C THR G 1066 -36.81 -28.20 47.14
N TYR G 1067 -38.12 -28.19 47.10
CA TYR G 1067 -38.95 -29.30 47.57
C TYR G 1067 -39.21 -30.24 46.41
N VAL G 1068 -38.90 -31.50 46.60
CA VAL G 1068 -39.11 -32.46 45.54
C VAL G 1068 -39.93 -33.66 46.04
N PRO G 1069 -41.08 -33.95 45.44
CA PRO G 1069 -41.93 -35.10 45.73
C PRO G 1069 -41.09 -36.36 45.61
N ALA G 1070 -41.25 -37.32 46.52
CA ALA G 1070 -40.38 -38.49 46.47
C ALA G 1070 -41.10 -39.83 46.27
N GLN G 1071 -42.19 -40.05 46.99
CA GLN G 1071 -42.79 -41.40 46.97
C GLN G 1071 -44.27 -41.42 46.66
N GLU G 1072 -44.62 -41.40 45.40
CA GLU G 1072 -46.03 -41.39 45.04
C GLU G 1072 -46.67 -42.74 45.16
N LYS G 1073 -47.98 -42.72 45.39
CA LYS G 1073 -48.81 -43.90 45.39
C LYS G 1073 -49.98 -43.70 44.44
N ASN G 1074 -50.49 -44.82 43.87
CA ASN G 1074 -51.62 -44.82 42.95
C ASN G 1074 -52.95 -44.80 43.71
N PHE G 1075 -53.70 -43.70 43.61
CA PHE G 1075 -55.01 -43.53 44.26
C PHE G 1075 -56.09 -43.41 43.20
N THR G 1076 -57.29 -43.85 43.52
CA THR G 1076 -58.40 -43.67 42.61
C THR G 1076 -58.99 -42.30 42.87
N THR G 1077 -59.42 -41.61 41.84
CA THR G 1077 -59.93 -40.26 42.06
C THR G 1077 -61.29 -39.97 41.45
N ALA G 1078 -61.80 -38.80 41.78
CA ALA G 1078 -63.06 -38.31 41.24
C ALA G 1078 -63.06 -36.79 41.30
N PRO G 1079 -63.68 -36.10 40.33
CA PRO G 1079 -63.83 -34.67 40.26
C PRO G 1079 -64.77 -34.11 41.32
N ALA G 1080 -65.66 -34.95 41.84
CA ALA G 1080 -66.63 -34.47 42.82
C ALA G 1080 -67.28 -35.62 43.56
N ILE G 1081 -67.88 -35.29 44.69
CA ILE G 1081 -68.67 -36.22 45.47
C ILE G 1081 -70.14 -35.89 45.38
N CYS G 1082 -70.97 -36.90 45.10
CA CYS G 1082 -72.42 -36.79 45.04
C CYS G 1082 -73.00 -37.17 46.40
N HIS G 1083 -73.69 -36.23 47.03
CA HIS G 1083 -74.20 -36.48 48.38
C HIS G 1083 -75.73 -36.58 48.42
N ASP G 1084 -76.41 -35.43 48.46
CA ASP G 1084 -77.87 -35.39 48.47
C ASP G 1084 -78.40 -35.00 47.11
N GLY G 1085 -77.61 -35.26 46.09
CA GLY G 1085 -77.91 -34.88 44.71
C GLY G 1085 -77.09 -33.66 44.37
N LYS G 1086 -76.47 -33.11 45.42
CA LYS G 1086 -75.59 -31.96 45.33
C LYS G 1086 -74.19 -32.42 44.95
N ALA G 1087 -73.50 -31.61 44.17
CA ALA G 1087 -72.13 -31.92 43.77
C ALA G 1087 -71.15 -31.16 44.63
N HIS G 1088 -70.35 -31.92 45.38
CA HIS G 1088 -69.36 -31.36 46.28
C HIS G 1088 -67.97 -31.41 45.68
N PHE G 1089 -67.34 -30.26 45.60
CA PHE G 1089 -66.00 -30.12 45.05
C PHE G 1089 -65.06 -29.82 46.20
N PRO G 1090 -63.79 -30.20 46.15
CA PRO G 1090 -62.84 -29.97 47.20
C PRO G 1090 -62.48 -28.50 47.19
N ARG G 1091 -62.21 -27.92 48.35
CA ARG G 1091 -61.79 -26.52 48.35
C ARG G 1091 -60.30 -26.33 48.12
N GLU G 1092 -59.48 -27.15 48.76
CA GLU G 1092 -58.03 -26.97 48.68
C GLU G 1092 -57.32 -28.17 48.06
N GLY G 1093 -57.90 -29.35 48.21
CA GLY G 1093 -57.26 -30.57 47.78
C GLY G 1093 -57.97 -31.29 46.66
N VAL G 1094 -57.77 -32.61 46.63
CA VAL G 1094 -58.33 -33.49 45.62
C VAL G 1094 -58.98 -34.70 46.27
N PHE G 1095 -60.10 -35.17 45.71
CA PHE G 1095 -60.74 -36.36 46.25
C PHE G 1095 -60.06 -37.62 45.77
N VAL G 1096 -59.70 -38.47 46.72
CA VAL G 1096 -59.02 -39.72 46.44
C VAL G 1096 -59.65 -40.90 47.16
N SER G 1097 -59.39 -42.09 46.66
CA SER G 1097 -59.86 -43.32 47.28
C SER G 1097 -58.76 -44.35 47.42
N ASN G 1098 -58.71 -44.97 48.60
CA ASN G 1098 -57.74 -46.03 48.94
C ASN G 1098 -58.28 -47.43 48.64
N GLY G 1099 -59.46 -47.52 48.01
CA GLY G 1099 -60.15 -48.76 47.62
C GLY G 1099 -61.41 -49.00 48.42
N THR G 1100 -61.50 -48.41 49.62
CA THR G 1100 -62.73 -48.60 50.40
C THR G 1100 -63.32 -47.28 50.87
N HIS G 1101 -62.48 -46.27 51.08
CA HIS G 1101 -62.97 -44.99 51.58
C HIS G 1101 -62.44 -43.81 50.81
N TRP G 1102 -63.28 -42.79 50.69
CA TRP G 1102 -62.92 -41.54 50.04
C TRP G 1102 -62.44 -40.50 51.03
N PHE G 1103 -61.37 -39.83 50.67
CA PHE G 1103 -60.73 -38.79 51.45
C PHE G 1103 -60.43 -37.59 50.59
N VAL G 1104 -60.22 -36.45 51.21
CA VAL G 1104 -59.78 -35.29 50.46
C VAL G 1104 -58.41 -34.88 50.97
N THR G 1105 -57.48 -34.62 50.07
CA THR G 1105 -56.14 -34.28 50.53
C THR G 1105 -55.45 -33.24 49.68
N GLN G 1106 -54.51 -32.52 50.27
CA GLN G 1106 -53.74 -31.53 49.54
C GLN G 1106 -53.01 -32.15 48.35
N ARG G 1107 -53.02 -31.44 47.24
CA ARG G 1107 -52.49 -31.93 45.99
C ARG G 1107 -51.02 -32.37 46.01
N ASN G 1108 -50.18 -31.63 46.71
CA ASN G 1108 -48.73 -31.92 46.67
C ASN G 1108 -48.19 -32.77 47.81
N PHE G 1109 -49.06 -33.35 48.63
CA PHE G 1109 -48.58 -34.18 49.73
C PHE G 1109 -49.71 -35.03 50.29
N TYR G 1110 -49.55 -36.34 50.30
CA TYR G 1110 -50.63 -37.20 50.73
C TYR G 1110 -50.83 -37.15 52.22
N GLU G 1111 -51.99 -36.67 52.62
CA GLU G 1111 -52.36 -36.53 54.00
C GLU G 1111 -53.88 -36.49 54.08
N PRO G 1112 -54.56 -37.64 54.01
CA PRO G 1112 -55.98 -37.78 53.77
C PRO G 1112 -56.82 -37.26 54.91
N GLN G 1113 -57.83 -36.49 54.56
CA GLN G 1113 -58.76 -35.96 55.54
C GLN G 1113 -60.13 -36.53 55.32
N ILE G 1114 -60.94 -36.52 56.36
CA ILE G 1114 -62.32 -36.93 56.20
C ILE G 1114 -63.03 -35.88 55.37
N ILE G 1115 -63.84 -36.32 54.43
CA ILE G 1115 -64.56 -35.37 53.59
C ILE G 1115 -65.72 -34.82 54.38
N THR G 1116 -65.72 -33.50 54.56
CA THR G 1116 -66.72 -32.84 55.36
C THR G 1116 -67.21 -31.63 54.62
N THR G 1117 -68.26 -31.02 55.12
CA THR G 1117 -68.79 -29.83 54.50
C THR G 1117 -67.89 -28.62 54.71
N ASP G 1118 -66.89 -28.76 55.59
CA ASP G 1118 -65.96 -27.68 55.86
C ASP G 1118 -64.72 -27.70 54.97
N ASN G 1119 -64.59 -28.70 54.10
CA ASN G 1119 -63.43 -28.75 53.22
C ASN G 1119 -63.83 -28.96 51.76
N THR G 1120 -65.12 -28.81 51.51
CA THR G 1120 -65.70 -28.91 50.18
C THR G 1120 -66.64 -27.74 49.95
N PHE G 1121 -67.08 -27.57 48.72
CA PHE G 1121 -68.09 -26.56 48.42
C PHE G 1121 -69.08 -27.13 47.42
N VAL G 1122 -70.26 -26.56 47.35
CA VAL G 1122 -71.28 -27.12 46.49
C VAL G 1122 -71.67 -26.23 45.35
N SER G 1123 -71.74 -26.82 44.16
CA SER G 1123 -72.20 -26.10 42.98
C SER G 1123 -72.76 -27.06 41.96
N GLY G 1124 -73.91 -26.72 41.38
CA GLY G 1124 -74.51 -27.56 40.37
C GLY G 1124 -75.09 -28.81 41.02
N ASN G 1125 -75.11 -29.91 40.26
CA ASN G 1125 -75.69 -31.14 40.79
C ASN G 1125 -75.04 -32.38 40.13
N CYS G 1126 -75.44 -33.56 40.60
CA CYS G 1126 -74.89 -34.85 40.22
C CYS G 1126 -75.21 -35.26 38.78
N ASP G 1127 -76.13 -34.55 38.14
CA ASP G 1127 -76.49 -34.88 36.77
C ASP G 1127 -75.67 -34.05 35.78
N VAL G 1128 -74.82 -33.17 36.30
CA VAL G 1128 -74.02 -32.32 35.45
C VAL G 1128 -72.57 -32.76 35.42
N VAL G 1129 -72.00 -33.04 36.59
CA VAL G 1129 -70.58 -33.40 36.64
C VAL G 1129 -70.34 -34.81 36.11
N ILE G 1130 -69.38 -34.93 35.20
CA ILE G 1130 -69.05 -36.20 34.59
C ILE G 1130 -68.08 -36.99 35.48
N GLY G 1131 -68.45 -38.21 35.82
CA GLY G 1131 -67.58 -39.04 36.64
C GLY G 1131 -67.70 -38.76 38.13
N ILE G 1132 -68.83 -38.20 38.55
CA ILE G 1132 -69.07 -37.92 39.96
C ILE G 1132 -69.34 -39.24 40.67
N VAL G 1133 -68.83 -39.40 41.89
CA VAL G 1133 -69.05 -40.65 42.60
C VAL G 1133 -69.88 -40.43 43.86
N ASN G 1134 -70.56 -41.49 44.33
CA ASN G 1134 -71.40 -41.47 45.53
C ASN G 1134 -70.57 -41.72 46.79
N ASN G 1135 -70.68 -40.79 47.75
CA ASN G 1135 -70.03 -40.87 49.07
C ASN G 1135 -70.84 -40.07 50.05
N THR G 1136 -70.42 -40.04 51.29
CA THR G 1136 -71.12 -39.23 52.27
C THR G 1136 -70.26 -38.08 52.71
N VAL G 1137 -70.85 -36.89 52.71
CA VAL G 1137 -70.14 -35.72 53.16
C VAL G 1137 -70.55 -35.41 54.58
N TYR G 1138 -69.59 -35.48 55.48
CA TYR G 1138 -69.84 -35.34 56.90
C TYR G 1138 -70.08 -33.89 57.33
N ASP G 1139 -71.11 -33.69 58.12
CA ASP G 1139 -71.42 -32.37 58.66
C ASP G 1139 -71.29 -32.41 60.19
N PRO G 1140 -70.21 -31.87 60.77
CA PRO G 1140 -69.87 -31.91 62.18
C PRO G 1140 -70.99 -31.38 63.06
N LEU G 1141 -71.85 -30.53 62.50
CA LEU G 1141 -72.93 -29.94 63.25
C LEU G 1141 -73.97 -30.95 63.65
N GLN G 1142 -74.26 -31.93 62.81
CA GLN G 1142 -75.36 -32.80 63.13
C GLN G 1142 -75.04 -33.74 64.32
N PRO G 1143 -73.88 -34.44 64.36
CA PRO G 1143 -73.43 -35.23 65.49
C PRO G 1143 -73.38 -34.43 66.78
N GLU G 1144 -72.99 -33.15 66.69
CA GLU G 1144 -72.91 -32.30 67.86
C GLU G 1144 -74.28 -31.85 68.39
N LEU G 1145 -75.18 -31.46 67.46
CA LEU G 1145 -76.51 -30.94 67.79
C LEU G 1145 -77.54 -31.54 66.83
N VAL H 2 41.99 8.65 -55.98
CA VAL H 2 41.26 8.31 -57.19
C VAL H 2 42.27 8.00 -58.32
N GLN H 3 42.56 6.71 -58.51
CA GLN H 3 43.50 6.23 -59.54
C GLN H 3 43.07 4.88 -60.11
N LEU H 4 43.40 4.67 -61.37
CA LEU H 4 43.21 3.38 -62.04
C LEU H 4 44.59 2.86 -62.42
N VAL H 5 45.03 1.79 -61.76
CA VAL H 5 46.39 1.30 -61.91
C VAL H 5 46.48 0.13 -62.87
N GLN H 6 47.19 0.33 -63.97
CA GLN H 6 47.31 -0.67 -65.01
C GLN H 6 48.48 -1.62 -64.77
N SER H 7 48.30 -2.86 -65.19
CA SER H 7 49.31 -3.91 -65.10
C SER H 7 50.49 -3.65 -66.03
N GLY H 8 51.57 -4.40 -65.82
CA GLY H 8 52.79 -4.24 -66.60
C GLY H 8 52.67 -4.83 -68.01
N PRO H 9 53.75 -4.71 -68.81
CA PRO H 9 53.87 -5.08 -70.20
C PRO H 9 53.89 -6.59 -70.40
N GLU H 10 53.54 -7.02 -71.61
CA GLU H 10 53.49 -8.43 -71.98
C GLU H 10 54.13 -8.69 -73.33
N VAL H 11 54.72 -9.87 -73.48
CA VAL H 11 55.24 -10.31 -74.77
C VAL H 11 54.64 -11.67 -75.11
N LYS H 12 53.91 -11.74 -76.22
CA LYS H 12 53.20 -12.95 -76.59
C LYS H 12 53.49 -13.37 -78.03
N LYS H 13 53.35 -14.65 -78.30
CA LYS H 13 53.51 -15.15 -79.65
C LYS H 13 52.22 -14.90 -80.45
N PRO H 14 52.30 -14.76 -81.77
CA PRO H 14 51.17 -14.73 -82.67
C PRO H 14 50.38 -16.01 -82.49
N GLY H 15 49.07 -15.91 -82.54
CA GLY H 15 48.20 -17.06 -82.39
C GLY H 15 47.82 -17.36 -80.93
N THR H 16 48.40 -16.64 -79.98
CA THR H 16 48.10 -16.90 -78.58
C THR H 16 47.22 -15.80 -77.99
N SER H 17 47.35 -15.54 -76.69
CA SER H 17 46.46 -14.58 -76.04
C SER H 17 47.18 -13.76 -74.96
N VAL H 18 46.65 -12.57 -74.70
CA VAL H 18 47.19 -11.70 -73.66
C VAL H 18 46.11 -11.26 -72.68
N ARG H 19 46.46 -11.23 -71.40
CA ARG H 19 45.57 -10.72 -70.38
C ARG H 19 46.14 -9.46 -69.77
N VAL H 20 45.34 -8.41 -69.78
CA VAL H 20 45.71 -7.14 -69.18
C VAL H 20 44.64 -6.72 -68.18
N SER H 21 45.02 -5.98 -67.16
CA SER H 21 44.05 -5.57 -66.16
C SER H 21 44.37 -4.24 -65.51
N CYS H 22 43.34 -3.60 -64.90
CA CYS H 22 43.49 -2.35 -64.17
C CYS H 22 42.70 -2.36 -62.85
N LYS H 23 43.39 -1.95 -61.79
CA LYS H 23 42.78 -1.91 -60.46
C LYS H 23 42.31 -0.51 -60.10
N ALA H 24 41.08 -0.41 -59.65
CA ALA H 24 40.49 0.85 -59.23
C ALA H 24 40.72 1.07 -57.74
N SER H 25 41.07 2.30 -57.39
CA SER H 25 41.24 2.66 -56.00
C SER H 25 40.83 4.11 -55.75
N GLY H 26 40.12 4.35 -54.66
CA GLY H 26 39.72 5.71 -54.28
C GLY H 26 38.37 6.11 -54.84
N PHE H 27 37.71 5.21 -55.56
CA PHE H 27 36.42 5.52 -56.14
C PHE H 27 35.51 4.31 -56.24
N THR H 28 34.23 4.55 -56.47
CA THR H 28 33.23 3.49 -56.47
C THR H 28 33.27 2.70 -57.77
N PHE H 29 34.20 1.77 -57.82
CA PHE H 29 34.42 0.91 -58.97
C PHE H 29 33.14 0.21 -59.37
N THR H 30 32.41 -0.29 -58.39
CA THR H 30 31.24 -1.12 -58.60
C THR H 30 30.05 -0.43 -59.26
N SER H 31 30.06 0.91 -59.31
CA SER H 31 28.99 1.65 -59.95
C SER H 31 29.49 2.31 -61.23
N SER H 32 30.73 2.00 -61.59
CA SER H 32 31.40 2.62 -62.71
C SER H 32 31.40 1.76 -63.96
N ALA H 33 32.25 2.12 -64.90
CA ALA H 33 32.42 1.44 -66.17
C ALA H 33 33.86 1.58 -66.61
N VAL H 34 34.37 0.61 -67.33
CA VAL H 34 35.74 0.68 -67.80
C VAL H 34 35.82 0.46 -69.29
N GLN H 35 36.55 1.32 -69.99
CA GLN H 35 36.73 1.11 -71.42
C GLN H 35 38.17 0.74 -71.67
N TRP H 36 38.38 -0.03 -72.72
CA TRP H 36 39.72 -0.39 -73.14
C TRP H 36 39.98 0.11 -74.54
N VAL H 37 41.15 0.69 -74.70
CA VAL H 37 41.59 1.25 -75.98
C VAL H 37 43.03 0.81 -76.25
N ARG H 38 43.48 0.90 -77.49
CA ARG H 38 44.88 0.61 -77.78
C ARG H 38 45.45 1.62 -78.76
N GLN H 39 46.76 1.83 -78.70
CA GLN H 39 47.39 2.74 -79.65
C GLN H 39 48.76 2.24 -80.10
N ALA H 40 48.91 2.05 -81.40
CA ALA H 40 50.20 1.64 -81.93
C ALA H 40 51.10 2.86 -81.94
N ARG H 41 52.40 2.66 -81.89
CA ARG H 41 53.28 3.81 -81.88
C ARG H 41 53.16 4.57 -83.20
N GLY H 42 52.93 5.88 -83.10
CA GLY H 42 52.81 6.75 -84.27
C GLY H 42 51.41 6.74 -84.88
N GLN H 43 50.49 6.00 -84.28
CA GLN H 43 49.13 5.87 -84.82
C GLN H 43 48.06 6.51 -83.93
N ARG H 44 46.83 6.46 -84.41
CA ARG H 44 45.68 7.00 -83.69
C ARG H 44 45.24 6.08 -82.58
N LEU H 45 44.50 6.61 -81.61
CA LEU H 45 43.98 5.81 -80.53
C LEU H 45 42.72 5.08 -80.99
N GLU H 46 42.71 3.76 -80.88
CA GLU H 46 41.57 2.98 -81.33
C GLU H 46 40.77 2.43 -80.16
N TRP H 47 39.46 2.40 -80.31
CA TRP H 47 38.59 1.83 -79.30
C TRP H 47 38.54 0.31 -79.43
N VAL H 48 38.63 -0.41 -78.30
CA VAL H 48 38.56 -1.87 -78.35
C VAL H 48 37.21 -2.39 -77.88
N GLY H 49 36.73 -1.85 -76.77
CA GLY H 49 35.47 -2.30 -76.17
C GLY H 49 35.31 -1.75 -74.77
N TRP H 50 34.19 -2.08 -74.11
CA TRP H 50 33.98 -1.60 -72.74
C TRP H 50 33.06 -2.51 -71.96
N ILE H 51 33.11 -2.34 -70.64
CA ILE H 51 32.25 -3.07 -69.73
C ILE H 51 31.62 -2.15 -68.69
N VAL H 52 30.37 -2.43 -68.36
CA VAL H 52 29.74 -1.73 -67.27
C VAL H 52 30.09 -2.54 -66.03
N VAL H 53 30.72 -1.93 -65.05
CA VAL H 53 31.20 -2.74 -63.94
C VAL H 53 30.04 -3.30 -63.16
N GLY H 54 29.05 -2.47 -62.87
CA GLY H 54 27.90 -2.93 -62.11
C GLY H 54 27.26 -4.17 -62.72
N SER H 55 26.74 -4.03 -63.95
CA SER H 55 26.01 -5.13 -64.59
C SER H 55 26.90 -6.20 -65.18
N GLY H 56 28.12 -5.86 -65.56
CA GLY H 56 29.03 -6.81 -66.17
C GLY H 56 28.75 -6.96 -67.67
N ASN H 57 27.85 -6.14 -68.20
CA ASN H 57 27.49 -6.20 -69.61
C ASN H 57 28.59 -5.59 -70.47
N THR H 58 28.89 -6.23 -71.60
CA THR H 58 29.94 -5.73 -72.48
C THR H 58 29.52 -5.49 -73.91
N ASN H 59 30.29 -4.62 -74.55
CA ASN H 59 30.16 -4.29 -75.96
C ASN H 59 31.57 -4.11 -76.53
N TYR H 60 31.73 -4.40 -77.82
CA TYR H 60 33.07 -4.36 -78.40
C TYR H 60 33.13 -3.64 -79.74
N ALA H 61 34.32 -3.15 -80.10
CA ALA H 61 34.56 -2.62 -81.42
C ALA H 61 34.43 -3.77 -82.40
N GLN H 62 33.77 -3.54 -83.53
CA GLN H 62 33.51 -4.61 -84.48
C GLN H 62 34.78 -5.28 -85.02
N LYS H 63 35.85 -4.52 -85.16
CA LYS H 63 37.08 -5.09 -85.71
C LYS H 63 37.78 -6.07 -84.76
N PHE H 64 37.45 -6.02 -83.46
CA PHE H 64 38.08 -6.93 -82.51
C PHE H 64 37.07 -7.92 -81.93
N HIS H 65 35.81 -7.51 -81.90
CA HIS H 65 34.70 -8.21 -81.26
C HIS H 65 34.86 -9.72 -81.12
N GLU H 66 35.07 -10.42 -82.22
CA GLU H 66 35.04 -11.87 -82.21
C GLU H 66 36.10 -12.51 -81.33
N ARG H 67 37.24 -11.85 -81.14
CA ARG H 67 38.35 -12.41 -80.38
C ARG H 67 38.67 -11.65 -79.10
N VAL H 68 37.78 -10.77 -78.66
CA VAL H 68 38.07 -10.01 -77.42
C VAL H 68 37.00 -10.19 -76.37
N THR H 69 37.43 -10.43 -75.14
CA THR H 69 36.53 -10.54 -74.00
C THR H 69 36.91 -9.60 -72.87
N ILE H 70 35.93 -8.87 -72.35
CA ILE H 70 36.16 -7.98 -71.22
C ILE H 70 35.32 -8.45 -70.03
N THR H 71 35.93 -8.51 -68.85
CA THR H 71 35.24 -8.94 -67.65
C THR H 71 35.69 -8.11 -66.45
N ARG H 72 35.19 -8.45 -65.28
CA ARG H 72 35.59 -7.75 -64.06
C ARG H 72 35.36 -8.62 -62.82
N ASP H 73 36.07 -8.29 -61.76
CA ASP H 73 35.86 -8.93 -60.47
C ASP H 73 35.87 -7.87 -59.38
N MET H 74 34.68 -7.60 -58.84
CA MET H 74 34.49 -6.52 -57.90
C MET H 74 35.27 -6.72 -56.60
N SER H 75 35.55 -7.98 -56.25
CA SER H 75 36.20 -8.25 -54.97
C SER H 75 37.62 -7.71 -54.90
N THR H 76 38.22 -7.44 -56.06
CA THR H 76 39.57 -6.91 -56.12
C THR H 76 39.56 -5.58 -56.84
N SER H 77 38.36 -5.03 -57.05
CA SER H 77 38.15 -3.79 -57.79
C SER H 77 38.92 -3.77 -59.09
N THR H 78 38.89 -4.87 -59.83
CA THR H 78 39.71 -4.94 -61.05
C THR H 78 38.94 -5.27 -62.31
N ALA H 79 39.24 -4.50 -63.36
CA ALA H 79 38.70 -4.75 -64.69
C ALA H 79 39.72 -5.52 -65.50
N TYR H 80 39.26 -6.46 -66.31
CA TYR H 80 40.15 -7.30 -67.10
C TYR H 80 39.78 -7.30 -68.57
N MET H 81 40.79 -7.43 -69.42
CA MET H 81 40.55 -7.67 -70.84
C MET H 81 41.48 -8.75 -71.37
N GLU H 82 40.93 -9.64 -72.17
CA GLU H 82 41.71 -10.69 -72.78
C GLU H 82 41.53 -10.70 -74.29
N LEU H 83 42.65 -10.67 -75.01
CA LEU H 83 42.61 -10.68 -76.46
C LEU H 83 43.19 -11.98 -76.98
N SER H 84 42.41 -12.70 -77.78
CA SER H 84 42.81 -14.00 -78.33
C SER H 84 43.24 -13.89 -79.79
N SER H 85 43.84 -14.97 -80.28
CA SER H 85 44.29 -15.07 -81.68
C SER H 85 45.12 -13.85 -82.05
N LEU H 86 46.12 -13.58 -81.23
CA LEU H 86 46.95 -12.40 -81.39
C LEU H 86 47.66 -12.33 -82.72
N ARG H 87 47.78 -11.11 -83.23
CA ARG H 87 48.43 -10.81 -84.48
C ARG H 87 49.58 -9.84 -84.23
N SER H 88 50.56 -9.79 -85.13
CA SER H 88 51.67 -8.86 -84.95
C SER H 88 51.19 -7.40 -85.02
N GLU H 89 50.05 -7.19 -85.66
CA GLU H 89 49.45 -5.86 -85.77
C GLU H 89 48.86 -5.40 -84.45
N ASP H 90 48.82 -6.30 -83.46
CA ASP H 90 48.29 -5.99 -82.14
C ASP H 90 49.35 -5.34 -81.27
N THR H 91 50.57 -5.17 -81.79
CA THR H 91 51.57 -4.51 -80.97
C THR H 91 51.10 -3.08 -80.76
N ALA H 92 50.83 -2.75 -79.52
CA ALA H 92 50.24 -1.45 -79.18
C ALA H 92 50.33 -1.19 -77.70
N VAL H 93 50.16 0.06 -77.31
CA VAL H 93 50.03 0.38 -75.91
C VAL H 93 48.56 0.35 -75.54
N TYR H 94 48.24 -0.43 -74.53
CA TYR H 94 46.87 -0.59 -74.10
C TYR H 94 46.60 0.34 -72.95
N TYR H 95 45.42 0.94 -72.97
CA TYR H 95 45.00 1.85 -71.92
C TYR H 95 43.61 1.46 -71.44
N CYS H 96 43.31 1.80 -70.18
CA CYS H 96 42.02 1.59 -69.55
C CYS H 96 41.53 2.92 -68.98
N ALA H 97 40.22 3.10 -68.95
CA ALA H 97 39.70 4.32 -68.35
C ALA H 97 38.34 4.13 -67.73
N SER H 98 38.03 4.96 -66.75
CA SER H 98 36.73 4.96 -66.09
C SER H 98 36.30 6.38 -65.71
N PRO H 99 35.01 6.64 -65.53
CA PRO H 99 34.46 7.84 -64.93
C PRO H 99 34.70 7.78 -63.44
N TYR H 100 34.70 8.92 -62.79
CA TYR H 100 34.75 8.93 -61.34
C TYR H 100 33.36 8.75 -60.80
N CYS H 101 33.19 7.81 -59.85
CA CYS H 101 31.91 7.51 -59.21
C CYS H 101 32.01 7.59 -57.71
N SER H 102 30.99 8.14 -57.09
CA SER H 102 30.83 8.19 -55.65
C SER H 102 29.43 7.71 -55.32
N GLY H 103 29.33 6.46 -54.88
CA GLY H 103 28.01 5.88 -54.69
C GLY H 103 27.33 5.79 -56.06
N GLY H 104 26.13 6.34 -56.17
CA GLY H 104 25.38 6.28 -57.42
C GLY H 104 25.62 7.48 -58.35
N SER H 105 26.51 8.40 -57.97
CA SER H 105 26.76 9.59 -58.77
C SER H 105 28.10 9.52 -59.51
N CYS H 106 28.06 9.50 -60.86
CA CYS H 106 29.24 9.36 -61.72
C CYS H 106 29.46 10.59 -62.62
N SER H 107 30.72 10.79 -63.00
CA SER H 107 31.10 11.84 -63.94
C SER H 107 30.61 11.49 -65.34
N ASP H 108 30.61 12.49 -66.22
CA ASP H 108 30.06 12.37 -67.58
C ASP H 108 31.09 12.13 -68.68
N GLY H 109 32.23 11.56 -68.30
CA GLY H 109 33.26 11.22 -69.26
C GLY H 109 34.38 10.44 -68.59
N PHE H 110 35.31 9.95 -69.38
CA PHE H 110 36.38 9.15 -68.81
C PHE H 110 37.53 10.02 -68.30
N ASP H 111 37.43 10.38 -67.02
CA ASP H 111 38.43 11.22 -66.35
C ASP H 111 39.61 10.43 -65.81
N ILE H 112 39.39 9.17 -65.45
CA ILE H 112 40.43 8.38 -64.81
C ILE H 112 41.07 7.44 -65.81
N TRP H 113 42.36 7.62 -66.08
CA TRP H 113 43.07 6.79 -67.05
C TRP H 113 44.24 6.04 -66.46
N GLY H 114 44.47 4.83 -66.97
CA GLY H 114 45.66 4.06 -66.62
C GLY H 114 46.85 4.67 -67.34
N GLN H 115 48.05 4.30 -66.91
CA GLN H 115 49.27 4.86 -67.47
C GLN H 115 49.63 4.36 -68.88
N GLY H 116 49.13 3.19 -69.28
CA GLY H 116 49.44 2.64 -70.60
C GLY H 116 50.47 1.53 -70.52
N THR H 117 50.15 0.37 -71.11
CA THR H 117 51.09 -0.75 -71.08
C THR H 117 51.30 -1.36 -72.46
N MET H 118 52.55 -1.62 -72.82
CA MET H 118 52.83 -2.20 -74.12
C MET H 118 52.67 -3.70 -74.16
N VAL H 119 51.98 -4.17 -75.20
CA VAL H 119 51.90 -5.58 -75.49
C VAL H 119 52.57 -5.81 -76.84
N THR H 120 53.56 -6.69 -76.86
CA THR H 120 54.30 -6.99 -78.07
C THR H 120 53.92 -8.37 -78.61
N VAL H 121 53.65 -8.46 -79.93
CA VAL H 121 53.28 -9.72 -80.58
C VAL H 121 54.14 -9.91 -81.84
N ILE I 2 30.22 4.29 -85.36
CA ILE I 2 30.33 5.54 -86.12
C ILE I 2 31.79 5.76 -86.55
N VAL I 3 31.99 6.68 -87.50
CA VAL I 3 33.30 7.16 -87.95
C VAL I 3 33.42 8.65 -87.67
N LEU I 4 34.46 9.04 -86.95
CA LEU I 4 34.66 10.44 -86.62
C LEU I 4 35.87 10.99 -87.35
N THR I 5 35.71 12.16 -87.96
CA THR I 5 36.81 12.78 -88.67
C THR I 5 37.40 13.92 -87.87
N GLN I 6 38.69 13.83 -87.59
CA GLN I 6 39.39 14.84 -86.79
C GLN I 6 40.29 15.70 -87.65
N THR I 7 40.09 17.01 -87.62
CA THR I 7 40.91 17.94 -88.37
C THR I 7 41.39 19.09 -87.49
N PRO I 8 42.50 19.75 -87.88
CA PRO I 8 43.43 19.47 -88.97
C PRO I 8 44.29 18.26 -88.61
N GLY I 9 44.92 17.63 -89.59
CA GLY I 9 45.81 16.50 -89.28
C GLY I 9 46.95 16.95 -88.38
N THR I 10 47.43 18.16 -88.59
CA THR I 10 48.46 18.77 -87.76
C THR I 10 48.08 20.22 -87.47
N LEU I 11 48.15 20.63 -86.21
CA LEU I 11 47.90 22.03 -85.91
C LEU I 11 49.20 22.68 -85.44
N SER I 12 49.77 23.51 -86.30
CA SER I 12 51.04 24.16 -86.01
C SER I 12 50.82 25.62 -85.69
N LEU I 13 51.04 25.99 -84.45
CA LEU I 13 50.78 27.35 -84.00
C LEU I 13 51.63 27.74 -82.80
N SER I 14 52.30 28.88 -82.87
CA SER I 14 53.15 29.35 -81.79
C SER I 14 52.38 29.58 -80.49
N PRO I 15 53.01 29.35 -79.32
CA PRO I 15 52.49 29.61 -77.99
C PRO I 15 52.07 31.07 -77.88
N GLY I 16 51.00 31.30 -77.13
CA GLY I 16 50.46 32.63 -76.93
C GLY I 16 49.25 32.89 -77.84
N GLU I 17 49.11 32.07 -78.88
CA GLU I 17 48.00 32.23 -79.81
C GLU I 17 46.86 31.28 -79.49
N ARG I 18 45.75 31.37 -80.24
CA ARG I 18 44.59 30.52 -80.02
C ARG I 18 44.44 29.51 -81.14
N ALA I 19 43.89 28.34 -80.81
CA ALA I 19 43.77 27.27 -81.79
C ALA I 19 42.33 26.76 -81.92
N THR I 20 41.97 26.35 -83.14
CA THR I 20 40.66 25.77 -83.37
C THR I 20 40.79 24.34 -83.89
N LEU I 21 40.10 23.43 -83.21
CA LEU I 21 40.10 22.01 -83.55
C LEU I 21 38.68 21.58 -83.89
N SER I 22 38.52 20.62 -84.81
CA SER I 22 37.18 20.21 -85.19
C SER I 22 37.01 18.69 -85.40
N CYS I 23 35.83 18.18 -84.99
CA CYS I 23 35.43 16.77 -85.11
C CYS I 23 34.10 16.67 -85.84
N ARG I 24 34.06 15.87 -86.90
CA ARG I 24 32.84 15.70 -87.67
C ARG I 24 32.25 14.30 -87.57
N ALA I 25 30.97 14.25 -87.20
CA ALA I 25 30.21 13.01 -87.13
C ALA I 25 29.77 12.60 -88.52
N SER I 26 29.60 11.30 -88.73
CA SER I 26 29.13 10.77 -90.01
C SER I 26 27.60 10.74 -90.09
N GLN I 27 26.97 11.15 -89.00
CA GLN I 27 25.52 11.19 -88.86
C GLN I 27 25.19 12.19 -87.77
N SER I 28 23.93 12.60 -87.68
CA SER I 28 23.57 13.46 -86.56
C SER I 28 23.70 12.66 -85.27
N VAL I 29 24.31 13.27 -84.27
CA VAL I 29 24.49 12.63 -82.97
C VAL I 29 24.13 13.59 -81.85
N SER I 30 23.86 13.04 -80.67
CA SER I 30 23.66 13.89 -79.51
C SER I 30 25.00 14.47 -79.08
N SER I 31 25.01 15.76 -78.77
CA SER I 31 26.23 16.44 -78.35
C SER I 31 26.65 15.99 -76.97
N SER I 32 25.70 15.45 -76.23
CA SER I 32 25.89 15.02 -74.87
C SER I 32 26.84 13.84 -74.74
N TYR I 33 27.10 13.15 -75.85
CA TYR I 33 28.00 12.01 -75.80
C TYR I 33 29.34 12.24 -76.51
N LEU I 34 29.67 13.48 -76.86
CA LEU I 34 30.98 13.69 -77.48
C LEU I 34 31.96 14.28 -76.47
N ALA I 35 33.17 13.75 -76.45
CA ALA I 35 34.18 14.26 -75.53
C ALA I 35 35.52 14.50 -76.22
N TRP I 36 36.27 15.46 -75.70
CA TRP I 36 37.59 15.78 -76.21
C TRP I 36 38.68 15.42 -75.23
N TYR I 37 39.75 14.84 -75.78
CA TYR I 37 40.91 14.40 -75.02
C TYR I 37 42.21 15.05 -75.48
N GLN I 38 43.12 15.22 -74.54
CA GLN I 38 44.46 15.76 -74.79
C GLN I 38 45.52 14.71 -74.52
N GLN I 39 46.26 14.32 -75.56
CA GLN I 39 47.31 13.32 -75.36
C GLN I 39 48.72 13.87 -75.50
N LYS I 40 49.40 14.02 -74.38
CA LYS I 40 50.78 14.44 -74.41
C LYS I 40 51.55 13.19 -74.84
N PRO I 41 52.40 13.25 -75.87
CA PRO I 41 53.10 12.10 -76.41
C PRO I 41 53.81 11.31 -75.32
N GLY I 42 53.66 9.99 -75.38
CA GLY I 42 54.27 9.08 -74.41
C GLY I 42 53.39 8.82 -73.19
N GLN I 43 52.26 9.54 -73.09
CA GLN I 43 51.37 9.43 -71.94
C GLN I 43 49.94 9.06 -72.32
N ALA I 44 49.21 8.52 -71.35
CA ALA I 44 47.78 8.29 -71.53
C ALA I 44 47.09 9.64 -71.65
N PRO I 45 46.01 9.76 -72.45
CA PRO I 45 45.22 10.97 -72.65
C PRO I 45 44.41 11.34 -71.43
N ARG I 46 44.03 12.60 -71.34
CA ARG I 46 43.12 13.05 -70.29
C ARG I 46 41.91 13.74 -70.88
N LEU I 47 40.79 13.69 -70.15
CA LEU I 47 39.57 14.33 -70.60
C LEU I 47 39.60 15.83 -70.37
N LEU I 48 39.26 16.58 -71.42
CA LEU I 48 39.16 18.03 -71.33
C LEU I 48 37.73 18.49 -71.33
N ILE I 49 36.99 18.08 -72.36
CA ILE I 49 35.62 18.51 -72.54
C ILE I 49 34.69 17.31 -72.64
N TYR I 50 33.58 17.35 -71.93
CA TYR I 50 32.59 16.29 -72.03
C TYR I 50 31.22 16.88 -72.29
N GLY I 51 30.36 16.11 -72.94
CA GLY I 51 29.03 16.59 -73.23
C GLY I 51 29.10 17.73 -74.25
N ALA I 52 30.15 17.70 -75.08
CA ALA I 52 30.48 18.71 -76.08
C ALA I 52 30.92 20.07 -75.49
N SER I 53 30.29 20.53 -74.41
CA SER I 53 30.52 21.87 -73.90
C SER I 53 31.06 22.03 -72.46
N SER I 54 31.14 20.97 -71.66
CA SER I 54 31.53 21.14 -70.25
C SER I 54 32.97 20.75 -69.95
N ARG I 55 33.63 21.56 -69.13
CA ARG I 55 35.01 21.26 -68.74
C ARG I 55 35.12 20.18 -67.69
N ALA I 56 36.11 19.31 -67.86
CA ALA I 56 36.45 18.27 -66.90
C ALA I 56 37.17 18.88 -65.71
N THR I 57 37.11 18.20 -64.57
CA THR I 57 37.77 18.70 -63.38
C THR I 57 39.27 18.82 -63.59
N GLY I 58 39.83 19.97 -63.23
CA GLY I 58 41.28 20.20 -63.35
C GLY I 58 41.66 20.88 -64.67
N ILE I 59 40.68 21.13 -65.52
CA ILE I 59 40.94 21.78 -66.81
C ILE I 59 40.83 23.30 -66.71
N PRO I 60 41.88 24.04 -67.09
CA PRO I 60 42.00 25.49 -67.02
C PRO I 60 41.16 26.18 -68.07
N ASP I 61 41.00 27.50 -67.92
CA ASP I 61 40.19 28.29 -68.85
C ASP I 61 40.92 28.59 -70.16
N ARG I 62 42.09 27.97 -70.34
CA ARG I 62 42.81 28.05 -71.59
C ARG I 62 42.03 27.28 -72.66
N PHE I 63 41.18 26.35 -72.20
CA PHE I 63 40.37 25.50 -73.08
C PHE I 63 38.88 25.77 -72.87
N SER I 64 38.09 25.55 -73.93
CA SER I 64 36.63 25.61 -73.81
C SER I 64 35.94 24.69 -74.83
N GLY I 65 34.72 24.29 -74.53
CA GLY I 65 33.94 23.45 -75.43
C GLY I 65 32.94 24.28 -76.22
N SER I 66 31.95 23.59 -76.84
CA SER I 66 30.91 24.22 -77.66
C SER I 66 29.68 23.32 -77.74
N THR I 70 26.32 17.84 -86.78
CA THR I 70 27.40 16.89 -86.97
C THR I 70 28.80 17.48 -86.66
N ASP I 71 28.94 18.82 -86.71
CA ASP I 71 30.22 19.52 -86.51
C ASP I 71 30.39 20.06 -85.10
N PHE I 72 31.36 19.52 -84.40
CA PHE I 72 31.65 19.89 -83.03
C PHE I 72 33.08 20.39 -82.95
N THR I 73 33.35 21.30 -82.03
CA THR I 73 34.70 21.85 -81.94
C THR I 73 35.27 21.90 -80.54
N LEU I 74 36.57 22.10 -80.48
CA LEU I 74 37.34 22.35 -79.26
C LEU I 74 38.10 23.64 -79.46
N THR I 75 37.98 24.55 -78.51
CA THR I 75 38.68 25.81 -78.64
C THR I 75 39.78 25.94 -77.61
N ILE I 76 40.96 26.33 -78.06
CA ILE I 76 42.02 26.61 -77.13
C ILE I 76 42.20 28.12 -77.15
N SER I 77 41.76 28.78 -76.08
CA SER I 77 41.75 30.24 -76.03
C SER I 77 43.17 30.76 -76.09
N ARG I 78 44.08 30.05 -75.46
CA ARG I 78 45.49 30.39 -75.53
C ARG I 78 46.36 29.17 -75.31
N LEU I 79 47.44 29.08 -76.09
CA LEU I 79 48.41 28.00 -75.97
C LEU I 79 49.62 28.28 -75.08
N GLU I 80 49.85 27.39 -74.15
CA GLU I 80 51.05 27.36 -73.33
C GLU I 80 51.87 26.15 -73.79
N PRO I 81 53.17 26.05 -73.50
CA PRO I 81 54.04 24.95 -73.88
C PRO I 81 53.48 23.55 -73.54
N GLU I 82 52.65 23.45 -72.51
CA GLU I 82 52.07 22.16 -72.10
C GLU I 82 50.77 21.82 -72.84
N ASP I 83 50.34 22.72 -73.72
CA ASP I 83 49.10 22.55 -74.48
C ASP I 83 49.39 22.04 -75.88
N PHE I 84 50.61 21.59 -76.09
CA PHE I 84 51.00 21.03 -77.36
C PHE I 84 50.92 19.53 -77.26
N ALA I 85 49.86 18.99 -77.86
CA ALA I 85 49.46 17.61 -77.71
C ALA I 85 48.61 17.20 -78.88
N VAL I 86 48.41 15.90 -79.06
CA VAL I 86 47.50 15.46 -80.09
C VAL I 86 46.11 15.38 -79.49
N TYR I 87 45.16 16.04 -80.11
CA TYR I 87 43.80 16.04 -79.59
C TYR I 87 42.92 15.07 -80.32
N TYR I 88 42.06 14.42 -79.57
CA TYR I 88 41.12 13.44 -80.09
C TYR I 88 39.70 13.74 -79.64
N CYS I 89 38.72 13.39 -80.47
CA CYS I 89 37.31 13.39 -80.10
C CYS I 89 36.87 11.94 -79.94
N GLN I 90 35.97 11.68 -79.00
CA GLN I 90 35.43 10.34 -78.78
C GLN I 90 33.92 10.39 -78.61
N GLN I 91 33.22 9.46 -79.25
CA GLN I 91 31.76 9.41 -79.13
C GLN I 91 31.27 8.16 -78.41
N TYR I 92 30.34 8.38 -77.46
CA TYR I 92 29.76 7.31 -76.62
C TYR I 92 28.27 7.10 -76.82
N VAL I 93 27.74 7.37 -78.02
CA VAL I 93 26.31 7.23 -78.21
C VAL I 93 25.92 5.75 -78.28
N GLY I 94 25.00 5.36 -77.41
CA GLY I 94 24.54 3.98 -77.35
C GLY I 94 25.57 3.08 -76.66
N LEU I 95 25.43 1.77 -76.86
CA LEU I 95 26.29 0.79 -76.22
C LEU I 95 27.50 0.41 -77.07
N THR I 96 27.35 0.51 -78.39
CA THR I 96 28.42 0.13 -79.31
C THR I 96 28.62 1.20 -80.36
N GLY I 97 29.59 0.99 -81.23
CA GLY I 97 29.88 1.95 -82.28
C GLY I 97 30.71 3.11 -81.76
N TRP I 98 31.27 2.94 -80.57
CA TRP I 98 32.08 3.98 -79.95
C TRP I 98 33.37 4.11 -80.72
N THR I 99 33.89 5.32 -80.86
CA THR I 99 35.15 5.47 -81.57
C THR I 99 35.86 6.79 -81.29
N PHE I 100 37.10 6.86 -81.75
CA PHE I 100 37.93 8.06 -81.70
C PHE I 100 38.25 8.56 -83.11
N GLY I 101 38.52 9.85 -83.23
CA GLY I 101 38.98 10.40 -84.50
C GLY I 101 40.47 10.10 -84.70
N GLN I 102 41.04 10.49 -85.83
CA GLN I 102 42.44 10.20 -86.15
C GLN I 102 43.46 10.86 -85.24
N GLY I 103 43.14 12.03 -84.73
CA GLY I 103 44.05 12.78 -83.86
C GLY I 103 44.63 13.99 -84.59
N THR I 104 44.55 15.17 -83.95
CA THR I 104 45.03 16.44 -84.51
C THR I 104 46.57 16.41 -84.57
C1 NAG J . -70.91 -19.44 25.74
C2 NAG J . -72.41 -19.91 25.66
C3 NAG J . -72.44 -21.25 24.88
C4 NAG J . -71.84 -21.05 23.47
C5 NAG J . -70.38 -20.54 23.62
C6 NAG J . -69.68 -20.30 22.29
C7 NAG J . -73.57 -19.13 27.67
C8 NAG J . -74.07 -19.36 29.07
N2 NAG J . -72.91 -20.10 27.03
O3 NAG J . -73.80 -21.69 24.78
O4 NAG J . -71.81 -22.33 22.80
O5 NAG J . -70.35 -19.28 24.39
O6 NAG J . -68.34 -19.89 22.47
O7 NAG J . -73.79 -18.04 27.13
C1 NAG J . -72.41 -22.34 21.42
C2 NAG J . -72.01 -23.69 20.72
C3 NAG J . -72.58 -23.65 19.28
C4 NAG J . -74.13 -23.46 19.34
C5 NAG J . -74.44 -22.13 20.10
C6 NAG J . -75.94 -21.88 20.24
C7 NAG J . -69.87 -24.77 21.29
C8 NAG J . -68.37 -24.82 21.21
N2 NAG J . -70.53 -23.80 20.66
O3 NAG J . -72.28 -24.88 18.60
O4 NAG J . -74.66 -23.41 18.02
O5 NAG J . -73.85 -22.17 21.44
O6 NAG J . -76.22 -20.53 20.57
O7 NAG J . -70.47 -25.62 21.96
C1 NAG K . -82.12 -11.16 40.87
C2 NAG K . -83.41 -10.92 40.00
C3 NAG K . -84.62 -11.52 40.76
C4 NAG K . -84.39 -13.04 41.02
C5 NAG K . -83.06 -13.20 41.84
C6 NAG K . -82.67 -14.65 42.08
C7 NAG K . -83.49 -8.87 38.64
C8 NAG K . -83.71 -7.40 38.54
N2 NAG K . -83.62 -9.48 39.82
O3 NAG K . -85.81 -11.34 39.99
O4 NAG K . -85.51 -13.47 41.83
O5 NAG K . -81.94 -12.59 41.11
O6 NAG K . -83.30 -15.16 43.26
O7 NAG K . -83.19 -9.52 37.62
C1 NAG K . -86.13 -14.78 41.43
C2 NAG K . -87.36 -15.04 42.37
C3 NAG K . -87.95 -16.43 42.02
C4 NAG K . -88.34 -16.44 40.51
C5 NAG K . -87.08 -16.13 39.64
C6 NAG K . -87.42 -16.07 38.15
C7 NAG K . -87.09 -13.99 44.58
C8 NAG K . -86.60 -14.03 46.00
N2 NAG K . -86.90 -15.04 43.78
O3 NAG K . -89.10 -16.67 42.84
O4 NAG K . -88.87 -17.72 40.18
O5 NAG K . -86.53 -14.82 40.03
O6 NAG K . -86.24 -16.18 37.35
O7 NAG K . -87.69 -12.98 44.17
C1 NAG L . -78.65 0.82 57.12
C2 NAG L . -78.34 2.31 56.72
C3 NAG L . -78.04 3.10 58.01
C4 NAG L . -79.27 3.01 58.97
C5 NAG L . -79.53 1.51 59.28
C6 NAG L . -80.73 1.30 60.20
C7 NAG L . -77.21 2.26 54.53
C8 NAG L . -75.95 2.23 53.70
N2 NAG L . -77.13 2.30 55.86
O3 NAG L . -77.79 4.47 57.67
O4 NAG L . -79.00 3.71 60.21
O5 NAG L . -79.77 0.77 58.03
O6 NAG L . -80.92 -0.08 60.50
O7 NAG L . -78.31 2.23 53.95
C1 NAG L . -79.51 5.14 60.31
C2 NAG L . -80.08 5.37 61.76
C3 NAG L . -80.63 6.83 61.81
C4 NAG L . -79.49 7.82 61.46
C5 NAG L . -78.95 7.49 60.04
C6 NAG L . -77.79 8.40 59.63
C7 NAG L . -81.22 3.70 63.14
C8 NAG L . -82.35 2.74 63.37
N2 NAG L . -81.17 4.42 62.02
O3 NAG L . -81.13 7.11 63.13
O4 NAG L . -80.00 9.16 61.49
O5 NAG L . -78.47 6.10 60.00
O6 NAG L . -76.73 8.38 60.58
O7 NAG L . -80.35 3.82 64.02
C1 NAG M . 1.67 51.77 -22.50
C2 NAG M . 0.91 50.55 -21.86
C3 NAG M . -0.15 50.06 -22.88
C4 NAG M . -1.14 51.22 -23.21
C5 NAG M . -0.32 52.41 -23.80
C6 NAG M . -1.19 53.62 -24.09
C7 NAG M . 1.90 48.84 -20.40
C8 NAG M . 2.88 47.73 -20.14
N2 NAG M . 1.87 49.47 -21.58
O3 NAG M . -0.87 48.93 -22.34
O4 NAG M . -2.08 50.75 -24.21
O5 NAG M . 0.71 52.83 -22.83
O6 NAG M . -0.53 54.56 -24.93
O7 NAG M . 1.12 49.15 -19.50
C1 NAG M . -3.52 50.84 -23.81
C2 NAG M . -4.42 50.72 -25.09
C3 NAG M . -5.91 50.87 -24.66
C4 NAG M . -6.24 49.77 -23.61
C5 NAG M . -5.29 49.94 -22.38
C6 NAG M . -5.51 48.86 -21.33
C7 NAG M . -3.38 51.59 -27.16
C8 NAG M . -3.06 52.73 -28.08
N2 NAG M . -4.07 51.81 -26.04
O3 NAG M . -6.76 50.73 -25.80
O4 NAG M . -7.60 49.93 -23.20
O5 NAG M . -3.88 49.84 -22.83
O6 NAG M . -5.02 49.28 -20.05
O7 NAG M . -3.01 50.44 -27.46
C1 NAG N . -59.62 -35.52 16.58
C2 NAG N . -60.49 -36.83 16.46
C3 NAG N . -60.11 -37.53 15.12
C4 NAG N . -60.38 -36.55 13.93
C5 NAG N . -59.53 -35.26 14.16
C6 NAG N . -59.74 -34.20 13.10
C7 NAG N . -60.81 -37.72 18.73
C8 NAG N . -60.41 -38.65 19.85
N2 NAG N . -60.12 -37.73 17.58
O3 NAG N . -60.88 -38.72 14.96
O4 NAG N . -59.96 -37.20 12.71
O5 NAG N . -59.87 -34.66 15.45
O6 NAG N . -61.11 -33.81 12.98
O7 NAG N . -61.77 -36.97 18.89
C1 NAG N . -60.94 -37.12 11.57
C2 NAG N . -60.19 -37.39 10.23
C3 NAG N . -61.21 -37.25 9.08
C4 NAG N . -62.39 -38.23 9.30
C5 NAG N . -63.06 -37.92 10.67
C6 NAG N . -64.20 -38.89 11.00
C7 NAG N . -57.84 -36.68 10.38
C8 NAG N . -56.79 -35.61 10.20
N2 NAG N . -59.11 -36.40 10.06
O3 NAG N . -60.57 -37.53 7.82
O4 NAG N . -63.35 -38.08 8.25
O5 NAG N . -62.06 -38.03 11.75
O6 NAG N . -65.05 -38.36 12.02
O7 NAG N . -57.51 -37.78 10.81
C1 NAG O . -49.68 5.52 59.75
C2 NAG O . -50.47 6.20 60.92
C3 NAG O . -51.21 7.44 60.34
C4 NAG O . -50.18 8.42 59.71
C5 NAG O . -49.40 7.65 58.60
C6 NAG O . -48.35 8.52 57.91
C7 NAG O . -51.16 4.47 62.51
C8 NAG O . -52.18 3.49 63.02
N2 NAG O . -51.45 5.23 61.45
O3 NAG O . -51.93 8.09 61.39
O4 NAG O . -50.90 9.51 59.10
O5 NAG O . -48.73 6.47 59.16
O6 NAG O . -47.69 7.82 56.87
O7 NAG O . -50.06 4.56 63.08
C1 NAG O . -50.43 10.88 59.49
C2 NAG O . -51.07 11.93 58.53
C3 NAG O . -50.52 13.33 58.91
C4 NAG O . -50.85 13.62 60.40
C5 NAG O . -50.22 12.51 61.29
C6 NAG O . -50.54 12.70 62.77
C7 NAG O . -51.60 11.26 56.21
C8 NAG O . -51.15 10.94 54.81
N2 NAG O . -50.69 11.60 57.13
O3 NAG O . -51.11 14.32 58.07
O4 NAG O . -50.33 14.90 60.75
O5 NAG O . -50.73 11.18 60.88
O6 NAG O . -49.67 11.95 63.60
O7 NAG O . -52.80 11.21 56.49
C1 NAG P . -53.54 -7.85 74.90
C2 NAG P . -53.32 -6.82 76.07
C3 NAG P . -54.55 -6.90 77.02
C4 NAG P . -55.85 -6.57 76.24
C5 NAG P . -55.97 -7.58 75.06
C6 NAG P . -57.17 -7.32 74.15
C7 NAG P . -51.01 -6.46 76.81
C8 NAG P . -49.80 -6.91 77.59
N2 NAG P . -52.11 -7.20 76.81
O3 NAG P . -54.38 -5.97 78.09
O4 NAG P . -56.93 -6.78 77.18
O5 NAG P . -54.78 -7.52 74.19
O6 NAG P . -58.34 -7.96 74.65
O7 NAG P . -50.95 -5.39 76.17
C1 NAG P . -58.00 -5.73 77.18
C2 NAG P . -59.04 -6.10 78.30
C3 NAG P . -60.19 -5.06 78.24
C4 NAG P . -59.57 -3.63 78.45
C5 NAG P . -58.53 -3.35 77.32
C6 NAG P . -57.86 -1.99 77.48
C7 NAG P . -59.16 -8.51 78.71
C8 NAG P . -59.74 -9.86 78.40
N2 NAG P . -59.57 -7.45 78.03
O3 NAG P . -61.12 -5.35 79.29
O4 NAG P . -60.63 -2.68 78.37
O5 NAG P . -57.48 -4.38 77.37
O6 NAG P . -57.21 -1.59 76.29
O7 NAG P . -58.32 -8.40 79.61
C1 NAG Q . -50.52 -27.83 78.24
C2 NAG Q . -49.01 -28.18 78.51
C3 NAG Q . -48.89 -29.71 78.69
C4 NAG Q . -49.80 -30.15 79.88
C5 NAG Q . -51.26 -29.74 79.56
C6 NAG Q . -52.23 -30.11 80.67
C7 NAG Q . -47.66 -26.56 77.21
C8 NAG Q . -46.90 -26.19 75.97
N2 NAG Q . -48.23 -27.77 77.31
O3 NAG Q . -47.52 -30.04 78.97
O4 NAG Q . -49.74 -31.60 80.04
O5 NAG Q . -51.33 -28.28 79.35
O6 NAG Q . -53.57 -29.76 80.33
O7 NAG Q . -47.72 -25.75 78.15
C1 NAG Q . -48.77 -32.11 81.09
C2 NAG Q . -49.44 -33.31 81.86
C3 NAG Q . -48.44 -33.79 82.94
C4 NAG Q . -47.11 -34.22 82.27
C5 NAG Q . -46.53 -33.00 81.49
C6 NAG Q . -45.24 -33.34 80.74
C7 NAG Q . -51.83 -33.51 82.39
C8 NAG Q . -53.07 -33.00 83.06
N2 NAG Q . -50.68 -32.84 82.50
O3 NAG Q . -49.00 -34.91 83.65
O4 NAG Q . -46.18 -34.66 83.26
O5 NAG Q . -47.51 -32.54 80.49
O6 NAG Q . -45.39 -34.46 79.87
O7 NAG Q . -51.90 -34.56 81.74
C1 NAG R . 53.96 -2.07 16.54
C2 NAG R . 52.42 -1.91 16.82
C3 NAG R . 52.19 -0.52 17.47
C4 NAG R . 53.01 -0.44 18.81
C5 NAG R . 54.52 -0.65 18.46
C6 NAG R . 55.39 -0.65 19.70
C7 NAG R . 50.60 -2.77 15.39
C8 NAG R . 49.86 -2.82 14.09
N2 NAG R . 51.68 -1.98 15.54
O3 NAG R . 50.79 -0.35 17.74
O4 NAG R . 52.83 0.88 19.37
O5 NAG R . 54.70 -1.95 17.79
O6 NAG R . 56.76 -0.47 19.38
O7 NAG R . 50.18 -3.46 16.33
C1 NAG R . 52.27 0.91 20.76
C2 NAG R . 52.52 2.32 21.40
C3 NAG R . 51.99 2.30 22.85
C4 NAG R . 50.49 1.93 22.83
C5 NAG R . 50.31 0.53 22.17
C6 NAG R . 48.85 0.11 22.05
C7 NAG R . 54.55 3.47 20.56
C8 NAG R . 56.02 3.71 20.62
N2 NAG R . 53.98 2.60 21.40
O3 NAG R . 52.18 3.59 23.45
O4 NAG R . 50.00 1.89 24.18
O5 NAG R . 50.86 0.57 20.79
O6 NAG R . 48.72 -1.31 21.91
O7 NAG R . 53.86 4.10 19.74
C1 NAG S . -55.09 16.87 42.10
C2 NAG S . -56.38 17.75 42.34
C3 NAG S . -56.18 19.10 41.58
C4 NAG S . -54.88 19.81 42.09
C5 NAG S . -53.68 18.84 41.85
C6 NAG S . -52.35 19.38 42.35
C7 NAG S . -58.30 16.24 42.54
C8 NAG S . -59.48 15.53 41.93
N2 NAG S . -57.54 17.04 41.79
O3 NAG S . -57.31 19.94 41.80
O4 NAG S . -54.70 21.01 41.31
O5 NAG S . -53.91 17.57 42.54
O6 NAG S . -52.39 19.72 43.73
O7 NAG S . -58.05 16.06 43.73
C1 NAG S . -54.38 22.24 42.12
C2 NAG S . -53.73 23.31 41.17
C3 NAG S . -53.36 24.54 42.05
C4 NAG S . -54.63 25.08 42.74
C5 NAG S . -55.24 23.94 43.63
C6 NAG S . -56.53 24.37 44.32
C7 NAG S . -52.50 22.23 39.33
C8 NAG S . -51.24 21.65 38.77
N2 NAG S . -52.51 22.74 40.57
O3 NAG S . -52.79 25.57 41.21
O4 NAG S . -54.28 26.20 43.56
O5 NAG S . -55.55 22.77 42.79
O6 NAG S . -56.85 23.52 45.42
O7 NAG S . -53.53 22.21 38.64
C1 NAG T . -39.24 -40.17 53.98
C2 NAG T . -39.49 -41.25 55.11
C3 NAG T . -38.41 -41.04 56.20
C4 NAG T . -37.00 -41.19 55.58
C5 NAG T . -36.85 -40.13 54.45
C6 NAG T . -35.49 -40.18 53.76
C7 NAG T . -41.88 -41.73 55.22
C8 NAG T . -43.24 -41.48 55.81
N2 NAG T . -40.83 -41.04 55.67
O3 NAG T . -38.60 -42.01 57.24
O4 NAG T . -36.02 -40.90 56.61
O5 NAG T . -37.90 -40.32 53.43
O6 NAG T . -35.36 -39.18 52.77
O7 NAG T . -41.76 -42.57 54.31
C1 NAG T . -34.94 -41.94 56.76
C2 NAG T . -33.80 -41.34 57.66
C3 NAG T . -32.67 -42.40 57.75
C4 NAG T . -33.25 -43.72 58.33
C5 NAG T . -34.40 -44.22 57.41
C6 NAG T . -35.05 -45.49 57.94
C7 NAG T . -33.38 -38.91 57.63
C8 NAG T . -32.84 -37.69 56.93
N2 NAG T . -33.28 -40.11 57.03
O3 NAG T . -31.62 -41.91 58.59
O4 NAG T . -32.21 -44.69 58.40
O5 NAG T . -35.45 -43.18 57.31
O6 NAG T . -35.82 -46.15 56.93
O7 NAG T . -33.93 -38.79 58.73
C1 NAG U . -58.72 -46.79 53.86
C2 NAG U . -58.38 -48.29 54.19
C3 NAG U . -59.27 -48.73 55.39
C4 NAG U . -59.02 -47.82 56.61
C5 NAG U . -59.32 -46.34 56.20
C6 NAG U . -59.02 -45.33 57.29
C7 NAG U . -57.75 -49.72 52.30
C8 NAG U . -58.13 -50.56 51.12
N2 NAG U . -58.69 -49.12 53.01
O3 NAG U . -58.97 -50.09 55.72
O4 NAG U . -59.97 -48.25 57.61
O5 NAG U . -58.48 -45.96 55.04
O6 NAG U . -60.13 -45.17 58.17
O7 NAG U . -56.55 -49.62 52.60
C1 NAG U . -59.42 -48.38 59.01
C2 NAG U . -60.57 -48.91 59.93
C3 NAG U . -60.04 -48.97 61.39
C4 NAG U . -58.78 -49.89 61.42
C5 NAG U . -57.69 -49.32 60.45
C6 NAG U . -56.45 -50.21 60.40
C7 NAG U . -62.79 -48.24 59.13
C8 NAG U . -63.93 -47.27 59.09
N2 NAG U . -61.72 -47.97 59.86
O3 NAG U . -61.06 -49.49 62.24
O4 NAG U . -58.27 -49.93 62.75
O5 NAG U . -58.25 -49.24 59.08
O6 NAG U . -55.34 -49.52 59.83
O7 NAG U . -62.89 -49.31 58.50
C1 NAG V . -75.87 -42.39 43.55
C2 NAG V . -75.83 -42.89 42.07
C3 NAG V . -77.14 -42.46 41.37
C4 NAG V . -78.35 -43.06 42.15
C5 NAG V . -78.30 -42.53 43.61
C6 NAG V . -79.43 -43.07 44.48
C7 NAG V . -73.47 -42.81 41.33
C8 NAG V . -72.34 -42.09 40.65
N2 NAG V . -74.68 -42.23 41.40
O3 NAG V . -77.14 -42.95 40.02
O4 NAG V . -79.60 -42.63 41.54
O5 NAG V . -77.02 -42.93 44.24
O6 NAG V . -79.37 -42.55 45.79
O7 NAG V . -73.28 -43.93 41.82
C1 NAG V . -80.25 -43.59 40.56
C2 NAG V . -81.80 -43.58 40.79
C3 NAG V . -82.43 -44.61 39.80
C4 NAG V . -82.05 -44.22 38.34
C5 NAG V . -80.50 -44.21 38.21
C6 NAG V . -80.03 -43.78 36.82
C7 NAG V . -82.94 -43.29 42.95
C8 NAG V . -83.21 -43.74 44.36
N2 NAG V . -82.10 -43.99 42.18
O3 NAG V . -83.85 -44.60 39.94
O4 NAG V . -82.60 -45.17 37.44
O5 NAG V . -79.92 -43.25 39.20
O6 NAG V . -80.57 -42.52 36.43
O7 NAG V . -83.51 -42.29 42.52
C1 NAG W . 6.46 -28.69 -48.22
C2 NAG W . 5.99 -28.56 -46.72
C3 NAG W . 6.75 -29.63 -45.89
C4 NAG W . 6.42 -31.05 -46.45
C5 NAG W . 6.87 -31.09 -47.95
C6 NAG W . 6.53 -32.42 -48.62
C7 NAG W . 5.43 -26.47 -45.55
C8 NAG W . 5.81 -25.11 -45.03
N2 NAG W . 6.33 -27.21 -46.21
O3 NAG W . 6.34 -29.55 -44.51
O4 NAG W . 7.18 -32.04 -45.71
O5 NAG W . 6.18 -30.03 -48.70
O6 NAG W . 7.24 -32.59 -49.84
O7 NAG W . 4.29 -26.88 -45.34
C1 NAG W . 6.36 -33.09 -45.04
C2 NAG W . 7.29 -34.30 -44.64
C3 NAG W . 6.41 -35.40 -44.00
C4 NAG W . 5.67 -34.81 -42.78
C5 NAG W . 4.79 -33.61 -43.24
C6 NAG W . 4.06 -32.93 -42.09
C7 NAG W . 9.25 -34.61 -46.11
C8 NAG W . 9.86 -35.17 -47.36
N2 NAG W . 7.96 -34.82 -45.86
O3 NAG W . 7.23 -36.50 -43.60
O4 NAG W . 4.84 -35.83 -42.21
O5 NAG W . 5.64 -32.59 -43.89
O6 NAG W . 2.92 -32.19 -42.55
O7 NAG W . 9.95 -33.95 -45.34
C1 NAG X . -22.99 -27.95 61.49
C2 NAG X . -22.77 -28.17 63.04
C3 NAG X . -21.24 -28.12 63.31
C4 NAG X . -20.52 -29.21 62.46
C5 NAG X . -20.83 -28.94 60.97
C6 NAG X . -20.23 -29.98 60.01
C7 NAG X . -24.69 -27.18 64.21
C8 NAG X . -25.33 -26.03 64.94
N2 NAG X . -23.43 -27.07 63.76
O3 NAG X . -21.00 -28.33 64.70
O4 NAG X . -19.09 -29.08 62.69
O5 NAG X . -22.28 -28.96 60.74
O6 NAG X . -20.64 -31.29 60.34
O7 NAG X . -25.33 -28.22 64.05
C1 NAG X . -18.37 -30.37 62.97
C2 NAG X . -16.84 -30.17 62.70
C3 NAG X . -16.14 -31.53 62.95
C4 NAG X . -16.42 -32.00 64.39
C5 NAG X . -17.96 -32.14 64.60
C6 NAG X . -18.33 -32.55 66.02
C7 NAG X . -16.47 -28.48 60.96
C8 NAG X . -16.29 -28.11 59.52
N2 NAG X . -16.65 -29.75 61.30
O3 NAG X . -14.72 -31.39 62.74
O4 NAG X . -15.79 -33.27 64.61
O5 NAG X . -18.61 -30.85 64.32
O6 NAG X . -19.66 -33.07 66.09
O7 NAG X . -16.46 -27.58 61.81
C1 NAG Y . -36.88 -27.73 -20.73
C2 NAG Y . -38.37 -27.31 -21.03
C3 NAG Y . -39.28 -28.54 -20.74
C4 NAG Y . -38.83 -29.73 -21.64
C5 NAG Y . -37.35 -30.07 -21.33
C6 NAG Y . -36.81 -31.18 -22.21
C7 NAG Y . -38.66 -24.93 -20.53
C8 NAG Y . -39.04 -23.84 -19.59
N2 NAG Y . -38.73 -26.21 -20.14
O3 NAG Y . -40.64 -28.19 -21.05
O4 NAG Y . -39.66 -30.86 -21.37
O5 NAG Y . -36.51 -28.87 -21.57
O6 NAG Y . -35.64 -31.77 -21.67
O7 NAG Y . -38.27 -24.65 -21.66
C1 NAG Z . -51.40 -13.97 -4.77
C2 NAG Z . -52.92 -13.56 -4.63
C3 NAG Z . -53.76 -14.84 -4.47
C4 NAG Z . -53.55 -15.73 -5.73
C5 NAG Z . -52.03 -16.07 -5.87
C6 NAG Z . -51.72 -16.88 -7.11
C7 NAG Z . -53.54 -11.45 -3.52
C8 NAG Z . -53.63 -10.59 -2.29
N2 NAG Z . -53.04 -12.69 -3.43
O3 NAG Z . -55.15 -14.49 -4.36
O4 NAG Z . -54.31 -16.93 -5.60
O5 NAG Z . -51.24 -14.82 -5.94
O6 NAG Z . -50.47 -17.56 -7.00
O7 NAG Z . -53.94 -11.00 -4.59
C1 NAG AA . -59.87 17.40 5.41
C2 NAG AA . -59.39 17.71 3.93
C3 NAG AA . -59.12 19.23 3.82
C4 NAG AA . -60.42 20.01 4.18
C5 NAG AA . -60.86 19.63 5.62
C6 NAG AA . -62.17 20.30 6.03
C7 NAG AA . -58.12 15.88 2.89
C8 NAG AA . -56.82 15.17 2.66
N2 NAG AA . -58.14 16.97 3.67
O3 NAG AA . -58.72 19.55 2.48
O4 NAG AA . -60.17 21.41 4.08
O5 NAG AA . -61.07 18.17 5.71
O6 NAG AA . -62.35 20.27 7.44
O7 NAG AA . -59.15 15.45 2.35
C1 NAG BA . -72.73 -0.89 30.43
C2 NAG BA . -72.99 -1.66 29.07
C3 NAG BA . -72.36 -0.86 27.90
C4 NAG BA . -72.98 0.56 27.87
C5 NAG BA . -72.71 1.27 29.22
C6 NAG BA . -73.34 2.66 29.28
C7 NAG BA . -73.05 -4.11 29.06
C8 NAG BA . -72.34 -5.42 29.14
N2 NAG BA . -72.35 -2.98 29.14
O3 NAG BA . -72.63 -1.53 26.66
O4 NAG BA . -72.40 1.32 26.80
O5 NAG BA . -73.28 0.46 30.32
O6 NAG BA . -72.83 3.41 30.38
O7 NAG BA . -74.28 -4.10 28.91
C1 NAG CA . -40.53 9.46 -30.60
C2 NAG CA . -42.03 9.12 -30.21
C3 NAG CA . -42.97 9.96 -31.11
C4 NAG CA . -42.65 11.47 -30.92
C5 NAG CA . -41.16 11.73 -31.29
C6 NAG CA . -40.75 13.18 -31.07
C7 NAG CA . -42.26 6.79 -29.46
C8 NAG CA . -42.52 5.33 -29.74
N2 NAG CA . -42.28 7.68 -30.45
O3 NAG CA . -44.33 9.69 -30.75
O4 NAG CA . -43.52 12.25 -31.75
O5 NAG CA . -40.29 10.89 -30.44
O6 NAG CA . -39.49 13.46 -31.69
O7 NAG CA . -42.06 7.14 -28.29
C1 NAG DA . -40.56 23.59 1.05
C2 NAG DA . -40.71 23.80 2.60
C3 NAG DA . -41.82 24.86 2.84
C4 NAG DA . -41.43 26.18 2.14
C5 NAG DA . -41.25 25.90 0.61
C6 NAG DA . -40.82 27.14 -0.16
C7 NAG DA . -40.23 21.68 3.74
C8 NAG DA . -40.68 20.40 4.36
N2 NAG DA . -41.13 22.53 3.22
O3 NAG DA . -41.97 25.09 4.25
O4 NAG DA . -42.46 27.16 2.33
O5 NAG DA . -40.23 24.86 0.41
O6 NAG DA . -39.63 27.72 0.37
O7 NAG DA . -39.02 21.95 3.73
C1 NAG EA . -23.11 -13.99 -53.22
C2 NAG EA . -22.76 -15.31 -54.01
C3 NAG EA . -21.21 -15.46 -54.03
C4 NAG EA . -20.59 -14.22 -54.73
C5 NAG EA . -21.02 -12.93 -53.95
C6 NAG EA . -20.54 -11.65 -54.61
C7 NAG EA . -24.04 -17.40 -53.95
C8 NAG EA . -24.65 -18.54 -53.21
N2 NAG EA . -23.37 -16.45 -53.30
O3 NAG EA . -20.85 -16.64 -54.75
O4 NAG EA . -19.17 -14.34 -54.73
O5 NAG EA . -22.49 -12.85 -53.89
O6 NAG EA . -19.20 -11.34 -54.26
O7 NAG EA . -24.18 -17.34 -55.18
C1 NAG FA . -3.85 -2.57 -45.19
C2 NAG FA . -3.18 -1.15 -45.00
C3 NAG FA . -2.06 -1.28 -43.92
C4 NAG FA . -2.69 -1.79 -42.60
C5 NAG FA . -3.36 -3.17 -42.86
C6 NAG FA . -4.05 -3.74 -41.62
C7 NAG FA . -2.83 0.46 -46.81
C8 NAG FA . -2.21 0.82 -48.13
N2 NAG FA . -2.58 -0.74 -46.28
O3 NAG FA . -1.47 0.01 -43.70
O4 NAG FA . -1.68 -1.91 -41.59
O5 NAG FA . -4.39 -3.04 -43.92
O6 NAG FA . -4.34 -5.13 -41.76
O7 NAG FA . -3.57 1.28 -46.25
C1 NAG GA . -10.57 4.24 -34.05
C2 NAG GA . -9.41 3.18 -33.83
C3 NAG GA . -8.62 3.58 -32.54
C4 NAG GA . -8.05 5.01 -32.72
C5 NAG GA . -9.21 6.00 -32.99
C6 NAG GA . -8.73 7.42 -33.24
C7 NAG GA . -10.03 0.93 -34.60
C8 NAG GA . -10.66 -0.41 -34.37
N2 NAG GA . -10.01 1.85 -33.63
O3 NAG GA . -7.55 2.64 -32.34
O4 NAG GA . -7.33 5.39 -31.54
O5 NAG GA . -9.97 5.57 -34.18
O6 NAG GA . -9.78 8.37 -33.08
O7 NAG GA . -9.55 1.20 -35.72
C1 NAG HA . -15.35 46.14 -5.06
C2 NAG HA . -15.38 46.51 -3.52
C3 NAG HA . -16.85 46.76 -3.11
C4 NAG HA . -17.44 47.90 -3.97
C5 NAG HA . -17.36 47.49 -5.46
C6 NAG HA . -17.87 48.58 -6.39
C7 NAG HA . -13.55 45.33 -2.38
C8 NAG HA . -13.06 44.16 -1.58
N2 NAG HA . -14.83 45.39 -2.72
O3 NAG HA . -16.90 47.12 -1.71
O4 NAG HA . -18.79 48.14 -3.57
O5 NAG HA . -15.96 47.22 -5.83
O6 NAG HA . -19.29 48.66 -6.39
O7 NAG HA . -12.75 46.22 -2.70
C1 NAG IA . -70.79 7.66 43.87
C2 NAG IA . -70.84 8.29 45.32
C3 NAG IA . -72.15 9.09 45.47
C4 NAG IA . -72.20 10.20 44.38
C5 NAG IA . -72.12 9.52 42.98
C6 NAG IA . -72.09 10.54 41.84
C7 NAG IA . -69.70 6.81 46.93
C8 NAG IA . -69.72 5.69 47.92
N2 NAG IA . -70.82 7.19 46.31
O3 NAG IA . -72.20 9.69 46.76
O4 NAG IA . -73.41 10.94 44.51
O5 NAG IA . -70.88 8.73 42.88
O6 NAG IA . -72.42 9.94 40.60
O7 NAG IA . -68.62 7.39 46.69
C1 NAG JA . -23.82 39.69 20.38
C2 NAG JA . -23.78 40.21 21.87
C3 NAG JA . -25.20 40.71 22.25
C4 NAG JA . -25.61 41.85 21.27
C5 NAG JA . -25.60 41.30 19.82
C6 NAG JA . -25.93 42.38 18.80
C7 NAG JA . -22.15 38.88 23.14
C8 NAG JA . -21.82 37.71 24.02
N2 NAG JA . -23.41 39.08 22.73
O3 NAG JA . -25.18 41.22 23.60
O4 NAG JA . -26.93 42.31 21.61
O5 NAG JA . -24.25 40.78 19.50
O6 NAG JA . -26.31 41.81 17.55
O7 NAG JA . -21.25 39.65 22.78
C1 NAG KA . -24.57 24.30 40.81
C2 NAG KA . -24.76 24.43 42.37
C3 NAG KA . -26.14 25.06 42.65
C4 NAG KA . -26.21 26.46 41.97
C5 NAG KA . -25.97 26.28 40.43
C6 NAG KA . -25.94 27.61 39.69
C7 NAG KA . -23.75 22.78 43.90
C8 NAG KA . -23.67 21.39 44.45
N2 NAG KA . -24.66 23.07 42.95
O3 NAG KA . -26.33 25.21 44.07
O4 NAG KA . -27.49 27.04 42.20
O5 NAG KA . -24.66 25.62 40.20
O6 NAG KA . -26.17 27.44 38.30
O7 NAG KA . -22.98 23.65 44.32
C1 NAG LA . -6.25 5.03 62.07
C2 NAG LA . -5.13 6.05 61.59
C3 NAG LA . -3.75 5.45 61.94
C4 NAG LA . -3.66 5.19 63.47
C5 NAG LA . -4.80 4.22 63.88
C6 NAG LA . -4.84 3.95 65.38
C7 NAG LA . -5.75 7.34 59.60
C8 NAG LA . -5.83 7.47 58.10
N2 NAG LA . -5.23 6.23 60.13
O3 NAG LA . -2.71 6.37 61.55
O4 NAG LA . -2.39 4.62 63.78
O5 NAG LA . -6.11 4.80 63.50
O6 NAG LA . -5.61 2.79 65.68
O7 NAG LA . -6.15 8.27 60.30
C1 NAG MA . -37.23 -5.61 69.26
C2 NAG MA . -37.29 -4.05 69.05
C3 NAG MA . -35.88 -3.54 68.67
C4 NAG MA . -34.88 -3.91 69.80
C5 NAG MA . -34.88 -5.45 69.97
C6 NAG MA . -33.95 -5.90 71.10
C7 NAG MA . -39.32 -3.01 68.13
C8 NAG MA . -40.23 -2.75 66.98
N2 NAG MA . -38.23 -3.75 67.95
O3 NAG MA . -35.91 -2.11 68.51
O4 NAG MA . -33.58 -3.45 69.45
O5 NAG MA . -36.24 -5.92 70.30
O6 NAG MA . -33.72 -7.30 71.06
O7 NAG MA . -39.60 -2.55 69.25
C1 NAG NA . 10.44 34.12 37.37
C2 NAG NA . 9.53 34.33 38.64
C3 NAG NA . 10.37 35.04 39.74
C4 NAG NA . 11.61 34.15 40.07
C5 NAG NA . 12.45 33.95 38.77
C6 NAG NA . 13.66 33.05 39.00
C7 NAG NA . 7.17 34.69 38.01
C8 NAG NA . 6.04 35.60 37.65
N2 NAG NA . 8.39 35.19 38.28
O3 NAG NA . 9.57 35.21 40.91
O4 NAG NA . 12.39 34.81 41.07
O5 NAG NA . 11.61 33.33 37.74
O6 NAG NA . 14.57 33.12 37.90
O7 NAG NA . 6.95 33.47 38.09
C1 NAG OA . 6.74 0.86 46.44
C2 NAG OA . 6.12 -0.53 46.84
C3 NAG OA . 6.55 -0.86 48.29
C4 NAG OA . 8.09 -0.89 48.38
C5 NAG OA . 8.64 0.49 47.94
C6 NAG OA . 10.17 0.54 47.95
C7 NAG OA . 3.97 -0.79 45.68
C8 NAG OA . 2.48 -0.68 45.64
N2 NAG OA . 4.65 -0.44 46.77
O3 NAG OA . 6.01 -2.14 48.67
O4 NAG OA . 8.48 -1.18 49.72
O5 NAG OA . 8.19 0.80 46.57
O6 NAG OA . 10.75 -0.50 47.15
O7 NAG OA . 4.56 -1.24 44.68
C1 NAG PA . 7.32 58.43 9.74
C2 NAG PA . 6.72 59.55 8.80
C3 NAG PA . 7.07 59.20 7.34
C4 NAG PA . 8.62 59.12 7.19
C5 NAG PA . 9.17 58.04 8.17
C6 NAG PA . 10.69 57.95 8.17
C7 NAG PA . 4.59 60.71 9.16
C8 NAG PA . 3.10 60.70 9.33
N2 NAG PA . 5.26 59.57 8.99
O3 NAG PA . 6.55 60.21 6.45
O4 NAG PA . 8.94 58.78 5.84
O5 NAG PA . 8.76 58.37 9.54
O6 NAG PA . 11.17 57.15 7.10
O7 NAG PA . 5.19 61.80 9.17
C1 NAG QA . 18.59 41.38 -2.43
C2 NAG QA . 19.87 40.43 -2.45
C3 NAG QA . 19.58 39.24 -3.41
C4 NAG QA . 18.33 38.48 -2.89
C5 NAG QA . 17.11 39.47 -2.86
C6 NAG QA . 15.85 38.81 -2.32
C7 NAG QA . 22.18 41.27 -2.33
C8 NAG QA . 23.30 42.08 -2.89
N2 NAG QA . 21.01 41.21 -2.97
O3 NAG QA . 20.71 38.36 -3.41
O4 NAG QA . 18.04 37.38 -3.75
O5 NAG QA . 17.43 40.61 -1.99
O6 NAG QA . 14.69 39.58 -2.62
O7 NAG QA . 22.35 40.65 -1.27
C1 NAG RA . 16.80 30.81 7.61
C2 NAG RA . 16.16 30.72 6.15
C3 NAG RA . 16.10 29.22 5.74
C4 NAG RA . 17.53 28.64 5.76
C5 NAG RA . 18.13 28.78 7.19
C6 NAG RA . 19.57 28.29 7.28
C7 NAG RA . 14.50 32.49 5.76
C8 NAG RA . 13.10 33.01 5.81
N2 NAG RA . 14.78 31.26 6.19
O3 NAG RA . 15.56 29.12 4.42
O4 NAG RA . 17.49 27.26 5.39
O5 NAG RA . 18.13 30.21 7.58
O6 NAG RA . 19.95 28.06 8.63
O7 NAG RA . 15.40 33.22 5.29
C1 NAG SA . 35.79 -10.14 31.72
C2 NAG SA . 35.34 -11.62 32.06
C3 NAG SA . 34.91 -11.67 33.55
C4 NAG SA . 36.09 -11.22 34.44
C5 NAG SA . 36.50 -9.77 34.05
C6 NAG SA . 37.69 -9.27 34.85
C7 NAG SA . 34.36 -12.63 30.05
C8 NAG SA . 33.16 -13.00 29.23
N2 NAG SA . 34.20 -12.01 31.21
O3 NAG SA . 34.51 -13.00 33.89
O4 NAG SA . 35.69 -11.28 35.82
O5 NAG SA . 36.87 -9.74 32.62
O6 NAG SA . 37.33 -8.90 36.17
O7 NAG SA . 35.50 -12.95 29.64
C1 NAG TA . -36.13 -21.33 72.35
C2 NAG TA . -36.33 -22.82 72.80
C3 NAG TA . -36.13 -22.91 74.33
C4 NAG TA . -34.72 -22.40 74.69
C5 NAG TA . -34.56 -20.94 74.20
C6 NAG TA . -33.17 -20.38 74.46
C7 NAG TA . -37.98 -23.94 71.35
C8 NAG TA . -39.38 -24.34 71.03
N2 NAG TA . -37.70 -23.24 72.45
O3 NAG TA . -36.28 -24.27 74.75
O4 NAG TA . -34.53 -22.48 76.11
O5 NAG TA . -34.80 -20.88 72.74
O6 NAG TA . -33.16 -18.96 74.38
O7 NAG TA . -37.06 -24.27 70.58
C1 NAG UA . 15.65 -27.21 39.66
C2 NAG UA . 15.36 -28.73 39.99
C3 NAG UA . 15.17 -28.86 41.52
C4 NAG UA . 16.45 -28.36 42.24
C5 NAG UA . 16.71 -26.88 41.85
C6 NAG UA . 17.99 -26.34 42.47
C7 NAG UA . 14.14 -29.74 38.12
C8 NAG UA . 12.86 -30.12 37.44
N2 NAG UA . 14.13 -29.12 39.30
O3 NAG UA . 14.94 -30.24 41.85
O4 NAG UA . 16.28 -28.48 43.66
O5 NAG UA . 16.84 -26.78 40.38
O6 NAG UA . 18.01 -24.92 42.46
O7 NAG UA . 15.22 -29.99 37.56
C1 NAG VA . -7.12 -38.46 36.47
C2 NAG VA . -7.83 -39.81 36.86
C3 NAG VA . -7.85 -39.92 38.41
C4 NAG VA . -6.39 -39.88 38.94
C5 NAG VA . -5.73 -38.54 38.48
C6 NAG VA . -4.26 -38.45 38.91
C7 NAG VA . -9.62 -40.75 35.46
C8 NAG VA . -11.00 -40.69 34.89
N2 NAG VA . -9.19 -39.80 36.29
O3 NAG VA . -8.47 -41.16 38.79
O4 NAG VA . -6.41 -39.97 40.37
O5 NAG VA . -5.77 -38.45 37.01
O6 NAG VA . -3.80 -37.11 38.90
O7 NAG VA . -8.88 -41.69 35.14
C1 NAG WA . -27.75 -54.20 14.45
C2 NAG WA . -26.35 -54.52 13.78
C3 NAG WA . -26.60 -54.96 12.32
C4 NAG WA . -27.53 -56.21 12.31
C5 NAG WA . -28.87 -55.83 13.01
C6 NAG WA . -29.83 -57.03 13.09
C7 NAG WA . -24.51 -53.14 14.64
C8 NAG WA . -23.71 -51.87 14.61
N2 NAG WA . -25.53 -53.29 13.79
O3 NAG WA . -25.35 -55.28 11.69
O4 NAG WA . -27.77 -56.61 10.95
O5 NAG WA . -28.60 -55.38 14.39
O6 NAG WA . -31.16 -56.61 13.37
O7 NAG WA . -24.20 -54.02 15.45
C1 NAG XA . -49.28 -47.39 39.26
C2 NAG XA . -47.90 -47.83 39.91
C3 NAG XA . -46.87 -48.10 38.79
C4 NAG XA . -47.42 -49.22 37.85
C5 NAG XA . -48.78 -48.73 37.26
C6 NAG XA . -49.42 -49.79 36.35
C7 NAG XA . -47.22 -46.88 42.07
C8 NAG XA . -46.71 -45.73 42.88
N2 NAG XA . -47.41 -46.73 40.77
O3 NAG XA . -45.64 -48.53 39.36
O4 NAG XA . -46.49 -49.47 36.80
O5 NAG XA . -49.73 -48.44 38.35
O6 NAG XA . -50.48 -49.25 35.58
O7 NAG XA . -47.45 -47.97 42.64
C1 NAG YA . 13.10 -49.32 8.06
C2 NAG YA . 12.39 -50.26 9.12
C3 NAG YA . 12.69 -51.73 8.75
C4 NAG YA . 12.18 -52.02 7.30
C5 NAG YA . 12.90 -51.04 6.32
C6 NAG YA . 12.41 -51.20 4.88
C7 NAG YA . 12.29 -49.20 11.34
C8 NAG YA . 12.88 -48.93 12.70
N2 NAG YA . 12.94 -49.97 10.47
O3 NAG YA . 12.03 -52.60 9.68
O4 NAG YA . 12.46 -53.37 6.96
O5 NAG YA . 12.63 -49.64 6.72
O6 NAG YA . 13.28 -50.53 3.97
O7 NAG YA . 11.19 -48.71 11.07
C1 NAG ZA . -19.73 -42.58 -0.75
C2 NAG ZA . -21.26 -42.17 -0.69
C3 NAG ZA . -22.11 -43.42 -1.05
C4 NAG ZA . -21.72 -43.92 -2.46
C5 NAG ZA . -20.20 -44.26 -2.47
C6 NAG ZA . -19.71 -44.72 -3.84
C7 NAG ZA . -21.56 -40.46 1.04
C8 NAG ZA . -21.90 -40.05 2.44
N2 NAG ZA . -21.59 -41.75 0.68
O3 NAG ZA . -23.50 -43.08 -1.02
O4 NAG ZA . -22.48 -45.09 -2.78
O5 NAG ZA . -19.41 -43.07 -2.08
O6 NAG ZA . -20.01 -43.76 -4.86
O7 NAG ZA . -21.26 -39.58 0.22
C1 NAG AB . 45.54 -34.38 17.54
C2 NAG AB . 46.72 -33.86 18.42
C3 NAG AB . 47.25 -32.54 17.80
C4 NAG AB . 47.73 -32.81 16.35
C5 NAG AB . 46.53 -33.37 15.53
C6 NAG AB . 46.91 -33.76 14.11
C7 NAG AB . 46.87 -34.04 20.86
C8 NAG AB . 46.34 -33.77 22.24
N2 NAG AB . 46.21 -33.62 19.78
O3 NAG AB . 48.35 -32.04 18.58
O4 NAG AB . 48.19 -31.59 15.78
O5 NAG AB . 46.01 -34.59 16.17
O6 NAG AB . 46.90 -32.64 13.23
O7 NAG AB . 47.94 -34.65 20.75
C1 NAG BB . 40.78 -20.02 -0.83
C2 NAG BB . 40.39 -19.96 -2.36
C3 NAG BB . 39.78 -18.57 -2.67
C4 NAG BB . 38.54 -18.36 -1.78
C5 NAG BB . 38.97 -18.45 -0.28
C6 NAG BB . 37.79 -18.29 0.67
C7 NAG BB . 41.71 -21.07 -4.12
C8 NAG BB . 42.99 -21.22 -4.88
N2 NAG BB . 41.63 -20.16 -3.15
O3 NAG BB . 39.40 -18.52 -4.05
O4 NAG BB . 37.96 -17.08 -2.05
O5 NAG BB . 39.58 -19.77 -0.02
O6 NAG BB . 38.22 -18.02 2.01
O7 NAG BB . 40.74 -21.78 -4.41
C1 NAG CB . 26.69 -23.91 -2.28
C2 NAG CB . 27.13 -22.43 -1.89
C3 NAG CB . 26.08 -21.44 -2.48
C4 NAG CB . 26.01 -21.62 -4.02
C5 NAG CB . 25.63 -23.10 -4.34
C6 NAG CB . 25.60 -23.38 -5.84
C7 NAG CB . 28.28 -22.34 0.28
C8 NAG CB . 28.26 -22.21 1.77
N2 NAG CB . 27.14 -22.31 -0.42
O3 NAG CB . 26.47 -20.10 -2.16
O4 NAG CB . 25.05 -20.73 -4.56
O5 NAG CB . 26.61 -24.01 -3.73
O6 NAG CB . 24.87 -24.56 -6.14
O7 NAG CB . 29.37 -22.49 -0.31
C1 NAG DB . -12.96 -33.47 -33.20
C2 NAG DB . -14.48 -33.03 -33.34
C3 NAG DB . -15.36 -34.18 -32.79
C4 NAG DB . -15.08 -35.47 -33.59
C5 NAG DB . -13.57 -35.84 -33.44
C6 NAG DB . -13.18 -37.07 -34.24
C7 NAG DB . -14.64 -30.59 -33.07
C8 NAG DB . -14.89 -29.40 -32.20
N2 NAG DB . -14.73 -31.81 -32.54
O3 NAG DB . -16.75 -33.83 -32.93
O4 NAG DB . -15.91 -36.53 -33.10
O5 NAG DB . -12.74 -34.72 -33.93
O6 NAG DB . -13.63 -38.27 -33.62
O7 NAG DB . -14.35 -30.43 -34.26
C1 NAG EB . -63.36 -43.97 32.36
C2 NAG EB . -64.88 -43.68 32.01
C3 NAG EB . -65.63 -45.04 31.95
C4 NAG EB . -64.96 -45.95 30.90
C5 NAG EB . -63.46 -46.17 31.30
C6 NAG EB . -62.71 -47.02 30.27
C7 NAG EB . -65.58 -41.51 32.90
C8 NAG EB . -66.17 -40.68 34.00
N2 NAG EB . -65.46 -42.83 33.05
O3 NAG EB . -66.99 -44.80 31.60
O4 NAG EB . -65.65 -47.20 30.86
O5 NAG EB . -62.78 -44.86 31.38
O6 NAG EB . -61.50 -47.53 30.82
O7 NAG EB . -65.20 -40.96 31.86
#